data_6D05
#
_entry.id   6D05
#
_cell.length_a   1
_cell.length_b   1
_cell.length_c   1
_cell.angle_alpha   90
_cell.angle_beta   90
_cell.angle_gamma   90
#
_symmetry.space_group_name_H-M   'P 1'
#
loop_
_entity.id
_entity.type
_entity.pdbx_description
1 polymer 'Transferrin receptor protein 1'
2 polymer Serotransferrin
3 polymer 'Reticulocyte binding protein 2, putative'
4 branched 2-acetamido-2-deoxy-beta-D-glucopyranose-(1-4)-2-acetamido-2-deoxy-beta-D-glucopyranose
5 non-polymer 'CALCIUM ION'
6 non-polymer 2-acetamido-2-deoxy-beta-D-glucopyranose
7 non-polymer 'FE (III) ION'
8 non-polymer 'CARBONATE ION'
#
loop_
_entity_poly.entity_id
_entity_poly.type
_entity_poly.pdbx_seq_one_letter_code
_entity_poly.pdbx_strand_id
1 'polypeptide(L)'
;ADPHHHHHHSSGIEGRGEFRLYWDDLKRKLSEKLDSTDFTSTIKLLNENSYVPREAGSQKDENLALYVENQFREFKLSKV
WRDQHFVKIQVKDSAQNSVIIVDKNGRLVYLVENPGGYVAYSKAATVTGKLVHANFGTKKDFEDLYTPVNGSIVIVRAGK
ITFAEKVANAESLNAIGVLIYMDQTKFPIVNAELSFFGHAHLGTGDPYTPGFPSFNHTQFPPSRSSGLPNIPVQTISRAA
AEKLFGNMEGDCPSDWKTDSTCRMVTSESKNVKLTVSNVLKEIKILNIFGVIKGFVEPDHYVVVGAQRDAWGPGAAKSGV
GTALLLKLAQMFSDMVLKDGFQPSRSIIFASWSAGDFGSVGATEWLEGYLSSLHLKAFTYINLDKAVLGTSNFKVSASPL
LYTLIEKTMQNVKHPVTGQFLYQDSNWASKVEKLTLDNAAFPFLAYSGIPAVSFCFCEDTDYPYLGTTMDTYKELIERIP
ELNKVARAAAEVAGQFVIKLTHDVELNLDYERYNSQLLSFVRDLNQYRADIKEMGLSLQWLYSARGDFFRATSRLTTDFG
NAEKTDRFVMKKLNDRVMRVEYHFLSPYVSPKESPFRHVFWGSGSHTLPALLENLKLRKQNNGAFNETLFRNQLALATWT
IQGAANALSGDVWDIDNEF
;
A,B
2 'polypeptide(L)'
;MRLAVGALLVCAVLGLCLAVPDKTVRWCAVSEHEATKCQSFRDHMKSVIPSDGPSVACVKKASYLDCIRAIAANEADAVT
LDAGLVYDAYLAPNNLKPVVAEFYGSKEDPQTFYYAVAVVKKDSGFQMNQLRGKKSCHTGLGRSAGWNIPIGLLYCDLPE
PRKPLEKAVANFFSGSCAPCADGTDFPQLCQLCPGCGCSTLNQYFGYSGAFKCLKDGAGDVAFVKHSTIFENLANKADRD
QYELLCLDNTRKPVDEYKDCHLAQVPSHTVVARSMGGKEDLIWELLNQAQEHFGKDKSKEFQLFSSPHGKDLLFKDSAHG
FLKVPPRMDAKMYLGYEYVTAIRNLREGTCPEAPTDECKPVKWCALSHHERLKCDEWSVNSVGKIECVSAETTEDCIAKI
MNGEADAMSLDGGFVYIAGKCGLVPVLAENYNKSDNCEDTPEAGYFAVAVVKKSASDLTWDNLKGKKSCHTAVGRTAGWN
IPMGLLYNKINHCRFDEFFSEGCAPGSKKDSSLCKLCMGSGLNLCEPNNKEGYYGYTGAFRCLVEKGDVAFVKHQTVPQN
TGGKNPDPWAKNLNEKDYELLCLDGTRKPVEEYANCHLARAPNHAVVTRKDKEACVHKILRQQQHLFGSNVTDCSGNFCL
FRSETKDLLFRDDTVCLAKLHDRNTYEKYLGEEYVKAVGNLRKCSTSSLLEACTFRRP
;
C,D
3 'polypeptide(L)'
;GAMGSMHIPIQPSPESTQSTNTTDNIDYFDISDESNYYLISQLRPHFSNIYFFDEFKRYASYHTEIKRYEDIHKTKVNSL
LNEASRAIGICNRAKNTVKGLINILENPQKFKTQRESYDVKLRQYEEKKEAFRGCLLNKNRKNLDQIKKINNEIRDLLEK
LKCSQDCQTNVYFDMIKIYLVDFKKMPYENYDTFIKQYKNSYLSGVDMIRKIEKQIDNPVTINAIKFTQKEMGYIIDRFE
YHLQKVKHSIDQVTALSDGVKPKQVTKNRLKEYYFNIGNYYSIFKFGKDSLNMLNKALIHKEKIVHNLLGELFGHLEERI
SKLIDSEYFITESNNIISQSEETLKLAEDVYDKNTKLIEDLTLYPHLEINEFKKDYDNNVEDLRESIIYIQSYVSSIKSA
YRYNVLEKDSVESKQKNIPANSNAQKKVDELLSIIDSISYSNFSVAENFQKMKDYYKEIEKLKIKILQLIEAIKKYQQHV
EELINKEKAVAILKEDINKIIEYIKGIIEKLKQLISANKDFDKIFQQVEQLINEALFNKDQFEHNKNDLHTKMKEIMHTF
HERDLQQFLDNMSKFLKDQEASYQNADSKEKLDQLLTTVKAKQDELKEMKCDDIPDIIDNLKKESQNVLNLKDEVINKQF
ENMRTEMSSSLDQMTKEYNALKSSIEEYEAEKKGIENHKQNIIKRKNTFIVAEHENDEDVPEGKNTYNEFISNKDTILQK
ESAISNQMNTLEEKKRNRKTTLQTYGDAIQKLETYTEKKDEETKVLLDKFNTEVENFKLDEDEKSFNDAKSIVSNTINEV
ENENKNIDSIKKVNIAMKRS
;
E,F
#
loop_
_chem_comp.id
_chem_comp.type
_chem_comp.name
_chem_comp.formula
CA non-polymer 'CALCIUM ION' 'Ca 2'
CO3 non-polymer 'CARBONATE ION' 'C O3 -2'
FE non-polymer 'FE (III) ION' 'Fe 3'
NAG D-saccharide, beta linking 2-acetamido-2-deoxy-beta-D-glucopyranose 'C8 H15 N O6'
#
# COMPACT_ATOMS: atom_id res chain seq x y z
N PHE A 19 -1.94 -9.72 31.08
CA PHE A 19 -0.67 -10.03 30.45
C PHE A 19 -0.81 -10.33 28.96
N ARG A 20 0.33 -10.45 28.29
CA ARG A 20 0.34 -10.82 26.89
C ARG A 20 0.62 -12.31 26.73
N LEU A 21 0.48 -12.79 25.51
CA LEU A 21 0.78 -14.17 25.16
C LEU A 21 1.82 -14.20 24.06
N TYR A 22 2.84 -15.04 24.24
CA TYR A 22 3.91 -15.20 23.28
C TYR A 22 3.74 -16.53 22.57
N TRP A 23 4.75 -16.92 21.78
CA TRP A 23 4.61 -18.06 20.87
C TRP A 23 4.41 -19.38 21.60
N ASP A 24 5.20 -19.63 22.64
CA ASP A 24 5.18 -20.95 23.26
C ASP A 24 3.90 -21.17 24.03
N ASP A 25 3.30 -20.07 24.50
CA ASP A 25 1.98 -20.15 25.14
C ASP A 25 0.92 -20.56 24.13
N LEU A 26 0.99 -20.02 22.92
CA LEU A 26 0.04 -20.38 21.89
C LEU A 26 0.22 -21.82 21.43
N LYS A 27 1.46 -22.28 21.39
CA LYS A 27 1.71 -23.68 21.02
C LYS A 27 1.14 -24.64 22.07
N ARG A 28 1.46 -24.40 23.35
CA ARG A 28 0.98 -25.33 24.37
C ARG A 28 -0.52 -25.20 24.56
N LYS A 29 -1.08 -24.03 24.27
CA LYS A 29 -2.51 -23.87 24.44
C LYS A 29 -3.27 -24.53 23.30
N LEU A 30 -2.70 -24.50 22.09
CA LEU A 30 -3.33 -25.23 20.99
C LEU A 30 -3.22 -26.73 21.21
N SER A 31 -2.14 -27.18 21.85
CA SER A 31 -2.07 -28.61 22.15
C SER A 31 -3.05 -29.00 23.25
N GLU A 32 -3.25 -28.12 24.24
CA GLU A 32 -4.20 -28.42 25.30
C GLU A 32 -5.63 -28.42 24.78
N LYS A 33 -6.01 -27.39 24.05
CA LYS A 33 -7.40 -27.27 23.62
C LYS A 33 -7.69 -28.24 22.47
N LEU A 34 -6.68 -28.54 21.67
CA LEU A 34 -6.87 -29.50 20.59
C LEU A 34 -6.74 -30.92 21.10
N ASP A 35 -6.28 -31.09 22.34
CA ASP A 35 -6.16 -32.42 22.91
C ASP A 35 -7.52 -33.01 23.25
N SER A 36 -8.49 -32.15 23.55
CA SER A 36 -9.74 -32.63 24.14
C SER A 36 -10.70 -33.16 23.09
N THR A 37 -10.90 -32.41 22.00
CA THR A 37 -12.02 -32.65 21.10
C THR A 37 -11.79 -33.90 20.26
N ASP A 38 -12.88 -34.44 19.72
CA ASP A 38 -12.85 -35.67 18.95
C ASP A 38 -13.46 -35.44 17.58
N PHE A 39 -12.71 -35.77 16.54
CA PHE A 39 -13.11 -35.45 15.17
C PHE A 39 -13.99 -36.55 14.61
N THR A 40 -14.00 -37.69 15.28
CA THR A 40 -14.56 -38.91 14.73
C THR A 40 -16.08 -38.82 14.63
N SER A 41 -16.73 -38.19 15.61
CA SER A 41 -18.18 -38.05 15.56
C SER A 41 -18.59 -37.10 14.43
N THR A 42 -17.83 -36.04 14.20
CA THR A 42 -18.16 -35.08 13.17
C THR A 42 -18.00 -35.69 11.79
N ILE A 43 -16.94 -36.46 11.58
CA ILE A 43 -16.79 -37.18 10.31
C ILE A 43 -17.89 -38.23 10.17
N LYS A 44 -18.33 -38.80 11.29
CA LYS A 44 -19.48 -39.70 11.25
C LYS A 44 -20.76 -38.94 10.96
N LEU A 45 -20.87 -37.70 11.43
CA LEU A 45 -22.08 -36.93 11.23
C LEU A 45 -22.20 -36.47 9.79
N LEU A 46 -21.07 -36.22 9.12
CA LEU A 46 -21.14 -35.75 7.74
C LEU A 46 -21.33 -36.91 6.77
N ASN A 47 -21.58 -38.11 7.28
CA ASN A 47 -21.86 -39.28 6.47
C ASN A 47 -23.23 -39.88 6.78
N GLU A 48 -24.07 -39.08 7.45
CA GLU A 48 -25.44 -39.42 7.87
C GLU A 48 -26.40 -39.53 6.68
N ASN A 49 -27.57 -40.16 6.89
CA ASN A 49 -28.48 -40.36 5.77
C ASN A 49 -29.09 -39.04 5.32
N SER A 50 -28.84 -37.95 6.05
CA SER A 50 -29.38 -36.67 5.65
C SER A 50 -28.45 -35.91 4.73
N TYR A 51 -27.24 -36.45 4.49
CA TYR A 51 -26.24 -35.74 3.71
C TYR A 51 -25.45 -36.63 2.77
N VAL A 52 -25.87 -37.90 2.56
CA VAL A 52 -24.96 -38.87 1.95
C VAL A 52 -24.77 -38.73 0.44
N PRO A 53 -25.78 -38.41 -0.39
CA PRO A 53 -25.39 -37.98 -1.73
C PRO A 53 -25.23 -36.48 -1.76
N ARG A 54 -24.15 -35.98 -2.34
CA ARG A 54 -23.94 -34.55 -2.40
C ARG A 54 -23.40 -34.18 -3.76
N GLU A 55 -24.27 -34.00 -4.74
CA GLU A 55 -23.84 -33.44 -5.99
C GLU A 55 -23.75 -31.94 -5.80
N ALA A 56 -23.21 -31.26 -6.79
CA ALA A 56 -23.19 -29.82 -6.72
C ALA A 56 -24.58 -29.27 -6.96
N GLY A 57 -25.03 -28.41 -6.05
CA GLY A 57 -26.31 -27.77 -6.23
C GLY A 57 -27.52 -28.61 -5.90
N SER A 58 -27.35 -29.79 -5.33
CA SER A 58 -28.50 -30.57 -4.90
C SER A 58 -29.03 -30.04 -3.58
N GLN A 59 -30.16 -30.61 -3.16
CA GLN A 59 -30.82 -30.12 -1.95
C GLN A 59 -30.02 -30.47 -0.71
N LYS A 60 -29.34 -31.62 -0.72
CA LYS A 60 -28.51 -32.03 0.41
C LYS A 60 -27.35 -31.07 0.62
N ASP A 61 -26.78 -30.58 -0.48
CA ASP A 61 -25.71 -29.59 -0.40
C ASP A 61 -26.20 -28.31 0.26
N GLU A 62 -27.45 -27.93 0.02
CA GLU A 62 -27.98 -26.74 0.68
C GLU A 62 -28.29 -27.02 2.14
N ASN A 63 -28.63 -28.27 2.47
CA ASN A 63 -28.85 -28.60 3.88
C ASN A 63 -27.56 -28.58 4.67
N LEU A 64 -26.49 -29.17 4.11
CA LEU A 64 -25.18 -29.06 4.74
C LEU A 64 -24.69 -27.62 4.75
N ALA A 65 -25.04 -26.86 3.71
CA ALA A 65 -24.65 -25.46 3.63
C ALA A 65 -25.26 -24.66 4.78
N LEU A 66 -26.57 -24.74 4.95
CA LEU A 66 -27.21 -24.01 6.03
C LEU A 66 -26.84 -24.58 7.38
N TYR A 67 -26.39 -25.84 7.42
CA TYR A 67 -25.84 -26.39 8.65
C TYR A 67 -24.51 -25.73 9.00
N VAL A 68 -23.62 -25.58 8.02
CA VAL A 68 -22.30 -24.99 8.30
C VAL A 68 -22.45 -23.51 8.63
N GLU A 69 -23.31 -22.80 7.90
CA GLU A 69 -23.56 -21.40 8.20
C GLU A 69 -24.21 -21.25 9.57
N ASN A 70 -25.04 -22.23 9.95
CA ASN A 70 -25.62 -22.22 11.29
C ASN A 70 -24.54 -22.44 12.34
N GLN A 71 -23.54 -23.25 12.03
CA GLN A 71 -22.43 -23.46 12.96
C GLN A 71 -21.58 -22.20 13.10
N PHE A 72 -21.21 -21.58 11.97
CA PHE A 72 -20.40 -20.36 12.01
C PHE A 72 -21.14 -19.22 12.68
N ARG A 73 -22.46 -19.24 12.61
CA ARG A 73 -23.22 -18.29 13.40
C ARG A 73 -23.18 -18.66 14.87
N GLU A 74 -23.13 -19.96 15.17
CA GLU A 74 -23.18 -20.41 16.55
C GLU A 74 -21.82 -20.24 17.23
N PHE A 75 -20.72 -20.30 16.47
CA PHE A 75 -19.42 -20.14 17.11
C PHE A 75 -19.10 -18.69 17.45
N LYS A 76 -20.00 -17.75 17.12
CA LYS A 76 -19.86 -16.33 17.38
C LYS A 76 -18.61 -15.75 16.71
N LEU A 77 -18.47 -16.00 15.42
CA LEU A 77 -17.45 -15.34 14.63
C LEU A 77 -17.82 -13.88 14.45
N SER A 78 -16.86 -13.10 13.97
CA SER A 78 -17.08 -11.66 13.87
C SER A 78 -18.03 -11.30 12.75
N LYS A 79 -17.99 -12.03 11.62
CA LYS A 79 -19.03 -11.86 10.62
C LYS A 79 -19.11 -13.08 9.73
N VAL A 80 -20.32 -13.57 9.49
CA VAL A 80 -20.57 -14.75 8.67
C VAL A 80 -21.38 -14.33 7.45
N TRP A 81 -20.90 -14.66 6.25
CA TRP A 81 -21.64 -14.20 5.08
C TRP A 81 -21.65 -15.26 4.01
N ARG A 82 -22.68 -15.20 3.18
CA ARG A 82 -22.98 -16.23 2.21
C ARG A 82 -22.94 -15.63 0.83
N ASP A 83 -22.42 -16.39 -0.13
CA ASP A 83 -22.35 -15.94 -1.52
C ASP A 83 -22.94 -17.02 -2.40
N GLN A 84 -23.47 -16.64 -3.55
CA GLN A 84 -24.07 -17.61 -4.47
C GLN A 84 -23.74 -17.26 -5.92
N HIS A 85 -23.61 -18.30 -6.74
CA HIS A 85 -23.29 -18.16 -8.14
C HIS A 85 -24.26 -19.03 -8.92
N PHE A 86 -24.23 -18.91 -10.24
CA PHE A 86 -25.00 -19.78 -11.11
C PHE A 86 -24.10 -20.34 -12.20
N VAL A 87 -23.82 -21.63 -12.16
CA VAL A 87 -22.85 -22.21 -13.06
C VAL A 87 -23.53 -23.26 -13.95
N LYS A 88 -22.77 -23.76 -14.91
CA LYS A 88 -23.25 -24.76 -15.85
C LYS A 88 -22.40 -26.01 -15.74
N ILE A 89 -22.98 -27.08 -15.20
CA ILE A 89 -22.27 -28.34 -15.03
C ILE A 89 -22.87 -29.38 -15.95
N GLN A 90 -22.28 -30.57 -15.90
CA GLN A 90 -22.62 -31.68 -16.77
C GLN A 90 -23.22 -32.80 -15.92
N VAL A 91 -24.49 -33.14 -16.14
CA VAL A 91 -25.09 -34.23 -15.36
C VAL A 91 -25.68 -35.27 -16.29
N LYS A 92 -26.02 -36.41 -15.69
CA LYS A 92 -26.55 -37.54 -16.43
C LYS A 92 -27.97 -37.28 -16.88
N ASP A 93 -28.42 -38.05 -17.86
CA ASP A 93 -29.79 -37.98 -18.32
C ASP A 93 -30.47 -39.35 -18.25
N SER A 94 -31.66 -39.43 -18.83
CA SER A 94 -32.48 -40.63 -18.71
C SER A 94 -31.92 -41.77 -19.54
N ALA A 95 -31.40 -41.48 -20.73
CA ALA A 95 -30.84 -42.53 -21.58
C ALA A 95 -29.49 -42.95 -21.04
N GLN A 96 -29.34 -44.25 -20.80
CA GLN A 96 -28.09 -44.74 -20.21
C GLN A 96 -26.96 -44.71 -21.22
N ASN A 97 -25.82 -44.20 -20.77
CA ASN A 97 -24.60 -44.22 -21.56
C ASN A 97 -23.89 -45.55 -21.38
N SER A 98 -23.45 -46.16 -22.48
CA SER A 98 -23.03 -47.54 -22.43
C SER A 98 -21.94 -47.84 -23.45
N VAL A 99 -21.38 -49.04 -23.35
CA VAL A 99 -20.24 -49.47 -24.14
C VAL A 99 -20.45 -50.92 -24.57
N ILE A 100 -20.19 -51.20 -25.84
CA ILE A 100 -20.63 -52.42 -26.51
C ILE A 100 -19.54 -52.91 -27.46
N ILE A 101 -19.22 -54.21 -27.40
CA ILE A 101 -18.47 -54.81 -28.49
C ILE A 101 -19.36 -54.96 -29.71
N VAL A 102 -18.95 -54.36 -30.80
CA VAL A 102 -19.61 -54.50 -32.09
C VAL A 102 -18.80 -55.47 -32.93
N ASP A 103 -19.46 -56.50 -33.45
CA ASP A 103 -18.82 -57.44 -34.34
C ASP A 103 -18.57 -56.79 -35.69
N LYS A 104 -17.63 -57.36 -36.45
CA LYS A 104 -17.42 -56.94 -37.83
C LYS A 104 -18.64 -57.29 -38.68
N ASN A 105 -19.31 -58.39 -38.36
CA ASN A 105 -20.54 -58.74 -39.04
C ASN A 105 -21.66 -57.75 -38.75
N GLY A 106 -21.68 -57.20 -37.54
CA GLY A 106 -22.74 -56.33 -37.10
C GLY A 106 -24.06 -57.01 -36.84
N ARG A 107 -24.10 -58.35 -36.87
CA ARG A 107 -25.35 -59.07 -36.83
C ARG A 107 -25.97 -59.04 -35.45
N LEU A 108 -25.13 -59.08 -34.42
CA LEU A 108 -25.58 -59.15 -33.04
C LEU A 108 -24.64 -58.33 -32.16
N VAL A 109 -25.13 -57.98 -30.99
CA VAL A 109 -24.58 -56.92 -30.17
C VAL A 109 -24.29 -57.50 -28.80
N TYR A 110 -23.13 -57.17 -28.24
CA TYR A 110 -22.75 -57.64 -26.92
C TYR A 110 -22.59 -56.44 -25.99
N LEU A 111 -23.26 -56.48 -24.85
CA LEU A 111 -23.18 -55.43 -23.85
C LEU A 111 -21.99 -55.72 -22.94
N VAL A 112 -21.26 -54.67 -22.58
CA VAL A 112 -20.27 -54.78 -21.52
C VAL A 112 -20.90 -54.40 -20.19
N GLU A 113 -21.27 -53.13 -20.05
CA GLU A 113 -21.94 -52.67 -18.84
C GLU A 113 -22.65 -51.36 -19.12
N ASN A 114 -23.55 -51.01 -18.22
CA ASN A 114 -24.11 -49.67 -18.16
C ASN A 114 -23.49 -48.98 -16.96
N PRO A 115 -22.36 -48.29 -17.14
CA PRO A 115 -21.57 -47.84 -15.99
C PRO A 115 -22.22 -46.73 -15.21
N GLY A 116 -22.12 -46.82 -13.88
CA GLY A 116 -22.73 -45.80 -13.04
C GLY A 116 -21.96 -44.50 -13.10
N GLY A 117 -20.66 -44.57 -13.40
CA GLY A 117 -19.88 -43.38 -13.49
C GLY A 117 -20.09 -42.65 -14.80
N TYR A 118 -19.71 -41.38 -14.80
CA TYR A 118 -19.68 -40.57 -15.99
C TYR A 118 -18.56 -39.57 -15.84
N VAL A 119 -18.02 -39.11 -16.96
CA VAL A 119 -16.97 -38.10 -16.94
C VAL A 119 -17.64 -36.76 -17.19
N ALA A 120 -17.32 -35.78 -16.36
CA ALA A 120 -17.91 -34.46 -16.56
C ALA A 120 -17.26 -33.79 -17.76
N TYR A 121 -18.05 -32.95 -18.44
CA TYR A 121 -17.62 -32.13 -19.58
C TYR A 121 -17.11 -32.95 -20.74
N SER A 122 -17.63 -34.15 -20.90
CA SER A 122 -17.40 -34.89 -22.12
C SER A 122 -18.38 -34.43 -23.18
N LYS A 123 -18.09 -34.76 -24.43
CA LYS A 123 -18.99 -34.36 -25.51
C LYS A 123 -20.07 -35.41 -25.70
N ALA A 124 -21.30 -34.95 -25.91
CA ALA A 124 -22.44 -35.84 -26.11
C ALA A 124 -22.36 -36.41 -27.52
N ALA A 125 -21.90 -37.66 -27.62
CA ALA A 125 -21.71 -38.29 -28.91
C ALA A 125 -21.72 -39.79 -28.77
N THR A 126 -21.54 -40.46 -29.91
CA THR A 126 -21.44 -41.91 -29.99
C THR A 126 -20.40 -42.28 -31.05
N VAL A 127 -19.49 -43.19 -30.71
CA VAL A 127 -18.38 -43.53 -31.61
C VAL A 127 -18.23 -45.04 -31.70
N THR A 128 -17.82 -45.52 -32.87
CA THR A 128 -17.47 -46.91 -33.08
C THR A 128 -16.02 -46.95 -33.54
N GLY A 129 -15.30 -48.00 -33.16
CA GLY A 129 -13.95 -48.12 -33.69
C GLY A 129 -13.13 -49.07 -32.88
N LYS A 130 -11.86 -49.18 -33.26
CA LYS A 130 -10.94 -50.07 -32.57
C LYS A 130 -10.38 -49.40 -31.33
N LEU A 131 -9.90 -50.23 -30.40
CA LEU A 131 -9.48 -49.76 -29.08
C LEU A 131 -8.03 -50.14 -28.85
N VAL A 132 -7.23 -49.16 -28.43
CA VAL A 132 -5.78 -49.31 -28.28
C VAL A 132 -5.41 -48.95 -26.84
N HIS A 133 -4.64 -49.80 -26.18
CA HIS A 133 -4.23 -49.49 -24.82
C HIS A 133 -3.13 -48.45 -24.83
N ALA A 134 -3.21 -47.48 -23.92
CA ALA A 134 -2.44 -46.26 -24.02
C ALA A 134 -1.84 -45.80 -22.70
N ASN A 135 -1.00 -46.62 -22.07
CA ASN A 135 -0.87 -46.91 -20.63
C ASN A 135 -1.34 -45.74 -19.76
N PHE A 136 -0.69 -44.58 -19.81
CA PHE A 136 -1.14 -43.50 -18.95
C PHE A 136 -1.59 -42.30 -19.77
N GLY A 137 -1.34 -42.34 -21.07
CA GLY A 137 -1.65 -41.24 -21.95
C GLY A 137 -0.71 -40.07 -21.84
N THR A 138 0.33 -40.18 -21.02
CA THR A 138 1.38 -39.17 -20.93
C THR A 138 2.08 -39.09 -22.28
N LYS A 139 2.62 -37.89 -22.58
CA LYS A 139 3.29 -37.66 -23.86
C LYS A 139 4.43 -38.63 -24.06
N LYS A 140 5.17 -38.93 -22.99
CA LYS A 140 6.21 -39.96 -23.05
C LYS A 140 5.61 -41.33 -23.30
N ASP A 141 4.39 -41.56 -22.81
CA ASP A 141 3.77 -42.87 -22.98
C ASP A 141 3.05 -42.98 -24.31
N PHE A 142 2.82 -41.83 -24.96
CA PHE A 142 2.31 -41.86 -26.33
C PHE A 142 3.44 -41.93 -27.35
N GLU A 143 4.61 -41.40 -27.03
CA GLU A 143 5.69 -41.40 -28.00
C GLU A 143 6.30 -42.78 -28.17
N ASP A 144 6.15 -43.65 -27.17
CA ASP A 144 6.74 -44.98 -27.24
C ASP A 144 5.71 -46.01 -27.66
N LEU A 145 4.65 -45.55 -28.32
CA LEU A 145 3.52 -46.41 -28.60
C LEU A 145 3.74 -47.07 -29.95
N TYR A 146 3.37 -48.34 -30.05
CA TYR A 146 3.71 -49.14 -31.22
C TYR A 146 2.82 -48.81 -32.40
N THR A 147 1.52 -48.70 -32.18
CA THR A 147 0.57 -48.57 -33.27
C THR A 147 0.17 -47.11 -33.47
N PRO A 148 -0.27 -46.74 -34.66
CA PRO A 148 -0.80 -45.38 -34.85
C PRO A 148 -2.11 -45.21 -34.09
N VAL A 149 -2.39 -43.96 -33.69
CA VAL A 149 -3.48 -43.67 -32.78
C VAL A 149 -4.65 -42.98 -33.48
N ASN A 150 -4.45 -42.46 -34.70
CA ASN A 150 -5.52 -41.76 -35.41
C ASN A 150 -6.71 -42.65 -35.71
N GLY A 151 -7.90 -42.05 -35.73
CA GLY A 151 -9.14 -42.74 -36.08
C GLY A 151 -9.49 -43.91 -35.17
N SER A 152 -9.18 -43.79 -33.90
CA SER A 152 -9.31 -44.92 -32.99
C SER A 152 -9.59 -44.45 -31.59
N ILE A 153 -10.05 -45.37 -30.75
CA ILE A 153 -10.42 -45.11 -29.37
C ILE A 153 -9.29 -45.65 -28.51
N VAL A 154 -8.90 -44.91 -27.47
CA VAL A 154 -7.83 -45.34 -26.59
C VAL A 154 -8.42 -45.72 -25.25
N ILE A 155 -7.76 -46.62 -24.54
CA ILE A 155 -8.12 -46.97 -23.18
C ILE A 155 -6.90 -46.77 -22.30
N VAL A 156 -7.07 -46.07 -21.18
CA VAL A 156 -5.96 -45.78 -20.28
C VAL A 156 -6.37 -46.21 -18.88
N ARG A 157 -5.38 -46.37 -18.01
CA ARG A 157 -5.63 -46.66 -16.62
C ARG A 157 -5.39 -45.42 -15.78
N ALA A 158 -6.11 -45.32 -14.66
CA ALA A 158 -6.12 -44.09 -13.90
C ALA A 158 -4.83 -43.94 -13.09
N GLY A 159 -4.26 -42.74 -13.13
CA GLY A 159 -3.08 -42.45 -12.35
C GLY A 159 -2.15 -41.45 -13.03
N LYS A 160 -1.28 -40.87 -12.18
CA LYS A 160 -0.09 -40.10 -12.54
C LYS A 160 -0.38 -38.73 -13.14
N ILE A 161 -1.60 -38.49 -13.63
CA ILE A 161 -2.01 -37.20 -14.16
C ILE A 161 -3.53 -37.09 -14.06
N THR A 162 -4.02 -35.88 -14.27
CA THR A 162 -5.45 -35.62 -14.22
C THR A 162 -6.10 -36.22 -15.47
N PHE A 163 -7.43 -36.40 -15.42
CA PHE A 163 -8.18 -36.90 -16.56
C PHE A 163 -8.06 -35.97 -17.77
N ALA A 164 -8.03 -34.67 -17.52
CA ALA A 164 -8.10 -33.70 -18.62
C ALA A 164 -6.83 -33.71 -19.45
N GLU A 165 -5.70 -34.06 -18.83
CA GLU A 165 -4.46 -34.08 -19.59
C GLU A 165 -4.37 -35.34 -20.43
N LYS A 166 -5.00 -36.43 -19.97
CA LYS A 166 -5.13 -37.62 -20.79
C LYS A 166 -6.01 -37.35 -22.00
N VAL A 167 -7.16 -36.73 -21.80
CA VAL A 167 -8.07 -36.49 -22.91
C VAL A 167 -7.50 -35.43 -23.85
N ALA A 168 -6.75 -34.48 -23.30
CA ALA A 168 -6.14 -33.45 -24.14
C ALA A 168 -5.02 -34.04 -24.99
N ASN A 169 -4.24 -34.96 -24.42
CA ASN A 169 -3.15 -35.56 -25.18
C ASN A 169 -3.69 -36.50 -26.26
N ALA A 170 -4.68 -37.33 -25.90
CA ALA A 170 -5.25 -38.22 -26.89
C ALA A 170 -6.07 -37.46 -27.93
N GLU A 171 -6.54 -36.27 -27.58
CA GLU A 171 -7.16 -35.41 -28.58
C GLU A 171 -6.10 -34.82 -29.51
N SER A 172 -4.91 -34.53 -28.97
CA SER A 172 -3.86 -33.96 -29.77
C SER A 172 -3.32 -34.96 -30.79
N LEU A 173 -3.30 -36.25 -30.44
CA LEU A 173 -2.91 -37.24 -31.43
C LEU A 173 -4.10 -37.76 -32.22
N ASN A 174 -5.20 -37.01 -32.27
CA ASN A 174 -6.34 -37.21 -33.17
C ASN A 174 -7.04 -38.55 -32.93
N ALA A 175 -7.19 -38.96 -31.68
CA ALA A 175 -8.06 -40.09 -31.36
C ALA A 175 -9.51 -39.61 -31.31
N ILE A 176 -10.45 -40.54 -31.12
CA ILE A 176 -11.85 -40.15 -31.21
C ILE A 176 -12.61 -40.46 -29.92
N GLY A 177 -11.96 -41.10 -28.95
CA GLY A 177 -12.63 -41.43 -27.71
C GLY A 177 -11.69 -42.03 -26.69
N VAL A 178 -12.04 -41.89 -25.42
CA VAL A 178 -11.17 -42.29 -24.32
C VAL A 178 -11.99 -43.09 -23.31
N LEU A 179 -11.56 -44.31 -23.02
CA LEU A 179 -12.09 -45.11 -21.93
C LEU A 179 -11.04 -45.14 -20.82
N ILE A 180 -11.48 -45.00 -19.57
CA ILE A 180 -10.56 -44.89 -18.44
C ILE A 180 -10.97 -45.89 -17.38
N TYR A 181 -10.01 -46.69 -16.91
CA TYR A 181 -10.32 -47.65 -15.85
C TYR A 181 -9.28 -47.58 -14.75
N MET A 182 -9.45 -48.44 -13.77
CA MET A 182 -8.46 -48.63 -12.71
C MET A 182 -8.25 -50.11 -12.49
N ASP A 183 -6.99 -50.52 -12.31
CA ASP A 183 -6.66 -51.94 -12.30
C ASP A 183 -6.00 -52.38 -10.99
N GLN A 184 -5.60 -53.65 -10.97
CA GLN A 184 -5.30 -54.32 -9.71
C GLN A 184 -3.96 -53.87 -9.12
N THR A 185 -2.96 -53.65 -9.98
CA THR A 185 -1.61 -53.37 -9.52
C THR A 185 -1.53 -52.00 -8.83
N LYS A 186 -2.15 -50.99 -9.43
CA LYS A 186 -2.15 -49.68 -8.82
C LYS A 186 -3.20 -49.60 -7.71
N PHE A 187 -4.40 -50.10 -7.98
CA PHE A 187 -5.53 -49.98 -7.08
C PHE A 187 -6.00 -51.37 -6.68
N PRO A 188 -5.51 -51.91 -5.59
CA PRO A 188 -6.04 -53.20 -5.14
C PRO A 188 -7.35 -53.07 -4.38
N ILE A 189 -8.47 -53.38 -5.02
CA ILE A 189 -9.77 -53.33 -4.38
C ILE A 189 -10.38 -54.71 -4.53
N VAL A 190 -11.20 -55.11 -3.56
CA VAL A 190 -11.75 -56.46 -3.54
C VAL A 190 -12.69 -56.68 -4.71
N ASN A 191 -13.69 -55.82 -4.87
CA ASN A 191 -14.64 -55.98 -5.96
C ASN A 191 -14.13 -55.27 -7.20
N ALA A 192 -14.50 -55.80 -8.35
CA ALA A 192 -14.19 -55.23 -9.64
C ALA A 192 -15.40 -54.58 -10.27
N GLU A 193 -16.26 -53.96 -9.48
CA GLU A 193 -17.55 -53.59 -10.02
C GLU A 193 -17.85 -52.12 -9.82
N LEU A 194 -17.15 -51.46 -8.90
CA LEU A 194 -17.50 -50.10 -8.54
C LEU A 194 -17.08 -49.13 -9.64
N SER A 195 -17.81 -48.02 -9.73
CA SER A 195 -17.59 -47.03 -10.78
C SER A 195 -17.36 -45.66 -10.17
N PHE A 196 -16.68 -44.81 -10.92
CA PHE A 196 -16.09 -43.59 -10.37
C PHE A 196 -16.31 -42.40 -11.30
N PHE A 197 -15.80 -41.25 -10.87
CA PHE A 197 -16.21 -39.97 -11.42
C PHE A 197 -14.99 -39.10 -11.68
N GLY A 198 -15.06 -38.26 -12.71
CA GLY A 198 -14.01 -37.29 -12.97
C GLY A 198 -14.48 -36.19 -13.90
N HIS A 199 -13.77 -35.06 -13.88
CA HIS A 199 -14.03 -33.99 -14.82
C HIS A 199 -12.88 -33.96 -15.81
N ALA A 200 -13.13 -33.41 -16.99
CA ALA A 200 -12.13 -33.44 -18.05
C ALA A 200 -11.91 -32.04 -18.62
N HIS A 201 -12.01 -31.03 -17.78
CA HIS A 201 -11.78 -29.67 -18.22
C HIS A 201 -10.34 -29.28 -17.89
N LEU A 202 -9.56 -29.04 -18.94
CA LEU A 202 -8.18 -28.60 -18.79
C LEU A 202 -8.16 -27.16 -18.31
N GLY A 203 -7.67 -26.96 -17.10
CA GLY A 203 -7.83 -25.68 -16.44
C GLY A 203 -9.02 -25.71 -15.50
N THR A 204 -9.15 -24.66 -14.71
CA THR A 204 -10.17 -24.63 -13.68
C THR A 204 -11.23 -23.63 -14.03
N GLY A 205 -12.23 -23.54 -13.16
CA GLY A 205 -13.26 -22.54 -13.31
C GLY A 205 -14.50 -23.07 -13.98
N ASP A 206 -15.54 -22.28 -13.89
CA ASP A 206 -16.74 -22.51 -14.68
C ASP A 206 -16.39 -22.30 -16.13
N PRO A 207 -16.48 -23.32 -16.97
CA PRO A 207 -15.90 -23.20 -18.32
C PRO A 207 -16.73 -22.37 -19.28
N TYR A 208 -17.94 -21.98 -18.91
CA TYR A 208 -18.70 -21.16 -19.84
C TYR A 208 -18.60 -19.69 -19.48
N THR A 209 -17.85 -19.35 -18.44
CA THR A 209 -17.41 -17.98 -18.21
C THR A 209 -15.91 -17.98 -17.95
N PRO A 210 -15.08 -17.90 -18.97
CA PRO A 210 -13.64 -17.79 -18.72
C PRO A 210 -13.21 -16.39 -18.34
N GLY A 211 -12.47 -16.27 -17.25
CA GLY A 211 -11.88 -15.01 -16.89
C GLY A 211 -12.78 -14.04 -16.16
N PHE A 212 -14.09 -14.08 -16.36
CA PHE A 212 -14.98 -13.18 -15.65
C PHE A 212 -15.93 -14.01 -14.80
N PRO A 213 -16.45 -13.48 -13.70
CA PRO A 213 -17.24 -14.31 -12.79
C PRO A 213 -18.65 -14.54 -13.27
N SER A 214 -19.26 -15.57 -12.72
CA SER A 214 -20.59 -15.99 -13.10
C SER A 214 -21.64 -15.47 -12.13
N PHE A 215 -21.91 -14.18 -12.16
CA PHE A 215 -22.99 -13.62 -11.36
C PHE A 215 -24.18 -13.29 -12.23
N ASN A 216 -25.15 -12.63 -11.62
CA ASN A 216 -26.25 -12.06 -12.40
C ASN A 216 -25.87 -10.75 -13.05
N HIS A 217 -24.76 -10.15 -12.64
CA HIS A 217 -24.40 -8.82 -13.15
C HIS A 217 -23.86 -8.89 -14.57
N THR A 218 -23.37 -10.05 -14.98
CA THR A 218 -22.62 -10.10 -16.23
C THR A 218 -23.48 -10.54 -17.38
N GLN A 219 -24.80 -10.65 -17.16
CA GLN A 219 -25.83 -10.98 -18.15
C GLN A 219 -25.68 -12.35 -18.79
N PHE A 220 -24.68 -13.16 -18.41
CA PHE A 220 -24.36 -14.45 -19.03
C PHE A 220 -24.18 -14.40 -20.55
N PRO A 221 -23.04 -13.90 -21.03
CA PRO A 221 -22.84 -13.82 -22.46
C PRO A 221 -22.38 -15.14 -23.02
N PRO A 222 -22.51 -15.36 -24.33
CA PRO A 222 -22.03 -16.61 -24.91
C PRO A 222 -20.51 -16.59 -25.04
N SER A 223 -19.87 -17.48 -24.29
CA SER A 223 -18.42 -17.58 -24.27
C SER A 223 -18.06 -18.99 -23.84
N ARG A 224 -17.01 -19.52 -24.44
CA ARG A 224 -16.63 -20.91 -24.24
C ARG A 224 -15.13 -21.01 -24.05
N SER A 225 -14.72 -21.70 -22.99
CA SER A 225 -13.31 -21.85 -22.69
C SER A 225 -12.63 -22.76 -23.68
N SER A 226 -11.29 -22.75 -23.67
CA SER A 226 -10.55 -23.50 -24.67
C SER A 226 -10.27 -24.93 -24.21
N GLY A 227 -10.34 -25.18 -22.93
CA GLY A 227 -9.85 -26.45 -22.41
C GLY A 227 -10.86 -27.58 -22.52
N LEU A 228 -12.04 -27.29 -23.06
CA LEU A 228 -13.06 -28.32 -23.14
C LEU A 228 -12.72 -29.28 -24.26
N PRO A 229 -12.83 -30.58 -24.05
CA PRO A 229 -12.52 -31.54 -25.10
C PRO A 229 -13.64 -31.62 -26.11
N ASN A 230 -13.39 -32.34 -27.20
CA ASN A 230 -14.40 -32.51 -28.23
C ASN A 230 -14.61 -33.98 -28.57
N ILE A 231 -14.24 -34.88 -27.67
CA ILE A 231 -14.38 -36.32 -27.90
C ILE A 231 -15.12 -36.94 -26.72
N PRO A 232 -15.83 -38.05 -26.89
CA PRO A 232 -16.51 -38.65 -25.74
C PRO A 232 -15.55 -39.38 -24.84
N VAL A 233 -15.73 -39.20 -23.52
CA VAL A 233 -14.89 -39.82 -22.50
C VAL A 233 -15.80 -40.63 -21.60
N GLN A 234 -15.34 -41.80 -21.16
CA GLN A 234 -16.16 -42.66 -20.32
C GLN A 234 -15.30 -43.49 -19.39
N THR A 235 -15.73 -43.62 -18.13
CA THR A 235 -15.08 -44.50 -17.16
C THR A 235 -15.72 -45.87 -17.18
N ILE A 236 -14.93 -46.92 -16.97
CA ILE A 236 -15.46 -48.26 -16.88
C ILE A 236 -14.95 -48.91 -15.61
N SER A 237 -15.61 -49.99 -15.21
CA SER A 237 -15.16 -50.74 -14.05
C SER A 237 -14.04 -51.69 -14.46
N ARG A 238 -13.57 -52.47 -13.49
CA ARG A 238 -12.40 -53.31 -13.76
C ARG A 238 -12.82 -54.61 -14.45
N ALA A 239 -13.98 -55.14 -14.07
CA ALA A 239 -14.48 -56.33 -14.73
C ALA A 239 -14.96 -56.02 -16.13
N ALA A 240 -15.45 -54.80 -16.34
CA ALA A 240 -15.74 -54.34 -17.69
C ALA A 240 -14.46 -54.29 -18.52
N ALA A 241 -13.36 -53.88 -17.90
CA ALA A 241 -12.08 -53.84 -18.60
C ALA A 241 -11.64 -55.25 -18.97
N GLU A 242 -11.81 -56.21 -18.05
CA GLU A 242 -11.38 -57.58 -18.35
C GLU A 242 -12.26 -58.22 -19.42
N LYS A 243 -13.55 -57.87 -19.45
CA LYS A 243 -14.40 -58.34 -20.54
C LYS A 243 -13.95 -57.77 -21.87
N LEU A 244 -13.42 -56.54 -21.87
CA LEU A 244 -12.79 -56.04 -23.09
C LEU A 244 -11.53 -56.80 -23.40
N PHE A 245 -10.76 -57.17 -22.37
CA PHE A 245 -9.49 -57.85 -22.62
C PHE A 245 -9.68 -59.30 -23.01
N GLY A 246 -10.92 -59.79 -22.97
CA GLY A 246 -11.20 -61.07 -23.61
C GLY A 246 -10.99 -61.03 -25.11
N ASN A 247 -11.34 -59.90 -25.74
CA ASN A 247 -11.19 -59.81 -27.18
C ASN A 247 -9.90 -59.10 -27.58
N MET A 248 -9.17 -58.59 -26.60
CA MET A 248 -7.92 -57.92 -26.89
C MET A 248 -6.82 -58.94 -27.17
N GLU A 249 -5.71 -58.46 -27.75
CA GLU A 249 -4.54 -59.29 -28.00
C GLU A 249 -3.29 -58.43 -27.91
N GLY A 250 -2.15 -59.10 -28.02
CA GLY A 250 -0.88 -58.45 -27.76
C GLY A 250 -0.39 -58.76 -26.37
N ASP A 251 0.66 -58.06 -25.98
CA ASP A 251 1.22 -58.21 -24.64
C ASP A 251 1.68 -56.86 -24.12
N CYS A 252 1.31 -56.57 -22.88
CA CYS A 252 1.82 -55.38 -22.22
C CYS A 252 3.32 -55.53 -22.00
N PRO A 253 4.08 -54.45 -22.22
CA PRO A 253 5.51 -54.50 -21.92
C PRO A 253 5.77 -54.66 -20.44
N SER A 254 6.93 -55.24 -20.12
CA SER A 254 7.27 -55.49 -18.73
C SER A 254 7.65 -54.21 -18.01
N ASP A 255 7.90 -53.13 -18.76
CA ASP A 255 8.12 -51.83 -18.16
C ASP A 255 6.87 -51.30 -17.50
N TRP A 256 5.71 -51.78 -17.93
CA TRP A 256 4.47 -51.34 -17.32
C TRP A 256 4.16 -52.25 -16.14
N LYS A 257 4.06 -51.67 -14.96
CA LYS A 257 3.69 -52.40 -13.76
C LYS A 257 2.19 -52.65 -13.81
N THR A 258 1.80 -53.79 -14.38
CA THR A 258 0.40 -54.03 -14.69
C THR A 258 0.07 -55.48 -14.39
N ASP A 259 -1.18 -55.84 -14.66
CA ASP A 259 -1.64 -57.18 -14.37
C ASP A 259 -1.17 -58.18 -15.43
N SER A 260 -1.71 -59.38 -15.37
CA SER A 260 -1.38 -60.38 -16.37
C SER A 260 -2.43 -60.45 -17.46
N THR A 261 -3.56 -59.78 -17.27
CA THR A 261 -4.69 -59.96 -18.18
C THR A 261 -4.75 -58.85 -19.23
N CYS A 262 -3.94 -57.81 -19.08
CA CYS A 262 -4.00 -56.69 -20.02
C CYS A 262 -3.43 -57.09 -21.36
N ARG A 263 -3.87 -56.42 -22.41
CA ARG A 263 -3.33 -56.60 -23.75
C ARG A 263 -3.26 -55.25 -24.46
N MET A 264 -2.84 -55.27 -25.72
CA MET A 264 -2.53 -54.01 -26.39
C MET A 264 -3.66 -53.52 -27.27
N VAL A 265 -4.00 -54.24 -28.34
CA VAL A 265 -4.92 -53.73 -29.33
C VAL A 265 -6.10 -54.66 -29.48
N THR A 266 -7.09 -54.23 -30.24
CA THR A 266 -8.30 -55.00 -30.44
C THR A 266 -8.14 -55.90 -31.65
N SER A 267 -8.82 -57.04 -31.63
CA SER A 267 -8.77 -58.01 -32.70
C SER A 267 -9.31 -57.43 -34.00
N GLU A 268 -8.95 -58.08 -35.11
CA GLU A 268 -9.24 -57.50 -36.42
C GLU A 268 -10.74 -57.53 -36.71
N SER A 269 -11.45 -58.51 -36.16
CA SER A 269 -12.90 -58.54 -36.38
C SER A 269 -13.60 -57.51 -35.50
N LYS A 270 -13.50 -57.67 -34.20
CA LYS A 270 -14.37 -56.95 -33.26
C LYS A 270 -13.84 -55.55 -33.03
N ASN A 271 -14.74 -54.61 -32.75
CA ASN A 271 -14.35 -53.25 -32.38
C ASN A 271 -15.44 -52.62 -31.52
N VAL A 272 -15.04 -51.76 -30.59
CA VAL A 272 -15.96 -51.29 -29.55
C VAL A 272 -16.80 -50.13 -30.06
N LYS A 273 -17.80 -49.77 -29.28
CA LYS A 273 -18.69 -48.64 -29.53
C LYS A 273 -19.14 -48.07 -28.20
N LEU A 274 -19.01 -46.77 -28.03
CA LEU A 274 -19.47 -46.17 -26.79
C LEU A 274 -20.40 -45.01 -27.12
N THR A 275 -21.54 -44.99 -26.43
CA THR A 275 -22.49 -43.90 -26.49
C THR A 275 -22.46 -43.18 -25.15
N VAL A 276 -22.25 -41.88 -25.18
CA VAL A 276 -22.24 -41.05 -23.98
C VAL A 276 -23.23 -39.92 -24.19
N SER A 277 -24.24 -39.87 -23.32
CA SER A 277 -25.21 -38.79 -23.34
C SER A 277 -25.15 -38.07 -22.01
N ASN A 278 -24.80 -36.79 -22.05
CA ASN A 278 -24.80 -35.96 -20.87
C ASN A 278 -25.41 -34.61 -21.23
N VAL A 279 -26.09 -34.00 -20.27
CA VAL A 279 -26.79 -32.74 -20.50
C VAL A 279 -26.17 -31.66 -19.62
N LEU A 280 -26.31 -30.42 -20.06
CA LEU A 280 -25.78 -29.28 -19.33
C LEU A 280 -26.88 -28.70 -18.45
N LYS A 281 -26.68 -28.80 -17.15
CA LYS A 281 -27.62 -28.24 -16.21
C LYS A 281 -27.03 -26.94 -15.67
N GLU A 282 -27.90 -26.03 -15.27
CA GLU A 282 -27.49 -24.75 -14.71
C GLU A 282 -27.97 -24.68 -13.27
N ILE A 283 -27.04 -24.66 -12.33
CA ILE A 283 -27.34 -24.85 -10.92
C ILE A 283 -26.87 -23.66 -10.12
N LYS A 284 -27.15 -23.71 -8.82
CA LYS A 284 -26.81 -22.60 -7.93
C LYS A 284 -25.77 -23.02 -6.92
N ILE A 285 -24.58 -22.42 -7.02
CA ILE A 285 -23.47 -22.71 -6.13
C ILE A 285 -23.61 -21.80 -4.93
N LEU A 286 -23.28 -22.31 -3.75
CA LEU A 286 -23.52 -21.59 -2.52
C LEU A 286 -22.26 -21.63 -1.66
N ASN A 287 -21.39 -20.64 -1.81
CA ASN A 287 -20.18 -20.52 -1.00
C ASN A 287 -20.54 -19.92 0.34
N ILE A 288 -19.83 -20.32 1.40
CA ILE A 288 -20.14 -19.85 2.75
C ILE A 288 -18.86 -19.48 3.48
N PHE A 289 -18.82 -18.30 4.06
CA PHE A 289 -17.61 -17.67 4.55
C PHE A 289 -17.80 -17.21 5.98
N GLY A 290 -16.69 -17.10 6.72
CA GLY A 290 -16.76 -16.52 8.05
C GLY A 290 -15.45 -15.95 8.54
N VAL A 291 -15.45 -14.72 9.04
CA VAL A 291 -14.21 -14.03 9.34
C VAL A 291 -14.10 -13.69 10.82
N ILE A 292 -12.90 -13.92 11.36
CA ILE A 292 -12.44 -13.37 12.63
C ILE A 292 -11.66 -12.10 12.32
N LYS A 293 -11.95 -11.02 13.02
CA LYS A 293 -11.26 -9.76 12.76
C LYS A 293 -9.84 -9.78 13.30
N GLY A 294 -9.11 -8.71 13.04
CA GLY A 294 -7.77 -8.52 13.54
C GLY A 294 -7.66 -7.25 14.39
N PHE A 295 -6.66 -7.21 15.26
CA PHE A 295 -6.57 -6.09 16.19
C PHE A 295 -5.56 -5.05 15.72
N VAL A 296 -4.42 -5.49 15.20
CA VAL A 296 -3.41 -4.55 14.73
C VAL A 296 -3.83 -3.94 13.40
N GLU A 297 -3.96 -4.79 12.38
CA GLU A 297 -4.54 -4.35 11.13
C GLU A 297 -5.48 -5.42 10.59
N PRO A 298 -6.76 -5.11 10.41
CA PRO A 298 -7.72 -6.10 9.91
C PRO A 298 -7.81 -6.15 8.40
N ASP A 299 -6.95 -5.44 7.68
CA ASP A 299 -7.07 -5.38 6.23
C ASP A 299 -6.52 -6.63 5.58
N HIS A 300 -5.38 -7.13 6.08
CA HIS A 300 -4.71 -8.26 5.48
C HIS A 300 -5.22 -9.52 6.16
N TYR A 301 -5.32 -10.62 5.43
CA TYR A 301 -5.92 -11.82 5.97
C TYR A 301 -5.46 -13.08 5.25
N VAL A 302 -5.45 -14.19 5.99
CA VAL A 302 -5.13 -15.51 5.47
C VAL A 302 -6.41 -16.31 5.27
N VAL A 303 -6.52 -17.00 4.15
CA VAL A 303 -7.74 -17.72 3.78
C VAL A 303 -7.53 -19.21 4.00
N VAL A 304 -8.43 -19.84 4.73
CA VAL A 304 -8.41 -21.28 4.97
C VAL A 304 -9.64 -21.88 4.32
N GLY A 305 -9.44 -22.82 3.41
CA GLY A 305 -10.54 -23.33 2.60
C GLY A 305 -10.71 -24.82 2.73
N ALA A 306 -11.86 -25.31 2.28
CA ALA A 306 -12.19 -26.72 2.27
C ALA A 306 -13.35 -27.01 1.34
N GLN A 307 -13.22 -28.10 0.59
CA GLN A 307 -14.27 -28.53 -0.33
C GLN A 307 -15.45 -29.06 0.48
N ARG A 308 -16.62 -29.19 -0.14
CA ARG A 308 -17.81 -29.59 0.60
C ARG A 308 -18.65 -30.65 -0.11
N ASP A 309 -18.48 -30.88 -1.41
CA ASP A 309 -19.35 -31.83 -2.08
C ASP A 309 -18.60 -32.78 -3.00
N ALA A 310 -19.08 -34.01 -3.07
CA ALA A 310 -18.46 -35.05 -3.89
C ALA A 310 -19.53 -36.02 -4.36
N TRP A 311 -19.25 -36.67 -5.48
CA TRP A 311 -20.29 -37.38 -6.22
C TRP A 311 -20.78 -38.62 -5.47
N GLY A 312 -19.90 -39.31 -4.78
CA GLY A 312 -20.30 -40.44 -3.97
C GLY A 312 -20.73 -39.97 -2.59
N PRO A 313 -20.46 -40.77 -1.58
CA PRO A 313 -20.67 -40.28 -0.21
C PRO A 313 -19.63 -39.27 0.20
N GLY A 314 -18.39 -39.45 -0.23
CA GLY A 314 -17.37 -38.45 0.01
C GLY A 314 -16.93 -38.36 1.44
N ALA A 315 -16.44 -39.46 2.01
CA ALA A 315 -15.95 -39.41 3.37
C ALA A 315 -14.56 -38.80 3.42
N ALA A 316 -13.62 -39.35 2.68
CA ALA A 316 -12.25 -38.87 2.76
C ALA A 316 -12.00 -37.72 1.80
N LYS A 317 -12.91 -37.48 0.88
CA LYS A 317 -12.70 -36.43 -0.11
C LYS A 317 -13.22 -35.10 0.39
N SER A 318 -14.40 -35.08 0.98
CA SER A 318 -15.00 -33.84 1.42
C SER A 318 -15.41 -33.84 2.89
N GLY A 319 -15.52 -35.00 3.53
CA GLY A 319 -15.91 -35.02 4.92
C GLY A 319 -14.79 -34.63 5.85
N VAL A 320 -13.57 -35.07 5.55
CA VAL A 320 -12.44 -34.84 6.44
C VAL A 320 -12.07 -33.37 6.45
N GLY A 321 -12.03 -32.74 5.29
CA GLY A 321 -11.70 -31.32 5.22
C GLY A 321 -12.75 -30.45 5.86
N THR A 322 -14.02 -30.80 5.71
CA THR A 322 -15.07 -30.03 6.33
C THR A 322 -15.06 -30.19 7.85
N ALA A 323 -14.69 -31.38 8.33
CA ALA A 323 -14.60 -31.59 9.77
C ALA A 323 -13.43 -30.82 10.39
N LEU A 324 -12.28 -30.85 9.72
CA LEU A 324 -11.14 -30.05 10.16
C LEU A 324 -11.46 -28.57 10.11
N LEU A 325 -12.28 -28.17 9.14
CA LEU A 325 -12.70 -26.78 9.03
C LEU A 325 -13.57 -26.38 10.21
N LEU A 326 -14.57 -27.19 10.55
CA LEU A 326 -15.50 -26.83 11.61
C LEU A 326 -14.83 -26.83 12.98
N LYS A 327 -14.08 -27.90 13.27
CA LYS A 327 -13.41 -27.96 14.56
C LYS A 327 -12.29 -26.93 14.66
N LEU A 328 -11.67 -26.61 13.53
CA LEU A 328 -10.60 -25.63 13.52
C LEU A 328 -11.17 -24.24 13.78
N ALA A 329 -12.36 -23.98 13.25
CA ALA A 329 -13.03 -22.71 13.52
C ALA A 329 -13.48 -22.64 14.97
N GLN A 330 -13.86 -23.77 15.55
CA GLN A 330 -14.25 -23.78 16.95
C GLN A 330 -13.06 -23.50 17.85
N MET A 331 -11.89 -24.03 17.48
CA MET A 331 -10.72 -23.83 18.32
C MET A 331 -10.22 -22.40 18.26
N PHE A 332 -10.16 -21.81 17.06
CA PHE A 332 -9.66 -20.44 17.01
C PHE A 332 -10.68 -19.44 17.54
N SER A 333 -11.97 -19.65 17.27
CA SER A 333 -12.97 -18.72 17.79
C SER A 333 -13.06 -18.80 19.31
N ASP A 334 -12.95 -20.02 19.84
CA ASP A 334 -12.94 -20.20 21.29
C ASP A 334 -11.70 -19.60 21.91
N MET A 335 -10.56 -19.73 21.24
CA MET A 335 -9.30 -19.28 21.80
C MET A 335 -9.21 -17.75 21.79
N VAL A 336 -9.78 -17.11 20.76
CA VAL A 336 -9.85 -15.66 20.73
C VAL A 336 -10.82 -15.15 21.78
N LEU A 337 -12.01 -15.77 21.88
CA LEU A 337 -13.04 -15.26 22.79
C LEU A 337 -12.66 -15.44 24.25
N LYS A 338 -12.25 -16.63 24.64
CA LYS A 338 -11.99 -16.88 26.05
C LYS A 338 -10.53 -16.67 26.44
N ASP A 339 -9.57 -17.20 25.66
CA ASP A 339 -8.21 -17.30 26.20
C ASP A 339 -7.42 -16.01 26.04
N GLY A 340 -7.98 -15.03 25.33
CA GLY A 340 -7.33 -13.75 25.23
C GLY A 340 -6.30 -13.62 24.13
N PHE A 341 -6.23 -14.59 23.21
CA PHE A 341 -5.37 -14.47 22.05
C PHE A 341 -5.84 -13.32 21.16
N GLN A 342 -4.90 -12.49 20.73
CA GLN A 342 -5.21 -11.34 19.90
C GLN A 342 -4.45 -11.43 18.59
N PRO A 343 -5.08 -11.91 17.52
CA PRO A 343 -4.37 -12.01 16.24
C PRO A 343 -4.21 -10.66 15.60
N SER A 344 -3.04 -10.43 14.99
CA SER A 344 -2.76 -9.12 14.43
C SER A 344 -3.47 -8.92 13.10
N ARG A 345 -3.81 -10.01 12.43
CA ARG A 345 -4.41 -9.97 11.10
C ARG A 345 -5.72 -10.73 11.16
N SER A 346 -6.65 -10.38 10.29
CA SER A 346 -7.91 -11.08 10.29
C SER A 346 -7.76 -12.43 9.59
N ILE A 347 -8.75 -13.30 9.73
CA ILE A 347 -8.70 -14.67 9.24
C ILE A 347 -10.04 -14.99 8.59
N ILE A 348 -10.01 -15.48 7.36
CA ILE A 348 -11.23 -15.87 6.66
C ILE A 348 -11.28 -17.38 6.54
N PHE A 349 -12.37 -17.97 7.00
CA PHE A 349 -12.67 -19.38 6.80
C PHE A 349 -13.62 -19.49 5.63
N ALA A 350 -13.44 -20.52 4.82
CA ALA A 350 -14.24 -20.66 3.62
C ALA A 350 -14.72 -22.09 3.46
N SER A 351 -15.91 -22.24 2.90
CA SER A 351 -16.45 -23.54 2.54
C SER A 351 -17.07 -23.42 1.16
N TRP A 352 -16.59 -24.25 0.25
CA TRP A 352 -16.77 -24.06 -1.18
C TRP A 352 -17.55 -25.21 -1.79
N SER A 353 -18.57 -24.88 -2.56
CA SER A 353 -19.29 -25.92 -3.26
C SER A 353 -18.68 -26.15 -4.63
N ALA A 354 -18.99 -27.33 -5.18
CA ALA A 354 -18.60 -27.77 -6.52
C ALA A 354 -17.11 -27.71 -6.77
N GLY A 355 -16.33 -28.18 -5.80
CA GLY A 355 -14.91 -28.33 -6.03
C GLY A 355 -14.60 -29.50 -6.93
N ASP A 356 -15.58 -30.37 -7.14
CA ASP A 356 -15.34 -31.61 -7.86
C ASP A 356 -15.24 -31.37 -9.36
N PHE A 357 -15.92 -30.36 -9.87
CA PHE A 357 -15.91 -30.09 -11.31
C PHE A 357 -14.79 -29.10 -11.64
N GLY A 358 -13.59 -29.42 -11.16
CA GLY A 358 -12.46 -28.55 -11.41
C GLY A 358 -12.38 -27.32 -10.54
N SER A 359 -12.91 -27.37 -9.32
CA SER A 359 -12.76 -26.34 -8.28
C SER A 359 -13.30 -24.99 -8.73
N VAL A 360 -14.63 -24.91 -8.90
CA VAL A 360 -15.20 -23.70 -9.48
C VAL A 360 -15.60 -22.71 -8.39
N GLY A 361 -15.69 -23.15 -7.15
CA GLY A 361 -15.96 -22.20 -6.08
C GLY A 361 -14.81 -21.26 -5.84
N ALA A 362 -13.60 -21.80 -5.84
CA ALA A 362 -12.42 -20.97 -5.66
C ALA A 362 -12.17 -20.10 -6.88
N THR A 363 -12.39 -20.62 -8.08
CA THR A 363 -12.06 -19.84 -9.26
C THR A 363 -13.10 -18.77 -9.52
N GLU A 364 -14.37 -19.03 -9.20
CA GLU A 364 -15.36 -17.97 -9.32
C GLU A 364 -15.21 -16.95 -8.20
N TRP A 365 -14.72 -17.36 -7.03
CA TRP A 365 -14.52 -16.38 -5.98
C TRP A 365 -13.30 -15.53 -6.25
N LEU A 366 -12.29 -16.09 -6.93
CA LEU A 366 -11.12 -15.30 -7.28
C LEU A 366 -11.39 -14.40 -8.46
N GLU A 367 -12.10 -14.89 -9.46
CA GLU A 367 -12.39 -14.06 -10.62
C GLU A 367 -13.46 -13.04 -10.29
N GLY A 368 -14.22 -13.27 -9.23
CA GLY A 368 -15.22 -12.30 -8.83
C GLY A 368 -14.64 -11.12 -8.09
N TYR A 369 -13.80 -11.39 -7.09
CA TYR A 369 -13.34 -10.40 -6.16
C TYR A 369 -11.84 -10.26 -6.28
N LEU A 370 -11.34 -10.14 -7.52
CA LEU A 370 -9.90 -10.03 -7.73
C LEU A 370 -9.39 -8.69 -7.27
N SER A 371 -10.08 -7.62 -7.64
CA SER A 371 -9.60 -6.28 -7.34
C SER A 371 -9.81 -5.95 -5.87
N SER A 372 -10.64 -6.73 -5.18
CA SER A 372 -10.84 -6.46 -3.77
C SER A 372 -9.72 -7.05 -2.93
N LEU A 373 -9.22 -8.23 -3.29
CA LEU A 373 -8.14 -8.85 -2.56
C LEU A 373 -6.81 -8.81 -3.32
N HIS A 374 -6.68 -7.90 -4.29
CA HIS A 374 -5.38 -7.57 -4.87
C HIS A 374 -4.49 -7.00 -3.79
N LEU A 375 -3.51 -7.80 -3.36
CA LEU A 375 -2.41 -7.50 -2.45
C LEU A 375 -2.88 -7.36 -1.00
N LYS A 376 -4.18 -7.46 -0.71
CA LYS A 376 -4.61 -7.54 0.67
C LYS A 376 -4.39 -8.93 1.25
N ALA A 377 -4.96 -9.96 0.62
CA ALA A 377 -4.86 -11.34 1.07
C ALA A 377 -3.46 -11.87 0.77
N PHE A 378 -2.91 -12.68 1.66
CA PHE A 378 -1.50 -13.00 1.48
C PHE A 378 -1.14 -14.46 1.70
N THR A 379 -2.06 -15.35 2.06
CA THR A 379 -1.75 -16.76 2.20
C THR A 379 -3.03 -17.56 2.09
N TYR A 380 -3.02 -18.61 1.28
CA TYR A 380 -4.11 -19.56 1.28
C TYR A 380 -3.63 -20.89 1.84
N ILE A 381 -4.46 -21.53 2.65
CA ILE A 381 -4.18 -22.85 3.21
C ILE A 381 -5.31 -23.77 2.81
N ASN A 382 -4.98 -24.94 2.28
CA ASN A 382 -5.97 -25.90 1.83
C ASN A 382 -6.02 -27.07 2.79
N LEU A 383 -7.19 -27.34 3.33
CA LEU A 383 -7.40 -28.47 4.21
C LEU A 383 -7.89 -29.69 3.46
N ASP A 384 -7.94 -29.63 2.14
CA ASP A 384 -8.63 -30.66 1.37
C ASP A 384 -7.76 -31.90 1.24
N LYS A 385 -8.40 -33.08 1.38
CA LYS A 385 -7.74 -34.40 1.28
C LYS A 385 -6.57 -34.53 2.24
N ALA A 386 -6.75 -34.10 3.48
CA ALA A 386 -5.61 -34.04 4.39
C ALA A 386 -5.22 -35.42 4.89
N VAL A 387 -6.17 -36.32 5.04
CA VAL A 387 -5.92 -37.62 5.65
C VAL A 387 -6.22 -38.70 4.62
N LEU A 388 -5.17 -39.34 4.11
CA LEU A 388 -5.36 -40.51 3.28
C LEU A 388 -4.65 -41.72 3.90
N GLY A 389 -3.38 -41.54 4.22
CA GLY A 389 -2.56 -42.62 4.71
C GLY A 389 -2.02 -42.30 6.08
N THR A 390 -1.26 -43.22 6.67
CA THR A 390 -0.71 -42.96 7.98
C THR A 390 0.81 -42.94 7.95
N SER A 391 1.42 -43.32 6.82
CA SER A 391 2.86 -43.48 6.79
C SER A 391 3.59 -42.16 6.55
N ASN A 392 3.37 -41.53 5.40
CA ASN A 392 4.24 -40.46 4.95
C ASN A 392 3.58 -39.10 5.09
N PHE A 393 4.41 -38.08 5.14
CA PHE A 393 3.98 -36.69 5.14
C PHE A 393 4.41 -36.07 3.82
N LYS A 394 3.46 -35.56 3.06
CA LYS A 394 3.74 -34.96 1.77
C LYS A 394 3.17 -33.55 1.74
N VAL A 395 4.02 -32.58 1.41
CA VAL A 395 3.64 -31.19 1.42
C VAL A 395 3.93 -30.62 0.04
N SER A 396 3.21 -29.58 -0.36
CA SER A 396 3.41 -28.92 -1.64
C SER A 396 3.01 -27.46 -1.50
N ALA A 397 3.93 -26.54 -1.80
CA ALA A 397 3.66 -25.16 -1.50
C ALA A 397 4.49 -24.25 -2.39
N SER A 398 4.11 -22.97 -2.38
CA SER A 398 4.93 -21.91 -2.90
C SER A 398 6.09 -21.65 -1.94
N PRO A 399 7.28 -21.37 -2.48
CA PRO A 399 8.51 -21.47 -1.68
C PRO A 399 8.64 -20.42 -0.60
N LEU A 400 7.83 -19.38 -0.62
CA LEU A 400 7.82 -18.42 0.47
C LEU A 400 7.36 -19.04 1.78
N LEU A 401 6.66 -20.18 1.70
CA LEU A 401 6.23 -20.85 2.90
C LEU A 401 7.19 -21.93 3.39
N TYR A 402 8.23 -22.25 2.60
CA TYR A 402 9.08 -23.43 2.88
C TYR A 402 9.69 -23.39 4.27
N THR A 403 10.37 -22.29 4.60
CA THR A 403 10.95 -22.09 5.92
C THR A 403 9.92 -22.27 7.02
N LEU A 404 8.72 -21.70 6.80
CA LEU A 404 7.59 -21.89 7.72
C LEU A 404 7.28 -23.35 7.94
N ILE A 405 7.15 -24.11 6.85
CA ILE A 405 6.81 -25.53 6.93
C ILE A 405 7.88 -26.27 7.70
N GLU A 406 9.14 -25.86 7.52
CA GLU A 406 10.24 -26.57 8.14
C GLU A 406 10.19 -26.41 9.65
N LYS A 407 9.82 -25.22 10.13
CA LYS A 407 9.69 -25.03 11.57
C LYS A 407 8.52 -25.81 12.12
N THR A 408 7.42 -25.88 11.35
CA THR A 408 6.26 -26.64 11.81
C THR A 408 6.58 -28.12 11.83
N MET A 409 7.40 -28.59 10.89
CA MET A 409 7.72 -30.00 10.84
C MET A 409 8.64 -30.41 11.97
N GLN A 410 9.17 -29.44 12.72
CA GLN A 410 10.02 -29.80 13.85
C GLN A 410 9.24 -29.76 15.16
N ASN A 411 7.96 -29.37 15.11
CA ASN A 411 7.27 -29.25 16.39
C ASN A 411 6.07 -30.17 16.51
N VAL A 412 5.58 -30.72 15.41
CA VAL A 412 4.37 -31.53 15.43
C VAL A 412 4.76 -32.99 15.44
N LYS A 413 4.32 -33.72 16.45
CA LYS A 413 4.71 -35.10 16.63
C LYS A 413 3.87 -35.99 15.74
N HIS A 414 4.50 -37.00 15.15
CA HIS A 414 3.83 -37.92 14.24
C HIS A 414 2.77 -38.72 15.00
N PRO A 415 1.66 -39.10 14.35
CA PRO A 415 0.60 -39.77 15.11
C PRO A 415 0.90 -41.20 15.51
N VAL A 416 1.55 -41.98 14.66
CA VAL A 416 1.84 -43.36 15.02
C VAL A 416 3.03 -43.43 15.97
N THR A 417 4.19 -42.97 15.52
CA THR A 417 5.41 -43.06 16.30
C THR A 417 5.68 -41.73 16.97
N GLY A 418 6.54 -41.76 17.97
CA GLY A 418 6.77 -40.56 18.76
C GLY A 418 7.76 -39.61 18.13
N GLN A 419 8.32 -39.97 16.99
CA GLN A 419 9.32 -39.12 16.36
C GLN A 419 8.66 -37.91 15.72
N PHE A 420 9.45 -36.84 15.55
CA PHE A 420 8.95 -35.65 14.88
C PHE A 420 8.78 -35.91 13.39
N LEU A 421 8.15 -34.95 12.71
CA LEU A 421 7.98 -35.09 11.27
C LEU A 421 9.27 -34.84 10.52
N TYR A 422 10.14 -34.00 11.08
CA TYR A 422 11.38 -33.63 10.42
C TYR A 422 12.41 -34.75 10.53
N GLN A 423 12.38 -35.63 9.53
CA GLN A 423 13.32 -36.75 9.52
C GLN A 423 14.37 -36.61 8.44
N ASP A 424 14.00 -36.01 7.31
CA ASP A 424 14.93 -35.78 6.21
C ASP A 424 15.34 -34.32 6.24
N SER A 425 16.62 -34.07 5.95
CA SER A 425 17.07 -32.69 5.88
C SER A 425 16.91 -32.13 4.48
N ASN A 426 16.89 -33.00 3.47
CA ASN A 426 16.70 -32.57 2.09
C ASN A 426 15.24 -32.70 1.67
N TRP A 427 14.34 -32.19 2.52
CA TRP A 427 12.92 -32.33 2.19
C TRP A 427 12.52 -31.32 1.13
N ALA A 428 13.32 -30.28 0.93
CA ALA A 428 12.97 -29.26 -0.04
C ALA A 428 13.24 -29.72 -1.46
N SER A 429 13.95 -30.83 -1.63
CA SER A 429 14.19 -31.32 -2.97
C SER A 429 13.08 -32.28 -3.41
N LYS A 430 12.34 -32.85 -2.46
CA LYS A 430 11.30 -33.80 -2.83
C LYS A 430 9.95 -33.12 -3.01
N VAL A 431 9.89 -31.80 -2.83
CA VAL A 431 8.62 -31.11 -2.98
C VAL A 431 8.32 -30.95 -4.46
N GLU A 432 7.11 -31.33 -4.86
CA GLU A 432 6.76 -31.37 -6.27
C GLU A 432 5.69 -30.32 -6.56
N LYS A 433 5.39 -30.20 -7.85
CA LYS A 433 4.61 -29.07 -8.36
C LYS A 433 3.13 -29.23 -8.00
N LEU A 434 2.46 -28.11 -7.78
CA LEU A 434 1.03 -28.14 -7.55
C LEU A 434 0.28 -28.53 -8.81
N THR A 435 -0.48 -29.62 -8.70
CA THR A 435 -1.16 -30.17 -9.85
C THR A 435 -2.41 -29.34 -10.12
N LEU A 436 -3.10 -29.65 -11.20
CA LEU A 436 -4.16 -28.77 -11.65
C LEU A 436 -5.46 -29.02 -10.90
N ASP A 437 -5.60 -30.20 -10.30
CA ASP A 437 -6.87 -30.53 -9.63
C ASP A 437 -6.98 -29.87 -8.28
N ASN A 438 -5.87 -29.39 -7.74
CA ASN A 438 -5.88 -28.85 -6.38
C ASN A 438 -6.35 -27.40 -6.43
N ALA A 439 -6.88 -26.91 -5.29
CA ALA A 439 -7.44 -25.55 -5.31
C ALA A 439 -6.36 -24.52 -5.01
N ALA A 440 -5.25 -24.98 -4.46
CA ALA A 440 -4.09 -24.11 -4.28
C ALA A 440 -3.55 -23.64 -5.61
N PHE A 441 -3.73 -24.43 -6.66
CA PHE A 441 -3.22 -24.02 -7.96
C PHE A 441 -3.96 -22.84 -8.60
N PRO A 442 -5.29 -22.68 -8.50
CA PRO A 442 -5.85 -21.39 -8.91
C PRO A 442 -5.44 -20.24 -8.03
N PHE A 443 -5.25 -20.43 -6.72
CA PHE A 443 -4.79 -19.31 -5.91
C PHE A 443 -3.39 -18.87 -6.30
N LEU A 444 -2.46 -19.81 -6.37
CA LEU A 444 -1.07 -19.47 -6.65
C LEU A 444 -0.86 -19.09 -8.09
N ALA A 445 -1.38 -19.89 -9.02
CA ALA A 445 -1.10 -19.65 -10.41
C ALA A 445 -1.91 -18.48 -10.95
N TYR A 446 -3.08 -18.24 -10.38
CA TYR A 446 -3.91 -17.18 -10.93
C TYR A 446 -3.76 -15.87 -10.17
N SER A 447 -4.05 -15.86 -8.87
CA SER A 447 -4.16 -14.57 -8.20
C SER A 447 -2.82 -14.08 -7.71
N GLY A 448 -1.84 -14.97 -7.63
CA GLY A 448 -0.58 -14.61 -7.04
C GLY A 448 -0.60 -14.57 -5.52
N ILE A 449 -1.19 -15.57 -4.88
CA ILE A 449 -1.15 -15.64 -3.42
C ILE A 449 -0.40 -16.90 -3.02
N PRO A 450 0.52 -16.84 -2.06
CA PRO A 450 1.25 -18.04 -1.66
C PRO A 450 0.33 -19.07 -1.03
N ALA A 451 0.39 -20.30 -1.53
CA ALA A 451 -0.57 -21.34 -1.18
C ALA A 451 0.16 -22.58 -0.74
N VAL A 452 -0.50 -23.39 0.09
CA VAL A 452 0.08 -24.58 0.69
C VAL A 452 -0.97 -25.68 0.65
N SER A 453 -0.54 -26.93 0.52
CA SER A 453 -1.42 -28.07 0.62
C SER A 453 -0.62 -29.28 1.08
N PHE A 454 -1.17 -30.03 2.04
CA PHE A 454 -0.43 -31.07 2.73
C PHE A 454 -1.31 -32.26 3.01
N CYS A 455 -0.74 -33.46 2.94
CA CYS A 455 -1.47 -34.69 3.17
C CYS A 455 -0.61 -35.63 4.00
N PHE A 456 -1.27 -36.42 4.85
CA PHE A 456 -0.66 -37.63 5.37
C PHE A 456 -0.91 -38.71 4.35
N CYS A 457 -0.02 -38.82 3.38
CA CYS A 457 -0.27 -39.71 2.27
C CYS A 457 0.44 -41.04 2.48
N GLU A 458 -0.06 -42.05 1.78
CA GLU A 458 0.50 -43.38 1.77
C GLU A 458 1.26 -43.57 0.45
N ASP A 459 2.14 -44.57 0.43
CA ASP A 459 3.01 -44.79 -0.73
C ASP A 459 2.20 -45.11 -1.98
N THR A 460 1.28 -46.05 -1.89
CA THR A 460 0.35 -46.33 -2.98
C THR A 460 -0.77 -45.31 -2.94
N ASP A 461 -1.53 -45.24 -4.02
CA ASP A 461 -2.66 -44.33 -4.08
C ASP A 461 -3.79 -44.82 -3.19
N TYR A 462 -4.58 -43.88 -2.69
CA TYR A 462 -5.80 -44.24 -2.00
C TYR A 462 -6.76 -44.84 -3.03
N PRO A 463 -7.28 -46.04 -2.78
CA PRO A 463 -7.84 -46.83 -3.89
C PRO A 463 -9.18 -46.35 -4.39
N TYR A 464 -10.07 -45.95 -3.49
CA TYR A 464 -11.43 -45.58 -3.84
C TYR A 464 -11.71 -44.12 -3.50
N LEU A 465 -11.27 -43.21 -4.37
CA LEU A 465 -11.26 -41.81 -3.99
C LEU A 465 -12.44 -41.07 -4.57
N GLY A 466 -12.75 -41.31 -5.83
CA GLY A 466 -13.91 -40.67 -6.42
C GLY A 466 -14.97 -41.69 -6.78
N THR A 467 -15.08 -42.73 -5.97
CA THR A 467 -15.93 -43.86 -6.33
C THR A 467 -17.16 -43.86 -5.46
N THR A 468 -17.98 -44.90 -5.63
CA THR A 468 -19.21 -44.99 -4.85
C THR A 468 -18.98 -45.66 -3.52
N MET A 469 -17.78 -46.21 -3.31
CA MET A 469 -17.54 -46.99 -2.10
C MET A 469 -17.04 -46.12 -0.95
N ASP A 470 -16.47 -44.95 -1.27
CA ASP A 470 -15.79 -44.13 -0.27
C ASP A 470 -16.71 -43.70 0.85
N THR A 471 -16.51 -44.29 2.02
CA THR A 471 -17.39 -44.06 3.15
C THR A 471 -16.59 -44.27 4.41
N TYR A 472 -17.23 -43.98 5.55
CA TYR A 472 -16.55 -44.01 6.84
C TYR A 472 -16.16 -45.43 7.24
N LYS A 473 -16.94 -46.43 6.82
CA LYS A 473 -16.66 -47.80 7.20
C LYS A 473 -15.36 -48.29 6.58
N GLU A 474 -15.21 -48.10 5.27
CA GLU A 474 -13.99 -48.49 4.59
C GLU A 474 -12.82 -47.62 5.01
N LEU A 475 -13.10 -46.38 5.42
CA LEU A 475 -12.03 -45.52 5.91
C LEU A 475 -11.47 -46.02 7.23
N ILE A 476 -12.34 -46.28 8.21
CA ILE A 476 -11.86 -46.67 9.53
C ILE A 476 -11.37 -48.10 9.52
N GLU A 477 -11.80 -48.88 8.53
CA GLU A 477 -11.16 -50.18 8.31
C GLU A 477 -9.78 -50.00 7.73
N ARG A 478 -9.59 -48.96 6.89
CA ARG A 478 -8.27 -48.73 6.31
C ARG A 478 -7.31 -48.14 7.32
N ILE A 479 -7.63 -46.97 7.86
CA ILE A 479 -6.84 -46.33 8.90
C ILE A 479 -7.45 -46.75 10.24
N PRO A 480 -6.75 -47.52 11.06
CA PRO A 480 -7.43 -48.07 12.24
C PRO A 480 -7.65 -47.05 13.35
N GLU A 481 -6.84 -46.01 13.43
CA GLU A 481 -7.05 -44.94 14.40
C GLU A 481 -7.08 -43.61 13.68
N LEU A 482 -8.18 -42.90 13.79
CA LEU A 482 -8.39 -41.75 12.92
C LEU A 482 -8.26 -40.46 13.71
N ASN A 483 -8.56 -40.53 15.00
CA ASN A 483 -8.64 -39.34 15.82
C ASN A 483 -7.25 -38.75 16.05
N LYS A 484 -6.24 -39.61 16.17
CA LYS A 484 -4.88 -39.11 16.37
C LYS A 484 -4.32 -38.52 15.09
N VAL A 485 -4.65 -39.12 13.95
CA VAL A 485 -4.12 -38.65 12.67
C VAL A 485 -4.73 -37.30 12.32
N ALA A 486 -6.07 -37.20 12.36
CA ALA A 486 -6.70 -35.93 12.06
C ALA A 486 -6.40 -34.89 13.14
N ARG A 487 -6.13 -35.36 14.36
CA ARG A 487 -5.60 -34.50 15.40
C ARG A 487 -4.28 -33.87 14.98
N ALA A 488 -3.41 -34.65 14.35
CA ALA A 488 -2.12 -34.13 13.95
C ALA A 488 -2.24 -33.15 12.79
N ALA A 489 -3.08 -33.47 11.79
CA ALA A 489 -3.21 -32.57 10.65
C ALA A 489 -3.87 -31.25 11.05
N ALA A 490 -4.85 -31.32 11.96
CA ALA A 490 -5.42 -30.09 12.48
C ALA A 490 -4.41 -29.31 13.29
N GLU A 491 -3.47 -30.00 13.94
CA GLU A 491 -2.43 -29.30 14.68
C GLU A 491 -1.50 -28.54 13.75
N VAL A 492 -1.11 -29.16 12.63
CA VAL A 492 -0.25 -28.50 11.66
C VAL A 492 -0.93 -27.27 11.08
N ALA A 493 -2.19 -27.41 10.66
CA ALA A 493 -2.90 -26.27 10.09
C ALA A 493 -3.21 -25.21 11.14
N GLY A 494 -3.18 -25.59 12.41
CA GLY A 494 -3.20 -24.57 13.46
C GLY A 494 -1.91 -23.80 13.53
N GLN A 495 -0.78 -24.51 13.38
CA GLN A 495 0.53 -23.88 13.49
C GLN A 495 0.74 -22.83 12.41
N PHE A 496 0.28 -23.12 11.18
CA PHE A 496 0.46 -22.15 10.10
C PHE A 496 -0.29 -20.87 10.36
N VAL A 497 -1.47 -20.95 10.96
CA VAL A 497 -2.28 -19.75 11.15
C VAL A 497 -1.73 -18.93 12.32
N ILE A 498 -1.35 -19.61 13.41
CA ILE A 498 -0.84 -18.89 14.58
C ILE A 498 0.47 -18.20 14.25
N LYS A 499 1.31 -18.85 13.44
CA LYS A 499 2.61 -18.26 13.14
C LYS A 499 2.48 -17.04 12.23
N LEU A 500 1.57 -17.11 11.25
CA LEU A 500 1.41 -15.98 10.34
C LEU A 500 0.73 -14.79 11.00
N THR A 501 -0.10 -15.05 12.02
CA THR A 501 -0.91 -13.95 12.51
C THR A 501 -0.58 -13.54 13.95
N HIS A 502 0.45 -14.12 14.58
CA HIS A 502 0.63 -13.77 15.99
C HIS A 502 1.50 -12.54 16.17
N ASP A 503 2.27 -12.15 15.16
CA ASP A 503 3.34 -11.19 15.34
C ASP A 503 3.36 -10.17 14.21
N VAL A 504 4.15 -9.10 14.38
CA VAL A 504 4.19 -8.02 13.39
C VAL A 504 5.04 -8.40 12.20
N GLU A 505 5.84 -9.45 12.33
CA GLU A 505 6.68 -9.87 11.22
C GLU A 505 6.06 -11.06 10.51
N LEU A 506 5.76 -10.87 9.22
CA LEU A 506 5.30 -11.95 8.36
C LEU A 506 6.40 -12.98 8.26
N ASN A 507 6.02 -14.26 8.22
CA ASN A 507 7.03 -15.30 8.29
C ASN A 507 7.25 -15.90 6.90
N LEU A 508 7.08 -15.08 5.88
CA LEU A 508 7.41 -15.49 4.52
C LEU A 508 8.90 -15.33 4.30
N ASP A 509 9.47 -16.16 3.43
CA ASP A 509 10.91 -16.25 3.22
C ASP A 509 11.21 -16.28 1.73
N TYR A 510 12.03 -15.34 1.26
CA TYR A 510 12.16 -15.07 -0.18
C TYR A 510 13.43 -15.64 -0.81
N GLU A 511 14.41 -16.03 0.01
CA GLU A 511 15.63 -16.60 -0.53
C GLU A 511 15.39 -17.97 -1.15
N ARG A 512 14.27 -18.61 -0.80
CA ARG A 512 13.88 -19.83 -1.46
C ARG A 512 13.65 -19.59 -2.94
N TYR A 513 12.97 -18.49 -3.29
CA TYR A 513 12.87 -18.06 -4.68
C TYR A 513 14.24 -17.86 -5.30
N ASN A 514 15.18 -17.35 -4.52
CA ASN A 514 16.53 -17.18 -5.04
C ASN A 514 17.15 -18.53 -5.43
N SER A 515 16.93 -19.56 -4.61
CA SER A 515 17.41 -20.89 -4.94
C SER A 515 16.76 -21.43 -6.21
N GLN A 516 15.46 -21.15 -6.39
CA GLN A 516 14.76 -21.61 -7.58
C GLN A 516 15.35 -21.01 -8.84
N LEU A 517 15.69 -19.71 -8.77
CA LEU A 517 16.30 -19.06 -9.91
C LEU A 517 17.63 -19.70 -10.26
N LEU A 518 18.41 -20.04 -9.22
CA LEU A 518 19.70 -20.70 -9.44
C LEU A 518 19.54 -22.00 -10.20
N SER A 519 18.53 -22.79 -9.82
CA SER A 519 18.31 -24.07 -10.49
C SER A 519 17.97 -23.86 -11.95
N PHE A 520 17.11 -22.86 -12.23
CA PHE A 520 16.75 -22.58 -13.61
C PHE A 520 17.97 -22.21 -14.45
N VAL A 521 18.85 -21.35 -13.91
CA VAL A 521 19.92 -20.87 -14.77
C VAL A 521 20.95 -21.96 -14.97
N ARG A 522 21.12 -22.85 -13.96
CA ARG A 522 22.03 -23.98 -14.15
C ARG A 522 21.53 -24.87 -15.26
N ASP A 523 20.20 -25.08 -15.32
CA ASP A 523 19.65 -25.91 -16.38
C ASP A 523 19.85 -25.26 -17.73
N LEU A 524 19.66 -23.94 -17.81
CA LEU A 524 19.80 -23.29 -19.11
C LEU A 524 21.25 -23.21 -19.52
N ASN A 525 22.17 -23.29 -18.54
CA ASN A 525 23.59 -23.18 -18.83
C ASN A 525 24.08 -24.38 -19.60
N GLN A 526 23.36 -25.50 -19.50
CA GLN A 526 23.79 -26.71 -20.18
C GLN A 526 23.63 -26.62 -21.68
N TYR A 527 22.98 -25.56 -22.18
CA TYR A 527 22.89 -25.39 -23.61
C TYR A 527 23.58 -24.14 -24.10
N ARG A 528 24.61 -23.66 -23.39
CA ARG A 528 25.18 -22.35 -23.66
C ARG A 528 25.76 -22.25 -25.07
N ALA A 529 26.27 -23.38 -25.58
CA ALA A 529 26.87 -23.43 -26.91
C ALA A 529 25.86 -23.06 -27.99
N ASP A 530 24.62 -23.55 -27.85
CA ASP A 530 23.60 -23.27 -28.83
C ASP A 530 23.24 -21.80 -28.86
N ILE A 531 23.12 -21.19 -27.68
CA ILE A 531 22.77 -19.78 -27.62
C ILE A 531 23.93 -18.95 -28.14
N LYS A 532 25.15 -19.42 -27.92
CA LYS A 532 26.34 -18.70 -28.37
C LYS A 532 26.41 -18.71 -29.89
N GLU A 533 25.79 -19.68 -30.53
CA GLU A 533 25.89 -19.72 -31.98
C GLU A 533 24.60 -19.24 -32.65
N MET A 534 23.60 -18.84 -31.87
CA MET A 534 22.49 -18.14 -32.52
C MET A 534 22.76 -16.65 -32.61
N GLY A 535 23.89 -16.19 -32.08
CA GLY A 535 24.15 -14.78 -31.98
C GLY A 535 23.65 -14.16 -30.69
N LEU A 536 22.95 -14.93 -29.87
CA LEU A 536 22.47 -14.44 -28.60
C LEU A 536 23.53 -14.61 -27.53
N SER A 537 23.49 -13.74 -26.54
CA SER A 537 24.36 -13.83 -25.39
C SER A 537 23.51 -14.13 -24.18
N LEU A 538 23.99 -15.03 -23.34
CA LEU A 538 23.23 -15.48 -22.20
C LEU A 538 23.57 -14.69 -20.95
N GLN A 539 24.48 -13.73 -21.06
CA GLN A 539 25.09 -13.14 -19.88
C GLN A 539 24.12 -12.23 -19.14
N TRP A 540 23.15 -11.66 -19.85
CA TRP A 540 22.25 -10.71 -19.23
C TRP A 540 21.32 -11.40 -18.24
N LEU A 541 21.12 -12.69 -18.40
CA LEU A 541 20.28 -13.41 -17.46
C LEU A 541 21.07 -13.81 -16.23
N TYR A 542 22.37 -14.04 -16.39
CA TYR A 542 23.28 -14.16 -15.24
C TYR A 542 23.23 -12.90 -14.38
N SER A 543 23.35 -11.74 -15.02
CA SER A 543 23.31 -10.49 -14.27
C SER A 543 21.92 -10.24 -13.69
N ALA A 544 20.89 -10.80 -14.32
CA ALA A 544 19.54 -10.70 -13.76
C ALA A 544 19.43 -11.48 -12.47
N ARG A 545 19.88 -12.74 -12.46
CA ARG A 545 19.80 -13.56 -11.25
C ARG A 545 20.63 -12.96 -10.12
N GLY A 546 21.85 -12.53 -10.43
CA GLY A 546 22.68 -11.93 -9.39
C GLY A 546 22.09 -10.63 -8.88
N ASP A 547 21.37 -9.91 -9.73
CA ASP A 547 20.73 -8.69 -9.30
C ASP A 547 19.59 -9.00 -8.34
N PHE A 548 18.92 -10.13 -8.55
CA PHE A 548 17.89 -10.55 -7.60
C PHE A 548 18.50 -10.92 -6.25
N PHE A 549 19.71 -11.49 -6.27
CA PHE A 549 20.41 -11.76 -5.00
C PHE A 549 20.72 -10.47 -4.26
N ARG A 550 21.10 -9.41 -4.97
CA ARG A 550 21.38 -8.15 -4.28
C ARG A 550 20.10 -7.52 -3.75
N ALA A 551 18.98 -7.78 -4.42
CA ALA A 551 17.69 -7.32 -3.91
C ALA A 551 17.36 -7.98 -2.57
N THR A 552 17.32 -9.32 -2.52
CA THR A 552 16.89 -9.97 -1.29
C THR A 552 17.91 -9.81 -0.18
N SER A 553 19.19 -9.70 -0.52
CA SER A 553 20.16 -9.44 0.54
C SER A 553 19.99 -8.04 1.11
N ARG A 554 19.67 -7.06 0.24
CA ARG A 554 19.45 -5.70 0.72
C ARG A 554 18.23 -5.64 1.63
N LEU A 555 17.19 -6.42 1.31
CA LEU A 555 16.00 -6.34 2.15
C LEU A 555 16.20 -7.09 3.46
N THR A 556 17.07 -8.12 3.46
CA THR A 556 17.39 -8.79 4.71
C THR A 556 18.13 -7.87 5.66
N THR A 557 19.08 -7.08 5.15
CA THR A 557 19.72 -6.09 6.01
C THR A 557 18.75 -4.99 6.42
N ASP A 558 17.76 -4.69 5.57
CA ASP A 558 16.76 -3.69 5.96
C ASP A 558 15.88 -4.16 7.10
N PHE A 559 15.60 -5.47 7.16
CA PHE A 559 15.05 -6.02 8.39
C PHE A 559 16.06 -5.99 9.52
N GLY A 560 17.35 -5.99 9.17
CA GLY A 560 18.38 -5.95 10.19
C GLY A 560 18.42 -4.62 10.94
N ASN A 561 18.17 -3.51 10.25
CA ASN A 561 18.40 -2.22 10.89
C ASN A 561 17.09 -1.55 11.33
N ALA A 562 16.02 -2.31 11.52
CA ALA A 562 14.76 -1.67 11.85
C ALA A 562 14.31 -2.00 13.26
N GLU A 563 13.61 -1.06 13.90
CA GLU A 563 12.96 -1.30 15.17
C GLU A 563 11.77 -2.22 14.97
N LYS A 564 11.79 -3.37 15.63
CA LYS A 564 10.70 -4.33 15.45
C LYS A 564 9.46 -3.90 16.22
N THR A 565 9.64 -3.16 17.32
CA THR A 565 8.47 -2.77 18.10
C THR A 565 7.77 -1.58 17.47
N ASP A 566 8.49 -0.78 16.70
CA ASP A 566 7.87 0.29 15.93
C ASP A 566 7.16 -0.35 14.75
N ARG A 567 6.06 0.25 14.32
CA ARG A 567 5.15 -0.45 13.45
C ARG A 567 5.09 0.17 12.06
N PHE A 568 5.30 1.48 11.96
CA PHE A 568 5.19 2.13 10.66
C PHE A 568 6.36 1.78 9.77
N VAL A 569 7.53 1.56 10.36
CA VAL A 569 8.67 1.20 9.54
C VAL A 569 8.63 -0.28 9.20
N MET A 570 7.81 -1.06 9.91
CA MET A 570 7.63 -2.46 9.54
C MET A 570 6.53 -2.60 8.50
N LYS A 571 5.64 -1.62 8.42
CA LYS A 571 4.61 -1.64 7.39
C LYS A 571 5.22 -1.50 6.00
N LYS A 572 6.13 -0.54 5.82
CA LYS A 572 6.73 -0.28 4.52
C LYS A 572 7.55 -1.46 4.02
N LEU A 573 8.07 -2.26 4.94
CA LEU A 573 8.86 -3.41 4.51
C LEU A 573 7.95 -4.62 4.26
N ASN A 574 6.89 -4.77 5.08
CA ASN A 574 5.99 -5.89 4.87
C ASN A 574 5.20 -5.75 3.57
N ASP A 575 4.99 -4.52 3.09
CA ASP A 575 4.34 -4.38 1.79
C ASP A 575 5.24 -4.90 0.67
N ARG A 576 6.55 -4.75 0.81
CA ARG A 576 7.47 -5.26 -0.19
C ARG A 576 7.51 -6.78 -0.18
N VAL A 577 7.44 -7.36 1.03
CA VAL A 577 7.40 -8.82 1.14
C VAL A 577 6.11 -9.37 0.55
N MET A 578 5.00 -8.66 0.72
CA MET A 578 3.77 -9.14 0.11
C MET A 578 3.73 -8.88 -1.38
N ARG A 579 4.59 -8.01 -1.89
CA ARG A 579 4.53 -7.73 -3.31
C ARG A 579 5.45 -8.66 -4.10
N VAL A 580 6.43 -9.28 -3.44
CA VAL A 580 7.42 -10.09 -4.15
C VAL A 580 6.80 -11.37 -4.70
N GLU A 581 5.61 -11.73 -4.26
CA GLU A 581 4.90 -12.80 -4.94
C GLU A 581 4.22 -12.29 -6.18
N TYR A 582 3.63 -11.10 -6.11
CA TYR A 582 2.80 -10.59 -7.20
C TYR A 582 3.64 -10.28 -8.43
N HIS A 583 4.89 -9.85 -8.22
CA HIS A 583 5.66 -9.35 -9.36
C HIS A 583 6.15 -10.46 -10.28
N PHE A 584 5.99 -11.73 -9.90
CA PHE A 584 6.37 -12.81 -10.82
C PHE A 584 5.29 -13.10 -11.84
N LEU A 585 4.11 -12.50 -11.70
CA LEU A 585 3.09 -12.66 -12.72
C LEU A 585 3.50 -11.87 -13.95
N SER A 586 3.43 -12.50 -15.12
CA SER A 586 3.81 -11.83 -16.36
C SER A 586 2.85 -10.68 -16.65
N PRO A 587 3.35 -9.49 -16.89
CA PRO A 587 2.43 -8.42 -17.32
C PRO A 587 2.13 -8.47 -18.80
N TYR A 588 2.62 -9.46 -19.53
CA TYR A 588 2.57 -9.36 -20.98
C TYR A 588 1.55 -10.30 -21.59
N VAL A 589 0.96 -11.20 -20.81
CA VAL A 589 -0.06 -12.07 -21.38
C VAL A 589 -1.44 -11.60 -21.00
N SER A 590 -2.42 -11.95 -21.83
CA SER A 590 -3.81 -11.60 -21.55
C SER A 590 -4.35 -12.47 -20.43
N PRO A 591 -4.92 -11.90 -19.37
CA PRO A 591 -5.48 -12.73 -18.31
C PRO A 591 -6.78 -13.40 -18.67
N LYS A 592 -7.39 -13.06 -19.80
CA LYS A 592 -8.57 -13.79 -20.23
C LYS A 592 -8.20 -14.94 -21.15
N GLU A 593 -7.16 -14.76 -21.99
CA GLU A 593 -6.75 -15.83 -22.88
C GLU A 593 -6.06 -16.96 -22.12
N SER A 594 -4.95 -16.66 -21.47
CA SER A 594 -4.22 -17.65 -20.70
C SER A 594 -4.23 -17.23 -19.23
N PRO A 595 -5.05 -17.85 -18.39
CA PRO A 595 -5.28 -17.29 -17.06
C PRO A 595 -4.13 -17.47 -16.10
N PHE A 596 -3.49 -18.64 -16.07
CA PHE A 596 -2.49 -18.95 -15.07
C PHE A 596 -1.17 -18.38 -15.54
N ARG A 597 -0.81 -17.21 -15.04
CA ARG A 597 0.27 -16.44 -15.61
C ARG A 597 1.44 -16.24 -14.65
N HIS A 598 1.68 -17.20 -13.77
CA HIS A 598 2.84 -17.15 -12.90
C HIS A 598 3.97 -17.89 -13.58
N VAL A 599 5.13 -17.24 -13.71
CA VAL A 599 6.16 -17.71 -14.64
C VAL A 599 6.80 -18.99 -14.15
N PHE A 600 6.86 -19.19 -12.84
CA PHE A 600 7.41 -20.44 -12.34
C PHE A 600 6.37 -21.55 -12.40
N TRP A 601 5.17 -21.30 -11.89
CA TRP A 601 4.11 -22.30 -11.87
C TRP A 601 2.89 -21.82 -12.62
N GLY A 602 2.88 -21.99 -13.92
CA GLY A 602 1.75 -21.57 -14.70
C GLY A 602 1.47 -22.55 -15.82
N SER A 603 0.75 -22.09 -16.81
CA SER A 603 0.48 -22.90 -17.99
C SER A 603 0.65 -22.02 -19.21
N GLY A 604 1.17 -22.59 -20.27
CA GLY A 604 1.19 -21.88 -21.55
C GLY A 604 2.58 -21.89 -22.15
N SER A 605 2.87 -20.79 -22.84
CA SER A 605 4.14 -20.69 -23.54
C SER A 605 5.01 -19.61 -22.91
N HIS A 606 4.45 -18.84 -21.99
CA HIS A 606 5.20 -17.73 -21.43
C HIS A 606 6.04 -18.15 -20.23
N THR A 607 5.77 -19.32 -19.66
CA THR A 607 6.42 -19.72 -18.42
C THR A 607 7.87 -20.10 -18.66
N LEU A 608 8.60 -20.36 -17.59
CA LEU A 608 10.01 -20.70 -17.73
C LEU A 608 10.27 -22.15 -18.19
N PRO A 609 9.60 -23.20 -17.69
CA PRO A 609 9.85 -24.52 -18.28
C PRO A 609 9.39 -24.66 -19.72
N ALA A 610 8.52 -23.76 -20.20
CA ALA A 610 8.20 -23.77 -21.62
C ALA A 610 9.37 -23.22 -22.44
N LEU A 611 10.06 -22.22 -21.90
CA LEU A 611 11.26 -21.72 -22.56
C LEU A 611 12.32 -22.80 -22.64
N LEU A 612 12.54 -23.49 -21.52
CA LEU A 612 13.55 -24.54 -21.50
C LEU A 612 13.15 -25.71 -22.39
N GLU A 613 11.85 -25.97 -22.49
CA GLU A 613 11.37 -27.07 -23.31
C GLU A 613 11.56 -26.79 -24.80
N ASN A 614 11.23 -25.56 -25.21
CA ASN A 614 11.40 -25.20 -26.61
C ASN A 614 12.88 -25.21 -27.00
N LEU A 615 13.74 -24.86 -26.05
CA LEU A 615 15.15 -24.83 -26.36
C LEU A 615 15.72 -26.24 -26.45
N LYS A 616 15.06 -27.21 -25.81
CA LYS A 616 15.42 -28.60 -26.07
C LYS A 616 15.03 -29.03 -27.48
N LEU A 617 13.88 -28.56 -27.98
CA LEU A 617 13.51 -28.93 -29.35
C LEU A 617 14.39 -28.25 -30.39
N ARG A 618 15.21 -27.28 -29.98
CA ARG A 618 16.21 -26.77 -30.89
C ARG A 618 17.28 -27.82 -31.21
N LYS A 619 17.75 -28.55 -30.20
CA LYS A 619 18.78 -29.56 -30.47
C LYS A 619 18.17 -30.83 -31.04
N GLN A 620 16.83 -30.93 -30.99
CA GLN A 620 16.17 -32.06 -31.63
C GLN A 620 16.39 -32.05 -33.14
N ASN A 621 16.47 -30.86 -33.74
CA ASN A 621 16.83 -30.56 -35.14
C ASN A 621 15.88 -31.22 -36.14
N ASN A 622 14.63 -31.49 -35.77
CA ASN A 622 13.67 -31.98 -36.74
C ASN A 622 12.84 -30.84 -37.32
N GLY A 623 13.30 -29.61 -37.11
CA GLY A 623 12.61 -28.44 -37.58
C GLY A 623 11.27 -28.19 -36.92
N ALA A 624 11.16 -28.42 -35.61
CA ALA A 624 9.87 -28.29 -34.93
C ALA A 624 9.89 -27.17 -33.89
N PHE A 625 10.97 -26.38 -33.84
CA PHE A 625 11.00 -25.22 -32.95
C PHE A 625 10.91 -23.96 -33.79
N ASN A 626 10.89 -22.82 -33.12
CA ASN A 626 10.21 -21.63 -33.63
C ASN A 626 11.19 -20.48 -33.79
N GLU A 627 11.99 -20.25 -32.74
CA GLU A 627 13.23 -19.45 -32.69
C GLU A 627 12.98 -17.95 -32.74
N THR A 628 11.86 -17.50 -33.28
CA THR A 628 11.46 -16.13 -33.04
C THR A 628 10.62 -16.07 -31.78
N LEU A 629 9.83 -17.11 -31.57
CA LEU A 629 9.19 -17.32 -30.30
C LEU A 629 10.23 -17.52 -29.21
N PHE A 630 11.37 -18.13 -29.54
CA PHE A 630 12.40 -18.28 -28.53
C PHE A 630 13.06 -16.95 -28.19
N ARG A 631 13.29 -16.10 -29.21
CA ARG A 631 13.85 -14.78 -28.91
C ARG A 631 12.90 -13.95 -28.06
N ASN A 632 11.60 -14.01 -28.35
CA ASN A 632 10.63 -13.29 -27.53
C ASN A 632 10.56 -13.86 -26.13
N GLN A 633 10.66 -15.18 -25.99
CA GLN A 633 10.58 -15.77 -24.66
C GLN A 633 11.79 -15.42 -23.81
N LEU A 634 12.98 -15.33 -24.42
CA LEU A 634 14.14 -14.96 -23.64
C LEU A 634 14.11 -13.49 -23.26
N ALA A 635 13.61 -12.64 -24.17
CA ALA A 635 13.50 -11.23 -23.85
C ALA A 635 12.52 -10.98 -22.71
N LEU A 636 11.32 -11.57 -22.79
CA LEU A 636 10.30 -11.29 -21.78
C LEU A 636 10.62 -11.97 -20.46
N ALA A 637 11.19 -13.18 -20.49
CA ALA A 637 11.55 -13.82 -19.23
C ALA A 637 12.71 -13.12 -18.55
N THR A 638 13.68 -12.68 -19.35
CA THR A 638 14.82 -11.93 -18.82
C THR A 638 14.37 -10.63 -18.18
N TRP A 639 13.46 -9.91 -18.83
CA TRP A 639 13.09 -8.62 -18.26
C TRP A 639 12.04 -8.79 -17.17
N THR A 640 11.39 -9.95 -17.09
CA THR A 640 10.49 -10.16 -15.95
C THR A 640 11.30 -10.44 -14.68
N ILE A 641 12.33 -11.27 -14.78
CA ILE A 641 13.21 -11.51 -13.63
C ILE A 641 13.92 -10.22 -13.22
N GLN A 642 14.44 -9.48 -14.21
CA GLN A 642 15.10 -8.21 -13.93
C GLN A 642 14.13 -7.20 -13.34
N GLY A 643 12.88 -7.21 -13.79
CA GLY A 643 11.91 -6.23 -13.32
C GLY A 643 11.50 -6.48 -11.89
N ALA A 644 11.33 -7.74 -11.52
CA ALA A 644 11.05 -8.06 -10.12
C ALA A 644 12.25 -7.74 -9.24
N ALA A 645 13.45 -7.95 -9.77
CA ALA A 645 14.66 -7.69 -8.99
C ALA A 645 14.85 -6.20 -8.73
N ASN A 646 14.51 -5.36 -9.71
CA ASN A 646 14.59 -3.93 -9.47
C ASN A 646 13.49 -3.47 -8.52
N ALA A 647 12.30 -4.05 -8.66
CA ALA A 647 11.17 -3.56 -7.88
C ALA A 647 11.26 -3.98 -6.42
N LEU A 648 12.07 -5.00 -6.12
CA LEU A 648 12.25 -5.37 -4.73
C LEU A 648 13.20 -4.41 -4.01
N SER A 649 14.28 -4.01 -4.66
CA SER A 649 15.36 -3.29 -4.00
C SER A 649 15.13 -1.79 -4.13
N GLY A 650 14.46 -1.20 -3.15
CA GLY A 650 14.48 0.25 -3.02
C GLY A 650 13.59 0.96 -4.02
N ASP A 651 13.98 2.20 -4.31
CA ASP A 651 13.18 3.12 -5.10
C ASP A 651 13.58 3.03 -6.56
N VAL A 652 13.16 4.03 -7.34
CA VAL A 652 13.60 4.12 -8.72
C VAL A 652 15.04 4.59 -8.82
N TRP A 653 15.37 5.71 -8.16
CA TRP A 653 16.70 6.28 -8.32
C TRP A 653 17.78 5.43 -7.69
N ASP A 654 17.41 4.59 -6.72
CA ASP A 654 18.38 3.76 -6.04
C ASP A 654 18.79 2.54 -6.88
N ILE A 655 18.07 2.27 -7.97
CA ILE A 655 18.46 1.26 -8.96
C ILE A 655 19.74 1.72 -9.62
N ASP A 656 20.65 0.80 -9.86
CA ASP A 656 21.79 1.09 -10.71
C ASP A 656 21.83 0.13 -11.89
N ASN A 657 21.76 0.68 -13.10
CA ASN A 657 22.10 -0.05 -14.31
C ASN A 657 23.24 0.69 -14.98
N GLU A 658 24.25 -0.06 -15.42
CA GLU A 658 25.38 0.44 -16.22
C GLU A 658 26.23 1.46 -15.47
N PHE A 659 26.11 1.49 -14.14
CA PHE A 659 26.91 2.36 -13.30
C PHE A 659 27.43 1.62 -12.07
N PHE B 19 9.87 27.59 12.74
CA PHE B 19 8.44 27.52 12.47
C PHE B 19 8.12 26.66 11.25
N ARG B 20 6.83 26.42 11.05
CA ARG B 20 6.37 25.69 9.88
C ARG B 20 5.88 26.66 8.82
N LEU B 21 5.61 26.12 7.63
CA LEU B 21 5.06 26.89 6.53
C LEU B 21 3.75 26.25 6.08
N TYR B 22 2.73 27.09 5.90
CA TYR B 22 1.42 26.66 5.48
C TYR B 22 1.21 27.07 4.02
N TRP B 23 -0.02 26.91 3.53
CA TRP B 23 -0.27 27.05 2.10
C TRP B 23 -0.05 28.47 1.59
N ASP B 24 -0.54 29.47 2.31
CA ASP B 24 -0.51 30.83 1.78
C ASP B 24 0.91 31.37 1.78
N ASP B 25 1.75 30.86 2.68
CA ASP B 25 3.16 31.21 2.66
C ASP B 25 3.84 30.66 1.41
N LEU B 26 3.49 29.44 1.02
CA LEU B 26 4.06 28.85 -0.18
C LEU B 26 3.59 29.57 -1.43
N LYS B 27 2.33 30.01 -1.43
CA LYS B 27 1.82 30.76 -2.58
C LYS B 27 2.53 32.10 -2.73
N ARG B 28 2.64 32.88 -1.64
CA ARG B 28 3.26 34.19 -1.75
C ARG B 28 4.76 34.06 -1.97
N LYS B 29 5.36 32.96 -1.50
CA LYS B 29 6.79 32.80 -1.68
C LYS B 29 7.11 32.37 -3.11
N LEU B 30 6.22 31.57 -3.72
CA LEU B 30 6.41 31.24 -5.11
C LEU B 30 6.19 32.46 -6.00
N SER B 31 5.29 33.35 -5.59
CA SER B 31 5.13 34.57 -6.37
C SER B 31 6.32 35.49 -6.21
N GLU B 32 6.91 35.56 -5.02
CA GLU B 32 8.08 36.39 -4.79
C GLU B 32 9.28 35.87 -5.54
N LYS B 33 9.57 34.58 -5.40
CA LYS B 33 10.78 34.03 -6.01
C LYS B 33 10.61 33.88 -7.51
N LEU B 34 9.38 33.64 -7.96
CA LEU B 34 9.14 33.53 -9.39
C LEU B 34 8.99 34.91 -10.02
N ASP B 35 8.88 35.95 -9.19
CA ASP B 35 8.77 37.30 -9.73
C ASP B 35 10.09 37.78 -10.31
N SER B 36 11.20 37.28 -9.78
CA SER B 36 12.49 37.88 -10.09
C SER B 36 13.05 37.40 -11.42
N THR B 37 13.02 36.09 -11.66
CA THR B 37 13.79 35.49 -12.75
C THR B 37 13.18 35.81 -14.10
N ASP B 38 13.99 35.67 -15.14
CA ASP B 38 13.59 36.01 -16.51
C ASP B 38 13.82 34.81 -17.40
N PHE B 39 12.77 34.41 -18.11
CA PHE B 39 12.81 33.17 -18.88
C PHE B 39 13.35 33.44 -20.28
N THR B 40 13.41 34.72 -20.64
CA THR B 40 13.63 35.12 -22.02
C THR B 40 15.06 34.81 -22.46
N SER B 41 16.03 34.97 -21.56
CA SER B 41 17.41 34.66 -21.90
C SER B 41 17.62 33.17 -22.09
N THR B 42 16.94 32.35 -21.28
CA THR B 42 17.09 30.90 -21.38
C THR B 42 16.47 30.39 -22.67
N ILE B 43 15.29 30.91 -23.05
CA ILE B 43 14.71 30.54 -24.33
C ILE B 43 15.59 31.04 -25.47
N LYS B 44 16.26 32.18 -25.26
CA LYS B 44 17.22 32.65 -26.26
C LYS B 44 18.45 31.76 -26.28
N LEU B 45 18.84 31.21 -25.12
CA LEU B 45 20.04 30.37 -25.07
C LEU B 45 19.80 29.03 -25.72
N LEU B 46 18.57 28.52 -25.66
CA LEU B 46 18.30 27.22 -26.26
C LEU B 46 18.06 27.33 -27.75
N ASN B 47 18.29 28.50 -28.33
CA ASN B 47 18.19 28.71 -29.75
C ASN B 47 19.49 29.19 -30.37
N GLU B 48 20.59 29.02 -29.61
CA GLU B 48 21.96 29.40 -29.98
C GLU B 48 22.54 28.51 -31.09
N ASN B 49 23.62 28.95 -31.73
CA ASN B 49 24.15 28.20 -32.86
C ASN B 49 24.77 26.88 -32.40
N SER B 50 24.86 26.67 -31.10
CA SER B 50 25.44 25.42 -30.61
C SER B 50 24.37 24.35 -30.41
N TYR B 51 23.09 24.70 -30.60
CA TYR B 51 22.00 23.77 -30.33
C TYR B 51 20.88 23.84 -31.36
N VAL B 52 21.06 24.52 -32.49
CA VAL B 52 19.90 24.89 -33.31
C VAL B 52 19.31 23.75 -34.14
N PRO B 53 20.08 22.83 -34.76
CA PRO B 53 19.37 21.63 -35.22
C PRO B 53 19.41 20.57 -34.13
N ARG B 54 18.27 19.94 -33.86
CA ARG B 54 18.23 18.92 -32.83
C ARG B 54 17.37 17.76 -33.31
N GLU B 55 17.95 16.86 -34.07
CA GLU B 55 17.25 15.63 -34.36
C GLU B 55 17.41 14.72 -33.17
N ALA B 56 16.70 13.62 -33.18
CA ALA B 56 16.87 12.65 -32.12
C ALA B 56 18.20 11.94 -32.29
N GLY B 57 18.99 11.91 -31.23
CA GLY B 57 20.24 11.19 -31.26
C GLY B 57 21.38 11.87 -31.98
N SER B 58 21.22 13.12 -32.38
CA SER B 58 22.35 13.83 -32.98
C SER B 58 23.29 14.32 -31.90
N GLN B 59 24.42 14.89 -32.34
CA GLN B 59 25.45 15.32 -31.41
C GLN B 59 25.00 16.53 -30.60
N LYS B 60 24.20 17.41 -31.22
CA LYS B 60 23.70 18.59 -30.53
C LYS B 60 22.76 18.20 -29.39
N ASP B 61 21.97 17.14 -29.60
CA ASP B 61 21.10 16.63 -28.56
C ASP B 61 21.91 16.15 -27.36
N GLU B 62 23.07 15.56 -27.61
CA GLU B 62 23.91 15.12 -26.50
C GLU B 62 24.58 16.31 -25.83
N ASN B 63 24.85 17.38 -26.58
CA ASN B 63 25.41 18.58 -25.96
C ASN B 63 24.41 19.26 -25.05
N LEU B 64 23.17 19.41 -25.53
CA LEU B 64 22.12 19.93 -24.66
C LEU B 64 21.82 18.98 -23.52
N ALA B 65 21.97 17.68 -23.76
CA ALA B 65 21.74 16.68 -22.71
C ALA B 65 22.73 16.86 -21.58
N LEU B 66 24.02 16.89 -21.90
CA LEU B 66 25.03 17.04 -20.87
C LEU B 66 25.00 18.45 -20.27
N TYR B 67 24.43 19.41 -21.02
CA TYR B 67 24.17 20.72 -20.44
C TYR B 67 23.10 20.66 -19.36
N VAL B 68 21.98 19.97 -19.64
CA VAL B 68 20.89 19.90 -18.67
C VAL B 68 21.30 19.09 -17.46
N GLU B 69 22.00 17.97 -17.69
CA GLU B 69 22.50 17.18 -16.57
C GLU B 69 23.53 17.96 -15.76
N ASN B 70 24.31 18.81 -16.43
CA ASN B 70 25.23 19.67 -15.71
C ASN B 70 24.48 20.70 -14.88
N GLN B 71 23.34 21.17 -15.36
CA GLN B 71 22.52 22.09 -14.59
C GLN B 71 21.91 21.41 -13.37
N PHE B 72 21.31 20.23 -13.57
CA PHE B 72 20.70 19.50 -12.47
C PHE B 72 21.73 19.08 -11.43
N ARG B 73 22.97 18.88 -11.87
CA ARG B 73 24.04 18.68 -10.90
C ARG B 73 24.37 19.98 -10.20
N GLU B 74 24.25 21.11 -10.90
CA GLU B 74 24.62 22.38 -10.31
C GLU B 74 23.55 22.91 -9.37
N PHE B 75 22.28 22.54 -9.59
CA PHE B 75 21.25 23.03 -8.68
C PHE B 75 21.22 22.29 -7.36
N LYS B 76 22.09 21.30 -7.17
CA LYS B 76 22.21 20.48 -5.96
C LYS B 76 20.90 19.77 -5.63
N LEU B 77 20.37 19.05 -6.62
CA LEU B 77 19.25 18.16 -6.38
C LEU B 77 19.74 16.95 -5.59
N SER B 78 18.79 16.18 -5.07
CA SER B 78 19.15 15.09 -4.19
C SER B 78 19.78 13.93 -4.94
N LYS B 79 19.33 13.65 -6.17
CA LYS B 79 20.06 12.72 -7.01
C LYS B 79 19.73 12.94 -8.48
N VAL B 80 20.75 12.96 -9.32
CA VAL B 80 20.61 13.19 -10.75
C VAL B 80 21.08 11.94 -11.48
N TRP B 81 20.25 11.39 -12.36
CA TRP B 81 20.69 10.16 -13.01
C TRP B 81 20.24 10.14 -14.46
N ARG B 82 21.00 9.40 -15.26
CA ARG B 82 20.89 9.41 -16.71
C ARG B 82 20.53 8.02 -17.18
N ASP B 83 19.67 7.94 -18.19
CA ASP B 83 19.26 6.66 -18.75
C ASP B 83 19.45 6.73 -20.26
N GLN B 84 19.67 5.58 -20.89
CA GLN B 84 19.85 5.55 -22.34
C GLN B 84 19.18 4.33 -22.95
N HIS B 85 18.69 4.50 -24.17
CA HIS B 85 18.01 3.46 -24.91
C HIS B 85 18.60 3.41 -26.30
N PHE B 86 18.22 2.40 -27.07
CA PHE B 86 18.59 2.31 -28.48
C PHE B 86 17.36 2.04 -29.31
N VAL B 87 16.94 3.02 -30.11
CA VAL B 87 15.69 2.90 -30.84
C VAL B 87 15.96 2.93 -32.33
N LYS B 88 14.90 2.70 -33.10
CA LYS B 88 14.96 2.69 -34.55
C LYS B 88 14.04 3.74 -35.12
N ILE B 89 14.60 4.81 -35.68
CA ILE B 89 13.82 5.89 -36.24
C ILE B 89 14.01 5.90 -37.75
N GLN B 90 13.32 6.84 -38.38
CA GLN B 90 13.26 6.98 -39.83
C GLN B 90 13.93 8.29 -40.23
N VAL B 91 15.03 8.22 -40.97
CA VAL B 91 15.69 9.46 -41.40
C VAL B 91 15.87 9.48 -42.91
N LYS B 92 16.20 10.66 -43.40
CA LYS B 92 16.36 10.87 -44.83
C LYS B 92 17.61 10.20 -45.36
N ASP B 93 17.67 9.99 -46.67
CA ASP B 93 18.86 9.47 -47.31
C ASP B 93 19.35 10.40 -48.41
N SER B 94 20.31 9.90 -49.19
CA SER B 94 20.97 10.72 -50.19
C SER B 94 20.05 11.02 -51.37
N ALA B 95 19.28 10.04 -51.80
CA ALA B 95 18.37 10.23 -52.93
C ALA B 95 17.18 11.08 -52.49
N GLN B 96 16.95 12.18 -53.18
CA GLN B 96 15.88 13.09 -52.80
C GLN B 96 14.51 12.49 -53.11
N ASN B 97 13.62 12.58 -52.14
CA ASN B 97 12.23 12.18 -52.31
C ASN B 97 11.44 13.33 -52.94
N SER B 98 10.63 13.03 -53.95
CA SER B 98 10.08 14.09 -54.77
C SER B 98 8.71 13.71 -55.32
N VAL B 99 8.06 14.69 -55.95
CA VAL B 99 6.70 14.57 -56.43
C VAL B 99 6.60 15.27 -57.79
N ILE B 100 5.95 14.60 -58.75
CA ILE B 100 6.03 14.93 -60.16
C ILE B 100 4.67 14.74 -60.81
N ILE B 101 4.22 15.73 -61.59
CA ILE B 101 3.13 15.49 -62.52
C ILE B 101 3.61 14.63 -63.67
N VAL B 102 2.98 13.48 -63.85
CA VAL B 102 3.23 12.60 -64.98
C VAL B 102 2.09 12.78 -65.97
N ASP B 103 2.46 13.07 -67.22
CA ASP B 103 1.48 13.18 -68.28
C ASP B 103 0.93 11.81 -68.64
N LYS B 104 -0.24 11.79 -69.26
CA LYS B 104 -0.78 10.55 -69.81
C LYS B 104 0.09 10.04 -70.96
N ASN B 105 0.68 10.97 -71.71
CA ASN B 105 1.61 10.59 -72.76
C ASN B 105 2.88 9.97 -72.18
N GLY B 106 3.31 10.43 -71.02
CA GLY B 106 4.56 9.99 -70.42
C GLY B 106 5.80 10.51 -71.11
N ARG B 107 5.67 11.41 -72.08
CA ARG B 107 6.79 11.80 -72.92
C ARG B 107 7.76 12.68 -72.17
N LEU B 108 7.25 13.53 -71.28
CA LEU B 108 8.06 14.49 -70.56
C LEU B 108 7.52 14.65 -69.15
N VAL B 109 8.36 15.17 -68.27
CA VAL B 109 8.21 15.06 -66.83
C VAL B 109 8.24 16.46 -66.27
N TYR B 110 7.33 16.76 -65.34
CA TYR B 110 7.30 18.06 -64.69
C TYR B 110 7.55 17.89 -63.21
N LEU B 111 8.51 18.64 -62.68
CA LEU B 111 8.84 18.63 -61.26
C LEU B 111 7.94 19.60 -60.53
N VAL B 112 7.47 19.20 -59.35
CA VAL B 112 6.82 20.15 -58.46
C VAL B 112 7.85 20.73 -57.50
N GLU B 113 8.40 19.89 -56.62
CA GLU B 113 9.43 20.35 -55.70
C GLU B 113 10.19 19.14 -55.17
N ASN B 114 11.34 19.42 -54.59
CA ASN B 114 12.06 18.47 -53.78
C ASN B 114 11.88 18.88 -52.33
N PRO B 115 10.84 18.41 -51.65
CA PRO B 115 10.49 19.00 -50.36
C PRO B 115 11.47 18.69 -49.25
N GLY B 116 11.73 19.69 -48.42
CA GLY B 116 12.66 19.49 -47.32
C GLY B 116 12.08 18.63 -46.22
N GLY B 117 10.76 18.63 -46.11
CA GLY B 117 10.13 17.82 -45.10
C GLY B 117 10.05 16.36 -45.50
N TYR B 118 9.84 15.52 -44.50
CA TYR B 118 9.58 14.10 -44.72
C TYR B 118 8.68 13.65 -43.59
N VAL B 119 7.91 12.60 -43.84
CA VAL B 119 7.04 12.03 -42.82
C VAL B 119 7.77 10.84 -42.24
N ALA B 120 7.82 10.77 -40.92
CA ALA B 120 8.48 9.63 -40.30
C ALA B 120 7.62 8.39 -40.43
N TYR B 121 8.28 7.23 -40.50
CA TYR B 121 7.66 5.91 -40.54
C TYR B 121 6.72 5.74 -41.74
N SER B 122 7.04 6.40 -42.83
CA SER B 122 6.37 6.09 -44.08
C SER B 122 7.06 4.90 -44.73
N LYS B 123 6.40 4.29 -45.70
CA LYS B 123 6.99 3.15 -46.37
C LYS B 123 7.83 3.62 -47.54
N ALA B 124 9.01 3.01 -47.71
CA ALA B 124 9.91 3.36 -48.80
C ALA B 124 9.37 2.77 -50.09
N ALA B 125 8.76 3.64 -50.90
CA ALA B 125 8.13 3.19 -52.13
C ALA B 125 8.00 4.35 -53.10
N THR B 126 7.42 4.05 -54.26
CA THR B 126 7.10 5.02 -55.31
C THR B 126 5.78 4.65 -55.95
N VAL B 127 4.89 5.63 -56.11
CA VAL B 127 3.55 5.39 -56.62
C VAL B 127 3.20 6.40 -57.69
N THR B 128 2.41 5.96 -58.67
CA THR B 128 1.85 6.83 -59.69
C THR B 128 0.34 6.70 -59.60
N GLY B 129 -0.37 7.78 -59.89
CA GLY B 129 -1.82 7.66 -59.93
C GLY B 129 -2.49 9.01 -59.82
N LYS B 130 -3.81 8.96 -59.80
CA LYS B 130 -4.61 10.18 -59.70
C LYS B 130 -4.71 10.64 -58.26
N LEU B 131 -5.00 11.93 -58.09
CA LEU B 131 -4.96 12.59 -56.79
C LEU B 131 -6.32 13.19 -56.49
N VAL B 132 -6.86 12.89 -55.30
CA VAL B 132 -8.20 13.28 -54.89
C VAL B 132 -8.10 14.07 -53.60
N HIS B 133 -8.76 15.21 -53.53
CA HIS B 133 -8.72 16.01 -52.32
C HIS B 133 -9.64 15.39 -51.28
N ALA B 134 -9.19 15.35 -50.03
CA ALA B 134 -9.80 14.50 -49.02
C ALA B 134 -9.93 15.19 -47.66
N ASN B 135 -10.66 16.30 -47.59
CA ASN B 135 -10.40 17.54 -46.81
C ASN B 135 -9.57 17.27 -45.55
N PHE B 136 -10.05 16.50 -44.59
CA PHE B 136 -9.25 16.28 -43.40
C PHE B 136 -8.90 14.82 -43.22
N GLY B 137 -9.52 13.96 -44.03
CA GLY B 137 -9.33 12.53 -43.92
C GLY B 137 -10.05 11.90 -42.77
N THR B 138 -10.83 12.68 -42.00
CA THR B 138 -11.67 12.15 -40.95
C THR B 138 -12.71 11.22 -41.56
N LYS B 139 -13.16 10.24 -40.77
CA LYS B 139 -14.13 9.27 -41.24
C LYS B 139 -15.40 9.93 -41.73
N LYS B 140 -15.84 10.99 -41.03
CA LYS B 140 -16.96 11.79 -41.49
C LYS B 140 -16.63 12.51 -42.78
N ASP B 141 -15.36 12.86 -42.99
CA ASP B 141 -14.99 13.60 -44.19
C ASP B 141 -14.70 12.65 -45.33
N PHE B 142 -14.52 11.37 -45.03
CA PHE B 142 -14.42 10.36 -46.08
C PHE B 142 -15.79 9.83 -46.48
N GLU B 143 -16.75 9.82 -45.56
CA GLU B 143 -18.05 9.26 -45.89
C GLU B 143 -18.85 10.20 -46.79
N ASP B 144 -18.53 11.48 -46.79
CA ASP B 144 -19.28 12.44 -47.60
C ASP B 144 -18.54 12.75 -48.89
N LEU B 145 -17.66 11.84 -49.29
CA LEU B 145 -16.78 12.11 -50.41
C LEU B 145 -17.46 11.64 -51.69
N TYR B 146 -17.29 12.42 -52.76
CA TYR B 146 -18.04 12.22 -53.98
C TYR B 146 -17.50 11.04 -54.78
N THR B 147 -16.18 10.96 -54.93
CA THR B 147 -15.56 10.00 -55.82
C THR B 147 -15.07 8.78 -55.04
N PRO B 148 -14.93 7.62 -55.69
CA PRO B 148 -14.32 6.48 -55.00
C PRO B 148 -12.83 6.74 -54.76
N VAL B 149 -12.30 6.11 -53.71
CA VAL B 149 -10.96 6.42 -53.22
C VAL B 149 -9.96 5.31 -53.53
N ASN B 150 -10.44 4.11 -53.91
CA ASN B 150 -9.54 2.99 -54.18
C ASN B 150 -8.60 3.27 -55.34
N GLY B 151 -7.41 2.68 -55.28
CA GLY B 151 -6.42 2.78 -56.34
C GLY B 151 -5.97 4.19 -56.66
N SER B 152 -5.88 5.05 -55.66
CA SER B 152 -5.64 6.45 -55.90
C SER B 152 -4.91 7.08 -54.73
N ILE B 153 -4.36 8.26 -54.96
CA ILE B 153 -3.58 9.00 -53.98
C ILE B 153 -4.47 10.12 -53.47
N VAL B 154 -4.47 10.38 -52.17
CA VAL B 154 -5.29 11.43 -51.60
C VAL B 154 -4.39 12.56 -51.15
N ILE B 155 -4.93 13.77 -51.13
CA ILE B 155 -4.24 14.93 -50.58
C ILE B 155 -5.13 15.56 -49.53
N VAL B 156 -4.56 15.83 -48.36
CA VAL B 156 -5.32 16.38 -47.25
C VAL B 156 -4.60 17.62 -46.75
N ARG B 157 -5.31 18.46 -46.01
CA ARG B 157 -4.71 19.61 -45.37
C ARG B 157 -4.55 19.35 -43.88
N ALA B 158 -3.54 19.98 -43.30
CA ALA B 158 -3.16 19.66 -41.93
C ALA B 158 -4.13 20.27 -40.94
N GLY B 159 -4.54 19.46 -39.96
CA GLY B 159 -5.41 19.95 -38.91
C GLY B 159 -6.36 18.89 -38.38
N LYS B 160 -6.87 19.18 -37.18
CA LYS B 160 -8.02 18.52 -36.54
C LYS B 160 -7.73 17.11 -36.04
N ILE B 161 -6.69 16.45 -36.55
CA ILE B 161 -6.29 15.13 -36.10
C ILE B 161 -4.80 14.93 -36.39
N THR B 162 -4.25 13.87 -35.83
CA THR B 162 -2.83 13.56 -36.02
C THR B 162 -2.64 13.03 -37.44
N PHE B 163 -1.38 13.04 -37.91
CA PHE B 163 -1.06 12.49 -39.23
C PHE B 163 -1.41 11.01 -39.33
N ALA B 164 -1.20 10.26 -38.25
CA ALA B 164 -1.33 8.82 -38.31
C ALA B 164 -2.77 8.40 -38.48
N GLU B 165 -3.71 9.19 -38.01
CA GLU B 165 -5.11 8.83 -38.16
C GLU B 165 -5.59 9.13 -39.57
N LYS B 166 -4.99 10.15 -40.21
CA LYS B 166 -5.25 10.39 -41.63
C LYS B 166 -4.73 9.25 -42.47
N VAL B 167 -3.49 8.81 -42.23
CA VAL B 167 -2.92 7.77 -43.05
C VAL B 167 -3.60 6.43 -42.76
N ALA B 168 -4.04 6.22 -41.52
CA ALA B 168 -4.73 4.99 -41.18
C ALA B 168 -6.11 4.94 -41.82
N ASN B 169 -6.80 6.08 -41.86
CA ASN B 169 -8.12 6.10 -42.48
C ASN B 169 -8.03 5.93 -43.99
N ALA B 170 -7.10 6.64 -44.63
CA ALA B 170 -6.94 6.51 -46.06
C ALA B 170 -6.36 5.16 -46.44
N GLU B 171 -5.67 4.51 -45.51
CA GLU B 171 -5.26 3.13 -45.74
C GLU B 171 -6.45 2.19 -45.63
N SER B 172 -7.39 2.51 -44.74
CA SER B 172 -8.57 1.66 -44.56
C SER B 172 -9.48 1.72 -45.77
N LEU B 173 -9.55 2.87 -46.43
CA LEU B 173 -10.33 2.92 -47.67
C LEU B 173 -9.49 2.59 -48.89
N ASN B 174 -8.37 1.89 -48.71
CA ASN B 174 -7.57 1.28 -49.76
C ASN B 174 -6.99 2.29 -50.75
N ALA B 175 -6.55 3.45 -50.26
CA ALA B 175 -5.76 4.35 -51.09
C ALA B 175 -4.32 3.89 -51.14
N ILE B 176 -3.49 4.55 -51.94
CA ILE B 176 -2.13 4.06 -52.12
C ILE B 176 -1.08 5.09 -51.72
N GLY B 177 -1.50 6.30 -51.34
CA GLY B 177 -0.54 7.32 -50.96
C GLY B 177 -1.25 8.56 -50.44
N VAL B 178 -0.53 9.32 -49.61
CA VAL B 178 -1.08 10.48 -48.93
C VAL B 178 -0.12 11.64 -49.05
N LEU B 179 -0.60 12.76 -49.61
CA LEU B 179 0.11 14.04 -49.59
C LEU B 179 -0.56 14.96 -48.61
N ILE B 180 0.21 15.69 -47.81
CA ILE B 180 -0.31 16.50 -46.73
C ILE B 180 0.24 17.91 -46.86
N TYR B 181 -0.64 18.91 -46.84
CA TYR B 181 -0.16 20.28 -46.92
C TYR B 181 -0.83 21.13 -45.85
N MET B 182 -0.49 22.41 -45.85
CA MET B 182 -1.15 23.39 -45.01
C MET B 182 -1.48 24.63 -45.85
N ASP B 183 -2.67 25.18 -45.66
CA ASP B 183 -3.16 26.23 -46.55
C ASP B 183 -3.46 27.53 -45.82
N GLN B 184 -4.00 28.49 -46.58
CA GLN B 184 -4.01 29.87 -46.13
C GLN B 184 -5.06 30.13 -45.06
N THR B 185 -6.22 29.49 -45.18
CA THR B 185 -7.34 29.78 -44.29
C THR B 185 -7.05 29.32 -42.87
N LYS B 186 -6.52 28.12 -42.72
CA LYS B 186 -6.18 27.62 -41.40
C LYS B 186 -4.86 28.21 -40.93
N PHE B 187 -3.86 28.23 -41.79
CA PHE B 187 -2.50 28.66 -41.44
C PHE B 187 -2.12 29.85 -42.30
N PRO B 188 -2.33 31.06 -41.82
CA PRO B 188 -1.86 32.21 -42.59
C PRO B 188 -0.39 32.51 -42.37
N ILE B 189 0.45 32.13 -43.33
CA ILE B 189 1.88 32.39 -43.24
C ILE B 189 2.24 33.19 -44.49
N VAL B 190 3.25 34.06 -44.37
CA VAL B 190 3.61 34.95 -45.45
C VAL B 190 4.15 34.17 -46.64
N ASN B 191 5.16 33.34 -46.43
CA ASN B 191 5.73 32.58 -47.53
C ASN B 191 4.99 31.26 -47.69
N ALA B 192 4.94 30.79 -48.92
CA ALA B 192 4.35 29.51 -49.28
C ALA B 192 5.40 28.47 -49.58
N GLU B 193 6.52 28.50 -48.86
CA GLU B 193 7.64 27.70 -49.33
C GLU B 193 8.17 26.77 -48.25
N LEU B 194 7.84 27.04 -46.99
CA LEU B 194 8.44 26.29 -45.89
C LEU B 194 7.86 24.88 -45.82
N SER B 195 8.66 23.95 -45.31
CA SER B 195 8.28 22.56 -45.24
C SER B 195 8.40 22.05 -43.82
N PHE B 196 7.64 21.00 -43.51
CA PHE B 196 7.39 20.60 -42.13
C PHE B 196 7.48 19.09 -41.97
N PHE B 197 7.27 18.64 -40.74
CA PHE B 197 7.65 17.31 -40.31
C PHE B 197 6.52 16.66 -39.53
N GLY B 198 6.40 15.34 -39.63
CA GLY B 198 5.45 14.59 -38.81
C GLY B 198 5.77 13.12 -38.79
N HIS B 199 5.24 12.43 -37.79
CA HIS B 199 5.36 10.97 -37.73
C HIS B 199 3.98 10.39 -38.02
N ALA B 200 3.94 9.15 -38.47
CA ALA B 200 2.70 8.55 -38.91
C ALA B 200 2.50 7.20 -38.24
N HIS B 201 2.97 7.07 -37.00
CA HIS B 201 2.77 5.83 -36.27
C HIS B 201 1.56 5.95 -35.37
N LEU B 202 0.54 5.15 -35.67
CA LEU B 202 -0.67 5.10 -34.86
C LEU B 202 -0.38 4.43 -33.53
N GLY B 203 -0.48 5.19 -32.46
CA GLY B 203 0.03 4.75 -31.18
C GLY B 203 1.41 5.28 -30.93
N THR B 204 1.90 5.08 -29.71
CA THR B 204 3.16 5.67 -29.30
C THR B 204 4.20 4.60 -29.14
N GLY B 205 5.39 5.01 -28.79
CA GLY B 205 6.47 4.09 -28.49
C GLY B 205 7.38 3.84 -29.65
N ASP B 206 8.51 3.24 -29.33
CA ASP B 206 9.39 2.70 -30.35
C ASP B 206 8.66 1.57 -31.05
N PRO B 207 8.38 1.68 -32.34
CA PRO B 207 7.46 0.72 -32.97
C PRO B 207 8.08 -0.63 -33.25
N TYR B 208 9.39 -0.79 -33.08
CA TYR B 208 9.96 -2.11 -33.33
C TYR B 208 10.14 -2.88 -32.04
N THR B 209 9.76 -2.29 -30.91
CA THR B 209 9.59 -3.04 -29.67
C THR B 209 8.24 -2.69 -29.08
N PRO B 210 7.16 -3.36 -29.44
CA PRO B 210 5.87 -3.08 -28.80
C PRO B 210 5.75 -3.75 -27.45
N GLY B 211 5.37 -2.99 -26.44
CA GLY B 211 5.07 -3.55 -25.14
C GLY B 211 6.25 -3.82 -24.25
N PHE B 212 7.43 -4.09 -24.78
CA PHE B 212 8.59 -4.33 -23.94
C PHE B 212 9.63 -3.26 -24.24
N PRO B 213 10.50 -2.93 -23.30
CA PRO B 213 11.40 -1.80 -23.51
C PRO B 213 12.58 -2.14 -24.39
N SER B 214 13.20 -1.09 -24.92
CA SER B 214 14.30 -1.22 -25.85
C SER B 214 15.63 -1.04 -25.15
N PHE B 215 16.04 -2.00 -24.35
CA PHE B 215 17.36 -1.95 -23.74
C PHE B 215 18.29 -2.94 -24.42
N ASN B 216 19.48 -3.09 -23.83
CA ASN B 216 20.37 -4.16 -24.26
C ASN B 216 19.99 -5.50 -23.64
N HIS B 217 19.11 -5.50 -22.64
CA HIS B 217 18.79 -6.75 -21.94
C HIS B 217 17.87 -7.63 -22.77
N THR B 218 17.15 -7.05 -23.71
CA THR B 218 16.07 -7.81 -24.34
C THR B 218 16.51 -8.40 -25.66
N GLN B 219 17.82 -8.32 -25.95
CA GLN B 219 18.46 -8.91 -27.13
C GLN B 219 17.97 -8.38 -28.47
N PHE B 220 17.02 -7.43 -28.50
CA PHE B 220 16.39 -6.93 -29.72
C PHE B 220 15.79 -8.00 -30.62
N PRO B 221 14.64 -8.55 -30.26
CA PRO B 221 14.05 -9.60 -31.09
C PRO B 221 13.29 -9.00 -32.25
N PRO B 222 13.02 -9.78 -33.28
CA PRO B 222 12.23 -9.26 -34.41
C PRO B 222 10.76 -9.18 -34.06
N SER B 223 10.25 -7.96 -33.99
CA SER B 223 8.87 -7.70 -33.63
C SER B 223 8.47 -6.37 -34.25
N ARG B 224 7.24 -6.29 -34.72
CA ARG B 224 6.78 -5.12 -35.45
C ARG B 224 5.39 -4.73 -34.96
N SER B 225 5.21 -3.46 -34.63
CA SER B 225 3.93 -2.99 -34.14
C SER B 225 2.88 -2.96 -35.23
N SER B 226 1.63 -2.80 -34.84
CA SER B 226 0.54 -2.88 -35.81
C SER B 226 0.23 -1.54 -36.43
N GLY B 227 0.64 -0.45 -35.78
CA GLY B 227 0.16 0.84 -36.20
C GLY B 227 0.95 1.45 -37.35
N LEU B 228 1.95 0.74 -37.83
CA LEU B 228 2.77 1.27 -38.89
C LEU B 228 2.01 1.20 -40.21
N PRO B 229 2.02 2.25 -41.01
CA PRO B 229 1.30 2.22 -42.28
C PRO B 229 2.08 1.44 -43.32
N ASN B 230 1.44 1.21 -44.46
CA ASN B 230 2.08 0.49 -45.54
C ASN B 230 2.01 1.26 -46.86
N ILE B 231 1.79 2.57 -46.80
CA ILE B 231 1.69 3.39 -48.00
C ILE B 231 2.65 4.57 -47.87
N PRO B 232 3.14 5.14 -48.96
CA PRO B 232 4.04 6.28 -48.83
C PRO B 232 3.29 7.55 -48.47
N VAL B 233 3.85 8.33 -47.55
CA VAL B 233 3.27 9.58 -47.07
C VAL B 233 4.29 10.68 -47.31
N GLN B 234 3.84 11.86 -47.72
CA GLN B 234 4.75 12.95 -48.00
C GLN B 234 4.09 14.31 -47.73
N THR B 235 4.84 15.23 -47.12
CA THR B 235 4.40 16.59 -46.91
C THR B 235 4.83 17.46 -48.07
N ILE B 236 4.00 18.44 -48.45
CA ILE B 236 4.36 19.38 -49.48
C ILE B 236 4.16 20.80 -48.96
N SER B 237 4.77 21.76 -49.65
CA SER B 237 4.58 23.15 -49.29
C SER B 237 3.28 23.67 -49.90
N ARG B 238 3.01 24.94 -49.68
CA ARG B 238 1.72 25.47 -50.11
C ARG B 238 1.77 25.87 -51.58
N ALA B 239 2.91 26.36 -52.05
CA ALA B 239 3.05 26.69 -53.46
C ALA B 239 3.16 25.42 -54.29
N ALA B 240 3.71 24.36 -53.71
CA ALA B 240 3.65 23.05 -54.35
C ALA B 240 2.21 22.59 -54.49
N ALA B 241 1.39 22.86 -53.49
CA ALA B 241 -0.02 22.50 -53.56
C ALA B 241 -0.72 23.28 -54.65
N GLU B 242 -0.43 24.58 -54.77
CA GLU B 242 -1.07 25.38 -55.80
C GLU B 242 -0.62 24.97 -57.20
N LYS B 243 0.64 24.56 -57.35
CA LYS B 243 1.09 24.01 -58.63
C LYS B 243 0.34 22.73 -58.97
N LEU B 244 -0.01 21.93 -57.96
CA LEU B 244 -0.89 20.81 -58.22
C LEU B 244 -2.29 21.27 -58.60
N PHE B 245 -2.76 22.35 -57.98
CA PHE B 245 -4.12 22.80 -58.24
C PHE B 245 -4.23 23.51 -59.57
N GLY B 246 -3.11 23.75 -60.25
CA GLY B 246 -3.17 24.16 -61.63
C GLY B 246 -3.79 23.10 -62.52
N ASN B 247 -3.50 21.83 -62.25
CA ASN B 247 -4.04 20.76 -63.08
C ASN B 247 -5.29 20.15 -62.47
N MET B 248 -5.65 20.57 -61.27
CA MET B 248 -6.84 20.04 -60.63
C MET B 248 -8.09 20.68 -61.22
N GLU B 249 -9.23 20.07 -60.94
CA GLU B 249 -10.53 20.61 -61.35
C GLU B 249 -11.59 20.22 -60.33
N GLY B 250 -12.79 20.75 -60.54
CA GLY B 250 -13.83 20.62 -59.56
C GLY B 250 -13.94 21.88 -58.72
N ASP B 251 -14.75 21.79 -57.69
CA ASP B 251 -14.92 22.90 -56.75
C ASP B 251 -15.04 22.37 -55.34
N CYS B 252 -14.31 23.00 -54.42
CA CYS B 252 -14.46 22.68 -53.03
C CYS B 252 -15.84 23.11 -52.55
N PRO B 253 -16.49 22.30 -51.72
CA PRO B 253 -17.77 22.71 -51.15
C PRO B 253 -17.62 23.90 -50.23
N SER B 254 -18.70 24.66 -50.08
CA SER B 254 -18.66 25.86 -49.25
C SER B 254 -18.67 25.51 -47.78
N ASP B 255 -18.98 24.24 -47.45
CA ASP B 255 -18.86 23.78 -46.07
C ASP B 255 -17.41 23.73 -45.63
N TRP B 256 -16.50 23.62 -46.58
CA TRP B 256 -15.09 23.60 -46.23
C TRP B 256 -14.57 25.03 -46.18
N LYS B 257 -14.07 25.43 -45.03
CA LYS B 257 -13.47 26.75 -44.87
C LYS B 257 -12.09 26.71 -45.51
N THR B 258 -12.02 27.07 -46.78
CA THR B 258 -10.81 26.85 -47.56
C THR B 258 -10.59 28.04 -48.48
N ASP B 259 -9.52 27.96 -49.26
CA ASP B 259 -9.17 29.05 -50.15
C ASP B 259 -10.03 29.06 -51.40
N SER B 260 -9.64 29.88 -52.36
CA SER B 260 -10.37 29.93 -53.62
C SER B 260 -9.68 29.09 -54.68
N THR B 261 -8.47 28.61 -54.40
CA THR B 261 -7.69 27.96 -55.45
C THR B 261 -7.79 26.44 -55.37
N CYS B 262 -8.39 25.91 -54.32
CA CYS B 262 -8.46 24.47 -54.16
C CYS B 262 -9.44 23.87 -55.16
N ARG B 263 -9.24 22.60 -55.50
CA ARG B 263 -10.15 21.86 -56.34
C ARG B 263 -10.25 20.43 -55.84
N MET B 264 -11.01 19.59 -56.57
CA MET B 264 -11.34 18.28 -56.03
C MET B 264 -10.45 17.18 -56.58
N VAL B 265 -10.51 16.91 -57.87
CA VAL B 265 -9.86 15.73 -58.43
C VAL B 265 -8.90 16.15 -59.53
N THR B 266 -8.12 15.18 -60.00
CA THR B 266 -7.12 15.45 -61.01
C THR B 266 -7.73 15.25 -62.39
N SER B 267 -7.21 15.99 -63.37
CA SER B 267 -7.69 15.92 -64.74
C SER B 267 -7.48 14.54 -65.33
N GLU B 268 -8.20 14.25 -66.41
CA GLU B 268 -8.23 12.89 -66.95
C GLU B 268 -6.90 12.53 -67.58
N SER B 269 -6.18 13.51 -68.12
CA SER B 269 -4.88 13.22 -68.69
C SER B 269 -3.82 13.03 -67.60
N LYS B 270 -3.56 14.07 -66.83
CA LYS B 270 -2.39 14.12 -65.96
C LYS B 270 -2.66 13.36 -64.67
N ASN B 271 -1.61 12.78 -64.09
CA ASN B 271 -1.70 12.14 -62.78
C ASN B 271 -0.34 12.17 -62.09
N VAL B 272 -0.35 12.27 -60.76
CA VAL B 272 0.88 12.57 -60.02
C VAL B 272 1.67 11.29 -59.78
N LYS B 273 2.89 11.47 -59.29
CA LYS B 273 3.79 10.39 -58.93
C LYS B 273 4.67 10.87 -57.80
N LEU B 274 4.76 10.10 -56.73
CA LEU B 274 5.63 10.48 -55.63
C LEU B 274 6.56 9.33 -55.31
N THR B 275 7.84 9.67 -55.17
CA THR B 275 8.86 8.76 -54.70
C THR B 275 9.31 9.19 -53.32
N VAL B 276 9.26 8.27 -52.36
CA VAL B 276 9.69 8.53 -51.00
C VAL B 276 10.72 7.48 -50.63
N SER B 277 11.92 7.93 -50.31
CA SER B 277 12.98 7.05 -49.84
C SER B 277 13.39 7.49 -48.46
N ASN B 278 13.19 6.60 -47.48
CA ASN B 278 13.63 6.84 -46.13
C ASN B 278 14.28 5.58 -45.60
N VAL B 279 15.27 5.74 -44.73
CA VAL B 279 16.02 4.61 -44.20
C VAL B 279 15.82 4.55 -42.70
N LEU B 280 15.98 3.35 -42.15
CA LEU B 280 15.82 3.11 -40.72
C LEU B 280 17.19 3.20 -40.05
N LYS B 281 17.36 4.21 -39.23
CA LYS B 281 18.59 4.36 -38.48
C LYS B 281 18.34 3.90 -37.05
N GLU B 282 19.40 3.43 -36.40
CA GLU B 282 19.33 2.98 -35.02
C GLU B 282 20.20 3.88 -34.16
N ILE B 283 19.58 4.64 -33.27
CA ILE B 283 20.25 5.73 -32.57
C ILE B 283 20.17 5.51 -31.08
N LYS B 284 20.80 6.42 -30.34
CA LYS B 284 20.87 6.31 -28.89
C LYS B 284 20.10 7.44 -28.22
N ILE B 285 19.03 7.08 -27.53
CA ILE B 285 18.18 8.04 -26.83
C ILE B 285 18.77 8.23 -25.45
N LEU B 286 18.73 9.46 -24.95
CA LEU B 286 19.40 9.78 -23.70
C LEU B 286 18.44 10.57 -22.81
N ASN B 287 17.68 9.87 -21.96
CA ASN B 287 16.78 10.49 -21.01
C ASN B 287 17.57 10.97 -19.81
N ILE B 288 17.16 12.08 -19.20
CA ILE B 288 17.89 12.66 -18.08
C ILE B 288 16.91 13.07 -16.98
N PHE B 289 17.20 12.64 -15.76
CA PHE B 289 16.26 12.70 -14.64
C PHE B 289 16.91 13.36 -13.44
N GLY B 290 16.08 13.93 -12.57
CA GLY B 290 16.59 14.45 -11.32
C GLY B 290 15.56 14.55 -10.22
N VAL B 291 15.84 14.03 -9.03
CA VAL B 291 14.84 13.90 -7.99
C VAL B 291 15.20 14.72 -6.76
N ILE B 292 14.18 15.41 -6.22
CA ILE B 292 14.17 15.96 -4.87
C ILE B 292 13.50 14.94 -3.98
N LYS B 293 14.11 14.64 -2.83
CA LYS B 293 13.53 13.66 -1.92
C LYS B 293 12.33 14.22 -1.18
N GLY B 294 11.70 13.36 -0.38
CA GLY B 294 10.58 13.74 0.46
C GLY B 294 10.87 13.47 1.92
N PHE B 295 10.18 14.16 2.81
CA PHE B 295 10.49 14.04 4.23
C PHE B 295 9.52 13.11 4.95
N VAL B 296 8.24 13.18 4.61
CA VAL B 296 7.27 12.30 5.27
C VAL B 296 7.37 10.90 4.70
N GLU B 297 7.10 10.75 3.40
CA GLU B 297 7.35 9.50 2.72
C GLU B 297 7.95 9.76 1.36
N PRO B 298 9.16 9.27 1.10
CA PRO B 298 9.80 9.50 -0.21
C PRO B 298 9.47 8.46 -1.26
N ASP B 299 8.53 7.56 -0.98
CA ASP B 299 8.24 6.49 -1.92
C ASP B 299 7.37 6.98 -3.06
N HIS B 300 6.37 7.80 -2.76
CA HIS B 300 5.42 8.27 -3.76
C HIS B 300 5.94 9.57 -4.33
N TYR B 301 5.69 9.81 -5.61
CA TYR B 301 6.28 10.97 -6.27
C TYR B 301 5.48 11.40 -7.49
N VAL B 302 5.55 12.70 -7.79
CA VAL B 302 4.92 13.29 -8.96
C VAL B 302 5.98 13.58 -10.02
N VAL B 303 5.69 13.25 -11.27
CA VAL B 303 6.65 13.36 -12.36
C VAL B 303 6.33 14.58 -13.20
N VAL B 304 7.32 15.43 -13.42
CA VAL B 304 7.19 16.61 -14.27
C VAL B 304 8.10 16.44 -15.47
N GLY B 305 7.54 16.48 -16.66
CA GLY B 305 8.29 16.15 -17.86
C GLY B 305 8.31 17.27 -18.88
N ALA B 306 9.22 17.14 -19.85
CA ALA B 306 9.34 18.10 -20.93
C ALA B 306 10.14 17.51 -22.08
N GLN B 307 9.67 17.75 -23.29
CA GLN B 307 10.37 17.28 -24.49
C GLN B 307 11.65 18.09 -24.67
N ARG B 308 12.57 17.60 -25.51
CA ARG B 308 13.85 18.27 -25.65
C ARG B 308 14.34 18.42 -27.09
N ASP B 309 13.77 17.69 -28.05
CA ASP B 309 14.29 17.78 -29.41
C ASP B 309 13.20 17.88 -30.45
N ALA B 310 13.47 18.64 -31.50
CA ALA B 310 12.53 18.86 -32.58
C ALA B 310 13.30 19.10 -33.87
N TRP B 311 12.63 18.80 -34.99
CA TRP B 311 13.32 18.67 -36.26
C TRP B 311 13.85 20.00 -36.79
N GLY B 312 13.12 21.07 -36.57
CA GLY B 312 13.60 22.39 -36.94
C GLY B 312 14.45 22.97 -35.83
N PRO B 313 14.40 24.28 -35.66
CA PRO B 313 15.04 24.86 -34.49
C PRO B 313 14.28 24.57 -33.22
N GLY B 314 12.96 24.54 -33.27
CA GLY B 314 12.18 24.12 -32.11
C GLY B 314 12.18 25.13 -30.99
N ALA B 315 11.74 26.35 -31.26
CA ALA B 315 11.66 27.33 -30.18
C ALA B 315 10.44 27.10 -29.32
N ALA B 316 9.26 27.08 -29.93
CA ALA B 316 8.03 26.97 -29.14
C ALA B 316 7.67 25.52 -28.89
N LYS B 317 8.31 24.59 -29.59
CA LYS B 317 7.95 23.18 -29.45
C LYS B 317 8.75 22.53 -28.33
N SER B 318 10.06 22.79 -28.27
CA SER B 318 10.90 22.17 -27.28
C SER B 318 11.70 23.14 -26.44
N GLY B 319 11.84 24.39 -26.86
CA GLY B 319 12.61 25.34 -26.08
C GLY B 319 11.86 25.85 -24.88
N VAL B 320 10.55 26.10 -25.04
CA VAL B 320 9.76 26.69 -23.97
C VAL B 320 9.60 25.71 -22.82
N GLY B 321 9.31 24.44 -23.14
CA GLY B 321 9.15 23.45 -22.09
C GLY B 321 10.44 23.15 -21.35
N THR B 322 11.56 23.16 -22.08
CA THR B 322 12.84 22.92 -21.42
C THR B 322 13.23 24.10 -20.55
N ALA B 323 12.86 25.33 -20.95
CA ALA B 323 13.17 26.49 -20.13
C ALA B 323 12.32 26.52 -18.87
N LEU B 324 11.04 26.20 -18.99
CA LEU B 324 10.17 26.09 -17.82
C LEU B 324 10.63 24.98 -16.90
N LEU B 325 11.20 23.92 -17.49
CA LEU B 325 11.74 22.83 -16.70
C LEU B 325 12.95 23.27 -15.90
N LEU B 326 13.90 23.95 -16.53
CA LEU B 326 15.14 24.33 -15.85
C LEU B 326 14.87 25.37 -14.77
N LYS B 327 14.12 26.42 -15.11
CA LYS B 327 13.84 27.45 -14.12
C LYS B 327 12.94 26.92 -13.02
N LEU B 328 12.06 25.99 -13.36
CA LEU B 328 11.16 25.40 -12.36
C LEU B 328 11.95 24.56 -11.38
N ALA B 329 12.96 23.85 -11.88
CA ALA B 329 13.83 23.07 -11.02
C ALA B 329 14.67 23.98 -10.14
N GLN B 330 15.06 25.14 -10.67
CA GLN B 330 15.84 26.08 -9.86
C GLN B 330 14.99 26.67 -8.75
N MET B 331 13.71 26.92 -9.02
CA MET B 331 12.85 27.51 -8.00
C MET B 331 12.54 26.52 -6.89
N PHE B 332 12.23 25.27 -7.24
CA PHE B 332 11.91 24.33 -6.17
C PHE B 332 13.14 23.89 -5.42
N SER B 333 14.27 23.67 -6.11
CA SER B 333 15.48 23.28 -5.40
C SER B 333 15.98 24.40 -4.49
N ASP B 334 15.88 25.64 -4.96
CA ASP B 334 16.26 26.78 -4.16
C ASP B 334 15.33 26.94 -2.97
N MET B 335 14.04 26.69 -3.18
CA MET B 335 13.06 26.91 -2.13
C MET B 335 13.16 25.85 -1.04
N VAL B 336 13.49 24.61 -1.43
CA VAL B 336 13.72 23.56 -0.44
C VAL B 336 15.02 23.82 0.32
N LEU B 337 16.08 24.19 -0.39
CA LEU B 337 17.39 24.34 0.26
C LEU B 337 17.42 25.54 1.20
N LYS B 338 17.00 26.71 0.74
CA LYS B 338 17.11 27.90 1.56
C LYS B 338 15.86 28.20 2.38
N ASP B 339 14.67 28.14 1.78
CA ASP B 339 13.52 28.75 2.44
C ASP B 339 12.88 27.83 3.46
N GLY B 340 13.33 26.57 3.53
CA GLY B 340 12.84 25.67 4.55
C GLY B 340 11.56 24.94 4.21
N PHE B 341 11.11 24.99 2.97
CA PHE B 341 9.99 24.18 2.52
C PHE B 341 10.32 22.70 2.62
N GLN B 342 9.41 21.93 3.19
CA GLN B 342 9.61 20.50 3.37
C GLN B 342 8.50 19.73 2.66
N PRO B 343 8.73 19.25 1.45
CA PRO B 343 7.70 18.50 0.75
C PRO B 343 7.52 17.11 1.32
N SER B 344 6.27 16.67 1.41
CA SER B 344 5.99 15.38 2.04
C SER B 344 6.33 14.23 1.12
N ARG B 345 6.33 14.48 -0.18
CA ARG B 345 6.52 13.45 -1.19
C ARG B 345 7.69 13.87 -2.06
N SER B 346 8.37 12.90 -2.65
CA SER B 346 9.49 13.25 -3.51
C SER B 346 8.97 13.72 -4.87
N ILE B 347 9.86 14.31 -5.66
CA ILE B 347 9.49 14.93 -6.93
C ILE B 347 10.55 14.54 -7.96
N ILE B 348 10.12 14.03 -9.11
CA ILE B 348 11.03 13.67 -10.19
C ILE B 348 10.84 14.63 -11.33
N PHE B 349 11.94 15.25 -11.76
CA PHE B 349 11.99 16.06 -12.96
C PHE B 349 12.56 15.21 -14.08
N ALA B 350 12.03 15.38 -15.27
CA ALA B 350 12.43 14.53 -16.39
C ALA B 350 12.66 15.37 -17.63
N SER B 351 13.61 14.94 -18.44
CA SER B 351 13.87 15.54 -19.74
C SER B 351 14.08 14.42 -20.73
N TRP B 352 13.26 14.41 -21.78
CA TRP B 352 13.05 13.26 -22.63
C TRP B 352 13.49 13.55 -24.05
N SER B 353 14.28 12.65 -24.62
CA SER B 353 14.62 12.81 -26.02
C SER B 353 13.63 12.07 -26.90
N ALA B 354 13.62 12.49 -28.17
CA ALA B 354 12.82 11.89 -29.24
C ALA B 354 11.34 11.85 -28.93
N GLY B 355 10.82 12.96 -28.41
CA GLY B 355 9.38 13.07 -28.26
C GLY B 355 8.69 13.30 -29.58
N ASP B 356 9.46 13.64 -30.61
CA ASP B 356 8.88 14.04 -31.88
C ASP B 356 8.37 12.84 -32.66
N PHE B 357 9.00 11.67 -32.49
CA PHE B 357 8.62 10.48 -33.23
C PHE B 357 7.58 9.70 -32.43
N GLY B 358 6.54 10.39 -32.00
CA GLY B 358 5.49 9.74 -31.22
C GLY B 358 5.81 9.50 -29.77
N SER B 359 6.67 10.33 -29.17
CA SER B 359 6.94 10.34 -27.72
C SER B 359 7.50 9.02 -27.23
N VAL B 360 8.72 8.69 -27.66
CA VAL B 360 9.25 7.37 -27.35
C VAL B 360 10.06 7.39 -26.06
N GLY B 361 10.44 8.56 -25.58
CA GLY B 361 11.13 8.61 -24.30
C GLY B 361 10.21 8.25 -23.15
N ALA B 362 9.00 8.78 -23.18
CA ALA B 362 8.02 8.46 -22.15
C ALA B 362 7.55 7.02 -22.26
N THR B 363 7.36 6.52 -23.48
CA THR B 363 6.80 5.19 -23.59
C THR B 363 7.85 4.13 -23.31
N GLU B 364 9.11 4.38 -23.66
CA GLU B 364 10.16 3.44 -23.28
C GLU B 364 10.45 3.52 -21.78
N TRP B 365 10.27 4.69 -21.17
CA TRP B 365 10.49 4.75 -19.73
C TRP B 365 9.36 4.12 -18.97
N LEU B 366 8.15 4.15 -19.52
CA LEU B 366 7.03 3.48 -18.85
C LEU B 366 7.06 1.99 -19.08
N GLU B 367 7.40 1.56 -20.28
CA GLU B 367 7.44 0.13 -20.53
C GLU B 367 8.68 -0.49 -19.91
N GLY B 368 9.68 0.34 -19.60
CA GLY B 368 10.86 -0.18 -18.94
C GLY B 368 10.66 -0.43 -17.46
N TYR B 369 10.12 0.57 -16.77
CA TYR B 369 10.07 0.57 -15.32
C TYR B 369 8.62 0.56 -14.88
N LEU B 370 7.81 -0.32 -15.46
CA LEU B 370 6.40 -0.38 -15.11
C LEU B 370 6.20 -0.93 -13.72
N SER B 371 6.89 -2.04 -13.41
CA SER B 371 6.69 -2.70 -12.14
C SER B 371 7.34 -1.93 -11.00
N SER B 372 8.23 -0.99 -11.34
CA SER B 372 8.85 -0.22 -10.28
C SER B 372 7.95 0.92 -9.83
N LEU B 373 7.22 1.55 -10.75
CA LEU B 373 6.32 2.63 -10.40
C LEU B 373 4.87 2.23 -10.48
N HIS B 374 4.57 0.94 -10.44
CA HIS B 374 3.22 0.45 -10.22
C HIS B 374 2.74 0.91 -8.86
N LEU B 375 1.83 1.88 -8.87
CA LEU B 375 1.08 2.43 -7.74
C LEU B 375 1.95 3.30 -6.84
N LYS B 376 3.26 3.42 -7.08
CA LYS B 376 4.05 4.40 -6.35
C LYS B 376 3.84 5.80 -6.90
N ALA B 377 4.07 6.02 -8.19
CA ALA B 377 3.93 7.32 -8.83
C ALA B 377 2.45 7.64 -9.01
N PHE B 378 2.08 8.90 -8.83
CA PHE B 378 0.65 9.17 -8.76
C PHE B 378 0.18 10.39 -9.55
N THR B 379 1.07 11.15 -10.20
CA THR B 379 0.63 12.28 -11.01
C THR B 379 1.72 12.62 -12.01
N TYR B 380 1.36 12.78 -13.27
CA TYR B 380 2.27 13.32 -14.26
C TYR B 380 1.80 14.70 -14.68
N ILE B 381 2.75 15.63 -14.84
CA ILE B 381 2.48 16.98 -15.31
C ILE B 381 3.32 17.21 -16.55
N ASN B 382 2.71 17.70 -17.62
CA ASN B 382 3.41 17.94 -18.87
C ASN B 382 3.59 19.43 -19.07
N LEU B 383 4.82 19.86 -19.24
CA LEU B 383 5.13 21.25 -19.53
C LEU B 383 5.23 21.53 -21.01
N ASP B 384 4.91 20.55 -21.85
CA ASP B 384 5.22 20.66 -23.26
C ASP B 384 4.20 21.53 -23.98
N LYS B 385 4.70 22.38 -24.88
CA LYS B 385 3.90 23.32 -25.69
C LYS B 385 3.03 24.22 -24.82
N ALA B 386 3.62 24.77 -23.77
CA ALA B 386 2.79 25.49 -22.80
C ALA B 386 2.39 26.86 -23.32
N VAL B 387 3.22 27.49 -24.13
CA VAL B 387 3.00 28.85 -24.58
C VAL B 387 2.86 28.86 -26.09
N LEU B 388 1.64 29.08 -26.57
CA LEU B 388 1.44 29.31 -27.99
C LEU B 388 0.79 30.65 -28.23
N GLY B 389 -0.31 30.91 -27.53
CA GLY B 389 -1.06 32.12 -27.74
C GLY B 389 -1.17 32.92 -26.46
N THR B 390 -1.83 34.06 -26.51
CA THR B 390 -1.96 34.86 -25.31
C THR B 390 -3.41 35.01 -24.87
N SER B 391 -4.35 34.56 -25.71
CA SER B 391 -5.76 34.82 -25.43
C SER B 391 -6.35 33.81 -24.45
N ASN B 392 -6.38 32.53 -24.83
CA ASN B 392 -7.22 31.56 -24.13
C ASN B 392 -6.38 30.64 -23.26
N PHE B 393 -7.03 30.04 -22.28
CA PHE B 393 -6.45 29.02 -21.42
C PHE B 393 -7.15 27.71 -21.73
N LYS B 394 -6.39 26.70 -22.14
CA LYS B 394 -6.97 25.41 -22.47
C LYS B 394 -6.26 24.33 -21.68
N VAL B 395 -7.04 23.53 -20.97
CA VAL B 395 -6.50 22.50 -20.09
C VAL B 395 -7.10 21.18 -20.52
N SER B 396 -6.39 20.08 -20.25
CA SER B 396 -6.87 18.74 -20.56
C SER B 396 -6.27 17.76 -19.57
N ALA B 397 -7.12 17.02 -18.86
CA ALA B 397 -6.60 16.22 -17.77
C ALA B 397 -7.53 15.06 -17.47
N SER B 398 -7.00 14.13 -16.69
CA SER B 398 -7.80 13.12 -16.04
C SER B 398 -8.61 13.74 -14.91
N PRO B 399 -9.85 13.30 -14.71
CA PRO B 399 -10.81 14.08 -13.91
C PRO B 399 -10.50 14.13 -12.44
N LEU B 400 -9.60 13.28 -11.95
CA LEU B 400 -9.17 13.36 -10.56
C LEU B 400 -8.43 14.67 -10.28
N LEU B 401 -7.94 15.33 -11.33
CA LEU B 401 -7.26 16.59 -11.13
C LEU B 401 -8.17 17.80 -11.30
N TYR B 402 -9.43 17.61 -11.74
CA TYR B 402 -10.29 18.72 -12.15
C TYR B 402 -10.49 19.74 -11.04
N THR B 403 -10.91 19.28 -9.86
CA THR B 403 -11.05 20.14 -8.68
C THR B 403 -9.77 20.91 -8.40
N LEU B 404 -8.63 20.23 -8.48
CA LEU B 404 -7.32 20.86 -8.33
C LEU B 404 -7.16 22.01 -9.29
N ILE B 405 -7.43 21.76 -10.58
CA ILE B 405 -7.25 22.77 -11.62
C ILE B 405 -8.14 23.97 -11.34
N GLU B 406 -9.33 23.70 -10.80
CA GLU B 406 -10.30 24.76 -10.57
C GLU B 406 -9.81 25.71 -9.50
N LYS B 407 -9.17 25.16 -8.45
CA LYS B 407 -8.61 26.01 -7.42
C LYS B 407 -7.43 26.81 -7.94
N THR B 408 -6.62 26.21 -8.81
CA THR B 408 -5.49 26.91 -9.37
C THR B 408 -5.96 28.01 -10.31
N MET B 409 -7.07 27.77 -11.01
CA MET B 409 -7.55 28.77 -11.95
C MET B 409 -8.17 29.96 -11.22
N GLN B 410 -8.34 29.86 -9.90
CA GLN B 410 -8.86 31.00 -9.18
C GLN B 410 -7.74 31.81 -8.53
N ASN B 411 -6.50 31.36 -8.65
CA ASN B 411 -5.46 32.09 -7.92
C ASN B 411 -4.40 32.67 -8.83
N VAL B 412 -4.32 32.22 -10.07
CA VAL B 412 -3.27 32.67 -10.97
C VAL B 412 -3.81 33.75 -11.88
N LYS B 413 -3.19 34.91 -11.85
CA LYS B 413 -3.69 36.06 -12.60
C LYS B 413 -3.24 35.95 -14.04
N HIS B 414 -4.14 36.33 -14.96
CA HIS B 414 -3.88 36.26 -16.40
C HIS B 414 -2.76 37.23 -16.75
N PRO B 415 -1.93 36.91 -17.76
CA PRO B 415 -0.78 37.78 -18.04
C PRO B 415 -1.14 39.11 -18.69
N VAL B 416 -2.09 39.12 -19.61
CA VAL B 416 -2.43 40.38 -20.26
C VAL B 416 -3.30 41.25 -19.35
N THR B 417 -4.48 40.74 -18.99
CA THR B 417 -5.43 41.50 -18.20
C THR B 417 -5.33 41.07 -16.75
N GLY B 418 -5.86 41.89 -15.86
CA GLY B 418 -5.71 41.63 -14.45
C GLY B 418 -6.71 40.63 -13.91
N GLN B 419 -7.62 40.15 -14.75
CA GLN B 419 -8.64 39.22 -14.27
C GLN B 419 -8.04 37.86 -14.02
N PHE B 420 -8.71 37.08 -13.17
CA PHE B 420 -8.28 35.72 -12.91
C PHE B 420 -8.58 34.84 -14.13
N LEU B 421 -8.06 33.60 -14.07
CA LEU B 421 -8.31 32.68 -15.16
C LEU B 421 -9.72 32.13 -15.09
N TYR B 422 -10.29 32.03 -13.90
CA TYR B 422 -11.61 31.45 -13.71
C TYR B 422 -12.70 32.43 -14.14
N GLN B 423 -13.07 32.35 -15.42
CA GLN B 423 -14.09 33.25 -15.94
C GLN B 423 -15.38 32.50 -16.25
N ASP B 424 -15.27 31.25 -16.67
CA ASP B 424 -16.43 30.43 -16.95
C ASP B 424 -16.65 29.48 -15.80
N SER B 425 -17.91 29.24 -15.45
CA SER B 425 -18.19 28.28 -14.39
C SER B 425 -18.37 26.88 -14.97
N ASN B 426 -18.75 26.78 -16.24
CA ASN B 426 -18.89 25.49 -16.89
C ASN B 426 -17.64 25.11 -17.68
N TRP B 427 -16.48 25.25 -17.03
CA TRP B 427 -15.25 24.95 -17.73
C TRP B 427 -15.04 23.45 -17.84
N ALA B 428 -15.73 22.67 -17.01
CA ALA B 428 -15.54 21.22 -17.03
C ALA B 428 -16.27 20.58 -18.20
N SER B 429 -17.11 21.33 -18.89
CA SER B 429 -17.79 20.78 -20.05
C SER B 429 -16.97 20.99 -21.31
N LYS B 430 -16.08 21.98 -21.31
CA LYS B 430 -15.31 22.26 -22.51
C LYS B 430 -14.00 21.49 -22.54
N VAL B 431 -13.72 20.69 -21.52
CA VAL B 431 -12.47 19.95 -21.49
C VAL B 431 -12.59 18.76 -22.43
N GLU B 432 -11.60 18.61 -23.30
CA GLU B 432 -11.66 17.60 -24.34
C GLU B 432 -10.61 16.53 -24.12
N LYS B 433 -10.66 15.51 -24.95
CA LYS B 433 -9.93 14.28 -24.73
C LYS B 433 -8.45 14.46 -25.01
N LEU B 434 -7.61 13.74 -24.28
CA LEU B 434 -6.18 13.75 -24.56
C LEU B 434 -5.87 13.07 -25.88
N THR B 435 -5.26 13.81 -26.78
CA THR B 435 -5.00 13.31 -28.12
C THR B 435 -3.78 12.39 -28.06
N LEU B 436 -3.48 11.76 -29.19
CA LEU B 436 -2.49 10.70 -29.17
C LEU B 436 -1.07 11.26 -29.23
N ASP B 437 -0.91 12.49 -29.70
CA ASP B 437 0.43 13.03 -29.86
C ASP B 437 1.01 13.52 -28.53
N ASN B 438 0.17 13.69 -27.53
CA ASN B 438 0.63 14.25 -26.27
C ASN B 438 1.25 13.16 -25.42
N ALA B 439 2.13 13.54 -24.49
CA ALA B 439 2.82 12.52 -23.70
C ALA B 439 2.01 12.13 -22.48
N ALA B 440 1.05 12.97 -22.12
CA ALA B 440 0.11 12.62 -21.06
C ALA B 440 -0.73 11.41 -21.45
N PHE B 441 -0.94 11.20 -22.74
CA PHE B 441 -1.75 10.07 -23.17
C PHE B 441 -1.09 8.71 -22.95
N PRO B 442 0.22 8.51 -23.16
CA PRO B 442 0.81 7.25 -22.69
C PRO B 442 0.81 7.10 -21.19
N PHE B 443 0.97 8.18 -20.42
CA PHE B 443 0.90 8.01 -18.97
C PHE B 443 -0.48 7.60 -18.51
N LEU B 444 -1.51 8.32 -18.95
CA LEU B 444 -2.86 8.05 -18.49
C LEU B 444 -3.43 6.79 -19.11
N ALA B 445 -3.29 6.65 -20.42
CA ALA B 445 -3.93 5.53 -21.10
C ALA B 445 -3.16 4.24 -20.85
N TYR B 446 -1.86 4.33 -20.64
CA TYR B 446 -1.09 3.11 -20.50
C TYR B 446 -0.85 2.73 -19.04
N SER B 447 -0.22 3.60 -18.27
CA SER B 447 0.25 3.15 -16.97
C SER B 447 -0.83 3.32 -15.91
N GLY B 448 -1.85 4.12 -16.20
CA GLY B 448 -2.83 4.43 -15.20
C GLY B 448 -2.39 5.46 -14.20
N ILE B 449 -1.76 6.54 -14.64
CA ILE B 449 -1.39 7.62 -13.73
C ILE B 449 -2.15 8.87 -14.14
N PRO B 450 -2.74 9.62 -13.20
CA PRO B 450 -3.47 10.84 -13.58
C PRO B 450 -2.55 11.88 -14.14
N ALA B 451 -2.90 12.40 -15.31
CA ALA B 451 -2.02 13.25 -16.09
C ALA B 451 -2.73 14.53 -16.46
N VAL B 452 -1.97 15.61 -16.68
CA VAL B 452 -2.51 16.93 -16.96
C VAL B 452 -1.65 17.54 -18.05
N SER B 453 -2.26 18.39 -18.89
CA SER B 453 -1.53 19.16 -19.88
C SER B 453 -2.30 20.43 -20.20
N PHE B 454 -1.60 21.56 -20.26
CA PHE B 454 -2.25 22.86 -20.32
C PHE B 454 -1.47 23.80 -21.22
N CYS B 455 -2.19 24.65 -21.94
CA CYS B 455 -1.57 25.59 -22.87
C CYS B 455 -2.27 26.94 -22.74
N PHE B 456 -1.51 28.00 -22.92
CA PHE B 456 -2.08 29.29 -23.25
C PHE B 456 -2.28 29.31 -24.75
N CYS B 457 -3.41 28.80 -25.20
CA CYS B 457 -3.59 28.63 -26.63
C CYS B 457 -4.37 29.79 -27.22
N GLU B 458 -4.21 29.94 -28.53
CA GLU B 458 -4.91 30.94 -29.31
C GLU B 458 -6.04 30.24 -30.09
N ASP B 459 -7.00 31.02 -30.55
CA ASP B 459 -8.18 30.48 -31.22
C ASP B 459 -7.82 29.73 -32.49
N THR B 460 -7.03 30.34 -33.36
CA THR B 460 -6.49 29.66 -34.52
C THR B 460 -5.29 28.83 -34.09
N ASP B 461 -4.86 27.94 -34.98
CA ASP B 461 -3.69 27.13 -34.69
C ASP B 461 -2.43 27.97 -34.78
N TYR B 462 -1.41 27.56 -34.03
CA TYR B 462 -0.09 28.16 -34.19
C TYR B 462 0.45 27.74 -35.54
N PRO B 463 0.87 28.69 -36.38
CA PRO B 463 0.98 28.41 -37.81
C PRO B 463 2.18 27.56 -38.18
N TYR B 464 3.33 27.80 -37.57
CA TYR B 464 4.56 27.13 -37.93
C TYR B 464 5.11 26.32 -36.77
N LEU B 465 4.56 25.12 -36.57
CA LEU B 465 4.82 24.40 -35.33
C LEU B 465 5.88 23.34 -35.53
N GLY B 466 5.78 22.58 -36.61
CA GLY B 466 6.80 21.59 -36.88
C GLY B 466 7.57 21.92 -38.14
N THR B 467 7.78 23.21 -38.37
CA THR B 467 8.34 23.65 -39.63
C THR B 467 9.77 24.12 -39.42
N THR B 468 10.38 24.63 -40.50
CA THR B 468 11.75 25.09 -40.41
C THR B 468 11.82 26.53 -39.93
N MET B 469 10.68 27.20 -39.84
CA MET B 469 10.70 28.62 -39.53
C MET B 469 10.66 28.88 -38.03
N ASP B 470 10.17 27.90 -37.25
CA ASP B 470 9.90 28.11 -35.83
C ASP B 470 11.14 28.48 -35.05
N THR B 471 11.21 29.75 -34.66
CA THR B 471 12.40 30.27 -34.01
C THR B 471 11.98 31.40 -33.09
N TYR B 472 12.95 31.92 -32.34
CA TYR B 472 12.65 32.92 -31.33
C TYR B 472 12.23 34.25 -31.94
N LYS B 473 12.72 34.56 -33.13
CA LYS B 473 12.39 35.83 -33.78
C LYS B 473 10.92 35.88 -34.15
N GLU B 474 10.44 34.85 -34.83
CA GLU B 474 9.03 34.80 -35.20
C GLU B 474 8.14 34.61 -33.97
N LEU B 475 8.68 34.00 -32.92
CA LEU B 475 7.92 33.87 -31.69
C LEU B 475 7.70 35.21 -31.02
N ILE B 476 8.76 35.98 -30.81
CA ILE B 476 8.63 37.24 -30.08
C ILE B 476 7.99 38.30 -30.95
N GLU B 477 8.02 38.10 -32.27
CA GLU B 477 7.20 38.92 -33.14
C GLU B 477 5.73 38.55 -33.00
N ARG B 478 5.45 37.26 -32.77
CA ARG B 478 4.06 36.85 -32.61
C ARG B 478 3.50 37.26 -31.25
N ILE B 479 4.10 36.77 -30.17
CA ILE B 479 3.72 37.15 -28.82
C ILE B 479 4.63 38.30 -28.41
N PRO B 480 4.11 39.51 -28.21
CA PRO B 480 5.01 40.65 -28.02
C PRO B 480 5.66 40.69 -26.66
N GLU B 481 5.05 40.10 -25.63
CA GLU B 481 5.65 40.01 -24.31
C GLU B 481 5.64 38.56 -23.86
N LEU B 482 6.81 38.01 -23.61
CA LEU B 482 6.90 36.58 -23.43
C LEU B 482 7.16 36.24 -21.98
N ASN B 483 7.80 37.16 -21.26
CA ASN B 483 8.26 36.88 -19.92
C ASN B 483 7.08 36.80 -18.95
N LYS B 484 6.04 37.60 -19.18
CA LYS B 484 4.87 37.54 -18.32
C LYS B 484 4.05 36.30 -18.59
N VAL B 485 3.95 35.89 -19.85
CA VAL B 485 3.16 34.72 -20.19
C VAL B 485 3.80 33.45 -19.66
N ALA B 486 5.08 33.25 -19.94
CA ALA B 486 5.78 32.07 -19.42
C ALA B 486 5.93 32.15 -17.91
N ARG B 487 5.95 33.37 -17.37
CA ARG B 487 5.85 33.55 -15.92
C ARG B 487 4.55 32.97 -15.38
N ALA B 488 3.45 33.19 -16.10
CA ALA B 488 2.16 32.68 -15.63
C ALA B 488 2.08 31.16 -15.72
N ALA B 489 2.55 30.60 -16.83
CA ALA B 489 2.47 29.14 -16.99
C ALA B 489 3.37 28.41 -16.00
N ALA B 490 4.55 28.99 -15.73
CA ALA B 490 5.39 28.42 -14.69
C ALA B 490 4.76 28.57 -13.32
N GLU B 491 3.95 29.62 -13.12
CA GLU B 491 3.28 29.77 -11.84
C GLU B 491 2.21 28.69 -11.65
N VAL B 492 1.45 28.39 -12.71
CA VAL B 492 0.44 27.33 -12.64
C VAL B 492 1.08 25.99 -12.35
N ALA B 493 2.13 25.65 -13.08
CA ALA B 493 2.78 24.36 -12.85
C ALA B 493 3.50 24.32 -11.51
N GLY B 494 3.80 25.49 -10.93
CA GLY B 494 4.25 25.50 -9.55
C GLY B 494 3.12 25.17 -8.59
N GLN B 495 1.92 25.70 -8.86
CA GLN B 495 0.79 25.48 -7.97
C GLN B 495 0.41 24.00 -7.89
N PHE B 496 0.46 23.29 -9.03
CA PHE B 496 0.10 21.87 -9.01
C PHE B 496 1.05 21.06 -8.14
N VAL B 497 2.33 21.41 -8.14
CA VAL B 497 3.30 20.61 -7.41
C VAL B 497 3.22 20.91 -5.93
N ILE B 498 3.07 22.19 -5.58
CA ILE B 498 3.02 22.57 -4.17
C ILE B 498 1.75 22.02 -3.50
N LYS B 499 0.65 22.00 -4.25
CA LYS B 499 -0.60 21.53 -3.66
C LYS B 499 -0.58 20.02 -3.45
N LEU B 500 0.00 19.27 -4.39
CA LEU B 500 0.03 17.83 -4.24
C LEU B 500 1.01 17.38 -3.18
N THR B 501 2.05 18.17 -2.92
CA THR B 501 3.10 17.64 -2.06
C THR B 501 3.25 18.41 -0.75
N HIS B 502 2.38 19.37 -0.45
CA HIS B 502 2.65 20.15 0.77
C HIS B 502 2.02 19.51 2.01
N ASP B 503 1.05 18.62 1.83
CA ASP B 503 0.20 18.20 2.93
C ASP B 503 -0.01 16.68 2.91
N VAL B 504 -0.57 16.15 4.01
CA VAL B 504 -0.76 14.71 4.13
C VAL B 504 -1.96 14.24 3.32
N GLU B 505 -2.81 15.16 2.89
CA GLU B 505 -3.98 14.78 2.12
C GLU B 505 -3.74 15.03 0.64
N LEU B 506 -3.79 13.97 -0.15
CA LEU B 506 -3.74 14.06 -1.60
C LEU B 506 -4.93 14.85 -2.09
N ASN B 507 -4.73 15.68 -3.10
CA ASN B 507 -5.81 16.56 -3.50
C ASN B 507 -6.49 16.05 -4.77
N LEU B 508 -6.53 14.73 -4.91
CA LEU B 508 -7.26 14.10 -5.98
C LEU B 508 -8.73 14.01 -5.59
N ASP B 509 -9.61 14.05 -6.58
CA ASP B 509 -11.06 14.13 -6.36
C ASP B 509 -11.78 13.16 -7.27
N TYR B 510 -12.57 12.25 -6.69
CA TYR B 510 -13.06 11.06 -7.40
C TYR B 510 -14.52 11.18 -7.85
N GLU B 511 -15.27 12.14 -7.30
CA GLU B 511 -16.65 12.31 -7.72
C GLU B 511 -16.77 12.80 -9.15
N ARG B 512 -15.69 13.37 -9.69
CA ARG B 512 -15.65 13.72 -11.09
C ARG B 512 -15.83 12.48 -11.96
N TYR B 513 -15.14 11.39 -11.61
CA TYR B 513 -15.38 10.10 -12.23
C TYR B 513 -16.83 9.67 -12.11
N ASN B 514 -17.46 9.99 -10.97
CA ASN B 514 -18.87 9.65 -10.81
C ASN B 514 -19.73 10.39 -11.83
N SER B 515 -19.42 11.68 -12.08
CA SER B 515 -20.13 12.44 -13.10
C SER B 515 -19.94 11.85 -14.49
N GLN B 516 -18.71 11.38 -14.79
CA GLN B 516 -18.44 10.77 -16.08
C GLN B 516 -19.29 9.54 -16.31
N LEU B 517 -19.43 8.72 -15.26
CA LEU B 517 -20.26 7.53 -15.38
C LEU B 517 -21.70 7.89 -15.67
N LEU B 518 -22.20 8.96 -15.01
CA LEU B 518 -23.56 9.41 -15.25
C LEU B 518 -23.78 9.78 -16.69
N SER B 519 -22.81 10.48 -17.29
CA SER B 519 -22.95 10.88 -18.69
C SER B 519 -23.01 9.66 -19.60
N PHE B 520 -22.16 8.67 -19.32
CA PHE B 520 -22.17 7.46 -20.12
C PHE B 520 -23.52 6.75 -20.07
N VAL B 521 -24.09 6.64 -18.87
CA VAL B 521 -25.29 5.82 -18.77
C VAL B 521 -26.48 6.56 -19.39
N ARG B 522 -26.46 7.91 -19.30
CA ARG B 522 -27.51 8.68 -19.96
C ARG B 522 -27.46 8.48 -21.46
N ASP B 523 -26.24 8.42 -22.01
CA ASP B 523 -26.12 8.20 -23.44
C ASP B 523 -26.61 6.81 -23.82
N LEU B 524 -26.30 5.81 -23.01
CA LEU B 524 -26.72 4.46 -23.35
C LEU B 524 -28.20 4.29 -23.15
N ASN B 525 -28.80 5.14 -22.29
CA ASN B 525 -30.22 5.02 -22.00
C ASN B 525 -31.06 5.38 -23.21
N GLN B 526 -30.48 6.16 -24.13
CA GLN B 526 -31.23 6.59 -25.31
C GLN B 526 -31.49 5.44 -26.28
N TYR B 527 -30.90 4.29 -26.04
CA TYR B 527 -31.19 3.14 -26.88
C TYR B 527 -31.84 1.99 -26.13
N ARG B 528 -32.55 2.29 -25.03
CA ARG B 528 -33.00 1.23 -24.13
C ARG B 528 -33.95 0.25 -24.81
N ALA B 529 -34.72 0.75 -25.79
CA ALA B 529 -35.67 -0.09 -26.52
C ALA B 529 -34.97 -1.21 -27.26
N ASP B 530 -33.81 -0.92 -27.86
CA ASP B 530 -33.08 -1.93 -28.60
C ASP B 530 -32.57 -3.03 -27.69
N ILE B 531 -32.04 -2.63 -26.53
CA ILE B 531 -31.52 -3.63 -25.59
C ILE B 531 -32.67 -4.44 -25.04
N LYS B 532 -33.83 -3.81 -24.85
CA LYS B 532 -34.99 -4.50 -24.31
C LYS B 532 -35.50 -5.55 -25.28
N GLU B 533 -35.20 -5.39 -26.57
CA GLU B 533 -35.72 -6.36 -27.52
C GLU B 533 -34.63 -7.31 -27.98
N MET B 534 -33.40 -7.17 -27.48
CA MET B 534 -32.45 -8.26 -27.72
C MET B 534 -32.55 -9.33 -26.66
N GLY B 535 -33.41 -9.15 -25.68
CA GLY B 535 -33.45 -10.04 -24.54
C GLY B 535 -32.54 -9.62 -23.41
N LEU B 536 -31.73 -8.60 -23.62
CA LEU B 536 -30.85 -8.10 -22.58
C LEU B 536 -31.58 -7.11 -21.70
N SER B 537 -31.16 -7.04 -20.45
CA SER B 537 -31.67 -6.05 -19.51
C SER B 537 -30.55 -5.09 -19.18
N LEU B 538 -30.88 -3.82 -19.13
CA LEU B 538 -29.89 -2.79 -18.92
C LEU B 538 -29.75 -2.43 -17.45
N GLN B 539 -30.55 -3.07 -16.59
CA GLN B 539 -30.72 -2.59 -15.22
C GLN B 539 -29.46 -2.82 -14.38
N TRP B 540 -28.68 -3.83 -14.73
CA TRP B 540 -27.52 -4.17 -13.91
C TRP B 540 -26.45 -3.10 -14.00
N LEU B 541 -26.46 -2.33 -15.08
CA LEU B 541 -25.48 -1.27 -15.21
C LEU B 541 -25.93 -0.03 -14.45
N TYR B 542 -27.25 0.18 -14.34
CA TYR B 542 -27.80 1.17 -13.43
C TYR B 542 -27.35 0.89 -12.00
N SER B 543 -27.51 -0.36 -11.56
CA SER B 543 -27.09 -0.71 -10.21
C SER B 543 -25.58 -0.64 -10.06
N ALA B 544 -24.84 -0.83 -11.15
CA ALA B 544 -23.40 -0.66 -11.11
C ALA B 544 -23.01 0.79 -10.83
N ARG B 545 -23.60 1.73 -11.58
CA ARG B 545 -23.29 3.14 -11.39
C ARG B 545 -23.68 3.61 -10.00
N GLY B 546 -24.87 3.24 -9.56
CA GLY B 546 -25.30 3.64 -8.21
C GLY B 546 -24.43 3.03 -7.14
N ASP B 547 -23.90 1.83 -7.40
CA ASP B 547 -23.02 1.21 -6.43
C ASP B 547 -21.69 1.95 -6.35
N PHE B 548 -21.26 2.53 -7.48
CA PHE B 548 -20.06 3.36 -7.45
C PHE B 548 -20.30 4.64 -6.65
N PHE B 549 -21.54 5.18 -6.71
CA PHE B 549 -21.86 6.34 -5.88
C PHE B 549 -21.79 5.99 -4.39
N ARG B 550 -22.23 4.78 -4.02
CA ARG B 550 -22.13 4.43 -2.60
C ARG B 550 -20.69 4.21 -2.18
N ALA B 551 -19.86 3.78 -3.12
CA ALA B 551 -18.43 3.67 -2.82
C ALA B 551 -17.80 5.03 -2.51
N THR B 552 -17.92 6.00 -3.43
CA THR B 552 -17.25 7.27 -3.20
C THR B 552 -17.87 8.06 -2.07
N SER B 553 -19.18 7.90 -1.85
CA SER B 553 -19.77 8.57 -0.70
C SER B 553 -19.28 7.96 0.61
N ARG B 554 -19.10 6.63 0.63
CA ARG B 554 -18.58 6.00 1.84
C ARG B 554 -17.16 6.44 2.13
N LEU B 555 -16.36 6.63 1.09
CA LEU B 555 -14.98 7.03 1.34
C LEU B 555 -14.89 8.50 1.73
N THR B 556 -15.84 9.32 1.26
CA THR B 556 -15.87 10.71 1.69
C THR B 556 -16.20 10.82 3.17
N THR B 557 -17.15 10.02 3.65
CA THR B 557 -17.39 10.01 5.09
C THR B 557 -16.22 9.41 5.86
N ASP B 558 -15.48 8.48 5.23
CA ASP B 558 -14.30 7.93 5.90
C ASP B 558 -13.19 8.97 6.06
N PHE B 559 -13.07 9.89 5.10
CA PHE B 559 -12.27 11.08 5.36
C PHE B 559 -12.91 11.96 6.41
N GLY B 560 -14.23 11.86 6.55
CA GLY B 560 -14.91 12.67 7.55
C GLY B 560 -14.57 12.29 8.97
N ASN B 561 -14.39 10.99 9.23
CA ASN B 561 -14.27 10.56 10.61
C ASN B 561 -12.83 10.25 11.01
N ALA B 562 -11.85 10.78 10.29
CA ALA B 562 -10.47 10.41 10.59
C ALA B 562 -9.69 11.58 11.16
N GLU B 563 -8.72 11.28 12.04
CA GLU B 563 -7.77 12.28 12.50
C GLU B 563 -6.81 12.63 11.39
N LYS B 564 -6.78 13.91 11.02
CA LYS B 564 -5.92 14.32 9.92
C LYS B 564 -4.47 14.42 10.37
N THR B 565 -4.23 14.70 11.65
CA THR B 565 -2.85 14.83 12.12
C THR B 565 -2.22 13.47 12.33
N ASP B 566 -3.03 12.46 12.60
CA ASP B 566 -2.53 11.09 12.67
C ASP B 566 -2.26 10.63 11.24
N ARG B 567 -1.26 9.77 11.08
CA ARG B 567 -0.74 9.55 9.74
C ARG B 567 -0.99 8.12 9.25
N PHE B 568 -1.06 7.16 10.17
CA PHE B 568 -1.24 5.78 9.74
C PHE B 568 -2.64 5.54 9.24
N VAL B 569 -3.62 6.24 9.82
CA VAL B 569 -4.99 6.05 9.36
C VAL B 569 -5.23 6.85 8.08
N MET B 570 -4.34 7.81 7.77
CA MET B 570 -4.44 8.51 6.49
C MET B 570 -3.71 7.74 5.40
N LYS B 571 -2.76 6.90 5.78
CA LYS B 571 -2.08 6.06 4.81
C LYS B 571 -3.03 5.06 4.17
N LYS B 572 -3.84 4.37 4.99
CA LYS B 572 -4.74 3.33 4.48
C LYS B 572 -5.81 3.93 3.56
N LEU B 573 -6.15 5.18 3.75
CA LEU B 573 -7.16 5.79 2.89
C LEU B 573 -6.51 6.35 1.63
N ASN B 574 -5.30 6.90 1.75
CA ASN B 574 -4.63 7.44 0.56
C ASN B 574 -4.23 6.34 -0.41
N ASP B 575 -4.02 5.12 0.08
CA ASP B 575 -3.76 4.02 -0.86
C ASP B 575 -4.98 3.70 -1.70
N ARG B 576 -6.17 3.86 -1.13
CA ARG B 576 -7.40 3.62 -1.88
C ARG B 576 -7.62 4.71 -2.92
N VAL B 577 -7.29 5.96 -2.56
CA VAL B 577 -7.39 7.05 -3.52
C VAL B 577 -6.41 6.87 -4.66
N MET B 578 -5.20 6.36 -4.37
CA MET B 578 -4.26 6.12 -5.45
C MET B 578 -4.64 4.88 -6.26
N ARG B 579 -5.48 4.02 -5.73
CA ARG B 579 -5.79 2.82 -6.48
C ARG B 579 -7.01 3.01 -7.39
N VAL B 580 -7.83 4.04 -7.11
CA VAL B 580 -9.07 4.23 -7.86
C VAL B 580 -8.79 4.66 -9.29
N GLU B 581 -7.58 5.08 -9.59
CA GLU B 581 -7.23 5.29 -10.99
C GLU B 581 -6.87 3.96 -11.65
N TYR B 582 -6.14 3.11 -10.93
CA TYR B 582 -5.60 1.89 -11.53
C TYR B 582 -6.71 0.91 -11.86
N HIS B 583 -7.79 0.90 -11.08
CA HIS B 583 -8.78 -0.16 -11.25
C HIS B 583 -9.66 0.03 -12.49
N PHE B 584 -9.55 1.17 -13.17
CA PHE B 584 -10.29 1.33 -14.42
C PHE B 584 -9.60 0.69 -15.60
N LEU B 585 -8.37 0.23 -15.43
CA LEU B 585 -7.71 -0.49 -16.50
C LEU B 585 -8.34 -1.87 -16.62
N SER B 586 -8.69 -2.25 -17.85
CA SER B 586 -9.32 -3.55 -18.08
C SER B 586 -8.35 -4.67 -17.75
N PRO B 587 -8.74 -5.63 -16.93
CA PRO B 587 -7.86 -6.78 -16.72
C PRO B 587 -7.99 -7.82 -17.81
N TYR B 588 -8.80 -7.58 -18.84
CA TYR B 588 -9.15 -8.68 -19.72
C TYR B 588 -8.46 -8.56 -21.08
N VAL B 589 -7.79 -7.46 -21.37
CA VAL B 589 -7.09 -7.37 -22.64
C VAL B 589 -5.60 -7.59 -22.46
N SER B 590 -4.96 -8.04 -23.52
CA SER B 590 -3.52 -8.26 -23.49
C SER B 590 -2.79 -6.92 -23.53
N PRO B 591 -1.87 -6.66 -22.60
CA PRO B 591 -1.14 -5.38 -22.64
C PRO B 591 -0.09 -5.32 -23.73
N LYS B 592 0.20 -6.43 -24.40
CA LYS B 592 1.12 -6.36 -25.53
C LYS B 592 0.35 -6.15 -26.83
N GLU B 593 -0.84 -6.74 -26.95
CA GLU B 593 -1.62 -6.57 -28.17
C GLU B 593 -2.19 -5.17 -28.26
N SER B 594 -3.03 -4.78 -27.31
CA SER B 594 -3.63 -3.46 -27.29
C SER B 594 -3.15 -2.73 -26.05
N PRO B 595 -2.22 -1.80 -26.17
CA PRO B 595 -1.54 -1.28 -24.97
C PRO B 595 -2.39 -0.34 -24.14
N PHE B 596 -3.12 0.57 -24.76
CA PHE B 596 -3.84 1.61 -24.03
C PHE B 596 -5.15 1.04 -23.56
N ARG B 597 -5.20 0.61 -22.32
CA ARG B 597 -6.31 -0.21 -21.84
C ARG B 597 -7.12 0.47 -20.74
N HIS B 598 -7.22 1.79 -20.77
CA HIS B 598 -8.07 2.51 -19.83
C HIS B 598 -9.43 2.68 -20.47
N VAL B 599 -10.49 2.26 -19.77
CA VAL B 599 -11.78 2.06 -20.42
C VAL B 599 -12.41 3.38 -20.81
N PHE B 600 -12.12 4.45 -20.08
CA PHE B 600 -12.66 5.73 -20.47
C PHE B 600 -11.83 6.36 -21.58
N TRP B 601 -10.50 6.41 -21.41
CA TRP B 601 -9.62 6.99 -22.41
C TRP B 601 -8.61 5.98 -22.91
N GLY B 602 -8.99 5.18 -23.89
CA GLY B 602 -8.08 4.20 -24.42
C GLY B 602 -8.26 4.08 -25.92
N SER B 603 -7.80 2.98 -26.46
CA SER B 603 -7.97 2.68 -27.86
C SER B 603 -8.38 1.23 -28.00
N GLY B 604 -9.24 0.93 -28.94
CA GLY B 604 -9.54 -0.44 -29.27
C GLY B 604 -11.02 -0.69 -29.28
N SER B 605 -11.37 -1.92 -28.88
CA SER B 605 -12.76 -2.33 -28.89
C SER B 605 -13.27 -2.54 -27.47
N HIS B 606 -12.38 -2.50 -26.50
CA HIS B 606 -12.81 -2.80 -25.13
C HIS B 606 -13.30 -1.57 -24.41
N THR B 607 -13.05 -0.37 -24.94
CA THR B 607 -13.36 0.84 -24.21
C THR B 607 -14.86 1.12 -24.22
N LEU B 608 -15.27 2.14 -23.49
CA LEU B 608 -16.69 2.45 -23.43
C LEU B 608 -17.25 3.16 -24.67
N PRO B 609 -16.60 4.18 -25.28
CA PRO B 609 -17.17 4.72 -26.52
C PRO B 609 -17.15 3.76 -27.69
N ALA B 610 -16.36 2.69 -27.61
CA ALA B 610 -16.46 1.65 -28.64
C ALA B 610 -17.73 0.84 -28.46
N LEU B 611 -18.12 0.59 -27.21
CA LEU B 611 -19.39 -0.08 -26.93
C LEU B 611 -20.54 0.76 -27.45
N LEU B 612 -20.52 2.05 -27.14
CA LEU B 612 -21.61 2.92 -27.57
C LEU B 612 -21.62 3.07 -29.09
N GLU B 613 -20.45 3.03 -29.71
CA GLU B 613 -20.36 3.17 -31.15
C GLU B 613 -20.91 1.95 -31.88
N ASN B 614 -20.58 0.75 -31.38
CA ASN B 614 -21.10 -0.47 -31.99
C ASN B 614 -22.60 -0.55 -31.83
N LEU B 615 -23.12 -0.03 -30.71
CA LEU B 615 -24.55 -0.10 -30.49
C LEU B 615 -25.29 0.89 -31.38
N LYS B 616 -24.60 1.94 -31.83
CA LYS B 616 -25.17 2.78 -32.88
C LYS B 616 -25.26 2.05 -34.20
N LEU B 617 -24.25 1.23 -34.53
CA LEU B 617 -24.33 0.48 -35.78
C LEU B 617 -25.38 -0.62 -35.73
N ARG B 618 -25.92 -0.91 -34.56
CA ARG B 618 -27.08 -1.79 -34.50
C ARG B 618 -28.31 -1.16 -35.14
N LYS B 619 -28.57 0.13 -34.86
CA LYS B 619 -29.74 0.77 -35.45
C LYS B 619 -29.47 1.17 -36.89
N GLN B 620 -28.21 1.13 -37.31
CA GLN B 620 -27.90 1.39 -38.71
C GLN B 620 -28.53 0.36 -39.64
N ASN B 621 -28.64 -0.89 -39.16
CA ASN B 621 -29.33 -2.04 -39.77
C ASN B 621 -28.80 -2.39 -41.16
N ASN B 622 -27.55 -2.09 -41.46
CA ASN B 622 -26.96 -2.53 -42.71
C ASN B 622 -26.19 -3.84 -42.53
N GLY B 623 -26.41 -4.50 -41.40
CA GLY B 623 -25.75 -5.74 -41.08
C GLY B 623 -24.25 -5.61 -40.86
N ALA B 624 -23.81 -4.54 -40.21
CA ALA B 624 -22.38 -4.32 -40.01
C ALA B 624 -21.97 -4.37 -38.55
N PHE B 625 -22.87 -4.75 -37.66
CA PHE B 625 -22.51 -4.95 -36.26
C PHE B 625 -22.50 -6.43 -35.95
N ASN B 626 -22.16 -6.76 -34.72
CA ASN B 626 -21.51 -8.03 -34.42
C ASN B 626 -22.35 -8.84 -33.44
N GLU B 627 -22.78 -8.17 -32.35
CA GLU B 627 -23.84 -8.55 -31.41
C GLU B 627 -23.43 -9.67 -30.45
N THR B 628 -22.47 -10.50 -30.82
CA THR B 628 -21.85 -11.34 -29.80
C THR B 628 -20.70 -10.60 -29.18
N LEU B 629 -20.00 -9.83 -30.01
CA LEU B 629 -19.07 -8.84 -29.51
C LEU B 629 -19.77 -7.81 -28.64
N PHE B 630 -21.02 -7.48 -28.96
CA PHE B 630 -21.74 -6.54 -28.10
C PHE B 630 -22.10 -7.17 -26.76
N ARG B 631 -22.51 -8.44 -26.76
CA ARG B 631 -22.79 -9.09 -25.49
C ARG B 631 -21.54 -9.19 -24.62
N ASN B 632 -20.40 -9.51 -25.22
CA ASN B 632 -19.15 -9.56 -24.46
C ASN B 632 -18.75 -8.18 -23.96
N GLN B 633 -18.98 -7.14 -24.76
CA GLN B 633 -18.59 -5.81 -24.34
C GLN B 633 -19.46 -5.32 -23.19
N LEU B 634 -20.74 -5.67 -23.20
CA LEU B 634 -21.60 -5.24 -22.08
C LEU B 634 -21.28 -6.01 -20.82
N ALA B 635 -20.95 -7.30 -20.95
CA ALA B 635 -20.58 -8.09 -19.79
C ALA B 635 -19.29 -7.58 -19.15
N LEU B 636 -18.25 -7.36 -19.96
CA LEU B 636 -16.97 -6.97 -19.39
C LEU B 636 -16.97 -5.52 -18.92
N ALA B 637 -17.67 -4.63 -19.62
CA ALA B 637 -17.73 -3.25 -19.15
C ALA B 637 -18.56 -3.13 -17.89
N THR B 638 -19.66 -3.89 -17.81
CA THR B 638 -20.49 -3.90 -16.62
C THR B 638 -19.73 -4.43 -15.41
N TRP B 639 -18.96 -5.49 -15.59
CA TRP B 639 -18.28 -6.04 -14.43
C TRP B 639 -16.99 -5.28 -14.13
N THR B 640 -16.49 -4.49 -15.08
CA THR B 640 -15.35 -3.64 -14.73
C THR B 640 -15.79 -2.47 -13.87
N ILE B 641 -16.90 -1.82 -14.23
CA ILE B 641 -17.44 -0.76 -13.39
C ILE B 641 -17.84 -1.29 -12.02
N GLN B 642 -18.52 -2.43 -11.99
CA GLN B 642 -18.91 -3.05 -10.73
C GLN B 642 -17.70 -3.46 -9.92
N GLY B 643 -16.64 -3.92 -10.58
CA GLY B 643 -15.47 -4.39 -9.86
C GLY B 643 -14.70 -3.26 -9.21
N ALA B 644 -14.59 -2.13 -9.91
CA ALA B 644 -13.96 -0.97 -9.29
C ALA B 644 -14.82 -0.42 -8.16
N ALA B 645 -16.14 -0.51 -8.31
CA ALA B 645 -17.03 0.00 -7.26
C ALA B 645 -16.95 -0.85 -6.01
N ASN B 646 -16.81 -2.17 -6.15
CA ASN B 646 -16.63 -2.99 -4.96
C ASN B 646 -15.27 -2.77 -4.35
N ALA B 647 -14.24 -2.60 -5.18
CA ALA B 647 -12.89 -2.53 -4.64
C ALA B 647 -12.62 -1.20 -3.96
N LEU B 648 -13.43 -0.19 -4.25
CA LEU B 648 -13.24 1.08 -3.55
C LEU B 648 -13.82 1.03 -2.14
N SER B 649 -14.99 0.41 -1.98
CA SER B 649 -15.73 0.49 -0.72
C SER B 649 -15.37 -0.68 0.18
N GLY B 650 -14.39 -0.48 1.04
CA GLY B 650 -14.19 -1.41 2.14
C GLY B 650 -13.54 -2.71 1.74
N ASP B 651 -13.84 -3.74 2.52
CA ASP B 651 -13.19 -5.04 2.43
C ASP B 651 -13.99 -5.96 1.52
N VAL B 652 -13.69 -7.25 1.60
CA VAL B 652 -14.49 -8.24 0.88
C VAL B 652 -15.83 -8.46 1.56
N TRP B 653 -15.82 -8.74 2.87
CA TRP B 653 -17.06 -9.10 3.55
C TRP B 653 -18.02 -7.93 3.67
N ASP B 654 -17.49 -6.71 3.60
CA ASP B 654 -18.32 -5.53 3.75
C ASP B 654 -19.10 -5.22 2.46
N ILE B 655 -18.76 -5.88 1.36
CA ILE B 655 -19.53 -5.82 0.12
C ILE B 655 -20.87 -6.46 0.38
N ASP B 656 -21.93 -5.87 -0.17
CA ASP B 656 -23.22 -6.54 -0.20
C ASP B 656 -23.71 -6.68 -1.63
N ASN B 657 -23.92 -7.91 -2.06
CA ASN B 657 -24.67 -8.22 -3.26
C ASN B 657 -25.85 -9.08 -2.85
N GLU B 658 -27.03 -8.74 -3.37
CA GLU B 658 -28.28 -9.51 -3.24
C GLU B 658 -28.75 -9.61 -1.78
N PHE B 659 -28.24 -8.71 -0.93
CA PHE B 659 -28.66 -8.64 0.47
C PHE B 659 -28.91 -7.19 0.89
N VAL C 20 17.37 35.82 8.49
CA VAL C 20 16.33 35.04 9.14
C VAL C 20 16.89 33.66 9.52
N PRO C 21 16.36 33.07 10.60
CA PRO C 21 17.00 33.23 11.91
C PRO C 21 18.38 32.60 11.96
N ASP C 22 19.23 33.09 12.86
CA ASP C 22 20.64 32.72 12.85
C ASP C 22 20.87 31.35 13.50
N LYS C 23 22.14 30.99 13.68
CA LYS C 23 22.49 29.69 14.25
C LYS C 23 22.25 29.66 15.75
N THR C 24 21.75 28.52 16.22
CA THR C 24 21.66 28.25 17.65
C THR C 24 21.90 26.76 17.88
N VAL C 25 22.53 26.44 19.01
CA VAL C 25 22.71 25.06 19.43
C VAL C 25 21.73 24.80 20.55
N ARG C 26 21.09 23.65 20.53
CA ARG C 26 20.20 23.25 21.61
C ARG C 26 20.64 21.90 22.15
N TRP C 27 20.45 21.70 23.44
CA TRP C 27 20.79 20.46 24.10
C TRP C 27 19.52 19.87 24.67
N CYS C 28 19.49 18.54 24.78
CA CYS C 28 18.32 17.85 25.30
C CYS C 28 18.58 17.32 26.71
N ALA C 29 17.65 17.60 27.61
CA ALA C 29 17.84 17.38 29.03
C ALA C 29 16.91 16.27 29.52
N VAL C 30 17.28 15.62 30.61
CA VAL C 30 16.54 14.45 31.08
C VAL C 30 15.62 14.81 32.24
N SER C 31 16.10 15.64 33.17
CA SER C 31 15.33 15.97 34.36
C SER C 31 15.57 17.42 34.73
N GLU C 32 15.27 17.75 36.00
CA GLU C 32 15.49 19.11 36.47
C GLU C 32 16.96 19.36 36.79
N HIS C 33 17.67 18.33 37.24
CA HIS C 33 19.10 18.47 37.46
C HIS C 33 19.83 18.77 36.17
N GLU C 34 19.38 18.14 35.09
CA GLU C 34 19.92 18.44 33.77
C GLU C 34 19.57 19.86 33.34
N ALA C 35 18.43 20.38 33.80
CA ALA C 35 18.04 21.73 33.44
C ALA C 35 18.87 22.76 34.20
N THR C 36 19.20 22.46 35.45
CA THR C 36 20.04 23.35 36.25
C THR C 36 21.47 23.38 35.71
N LYS C 37 22.06 22.21 35.49
CA LYS C 37 23.42 22.14 34.96
C LYS C 37 23.47 22.69 33.54
N CYS C 38 22.42 22.44 32.76
CA CYS C 38 22.34 23.01 31.42
C CYS C 38 22.20 24.52 31.47
N GLN C 39 21.58 25.05 32.54
CA GLN C 39 21.42 26.49 32.66
C GLN C 39 22.74 27.16 32.98
N SER C 40 23.51 26.59 33.92
CA SER C 40 24.84 27.13 34.21
C SER C 40 25.76 26.99 33.01
N PHE C 41 25.62 25.89 32.27
CA PHE C 41 26.38 25.67 31.06
C PHE C 41 26.04 26.70 29.99
N ARG C 42 24.77 27.12 29.94
CA ARG C 42 24.36 28.16 29.00
C ARG C 42 25.02 29.49 29.34
N ASP C 43 24.99 29.88 30.61
CA ASP C 43 25.47 31.20 30.96
C ASP C 43 26.98 31.29 30.88
N HIS C 44 27.67 30.19 31.17
CA HIS C 44 29.12 30.19 31.00
C HIS C 44 29.50 30.20 29.53
N MET C 45 28.80 29.44 28.70
CA MET C 45 29.18 29.38 27.29
C MET C 45 28.71 30.59 26.52
N LYS C 46 27.76 31.35 27.07
CA LYS C 46 27.48 32.66 26.49
C LYS C 46 28.43 33.70 27.06
N SER C 47 29.09 33.39 28.18
CA SER C 47 30.09 34.31 28.69
C SER C 47 31.35 34.29 27.82
N VAL C 48 31.74 33.12 27.32
CA VAL C 48 33.03 33.05 26.61
C VAL C 48 32.90 33.52 25.15
N ILE C 49 31.91 33.01 24.42
CA ILE C 49 31.85 33.13 22.96
C ILE C 49 31.45 34.55 22.57
N PRO C 50 32.02 35.12 21.52
CA PRO C 50 31.53 36.41 21.01
C PRO C 50 30.08 36.33 20.55
N SER C 51 29.48 37.51 20.43
CA SER C 51 28.02 37.61 20.29
C SER C 51 27.52 37.14 18.94
N ASP C 52 28.42 36.93 17.98
CA ASP C 52 28.01 36.40 16.69
C ASP C 52 28.04 34.89 16.68
N GLY C 53 28.75 34.28 17.64
CA GLY C 53 28.81 32.84 17.76
C GLY C 53 27.60 32.28 18.47
N PRO C 54 27.15 31.08 18.07
CA PRO C 54 25.94 30.52 18.68
C PRO C 54 26.20 29.99 20.06
N SER C 55 25.12 29.84 20.81
CA SER C 55 25.17 29.48 22.22
C SER C 55 24.35 28.23 22.46
N VAL C 56 24.37 27.77 23.72
CA VAL C 56 23.62 26.58 24.09
C VAL C 56 22.18 26.98 24.38
N ALA C 57 21.26 26.06 24.15
CA ALA C 57 19.91 26.17 24.64
C ALA C 57 19.60 24.90 25.41
N CYS C 58 18.50 24.89 26.13
CA CYS C 58 18.12 23.74 26.94
C CYS C 58 16.68 23.39 26.64
N VAL C 59 16.44 22.14 26.21
CA VAL C 59 15.10 21.61 26.01
C VAL C 59 14.95 20.40 26.90
N LYS C 60 14.05 20.50 27.87
CA LYS C 60 13.81 19.44 28.84
C LYS C 60 12.86 18.43 28.22
N LYS C 61 13.22 17.16 28.29
CA LYS C 61 12.35 16.05 27.91
C LYS C 61 12.27 15.11 29.09
N ALA C 62 11.30 14.20 29.06
CA ALA C 62 11.10 13.32 30.21
C ALA C 62 12.10 12.18 30.21
N SER C 63 12.32 11.54 29.08
CA SER C 63 13.19 10.36 29.00
C SER C 63 14.17 10.49 27.84
N TYR C 64 15.11 9.56 27.77
CA TYR C 64 16.11 9.61 26.71
C TYR C 64 15.50 9.19 25.38
N LEU C 65 14.54 8.27 25.40
CA LEU C 65 13.99 7.75 24.17
C LEU C 65 13.07 8.77 23.52
N ASP C 66 12.30 9.47 24.36
CA ASP C 66 11.52 10.60 23.90
C ASP C 66 12.42 11.72 23.42
N CYS C 67 13.63 11.81 23.97
CA CYS C 67 14.61 12.77 23.48
C CYS C 67 15.15 12.36 22.12
N ILE C 68 15.25 11.05 21.87
CA ILE C 68 15.69 10.58 20.56
C ILE C 68 14.65 10.94 19.51
N ARG C 69 13.38 10.74 19.83
CA ARG C 69 12.36 11.15 18.86
C ARG C 69 12.24 12.67 18.81
N ALA C 70 12.71 13.36 19.84
CA ALA C 70 12.77 14.81 19.78
C ALA C 70 13.87 15.28 18.84
N ILE C 71 14.96 14.52 18.72
CA ILE C 71 15.98 14.89 17.75
C ILE C 71 15.51 14.57 16.35
N ALA C 72 14.94 13.37 16.16
CA ALA C 72 14.52 12.96 14.82
C ALA C 72 13.36 13.80 14.31
N ALA C 73 12.59 14.40 15.20
CA ALA C 73 11.56 15.33 14.75
C ALA C 73 11.98 16.77 14.97
N ASN C 74 13.28 17.03 14.88
CA ASN C 74 14.01 18.30 14.92
C ASN C 74 13.69 19.24 16.07
N GLU C 75 13.08 18.79 17.17
CA GLU C 75 12.94 19.69 18.30
C GLU C 75 14.22 19.79 19.11
N ALA C 76 15.14 18.84 18.97
CA ALA C 76 16.40 18.86 19.71
C ALA C 76 17.53 18.48 18.77
N ASP C 77 18.77 18.78 19.17
CA ASP C 77 19.88 18.54 18.26
C ASP C 77 20.85 17.49 18.79
N ALA C 78 21.20 17.53 20.07
CA ALA C 78 22.27 16.68 20.56
C ALA C 78 21.91 16.12 21.91
N VAL C 79 22.36 14.89 22.17
CA VAL C 79 22.22 14.27 23.49
C VAL C 79 23.19 13.11 23.61
N THR C 80 23.59 12.79 24.83
CA THR C 80 24.60 11.78 25.14
C THR C 80 23.92 10.44 25.43
N LEU C 81 24.46 9.36 24.87
CA LEU C 81 23.91 8.03 25.08
C LEU C 81 25.05 7.06 25.39
N ASP C 82 24.69 5.83 25.73
CA ASP C 82 25.65 4.74 25.80
C ASP C 82 25.99 4.20 24.43
N ALA C 83 26.70 3.07 24.44
CA ALA C 83 26.92 2.33 23.20
C ALA C 83 25.67 1.57 22.80
N GLY C 84 25.12 0.78 23.73
CA GLY C 84 23.94 -0.01 23.41
C GLY C 84 22.74 0.85 23.10
N LEU C 85 22.67 2.01 23.73
CA LEU C 85 21.59 2.94 23.41
C LEU C 85 21.84 3.62 22.07
N VAL C 86 23.11 3.78 21.68
CA VAL C 86 23.41 4.20 20.31
C VAL C 86 22.88 3.19 19.31
N TYR C 87 22.96 1.90 19.65
CA TYR C 87 22.37 0.89 18.76
C TYR C 87 20.85 1.02 18.69
N ASP C 88 20.22 1.47 19.76
CA ASP C 88 18.78 1.74 19.67
C ASP C 88 18.51 3.00 18.88
N ALA C 89 19.42 3.97 18.93
CA ALA C 89 19.16 5.23 18.24
C ALA C 89 19.52 5.15 16.78
N TYR C 90 20.25 4.10 16.39
CA TYR C 90 20.66 3.97 15.00
C TYR C 90 19.51 3.62 14.09
N LEU C 91 18.51 2.93 14.63
CA LEU C 91 17.49 2.27 13.85
C LEU C 91 16.59 3.28 13.17
N ALA C 92 15.92 2.84 12.11
CA ALA C 92 14.90 3.68 11.50
C ALA C 92 13.68 3.69 12.40
N PRO C 93 12.93 4.80 12.46
CA PRO C 93 13.03 6.08 11.75
C PRO C 93 13.91 7.08 12.43
N ASN C 94 14.68 6.67 13.43
CA ASN C 94 15.44 7.64 14.21
C ASN C 94 16.62 8.19 13.42
N ASN C 95 17.42 7.31 12.81
CA ASN C 95 18.51 7.65 11.89
C ASN C 95 19.53 8.58 12.53
N LEU C 96 19.91 8.27 13.76
CA LEU C 96 20.87 9.10 14.46
C LEU C 96 22.29 8.78 14.00
N LYS C 97 23.25 9.54 14.51
CA LYS C 97 24.64 9.39 14.12
C LYS C 97 25.54 9.79 15.27
N PRO C 98 26.54 9.00 15.59
CA PRO C 98 27.49 9.38 16.66
C PRO C 98 28.52 10.41 16.21
N VAL C 99 28.65 11.55 16.89
CA VAL C 99 29.50 12.60 16.33
C VAL C 99 30.69 12.92 17.22
N VAL C 100 30.54 12.88 18.55
CA VAL C 100 31.62 13.26 19.47
C VAL C 100 31.68 12.27 20.61
N ALA C 101 32.82 11.60 20.74
CA ALA C 101 33.03 10.68 21.85
C ALA C 101 33.86 11.36 22.91
N GLU C 102 34.27 10.59 23.91
CA GLU C 102 34.95 11.12 25.07
C GLU C 102 35.89 10.08 25.67
N PHE C 103 37.06 10.51 26.15
CA PHE C 103 38.06 9.60 26.69
C PHE C 103 38.18 9.74 28.20
N TYR C 104 38.66 8.67 28.83
CA TYR C 104 38.56 8.52 30.28
C TYR C 104 39.92 8.57 30.96
N GLY C 105 40.99 8.45 30.20
CA GLY C 105 42.30 8.47 30.81
C GLY C 105 42.76 9.86 31.17
N SER C 106 44.03 9.98 31.50
CA SER C 106 44.61 11.30 31.57
C SER C 106 44.85 11.82 30.16
N LYS C 107 45.25 13.08 30.07
CA LYS C 107 45.57 13.65 28.76
C LYS C 107 46.90 13.14 28.24
N GLU C 108 47.68 12.48 29.10
CA GLU C 108 48.91 11.82 28.66
C GLU C 108 48.59 10.65 27.74
N ASP C 109 47.51 9.92 28.04
CA ASP C 109 47.06 8.81 27.21
C ASP C 109 45.54 8.71 27.25
N PRO C 110 44.84 9.10 26.20
CA PRO C 110 43.39 8.89 26.15
C PRO C 110 43.02 7.43 25.99
N GLN C 111 41.96 7.00 26.65
CA GLN C 111 41.42 5.65 26.49
C GLN C 111 39.96 5.77 26.11
N THR C 112 39.58 5.10 25.02
CA THR C 112 38.22 5.24 24.53
C THR C 112 37.32 4.13 25.07
N PHE C 113 37.86 2.92 25.21
CA PHE C 113 37.08 1.86 25.82
C PHE C 113 37.14 1.95 27.34
N TYR C 114 36.13 1.40 28.02
CA TYR C 114 36.18 1.21 29.46
C TYR C 114 35.65 -0.17 29.81
N TYR C 115 35.85 -0.59 31.05
CA TYR C 115 35.59 -1.97 31.42
C TYR C 115 34.22 -2.13 32.07
N ALA C 116 33.72 -3.36 32.07
CA ALA C 116 32.48 -3.72 32.75
C ALA C 116 32.77 -4.74 33.84
N VAL C 117 32.38 -4.43 35.09
CA VAL C 117 32.61 -5.31 36.22
C VAL C 117 31.34 -5.46 37.04
N ALA C 118 31.36 -6.43 37.94
CA ALA C 118 30.21 -6.78 38.77
C ALA C 118 30.62 -6.80 40.23
N VAL C 119 30.24 -5.76 40.97
CA VAL C 119 30.61 -5.60 42.37
C VAL C 119 29.60 -6.33 43.25
N VAL C 120 30.10 -6.94 44.33
CA VAL C 120 29.27 -7.64 45.31
C VAL C 120 29.70 -7.24 46.72
N LYS C 121 29.07 -7.89 47.69
CA LYS C 121 29.39 -7.68 49.10
C LYS C 121 30.49 -8.66 49.52
N LYS C 122 31.30 -8.26 50.51
CA LYS C 122 32.28 -9.18 51.09
C LYS C 122 31.57 -10.30 51.82
N ASP C 123 32.16 -11.49 51.76
CA ASP C 123 31.75 -12.72 52.46
C ASP C 123 30.36 -13.18 52.05
N SER C 124 29.83 -12.70 50.93
CA SER C 124 28.63 -13.28 50.36
C SER C 124 28.90 -14.70 49.89
N GLY C 125 30.05 -14.93 49.29
CA GLY C 125 30.56 -16.28 49.06
C GLY C 125 29.78 -17.10 48.05
N PHE C 126 29.52 -16.54 46.87
CA PHE C 126 28.81 -17.26 45.84
C PHE C 126 29.54 -17.06 44.51
N GLN C 127 29.45 -18.07 43.65
CA GLN C 127 30.15 -18.04 42.38
C GLN C 127 29.34 -17.28 41.33
N MET C 128 29.96 -17.06 40.17
CA MET C 128 29.28 -16.36 39.10
C MET C 128 28.31 -17.28 38.37
N ASN C 129 28.63 -18.58 38.29
CA ASN C 129 27.87 -19.45 37.41
C ASN C 129 26.50 -19.79 37.98
N GLN C 130 26.40 -19.91 39.30
CA GLN C 130 25.16 -20.34 39.94
C GLN C 130 24.39 -19.17 40.53
N LEU C 131 24.44 -18.03 39.85
CA LEU C 131 24.02 -16.76 40.43
C LEU C 131 22.51 -16.55 40.38
N ARG C 132 21.74 -17.57 39.99
CA ARG C 132 20.30 -17.45 39.91
C ARG C 132 19.67 -17.31 41.29
N GLY C 133 18.48 -16.72 41.33
CA GLY C 133 17.77 -16.54 42.57
C GLY C 133 18.35 -15.49 43.48
N LYS C 134 19.11 -14.55 42.96
CA LYS C 134 19.76 -13.54 43.77
C LYS C 134 19.18 -12.18 43.42
N LYS C 135 19.60 -11.16 44.17
CA LYS C 135 19.17 -9.80 43.88
C LYS C 135 20.18 -9.11 42.98
N SER C 136 19.70 -8.60 41.84
CA SER C 136 20.58 -7.93 40.91
C SER C 136 20.09 -6.51 40.69
N CYS C 137 21.03 -5.59 40.55
CA CYS C 137 20.75 -4.20 40.28
C CYS C 137 21.42 -3.82 38.97
N HIS C 138 20.64 -3.29 38.04
CA HIS C 138 21.14 -2.95 36.72
C HIS C 138 21.06 -1.44 36.55
N THR C 139 21.95 -0.87 35.75
CA THR C 139 21.94 0.57 35.56
C THR C 139 20.92 0.99 34.53
N GLY C 140 20.35 0.06 33.79
CA GLY C 140 19.30 0.39 32.85
C GLY C 140 19.09 -0.71 31.83
N LEU C 141 17.99 -0.59 31.11
CA LEU C 141 17.62 -1.54 30.09
C LEU C 141 18.23 -1.11 28.76
N GLY C 142 19.10 -1.94 28.22
CA GLY C 142 19.76 -1.66 26.97
C GLY C 142 21.10 -0.98 27.09
N ARG C 143 21.47 -0.54 28.30
CA ARG C 143 22.76 0.09 28.49
C ARG C 143 23.87 -0.94 28.41
N SER C 144 25.11 -0.46 28.27
CA SER C 144 26.18 -1.33 27.80
C SER C 144 26.73 -2.21 28.92
N ALA C 145 27.26 -1.59 29.98
CA ALA C 145 27.90 -2.37 31.03
C ALA C 145 26.88 -2.87 32.04
N GLY C 146 25.64 -2.45 31.91
CA GLY C 146 24.63 -2.91 32.85
C GLY C 146 23.81 -4.06 32.30
N TRP C 147 23.49 -4.02 31.02
CA TRP C 147 22.52 -4.98 30.51
C TRP C 147 23.13 -5.98 29.54
N ASN C 148 23.82 -5.50 28.50
CA ASN C 148 24.16 -6.36 27.37
C ASN C 148 25.23 -7.37 27.72
N ILE C 149 26.26 -6.94 28.42
CA ILE C 149 27.31 -7.85 28.87
C ILE C 149 26.84 -8.88 29.90
N PRO C 150 26.10 -8.51 30.97
CA PRO C 150 25.71 -9.58 31.92
C PRO C 150 24.71 -10.56 31.37
N ILE C 151 23.70 -10.09 30.65
CA ILE C 151 22.70 -11.00 30.09
C ILE C 151 23.32 -11.81 28.96
N GLY C 152 24.28 -11.22 28.24
CA GLY C 152 24.98 -11.96 27.21
C GLY C 152 25.82 -13.10 27.76
N LEU C 153 26.51 -12.85 28.87
CA LEU C 153 27.32 -13.90 29.48
C LEU C 153 26.46 -14.94 30.17
N LEU C 154 25.33 -14.53 30.73
CA LEU C 154 24.42 -15.45 31.39
C LEU C 154 23.39 -16.05 30.46
N TYR C 155 23.50 -15.83 29.15
CA TYR C 155 22.32 -15.91 28.32
C TYR C 155 21.93 -17.34 27.98
N CYS C 156 22.88 -18.17 27.53
CA CYS C 156 22.48 -19.43 26.91
C CYS C 156 22.14 -20.48 27.96
N ASP C 157 22.35 -20.18 29.24
CA ASP C 157 22.08 -21.16 30.28
C ASP C 157 20.60 -21.23 30.63
N LEU C 158 19.81 -20.28 30.15
CA LEU C 158 18.40 -20.27 30.49
C LEU C 158 17.62 -21.22 29.57
N PRO C 159 16.58 -21.88 30.07
CA PRO C 159 15.81 -22.78 29.21
C PRO C 159 14.83 -22.02 28.31
N GLU C 160 14.36 -22.72 27.28
CA GLU C 160 13.30 -22.17 26.43
C GLU C 160 12.01 -22.04 27.24
N PRO C 161 11.17 -21.03 26.93
CA PRO C 161 11.29 -19.98 25.91
C PRO C 161 12.14 -18.81 26.34
N ARG C 162 13.03 -18.37 25.45
CA ARG C 162 13.91 -17.27 25.78
C ARG C 162 13.31 -15.93 25.37
N LYS C 163 12.49 -15.92 24.33
CA LYS C 163 11.78 -14.69 23.99
C LYS C 163 10.48 -14.60 24.77
N PRO C 164 10.14 -13.42 25.31
CA PRO C 164 10.93 -12.19 25.35
C PRO C 164 11.96 -12.26 26.44
N LEU C 165 12.99 -11.43 26.35
CA LEU C 165 14.16 -11.59 27.20
C LEU C 165 13.85 -11.22 28.65
N GLU C 166 13.02 -10.19 28.85
CA GLU C 166 12.76 -9.69 30.20
C GLU C 166 11.93 -10.69 30.99
N LYS C 167 11.11 -11.48 30.32
CA LYS C 167 10.36 -12.53 30.99
C LYS C 167 11.30 -13.63 31.48
N ALA C 168 12.28 -13.99 30.65
CA ALA C 168 13.19 -15.08 30.99
C ALA C 168 14.16 -14.65 32.09
N VAL C 169 14.72 -13.45 31.98
CA VAL C 169 15.59 -12.92 33.03
C VAL C 169 14.80 -12.68 34.31
N ALA C 170 13.53 -12.28 34.15
CA ALA C 170 12.64 -12.12 35.29
C ALA C 170 12.38 -13.44 35.99
N ASN C 171 12.41 -14.54 35.25
CA ASN C 171 12.27 -15.84 35.92
C ASN C 171 13.62 -16.35 36.39
N PHE C 172 14.72 -15.78 35.90
CA PHE C 172 16.03 -16.25 36.31
C PHE C 172 16.39 -15.74 37.71
N PHE C 173 16.29 -14.43 37.92
CA PHE C 173 16.47 -13.84 39.23
C PHE C 173 15.16 -13.93 39.99
N SER C 174 15.24 -13.85 41.32
CA SER C 174 14.04 -13.84 42.14
C SER C 174 13.63 -12.40 42.44
N GLY C 175 13.57 -11.60 41.38
CA GLY C 175 13.31 -10.18 41.53
C GLY C 175 14.58 -9.37 41.46
N SER C 176 14.47 -8.17 40.89
CA SER C 176 15.66 -7.37 40.62
C SER C 176 15.25 -5.92 40.52
N CYS C 177 16.20 -5.09 40.11
CA CYS C 177 15.91 -3.71 39.71
C CYS C 177 16.56 -3.44 38.37
N ALA C 178 15.78 -2.89 37.44
CA ALA C 178 16.29 -2.51 36.14
C ALA C 178 15.44 -1.38 35.59
N PRO C 179 15.92 -0.14 35.69
CA PRO C 179 15.13 1.01 35.20
C PRO C 179 15.00 1.01 33.70
N CYS C 180 14.00 1.75 33.22
CA CYS C 180 13.49 1.86 31.85
C CYS C 180 12.78 0.59 31.38
N ALA C 181 12.79 -0.49 32.14
CA ALA C 181 12.00 -1.66 31.80
C ALA C 181 10.53 -1.41 32.12
N ASP C 182 9.67 -2.13 31.42
CA ASP C 182 8.23 -1.91 31.51
C ASP C 182 7.70 -2.61 32.75
N GLY C 183 7.12 -1.83 33.67
CA GLY C 183 6.59 -2.43 34.88
C GLY C 183 5.26 -3.12 34.66
N THR C 184 4.48 -2.64 33.70
CA THR C 184 3.13 -3.17 33.51
C THR C 184 3.17 -4.56 32.88
N ASP C 185 4.01 -4.74 31.87
CA ASP C 185 4.08 -6.06 31.24
C ASP C 185 4.97 -7.00 32.04
N PHE C 186 5.89 -6.46 32.83
CA PHE C 186 6.81 -7.26 33.61
C PHE C 186 6.90 -6.68 35.01
N PRO C 187 6.35 -7.34 36.02
CA PRO C 187 6.43 -6.80 37.38
C PRO C 187 7.69 -7.19 38.12
N GLN C 188 8.39 -8.24 37.69
CA GLN C 188 9.57 -8.69 38.40
C GLN C 188 10.75 -7.75 38.21
N LEU C 189 10.76 -6.98 37.13
CA LEU C 189 11.89 -6.09 36.88
C LEU C 189 11.81 -4.85 37.75
N CYS C 190 10.64 -4.54 38.27
CA CYS C 190 10.47 -3.46 39.23
C CYS C 190 10.27 -3.98 40.64
N GLN C 191 10.73 -5.19 40.94
CA GLN C 191 10.44 -5.80 42.23
C GLN C 191 11.26 -5.17 43.34
N LEU C 192 12.41 -4.59 42.99
CA LEU C 192 13.21 -3.93 44.00
C LEU C 192 13.08 -2.42 43.91
N CYS C 193 12.82 -1.91 42.70
CA CYS C 193 12.62 -0.49 42.49
C CYS C 193 11.16 -0.27 42.14
N PRO C 194 10.40 0.40 43.02
CA PRO C 194 8.93 0.41 42.87
C PRO C 194 8.45 1.19 41.66
N GLY C 195 9.21 2.18 41.22
CA GLY C 195 9.00 2.79 39.93
C GLY C 195 10.24 2.61 39.08
N CYS C 196 10.05 2.12 37.87
CA CYS C 196 11.15 1.95 36.93
C CYS C 196 11.16 3.16 35.99
N GLY C 197 11.83 4.22 36.42
CA GLY C 197 11.75 5.51 35.77
C GLY C 197 13.06 5.88 35.07
N CYS C 198 12.93 6.38 33.85
CA CYS C 198 14.07 6.71 33.00
C CYS C 198 14.49 8.15 33.25
N SER C 199 14.98 8.41 34.44
CA SER C 199 15.37 9.76 34.84
C SER C 199 16.26 9.66 36.05
N THR C 200 16.79 10.81 36.47
CA THR C 200 17.61 10.84 37.67
C THR C 200 16.72 10.92 38.91
N LEU C 201 15.41 11.09 38.71
CA LEU C 201 14.46 11.11 39.83
C LEU C 201 14.46 9.77 40.56
N ASN C 202 14.57 8.69 39.82
CA ASN C 202 14.84 7.40 40.42
C ASN C 202 16.24 7.44 41.03
N GLN C 203 16.34 7.04 42.29
CA GLN C 203 17.63 7.12 42.97
C GLN C 203 18.51 5.93 42.59
N TYR C 204 17.93 4.90 41.97
CA TYR C 204 18.72 3.73 41.62
C TYR C 204 19.19 3.79 40.17
N PHE C 205 18.67 4.75 39.41
CA PHE C 205 19.07 4.90 38.02
C PHE C 205 20.48 5.46 37.92
N GLY C 206 21.23 5.00 36.94
CA GLY C 206 22.58 5.48 36.74
C GLY C 206 23.60 4.51 37.28
N TYR C 207 24.88 4.89 37.13
CA TYR C 207 25.96 4.07 37.66
C TYR C 207 25.95 4.05 39.17
N SER C 208 25.97 5.24 39.79
CA SER C 208 26.04 5.33 41.24
C SER C 208 24.72 4.92 41.88
N GLY C 209 23.64 4.93 41.11
CA GLY C 209 22.39 4.38 41.61
C GLY C 209 22.44 2.87 41.72
N ALA C 210 23.15 2.21 40.81
CA ALA C 210 23.29 0.77 40.90
C ALA C 210 24.29 0.39 41.97
N PHE C 211 25.33 1.21 42.15
CA PHE C 211 26.25 0.94 43.26
C PHE C 211 25.59 1.23 44.59
N LYS C 212 24.68 2.20 44.64
CA LYS C 212 23.90 2.44 45.84
C LYS C 212 22.90 1.31 46.06
N CYS C 213 22.48 0.66 44.98
CA CYS C 213 21.61 -0.51 45.09
C CYS C 213 22.36 -1.68 45.71
N LEU C 214 23.68 -1.72 45.55
CA LEU C 214 24.46 -2.71 46.27
C LEU C 214 24.78 -2.24 47.68
N LYS C 215 25.01 -0.93 47.85
CA LYS C 215 25.45 -0.41 49.14
C LYS C 215 24.33 -0.45 50.16
N ASP C 216 23.08 -0.43 49.69
CA ASP C 216 21.94 -0.48 50.60
C ASP C 216 21.77 -1.88 51.17
N GLY C 217 22.33 -2.89 50.51
CA GLY C 217 22.09 -4.26 50.90
C GLY C 217 20.82 -4.85 50.32
N ALA C 218 20.01 -4.05 49.62
CA ALA C 218 18.85 -4.58 48.94
C ALA C 218 19.26 -5.41 47.73
N GLY C 219 20.36 -5.04 47.09
CA GLY C 219 20.85 -5.77 45.93
C GLY C 219 22.03 -6.64 46.30
N ASP C 220 22.08 -7.83 45.71
CA ASP C 220 23.14 -8.79 46.05
C ASP C 220 24.30 -8.68 45.08
N VAL C 221 24.04 -8.31 43.83
CA VAL C 221 25.08 -8.10 42.83
C VAL C 221 24.74 -6.84 42.04
N ALA C 222 25.76 -6.05 41.71
CA ALA C 222 25.59 -4.86 40.88
C ALA C 222 26.58 -4.91 39.73
N PHE C 223 26.26 -4.19 38.65
CA PHE C 223 27.04 -4.22 37.43
C PHE C 223 27.34 -2.78 37.02
N VAL C 224 28.58 -2.34 37.20
CA VAL C 224 28.96 -0.98 36.84
C VAL C 224 30.33 -1.00 36.18
N LYS C 225 30.84 0.18 35.85
CA LYS C 225 32.19 0.26 35.33
C LYS C 225 33.21 0.05 36.44
N HIS C 226 34.48 0.19 36.07
CA HIS C 226 35.55 -0.06 37.02
C HIS C 226 35.83 1.16 37.90
N SER C 227 35.22 2.30 37.61
CA SER C 227 35.67 3.53 38.26
C SER C 227 34.65 4.07 39.28
N THR C 228 33.43 3.55 39.28
CA THR C 228 32.40 4.13 40.15
C THR C 228 32.59 3.75 41.61
N ILE C 229 33.17 2.58 41.88
CA ILE C 229 33.48 2.24 43.27
C ILE C 229 34.60 3.14 43.79
N PHE C 230 35.44 3.65 42.89
CA PHE C 230 36.36 4.71 43.28
C PHE C 230 35.65 6.05 43.38
N GLU C 231 34.52 6.19 42.69
CA GLU C 231 33.82 7.48 42.73
C GLU C 231 33.05 7.66 44.03
N ASN C 232 32.34 6.62 44.47
CA ASN C 232 31.41 6.82 45.59
C ASN C 232 32.12 6.72 46.94
N LEU C 233 33.09 5.83 47.06
CA LEU C 233 33.73 5.56 48.36
C LEU C 233 35.07 6.26 48.42
N ALA C 234 35.34 6.92 49.54
CA ALA C 234 36.61 7.60 49.74
C ALA C 234 37.52 6.85 50.71
N ASN C 235 36.94 6.10 51.64
CA ASN C 235 37.72 5.37 52.63
C ASN C 235 38.24 4.08 52.04
N LYS C 236 39.44 3.68 52.47
CA LYS C 236 40.09 2.51 51.88
C LYS C 236 39.47 1.22 52.39
N ALA C 237 38.95 1.25 53.63
CA ALA C 237 38.36 0.04 54.18
C ALA C 237 37.04 -0.28 53.51
N ASP C 238 36.30 0.76 53.08
CA ASP C 238 35.06 0.56 52.35
C ASP C 238 35.32 -0.11 51.02
N ARG C 239 36.44 0.23 50.38
CA ARG C 239 36.87 -0.46 49.19
C ARG C 239 37.31 -1.87 49.52
N ASP C 240 37.91 -2.06 50.71
CA ASP C 240 38.42 -3.37 51.08
C ASP C 240 37.29 -4.34 51.38
N GLN C 241 36.09 -3.82 51.69
CA GLN C 241 34.94 -4.70 51.80
C GLN C 241 34.49 -5.18 50.44
N TYR C 242 34.04 -4.26 49.58
CA TYR C 242 33.33 -4.64 48.35
C TYR C 242 34.25 -5.30 47.35
N GLU C 243 33.77 -6.40 46.77
CA GLU C 243 34.56 -7.27 45.93
C GLU C 243 33.89 -7.40 44.57
N LEU C 244 34.65 -7.84 43.59
CA LEU C 244 34.14 -8.05 42.24
C LEU C 244 34.47 -9.47 41.78
N LEU C 245 33.52 -10.09 41.09
CA LEU C 245 33.65 -11.47 40.67
C LEU C 245 34.39 -11.56 39.34
N CYS C 246 35.08 -12.67 39.12
CA CYS C 246 35.82 -12.85 37.88
C CYS C 246 35.07 -13.75 36.92
N LEU C 247 35.49 -13.71 35.66
CA LEU C 247 34.80 -14.45 34.61
C LEU C 247 35.08 -15.95 34.71
N ASP C 248 36.23 -16.31 35.23
CA ASP C 248 36.56 -17.72 35.43
C ASP C 248 36.25 -18.19 36.85
N ASN C 249 35.17 -17.64 37.42
CA ASN C 249 34.52 -18.10 38.63
C ASN C 249 35.42 -17.98 39.86
N THR C 250 36.23 -16.94 39.91
CA THR C 250 37.11 -16.70 41.06
C THR C 250 36.80 -15.35 41.69
N ARG C 251 37.63 -14.96 42.66
CA ARG C 251 37.41 -13.75 43.44
C ARG C 251 38.69 -12.92 43.47
N LYS C 252 38.57 -11.61 43.29
CA LYS C 252 39.67 -10.66 43.40
C LYS C 252 39.16 -9.36 44.01
N PRO C 253 40.03 -8.63 44.70
CA PRO C 253 39.68 -7.25 45.10
C PRO C 253 39.72 -6.28 43.93
N VAL C 254 39.57 -4.99 44.27
CA VAL C 254 39.00 -4.04 43.31
C VAL C 254 40.01 -3.56 42.27
N ASP C 255 41.25 -3.26 42.68
CA ASP C 255 42.10 -2.43 41.81
C ASP C 255 42.73 -3.24 40.67
N GLU C 256 42.53 -4.56 40.63
CA GLU C 256 42.94 -5.33 39.46
C GLU C 256 41.75 -5.52 38.51
N TYR C 257 41.12 -4.40 38.18
CA TYR C 257 40.05 -4.40 37.19
C TYR C 257 40.60 -4.68 35.80
N LYS C 258 41.88 -4.35 35.57
CA LYS C 258 42.51 -4.73 34.31
C LYS C 258 42.78 -6.22 34.26
N ASP C 259 42.83 -6.87 35.42
CA ASP C 259 43.01 -8.31 35.45
C ASP C 259 41.66 -9.01 35.35
N CYS C 260 40.69 -8.57 36.14
CA CYS C 260 39.41 -9.25 36.29
C CYS C 260 38.26 -8.39 35.78
N HIS C 261 37.96 -8.46 34.48
CA HIS C 261 36.87 -7.69 33.91
C HIS C 261 36.02 -8.60 33.06
N LEU C 262 34.83 -8.13 32.68
CA LEU C 262 33.99 -8.93 31.81
C LEU C 262 34.25 -8.61 30.35
N ALA C 263 34.10 -7.35 29.96
CA ALA C 263 34.38 -6.96 28.58
C ALA C 263 34.70 -5.48 28.55
N GLN C 264 35.28 -5.06 27.43
CA GLN C 264 35.49 -3.66 27.11
C GLN C 264 34.26 -3.16 26.39
N VAL C 265 33.93 -1.88 26.57
CA VAL C 265 32.86 -1.24 25.81
C VAL C 265 33.36 0.09 25.27
N PRO C 266 32.79 0.53 24.16
CA PRO C 266 33.08 1.91 23.70
C PRO C 266 32.53 2.95 24.65
N SER C 267 32.99 4.17 24.48
CA SER C 267 32.62 5.24 25.38
C SER C 267 31.23 5.76 25.09
N HIS C 268 30.77 6.70 25.92
CA HIS C 268 29.51 7.37 25.63
C HIS C 268 29.73 8.35 24.49
N THR C 269 28.66 8.67 23.78
CA THR C 269 28.81 9.45 22.57
C THR C 269 27.68 10.46 22.44
N VAL C 270 28.04 11.71 22.17
CA VAL C 270 27.06 12.69 21.73
C VAL C 270 26.54 12.29 20.36
N VAL C 271 25.23 12.19 20.23
CA VAL C 271 24.62 11.81 18.96
C VAL C 271 23.81 12.99 18.44
N ALA C 272 23.62 13.00 17.12
CA ALA C 272 22.84 14.01 16.42
C ALA C 272 22.37 13.40 15.12
N ARG C 273 21.40 14.03 14.47
CA ARG C 273 20.83 13.48 13.26
C ARG C 273 21.79 13.66 12.09
N SER C 274 21.55 12.91 11.01
CA SER C 274 22.54 12.81 9.95
C SER C 274 22.40 13.94 8.94
N MET C 275 21.20 14.10 8.36
CA MET C 275 21.03 15.06 7.28
C MET C 275 21.01 16.50 7.79
N GLY C 276 20.26 16.75 8.87
CA GLY C 276 20.13 18.11 9.36
C GLY C 276 21.39 18.62 10.03
N GLY C 277 22.25 17.71 10.46
CA GLY C 277 23.49 18.11 11.08
C GLY C 277 23.28 18.67 12.47
N LYS C 278 24.30 19.36 12.99
CA LYS C 278 25.53 19.65 12.28
C LYS C 278 26.72 19.38 13.19
N GLU C 279 27.77 18.77 12.63
CA GLU C 279 28.84 18.25 13.47
C GLU C 279 29.80 19.34 13.90
N ASP C 280 30.06 20.27 12.99
CA ASP C 280 31.11 21.27 13.17
C ASP C 280 30.80 22.22 14.32
N LEU C 281 29.53 22.58 14.48
CA LEU C 281 29.17 23.59 15.47
C LEU C 281 29.22 23.00 16.86
N ILE C 282 28.74 21.77 17.01
CA ILE C 282 28.84 21.02 18.24
C ILE C 282 30.30 20.81 18.60
N TRP C 283 31.14 20.57 17.59
CA TRP C 283 32.54 20.27 17.88
C TRP C 283 33.32 21.52 18.25
N GLU C 284 32.94 22.67 17.70
CA GLU C 284 33.54 23.93 18.12
C GLU C 284 33.18 24.25 19.56
N LEU C 285 31.89 24.15 19.87
CA LEU C 285 31.39 24.45 21.21
C LEU C 285 32.03 23.55 22.26
N LEU C 286 32.13 22.26 21.94
CA LEU C 286 32.71 21.34 22.92
C LEU C 286 34.23 21.39 22.90
N ASN C 287 34.82 21.97 21.85
CA ASN C 287 36.25 22.26 21.91
C ASN C 287 36.56 23.35 22.92
N GLN C 288 35.77 24.43 22.90
CA GLN C 288 35.98 25.47 23.89
C GLN C 288 35.61 25.00 25.28
N ALA C 289 34.64 24.08 25.35
CA ALA C 289 34.29 23.45 26.62
C ALA C 289 35.42 22.60 27.17
N GLN C 290 36.07 21.81 26.33
CA GLN C 290 37.12 20.93 26.83
C GLN C 290 38.40 21.69 27.11
N GLU C 291 38.57 22.86 26.50
CA GLU C 291 39.80 23.61 26.75
C GLU C 291 39.66 24.49 27.99
N HIS C 292 38.43 24.76 28.42
CA HIS C 292 38.29 25.59 29.62
C HIS C 292 37.99 24.76 30.86
N PHE C 293 37.16 23.72 30.73
CA PHE C 293 36.48 23.18 31.90
C PHE C 293 36.84 21.73 32.24
N GLY C 294 37.75 21.12 31.50
CA GLY C 294 37.96 19.68 31.67
C GLY C 294 38.85 19.33 32.86
N LYS C 295 40.08 19.82 32.85
CA LYS C 295 41.14 19.34 33.73
C LYS C 295 41.46 20.48 34.70
N ASP C 296 40.39 21.04 35.26
CA ASP C 296 40.41 21.91 36.43
C ASP C 296 41.13 23.23 36.15
N LYS C 297 40.99 23.75 34.94
CA LYS C 297 41.52 25.08 34.65
C LYS C 297 40.74 26.15 35.39
N SER C 298 39.45 25.92 35.59
CA SER C 298 38.57 26.85 36.26
C SER C 298 37.98 26.19 37.50
N LYS C 299 38.02 26.90 38.63
CA LYS C 299 37.38 26.39 39.83
C LYS C 299 35.91 26.80 39.87
N GLU C 300 35.58 27.90 39.18
CA GLU C 300 34.26 28.52 39.36
C GLU C 300 33.17 27.74 38.65
N PHE C 301 33.55 26.84 37.74
CA PHE C 301 32.60 25.94 37.10
C PHE C 301 33.34 24.69 36.64
N GLN C 302 32.72 23.54 36.85
CA GLN C 302 33.20 22.27 36.33
C GLN C 302 32.17 21.73 35.37
N LEU C 303 32.64 21.03 34.33
CA LEU C 303 31.73 20.44 33.35
C LEU C 303 31.51 18.96 33.63
N PHE C 304 32.51 18.29 34.21
CA PHE C 304 32.43 16.85 34.36
C PHE C 304 31.96 16.45 35.74
N SER C 305 31.96 17.38 36.69
CA SER C 305 31.44 17.13 38.03
C SER C 305 30.49 18.25 38.40
N SER C 306 29.47 17.93 39.21
CA SER C 306 28.48 18.90 39.63
C SER C 306 27.91 18.54 40.99
N PRO C 307 27.55 19.53 41.83
CA PRO C 307 27.07 19.19 43.17
C PRO C 307 25.62 18.73 43.19
N HIS C 308 24.83 19.11 42.18
CA HIS C 308 23.42 18.77 42.15
C HIS C 308 23.22 17.27 41.95
N GLY C 309 24.12 16.66 41.18
CA GLY C 309 24.12 15.23 41.01
C GLY C 309 25.32 14.85 40.16
N LYS C 310 25.62 13.56 40.14
CA LYS C 310 26.71 13.06 39.31
C LYS C 310 26.13 12.44 38.06
N ASP C 311 26.97 12.30 37.04
CA ASP C 311 26.67 11.81 35.70
C ASP C 311 25.62 12.67 35.01
N LEU C 312 25.60 13.97 35.25
CA LEU C 312 24.63 14.82 34.60
C LEU C 312 25.22 15.43 33.35
N LEU C 313 24.55 15.21 32.22
CA LEU C 313 24.84 15.71 30.86
C LEU C 313 26.06 15.06 30.22
N PHE C 314 26.91 14.40 31.02
CA PHE C 314 28.19 13.83 30.64
C PHE C 314 28.57 12.86 31.73
N LYS C 315 29.63 12.11 31.51
CA LYS C 315 30.06 11.21 32.57
C LYS C 315 30.95 11.95 33.54
N ASP C 316 31.18 11.34 34.71
CA ASP C 316 32.11 11.93 35.65
C ASP C 316 33.53 11.49 35.35
N SER C 317 33.72 10.25 34.90
CA SER C 317 35.07 9.73 34.69
C SER C 317 35.62 10.11 33.31
N ALA C 318 34.86 10.89 32.55
CA ALA C 318 35.38 11.46 31.32
C ALA C 318 36.45 12.48 31.64
N HIS C 319 37.43 12.62 30.76
CA HIS C 319 38.40 13.69 30.88
C HIS C 319 38.57 14.49 29.61
N GLY C 320 37.96 14.10 28.50
CA GLY C 320 37.96 14.97 27.34
C GLY C 320 37.16 14.41 26.19
N PHE C 321 37.08 15.20 25.13
CA PHE C 321 36.23 14.92 23.99
C PHE C 321 37.09 14.64 22.76
N LEU C 322 36.73 13.61 22.00
CA LEU C 322 37.41 13.30 20.75
C LEU C 322 36.40 13.32 19.62
N LYS C 323 36.80 13.92 18.50
CA LYS C 323 35.94 14.01 17.34
C LYS C 323 35.84 12.66 16.64
N VAL C 324 34.63 12.25 16.30
CA VAL C 324 34.43 11.05 15.48
C VAL C 324 34.65 11.43 14.02
N PRO C 325 35.42 10.65 13.25
CA PRO C 325 35.65 10.97 11.84
C PRO C 325 34.37 10.88 11.04
N PRO C 326 34.29 11.58 9.91
CA PRO C 326 33.01 11.61 9.16
C PRO C 326 32.67 10.30 8.50
N ARG C 327 33.65 9.41 8.32
CA ARG C 327 33.39 8.12 7.72
C ARG C 327 32.62 7.21 8.66
N MET C 328 32.99 7.21 9.94
CA MET C 328 32.51 6.20 10.86
C MET C 328 31.08 6.45 11.28
N ASP C 329 30.18 5.58 10.84
CA ASP C 329 28.82 5.52 11.33
C ASP C 329 28.74 4.51 12.45
N ALA C 330 27.51 4.23 12.88
CA ALA C 330 27.30 3.56 14.17
C ALA C 330 27.75 2.11 14.14
N LYS C 331 27.54 1.43 13.02
CA LYS C 331 27.95 0.03 12.93
C LYS C 331 29.46 -0.10 12.90
N MET C 332 30.15 0.87 12.30
CA MET C 332 31.61 0.84 12.36
C MET C 332 32.08 1.32 13.72
N TYR C 333 31.24 2.11 14.41
CA TYR C 333 31.62 2.61 15.71
C TYR C 333 31.61 1.50 16.76
N LEU C 334 30.58 0.67 16.75
CA LEU C 334 30.46 -0.33 17.81
C LEU C 334 31.34 -1.53 17.54
N GLY C 335 31.83 -1.69 16.33
CA GLY C 335 32.55 -2.90 15.98
C GLY C 335 31.63 -3.94 15.37
N TYR C 336 32.15 -5.16 15.26
CA TYR C 336 31.33 -6.23 14.70
C TYR C 336 30.86 -7.20 15.78
N GLU C 337 31.73 -7.51 16.75
CA GLU C 337 31.34 -8.47 17.77
C GLU C 337 30.27 -7.91 18.67
N TYR C 338 30.29 -6.60 18.88
CA TYR C 338 29.34 -5.99 19.79
C TYR C 338 27.97 -5.87 19.14
N VAL C 339 27.93 -5.53 17.85
CA VAL C 339 26.66 -5.47 17.13
C VAL C 339 26.10 -6.87 16.94
N THR C 340 26.96 -7.85 16.70
CA THR C 340 26.50 -9.22 16.53
C THR C 340 25.93 -9.77 17.84
N ALA C 341 26.61 -9.48 18.95
CA ALA C 341 26.13 -9.92 20.25
C ALA C 341 24.83 -9.24 20.63
N ILE C 342 24.71 -7.94 20.34
CA ILE C 342 23.53 -7.22 20.76
C ILE C 342 22.35 -7.55 19.86
N ARG C 343 22.63 -8.02 18.65
CA ARG C 343 21.54 -8.42 17.76
C ARG C 343 21.07 -9.82 18.07
N ASN C 344 21.99 -10.71 18.45
CA ASN C 344 21.58 -12.01 18.93
C ASN C 344 20.88 -11.90 20.28
N LEU C 345 21.17 -10.84 21.03
CA LEU C 345 20.54 -10.70 22.34
C LEU C 345 19.16 -10.08 22.24
N ARG C 346 18.99 -9.08 21.36
CA ARG C 346 17.64 -8.56 21.10
C ARG C 346 16.75 -9.62 20.49
N GLU C 347 17.25 -10.32 19.47
CA GLU C 347 16.44 -11.30 18.78
C GLU C 347 16.33 -12.58 19.58
N GLY C 348 17.25 -12.80 20.50
CA GLY C 348 17.14 -13.94 21.39
C GLY C 348 17.46 -15.27 20.76
N THR C 349 18.70 -15.48 20.34
CA THR C 349 19.12 -16.72 19.73
C THR C 349 20.47 -17.14 20.30
N CYS C 350 20.52 -18.32 20.90
CA CYS C 350 21.82 -18.84 21.27
C CYS C 350 22.38 -19.65 20.11
N PRO C 351 23.48 -19.24 19.51
CA PRO C 351 24.02 -19.99 18.36
C PRO C 351 24.69 -21.29 18.81
N GLU C 352 24.28 -22.38 18.16
CA GLU C 352 24.91 -23.67 18.37
C GLU C 352 26.13 -23.78 17.47
N ALA C 353 25.91 -23.52 16.17
CA ALA C 353 26.85 -23.57 15.06
C ALA C 353 27.77 -24.79 15.05
N PRO C 354 27.27 -26.01 14.78
CA PRO C 354 28.20 -27.10 14.49
C PRO C 354 28.47 -27.22 12.99
N THR C 355 29.04 -26.18 12.37
CA THR C 355 30.45 -26.08 11.89
C THR C 355 30.84 -27.21 10.92
N ASP C 356 29.85 -27.87 10.34
CA ASP C 356 30.15 -28.97 9.41
C ASP C 356 30.25 -28.45 7.99
N GLU C 357 29.16 -27.89 7.48
CA GLU C 357 29.10 -27.38 6.12
C GLU C 357 29.24 -25.86 6.15
N CYS C 358 29.47 -25.29 4.99
CA CYS C 358 29.70 -23.85 4.87
C CYS C 358 28.60 -23.16 4.10
N LYS C 359 28.08 -22.09 4.68
CA LYS C 359 27.17 -21.18 4.00
C LYS C 359 27.91 -20.52 2.83
N PRO C 360 27.19 -20.10 1.80
CA PRO C 360 27.87 -19.56 0.61
C PRO C 360 28.54 -18.22 0.87
N VAL C 361 29.71 -18.05 0.26
CA VAL C 361 30.51 -16.85 0.47
C VAL C 361 29.94 -15.69 -0.33
N LYS C 362 29.81 -14.54 0.30
CA LYS C 362 29.33 -13.34 -0.36
C LYS C 362 30.52 -12.49 -0.76
N TRP C 363 31.09 -12.78 -1.92
CA TRP C 363 32.17 -12.03 -2.53
C TRP C 363 31.70 -10.64 -2.89
N CYS C 364 32.62 -9.68 -2.97
CA CYS C 364 32.27 -8.30 -3.26
C CYS C 364 32.87 -7.85 -4.59
N ALA C 365 32.14 -7.03 -5.32
CA ALA C 365 32.52 -6.57 -6.64
C ALA C 365 32.41 -5.05 -6.69
N LEU C 366 32.63 -4.46 -7.87
CA LEU C 366 32.52 -3.02 -8.03
C LEU C 366 32.28 -2.63 -9.49
N SER C 367 31.15 -1.98 -9.72
CA SER C 367 30.81 -1.22 -10.93
C SER C 367 30.73 -1.99 -12.23
N HIS C 368 29.80 -2.94 -12.37
CA HIS C 368 29.23 -3.37 -13.64
C HIS C 368 30.17 -4.17 -14.55
N HIS C 369 31.46 -4.24 -14.22
CA HIS C 369 32.29 -5.21 -14.91
C HIS C 369 32.68 -6.33 -13.97
N GLU C 370 33.08 -5.96 -12.76
CA GLU C 370 33.27 -6.93 -11.69
C GLU C 370 31.95 -7.61 -11.35
N ARG C 371 30.85 -6.87 -11.45
CA ARG C 371 29.56 -7.41 -11.07
C ARG C 371 29.05 -8.39 -12.11
N LEU C 372 29.29 -8.08 -13.38
CA LEU C 372 29.03 -9.00 -14.49
C LEU C 372 29.78 -10.32 -14.34
N LYS C 373 31.11 -10.23 -14.21
CA LYS C 373 31.96 -11.40 -14.09
C LYS C 373 31.60 -12.20 -12.85
N CYS C 374 31.30 -11.51 -11.76
CA CYS C 374 31.01 -12.17 -10.51
C CYS C 374 29.70 -12.94 -10.61
N ASP C 375 28.70 -12.39 -11.31
CA ASP C 375 27.45 -13.09 -11.49
C ASP C 375 27.62 -14.35 -12.33
N GLU C 376 28.43 -14.26 -13.39
CA GLU C 376 28.68 -15.44 -14.22
C GLU C 376 29.39 -16.52 -13.42
N TRP C 377 30.30 -16.13 -12.53
CA TRP C 377 30.95 -17.12 -11.68
C TRP C 377 30.00 -17.65 -10.62
N SER C 378 29.02 -16.85 -10.23
CA SER C 378 28.05 -17.31 -9.24
C SER C 378 27.13 -18.38 -9.82
N VAL C 379 26.91 -18.36 -11.12
CA VAL C 379 26.09 -19.40 -11.72
C VAL C 379 26.93 -20.60 -12.13
N ASN C 380 28.17 -20.38 -12.59
CA ASN C 380 29.00 -21.51 -12.97
C ASN C 380 29.47 -22.32 -11.76
N SER C 381 29.55 -21.69 -10.60
CA SER C 381 29.62 -22.50 -9.39
C SER C 381 28.25 -22.97 -8.99
N VAL C 382 28.13 -24.00 -8.15
CA VAL C 382 26.86 -24.65 -7.93
C VAL C 382 25.99 -23.80 -7.01
N GLY C 383 26.58 -22.77 -6.42
CA GLY C 383 25.88 -21.92 -5.49
C GLY C 383 26.71 -21.46 -4.32
N LYS C 384 27.98 -21.86 -4.26
CA LYS C 384 28.81 -21.57 -3.10
C LYS C 384 29.28 -20.12 -3.10
N ILE C 385 29.14 -19.40 -4.21
CA ILE C 385 29.61 -18.02 -4.34
C ILE C 385 28.46 -17.14 -4.79
N GLU C 386 28.23 -16.05 -4.05
CA GLU C 386 27.23 -15.05 -4.36
C GLU C 386 27.89 -13.68 -4.30
N CYS C 387 27.35 -12.71 -5.04
CA CYS C 387 28.07 -11.46 -5.30
C CYS C 387 27.31 -10.23 -4.85
N VAL C 388 27.98 -9.38 -4.07
CA VAL C 388 27.45 -8.10 -3.61
C VAL C 388 28.43 -7.03 -4.03
N SER C 389 27.90 -5.96 -4.63
CA SER C 389 28.73 -4.94 -5.28
C SER C 389 28.74 -3.65 -4.47
N ALA C 390 29.86 -2.95 -4.55
CA ALA C 390 30.05 -1.61 -4.00
C ALA C 390 30.51 -0.73 -5.13
N GLU C 391 30.99 0.48 -4.81
CA GLU C 391 31.41 1.36 -5.89
C GLU C 391 32.91 1.62 -5.88
N THR C 392 33.47 1.93 -4.72
CA THR C 392 34.91 2.05 -4.59
C THR C 392 35.39 0.97 -3.63
N THR C 393 36.69 0.77 -3.59
CA THR C 393 37.24 -0.36 -2.85
C THR C 393 37.25 -0.11 -1.35
N GLU C 394 37.37 1.16 -0.93
CA GLU C 394 37.26 1.48 0.50
C GLU C 394 35.86 1.20 1.00
N ASP C 395 34.87 1.52 0.17
CA ASP C 395 33.48 1.30 0.53
C ASP C 395 33.18 -0.19 0.62
N CYS C 396 33.82 -1.00 -0.22
CA CYS C 396 33.63 -2.43 -0.13
C CYS C 396 34.33 -3.03 1.08
N ILE C 397 35.50 -2.49 1.45
CA ILE C 397 36.16 -2.97 2.67
C ILE C 397 35.31 -2.67 3.90
N ALA C 398 34.69 -1.49 3.94
CA ALA C 398 33.74 -1.20 5.01
C ALA C 398 32.55 -2.15 4.95
N LYS C 399 32.14 -2.52 3.73
CA LYS C 399 31.02 -3.45 3.58
C LYS C 399 31.41 -4.86 4.02
N ILE C 400 32.70 -5.17 4.09
CA ILE C 400 33.10 -6.42 4.71
C ILE C 400 33.09 -6.28 6.23
N MET C 401 33.49 -5.10 6.74
CA MET C 401 33.58 -4.94 8.19
C MET C 401 32.20 -5.00 8.87
N ASN C 402 31.22 -4.29 8.34
CA ASN C 402 29.93 -4.30 9.03
C ASN C 402 29.15 -5.58 8.76
N GLY C 403 29.45 -6.27 7.66
CA GLY C 403 29.07 -7.66 7.55
C GLY C 403 28.11 -8.04 6.43
N GLU C 404 28.13 -7.35 5.30
CA GLU C 404 27.35 -7.85 4.16
C GLU C 404 28.21 -8.67 3.21
N ALA C 405 29.49 -8.38 3.12
CA ALA C 405 30.38 -9.02 2.16
C ALA C 405 31.41 -9.85 2.91
N ASP C 406 31.81 -10.98 2.32
CA ASP C 406 32.74 -11.86 3.02
C ASP C 406 34.18 -11.66 2.59
N ALA C 407 34.48 -11.89 1.33
CA ALA C 407 35.88 -11.97 0.92
C ALA C 407 36.14 -11.00 -0.21
N MET C 408 37.41 -10.65 -0.39
CA MET C 408 37.78 -9.76 -1.48
C MET C 408 39.26 -9.93 -1.76
N SER C 409 39.61 -9.86 -3.05
CA SER C 409 41.00 -9.81 -3.47
C SER C 409 41.41 -8.37 -3.76
N LEU C 410 42.50 -7.93 -3.13
CA LEU C 410 42.98 -6.57 -3.24
C LEU C 410 44.47 -6.53 -2.96
N ASP C 411 45.13 -5.51 -3.51
CA ASP C 411 46.57 -5.41 -3.44
C ASP C 411 47.06 -5.04 -2.04
N GLY C 412 48.38 -5.06 -1.89
CA GLY C 412 48.98 -5.04 -0.57
C GLY C 412 48.82 -3.70 0.14
N GLY C 413 48.70 -2.64 -0.64
CA GLY C 413 48.47 -1.32 -0.05
C GLY C 413 47.10 -1.20 0.57
N PHE C 414 46.18 -2.07 0.17
CA PHE C 414 44.89 -2.16 0.82
C PHE C 414 44.84 -3.32 1.79
N VAL C 415 45.78 -4.26 1.70
CA VAL C 415 45.88 -5.25 2.76
C VAL C 415 46.41 -4.58 4.03
N TYR C 416 47.19 -3.51 3.85
CA TYR C 416 47.60 -2.70 4.99
C TYR C 416 46.41 -2.02 5.66
N ILE C 417 45.54 -1.40 4.87
CA ILE C 417 44.41 -0.68 5.46
C ILE C 417 43.40 -1.63 6.06
N ALA C 418 43.03 -2.67 5.31
CA ALA C 418 42.03 -3.61 5.81
C ALA C 418 42.57 -4.44 6.95
N GLY C 419 43.87 -4.72 6.94
CA GLY C 419 44.48 -5.41 8.07
C GLY C 419 44.52 -4.53 9.29
N LYS C 420 44.68 -3.22 9.09
CA LYS C 420 44.63 -2.32 10.23
C LYS C 420 43.20 -2.15 10.72
N CYS C 421 42.23 -2.38 9.85
CA CYS C 421 40.84 -2.26 10.29
C CYS C 421 40.36 -3.54 10.98
N GLY C 422 41.13 -4.62 10.87
CA GLY C 422 40.78 -5.79 11.65
C GLY C 422 40.45 -7.02 10.83
N LEU C 423 41.03 -7.11 9.63
CA LEU C 423 40.78 -8.24 8.74
C LEU C 423 42.06 -9.02 8.51
N VAL C 424 41.92 -10.28 8.14
CA VAL C 424 43.07 -11.14 7.95
C VAL C 424 43.15 -11.62 6.51
N PRO C 425 44.33 -11.69 5.92
CA PRO C 425 44.45 -12.29 4.59
C PRO C 425 44.54 -13.79 4.67
N VAL C 426 43.99 -14.50 3.69
CA VAL C 426 44.00 -15.95 3.76
C VAL C 426 44.84 -16.54 2.64
N LEU C 427 44.44 -16.31 1.40
CA LEU C 427 45.11 -16.90 0.26
C LEU C 427 45.81 -15.79 -0.51
N ALA C 428 46.98 -16.10 -1.05
CA ALA C 428 47.75 -15.13 -1.80
C ALA C 428 47.67 -15.48 -3.27
N GLU C 429 47.98 -14.52 -4.13
CA GLU C 429 48.04 -14.85 -5.55
C GLU C 429 49.46 -15.21 -5.96
N ASN C 430 49.59 -16.23 -6.80
CA ASN C 430 50.87 -16.60 -7.40
C ASN C 430 50.95 -16.02 -8.80
N TYR C 431 52.16 -15.69 -9.23
CA TYR C 431 52.40 -15.14 -10.56
C TYR C 431 53.32 -16.01 -11.40
N ASN C 432 53.87 -17.08 -10.83
CA ASN C 432 54.85 -17.92 -11.51
C ASN C 432 54.29 -19.32 -11.66
N LYS C 433 54.45 -19.89 -12.84
CA LYS C 433 53.90 -21.19 -13.14
C LYS C 433 54.85 -22.29 -12.69
N SER C 434 54.35 -23.19 -11.85
CA SER C 434 55.13 -24.30 -11.33
C SER C 434 54.19 -25.39 -10.87
N ASP C 435 54.73 -26.59 -10.66
CA ASP C 435 53.93 -27.68 -10.12
C ASP C 435 53.63 -27.45 -8.65
N ASN C 436 54.50 -26.73 -7.95
CA ASN C 436 54.40 -26.54 -6.51
C ASN C 436 54.01 -25.11 -6.20
N CYS C 437 53.26 -24.47 -7.10
CA CYS C 437 52.91 -23.06 -6.92
C CYS C 437 51.90 -22.91 -5.79
N GLU C 438 51.10 -23.94 -5.55
CA GLU C 438 50.02 -23.86 -4.58
C GLU C 438 50.56 -23.84 -3.17
N ASP C 439 51.79 -24.32 -2.97
CA ASP C 439 52.32 -24.38 -1.62
C ASP C 439 53.47 -23.41 -1.42
N THR C 440 54.17 -23.04 -2.49
CA THR C 440 55.36 -22.22 -2.33
C THR C 440 55.00 -20.75 -2.13
N PRO C 441 55.47 -20.14 -1.05
CA PRO C 441 55.32 -18.69 -0.92
C PRO C 441 56.22 -17.96 -1.89
N GLU C 442 55.61 -17.24 -2.81
CA GLU C 442 56.37 -16.49 -3.81
C GLU C 442 56.99 -15.25 -3.18
N ALA C 443 57.78 -14.56 -3.99
CA ALA C 443 58.66 -13.54 -3.45
C ALA C 443 58.04 -12.16 -3.51
N GLY C 444 57.28 -11.87 -4.56
CA GLY C 444 56.63 -10.59 -4.69
C GLY C 444 57.11 -9.84 -5.93
N TYR C 445 56.16 -9.16 -6.59
CA TYR C 445 56.43 -8.60 -7.90
C TYR C 445 57.18 -7.28 -7.78
N PHE C 446 57.79 -6.86 -8.89
CA PHE C 446 58.58 -5.64 -8.91
C PHE C 446 57.78 -4.48 -9.49
N ALA C 447 58.06 -3.29 -8.97
CA ALA C 447 57.39 -2.06 -9.39
C ALA C 447 58.39 -1.22 -10.16
N VAL C 448 57.97 -0.70 -11.31
CA VAL C 448 58.84 0.11 -12.16
C VAL C 448 58.11 1.37 -12.61
N ALA C 449 58.86 2.23 -13.27
CA ALA C 449 58.34 3.43 -13.91
C ALA C 449 58.77 3.40 -15.36
N VAL C 450 57.79 3.52 -16.27
CA VAL C 450 58.10 3.40 -17.68
C VAL C 450 58.15 4.79 -18.29
N VAL C 451 59.17 5.03 -19.12
CA VAL C 451 59.33 6.29 -19.84
C VAL C 451 59.39 5.99 -21.33
N LYS C 452 59.23 7.04 -22.13
CA LYS C 452 59.25 6.92 -23.58
C LYS C 452 60.65 6.61 -24.08
N LYS C 453 60.75 6.19 -25.35
CA LYS C 453 62.02 6.27 -26.05
C LYS C 453 62.20 7.65 -26.66
N SER C 454 61.08 8.30 -26.97
CA SER C 454 61.10 9.60 -27.64
C SER C 454 61.69 10.68 -26.76
N ALA C 455 61.63 10.49 -25.44
CA ALA C 455 62.28 11.39 -24.49
C ALA C 455 63.32 10.60 -23.73
N SER C 456 64.59 10.81 -24.06
CA SER C 456 65.69 10.17 -23.36
C SER C 456 66.32 11.06 -22.30
N ASP C 457 65.75 12.25 -22.07
CA ASP C 457 66.35 13.20 -21.16
C ASP C 457 65.89 12.97 -19.72
N LEU C 458 65.01 11.99 -19.51
CA LEU C 458 64.40 11.82 -18.20
C LEU C 458 65.31 11.00 -17.29
N THR C 459 65.59 11.53 -16.12
CA THR C 459 66.35 10.82 -15.09
C THR C 459 65.59 10.88 -13.78
N TRP C 460 66.03 10.08 -12.82
CA TRP C 460 65.41 10.11 -11.50
C TRP C 460 65.75 11.39 -10.76
N ASP C 461 66.91 11.98 -11.06
CA ASP C 461 67.32 13.19 -10.35
C ASP C 461 66.48 14.39 -10.76
N ASN C 462 65.83 14.33 -11.91
CA ASN C 462 64.96 15.40 -12.37
C ASN C 462 63.64 14.79 -12.81
N LEU C 463 62.64 14.87 -11.93
CA LEU C 463 61.27 14.53 -12.29
C LEU C 463 60.35 15.73 -12.15
N LYS C 464 60.87 16.86 -11.65
CA LYS C 464 60.05 17.99 -11.25
C LYS C 464 59.46 18.69 -12.46
N GLY C 465 58.18 19.05 -12.37
CA GLY C 465 57.51 19.79 -13.42
C GLY C 465 57.20 18.99 -14.67
N LYS C 466 57.43 17.69 -14.65
CA LYS C 466 57.21 16.84 -15.82
C LYS C 466 56.10 15.87 -15.49
N LYS C 467 55.37 15.42 -16.52
CA LYS C 467 54.11 14.74 -16.31
C LYS C 467 54.30 13.33 -15.77
N SER C 468 53.20 12.74 -15.30
CA SER C 468 53.23 11.45 -14.63
C SER C 468 51.92 10.71 -14.86
N CYS C 469 51.94 9.40 -14.58
CA CYS C 469 50.76 8.56 -14.64
C CYS C 469 50.86 7.51 -13.54
N HIS C 470 49.79 7.39 -12.74
CA HIS C 470 49.74 6.44 -11.64
C HIS C 470 48.55 5.50 -11.85
N THR C 471 48.59 4.36 -11.16
CA THR C 471 47.52 3.38 -11.32
C THR C 471 46.28 3.78 -10.51
N ALA C 472 46.40 3.87 -9.19
CA ALA C 472 45.35 4.38 -8.33
C ALA C 472 45.97 4.82 -7.02
N VAL C 473 45.28 5.75 -6.35
CA VAL C 473 45.77 6.33 -5.10
C VAL C 473 45.66 5.30 -4.00
N GLY C 474 46.78 4.97 -3.39
CA GLY C 474 46.82 4.02 -2.30
C GLY C 474 47.37 2.67 -2.64
N ARG C 475 47.67 2.40 -3.91
CA ARG C 475 48.15 1.08 -4.31
C ARG C 475 49.63 0.91 -4.00
N THR C 476 50.17 -0.26 -4.35
CA THR C 476 51.59 -0.50 -4.13
C THR C 476 52.42 0.14 -5.23
N ALA C 477 52.28 -0.36 -6.45
CA ALA C 477 53.18 0.05 -7.53
C ALA C 477 52.81 1.41 -8.06
N GLY C 478 51.62 1.89 -7.74
CA GLY C 478 51.22 3.19 -8.24
C GLY C 478 51.38 4.29 -7.21
N TRP C 479 51.35 3.93 -5.92
CA TRP C 479 51.39 4.94 -4.89
C TRP C 479 52.50 4.77 -3.87
N ASN C 480 52.56 3.61 -3.21
CA ASN C 480 53.46 3.45 -2.05
C ASN C 480 54.92 3.42 -2.47
N ILE C 481 55.24 2.55 -3.41
CA ILE C 481 56.58 2.44 -3.97
C ILE C 481 57.02 3.74 -4.66
N PRO C 482 56.19 4.43 -5.48
CA PRO C 482 56.67 5.74 -5.94
C PRO C 482 56.79 6.79 -4.86
N MET C 483 55.72 7.07 -4.12
CA MET C 483 55.69 8.27 -3.32
C MET C 483 56.43 8.10 -2.00
N GLY C 484 56.83 6.87 -1.67
CA GLY C 484 57.76 6.70 -0.57
C GLY C 484 59.15 7.18 -0.95
N LEU C 485 59.70 6.60 -2.01
CA LEU C 485 61.04 6.95 -2.47
C LEU C 485 61.09 8.40 -2.96
N LEU C 486 59.98 8.90 -3.49
CA LEU C 486 59.90 10.32 -3.78
C LEU C 486 59.79 11.12 -2.50
N TYR C 487 59.11 10.59 -1.48
CA TYR C 487 58.89 11.34 -0.26
C TYR C 487 60.17 11.56 0.52
N ASN C 488 61.19 10.74 0.28
CA ASN C 488 62.49 11.04 0.85
C ASN C 488 63.12 12.27 0.20
N LYS C 489 62.86 12.49 -1.09
CA LYS C 489 63.57 13.57 -1.78
C LYS C 489 62.79 14.88 -1.75
N ILE C 490 61.49 14.85 -2.04
CA ILE C 490 60.70 16.08 -2.04
C ILE C 490 60.53 16.61 -0.63
N ASN C 491 60.19 15.72 0.31
CA ASN C 491 59.88 16.01 1.71
C ASN C 491 58.72 16.99 1.85
N HIS C 492 57.75 16.91 0.94
CA HIS C 492 56.50 17.65 1.05
C HIS C 492 55.35 16.68 0.86
N CYS C 493 54.23 17.00 1.48
CA CYS C 493 53.16 16.03 1.58
C CYS C 493 52.24 16.11 0.36
N ARG C 494 52.08 17.30 -0.20
CA ARG C 494 51.36 17.50 -1.45
C ARG C 494 52.23 17.03 -2.61
N PHE C 495 51.62 16.73 -3.76
CA PHE C 495 52.42 16.25 -4.87
C PHE C 495 52.04 16.93 -6.18
N ASP C 496 50.94 17.67 -6.19
CA ASP C 496 50.56 18.40 -7.41
C ASP C 496 51.37 19.68 -7.58
N GLU C 497 52.25 19.97 -6.63
CA GLU C 497 53.21 21.06 -6.81
C GLU C 497 54.52 20.54 -7.39
N PHE C 498 54.89 19.30 -7.08
CA PHE C 498 56.15 18.75 -7.59
C PHE C 498 56.02 18.33 -9.05
N PHE C 499 54.89 17.76 -9.41
CA PHE C 499 54.57 17.45 -10.79
C PHE C 499 53.77 18.60 -11.36
N SER C 500 53.97 18.90 -12.65
CA SER C 500 53.15 19.91 -13.30
C SER C 500 51.71 19.46 -13.38
N GLU C 501 51.48 18.24 -13.89
CA GLU C 501 50.20 17.55 -13.81
C GLU C 501 50.43 16.07 -14.07
N GLY C 502 49.51 15.23 -13.61
CA GLY C 502 49.64 13.80 -13.78
C GLY C 502 48.28 13.15 -13.77
N CYS C 503 48.26 11.83 -13.71
CA CYS C 503 47.01 11.09 -13.58
C CYS C 503 47.14 10.05 -12.48
N ALA C 504 46.41 10.26 -11.39
CA ALA C 504 46.34 9.34 -10.28
C ALA C 504 44.89 9.33 -9.78
N PRO C 505 44.08 8.36 -10.21
CA PRO C 505 42.69 8.36 -9.82
C PRO C 505 42.50 7.92 -8.38
N GLY C 506 41.49 8.50 -7.74
CA GLY C 506 41.33 8.34 -6.31
C GLY C 506 41.85 9.52 -5.52
N SER C 507 42.24 10.59 -6.19
CA SER C 507 42.62 11.80 -5.49
C SER C 507 41.45 12.79 -5.53
N LYS C 508 41.67 13.99 -5.02
CA LYS C 508 40.57 14.94 -4.89
C LYS C 508 40.40 15.75 -6.16
N LYS C 509 39.15 16.17 -6.41
CA LYS C 509 38.76 16.67 -7.72
C LYS C 509 39.36 18.04 -8.02
N ASP C 510 39.88 18.72 -7.01
CA ASP C 510 40.46 20.04 -7.25
C ASP C 510 41.84 19.93 -7.87
N SER C 511 42.46 18.75 -7.81
CA SER C 511 43.86 18.64 -8.19
C SER C 511 44.03 18.64 -9.70
N SER C 512 45.29 18.82 -10.12
CA SER C 512 45.63 18.60 -11.52
C SER C 512 45.75 17.11 -11.82
N LEU C 513 46.04 16.32 -10.77
CA LEU C 513 46.19 14.89 -10.91
C LEU C 513 44.90 14.24 -11.38
N CYS C 514 43.76 14.75 -10.93
CA CYS C 514 42.49 14.26 -11.44
C CYS C 514 42.10 14.99 -12.71
N LYS C 515 42.79 16.09 -12.99
CA LYS C 515 42.41 16.89 -14.16
C LYS C 515 42.93 16.26 -15.44
N LEU C 516 44.13 15.68 -15.41
CA LEU C 516 44.71 15.17 -16.65
C LEU C 516 44.14 13.81 -17.03
N CYS C 517 43.39 13.17 -16.14
CA CYS C 517 42.88 11.82 -16.40
C CYS C 517 41.73 11.85 -17.42
N MET C 518 41.23 10.66 -17.75
CA MET C 518 40.58 10.46 -19.04
C MET C 518 39.05 10.49 -18.94
N GLY C 519 38.49 9.85 -17.92
CA GLY C 519 37.09 9.47 -17.94
C GLY C 519 36.12 10.64 -17.91
N SER C 520 34.94 10.44 -18.48
CA SER C 520 33.96 11.49 -18.67
C SER C 520 32.60 10.85 -18.95
N GLY C 521 31.53 11.48 -18.47
CA GLY C 521 31.55 12.69 -17.65
C GLY C 521 31.21 12.40 -16.21
N LEU C 522 31.83 13.16 -15.31
CA LEU C 522 31.77 13.11 -13.84
C LEU C 522 32.54 11.90 -13.31
N ASN C 523 33.04 11.03 -14.17
CA ASN C 523 33.76 9.85 -13.74
C ASN C 523 35.27 10.02 -13.78
N LEU C 524 35.77 11.24 -14.04
CA LEU C 524 37.20 11.47 -13.99
C LEU C 524 37.69 11.35 -12.55
N CYS C 525 38.85 10.70 -12.39
CA CYS C 525 39.57 10.42 -11.15
C CYS C 525 38.77 9.47 -10.26
N GLU C 526 37.73 8.83 -10.78
CA GLU C 526 36.94 7.92 -9.95
C GLU C 526 37.56 6.55 -9.95
N PRO C 527 37.89 5.99 -8.80
CA PRO C 527 38.74 4.78 -8.77
C PRO C 527 37.99 3.48 -8.99
N ASN C 528 37.40 3.32 -10.16
CA ASN C 528 36.85 2.03 -10.57
C ASN C 528 37.22 1.79 -12.02
N ASN C 529 36.63 0.76 -12.62
CA ASN C 529 36.98 0.45 -13.99
C ASN C 529 36.28 1.35 -15.00
N LYS C 530 35.44 2.28 -14.53
CA LYS C 530 34.78 3.18 -15.45
C LYS C 530 35.65 4.38 -15.79
N GLU C 531 36.73 4.57 -15.04
CA GLU C 531 37.81 5.44 -15.46
C GLU C 531 38.64 4.75 -16.54
N GLY C 532 38.87 5.46 -17.64
CA GLY C 532 39.62 4.87 -18.74
C GLY C 532 41.08 4.64 -18.40
N TYR C 533 41.65 5.51 -17.56
CA TYR C 533 43.05 5.37 -17.23
C TYR C 533 43.27 4.65 -15.90
N TYR C 534 42.26 3.96 -15.40
CA TYR C 534 42.40 3.29 -14.11
C TYR C 534 43.24 2.03 -14.25
N GLY C 535 43.97 1.72 -13.19
CA GLY C 535 44.64 0.44 -13.11
C GLY C 535 45.91 0.38 -13.91
N TYR C 536 46.35 -0.85 -14.14
CA TYR C 536 47.63 -1.09 -14.81
C TYR C 536 47.57 -0.70 -16.28
N THR C 537 46.64 -1.29 -17.02
CA THR C 537 46.55 -1.04 -18.46
C THR C 537 46.08 0.38 -18.72
N GLY C 538 45.26 0.92 -17.82
CA GLY C 538 44.85 2.30 -17.98
C GLY C 538 45.96 3.29 -17.70
N ALA C 539 46.85 2.96 -16.76
CA ALA C 539 48.00 3.81 -16.51
C ALA C 539 48.98 3.76 -17.68
N PHE C 540 49.11 2.58 -18.29
CA PHE C 540 49.94 2.48 -19.48
C PHE C 540 49.36 3.26 -20.64
N ARG C 541 48.03 3.27 -20.76
CA ARG C 541 47.37 4.07 -21.79
C ARG C 541 47.49 5.56 -21.49
N CYS C 542 47.56 5.91 -20.20
CA CYS C 542 47.91 7.28 -19.83
C CYS C 542 49.29 7.65 -20.34
N LEU C 543 50.25 6.75 -20.19
CA LEU C 543 51.61 7.02 -20.65
C LEU C 543 51.67 7.16 -22.15
N VAL C 544 51.00 6.26 -22.87
CA VAL C 544 51.08 6.25 -24.33
C VAL C 544 50.37 7.46 -24.91
N GLU C 545 49.19 7.77 -24.41
CA GLU C 545 48.44 8.89 -24.96
C GLU C 545 49.00 10.23 -24.50
N LYS C 546 49.04 10.46 -23.18
CA LYS C 546 49.37 11.81 -22.71
C LYS C 546 50.43 11.84 -21.61
N GLY C 547 51.27 10.82 -21.48
CA GLY C 547 52.11 10.73 -20.30
C GLY C 547 53.59 10.86 -20.50
N ASP C 548 54.29 11.33 -19.47
CA ASP C 548 55.74 11.39 -19.53
C ASP C 548 56.36 10.18 -18.84
N VAL C 549 55.98 9.90 -17.60
CA VAL C 549 56.39 8.72 -16.87
C VAL C 549 55.13 8.02 -16.40
N ALA C 550 55.16 6.69 -16.30
CA ALA C 550 54.09 5.92 -15.69
C ALA C 550 54.67 5.07 -14.58
N PHE C 551 53.83 4.63 -13.66
CA PHE C 551 54.27 3.81 -12.54
C PHE C 551 53.43 2.53 -12.51
N VAL C 552 54.01 1.43 -13.00
CA VAL C 552 53.27 0.19 -13.13
C VAL C 552 54.12 -0.96 -12.61
N LYS C 553 53.64 -2.18 -12.74
CA LYS C 553 54.48 -3.32 -12.45
C LYS C 553 55.39 -3.60 -13.64
N HIS C 554 56.35 -4.51 -13.43
CA HIS C 554 57.31 -4.82 -14.49
C HIS C 554 56.68 -5.67 -15.57
N GLN C 555 55.53 -6.26 -15.29
CA GLN C 555 54.95 -7.24 -16.19
C GLN C 555 54.01 -6.57 -17.19
N THR C 556 53.87 -5.24 -17.11
CA THR C 556 52.86 -4.54 -17.90
C THR C 556 53.22 -4.50 -19.38
N VAL C 557 54.47 -4.15 -19.69
CA VAL C 557 54.84 -3.88 -21.09
C VAL C 557 54.84 -5.12 -21.98
N PRO C 558 55.36 -6.30 -21.57
CA PRO C 558 55.20 -7.47 -22.45
C PRO C 558 53.76 -7.96 -22.60
N GLN C 559 52.85 -7.52 -21.73
CA GLN C 559 51.46 -7.92 -21.87
C GLN C 559 50.68 -6.95 -22.74
N ASN C 560 51.20 -5.74 -22.93
CA ASN C 560 50.54 -4.80 -23.81
C ASN C 560 51.34 -4.56 -25.08
N THR C 561 52.38 -5.34 -25.29
CA THR C 561 53.21 -5.19 -26.48
C THR C 561 52.84 -6.19 -27.57
N GLY C 562 52.55 -5.66 -28.76
CA GLY C 562 52.56 -6.49 -29.93
C GLY C 562 51.28 -7.25 -30.19
N GLY C 563 50.14 -6.60 -30.08
CA GLY C 563 48.89 -7.26 -30.40
C GLY C 563 48.45 -8.28 -29.38
N LYS C 564 49.01 -8.25 -28.18
CA LYS C 564 48.47 -9.10 -27.11
C LYS C 564 47.11 -8.60 -26.67
N ASN C 565 46.87 -7.31 -26.80
CA ASN C 565 45.52 -6.81 -26.70
C ASN C 565 44.92 -6.69 -28.09
N PRO C 566 43.68 -7.10 -28.29
CA PRO C 566 42.98 -6.76 -29.54
C PRO C 566 42.53 -5.31 -29.60
N ASP C 567 42.73 -4.55 -28.54
CA ASP C 567 42.52 -3.11 -28.55
C ASP C 567 43.44 -2.47 -29.57
N PRO C 568 43.01 -1.39 -30.25
CA PRO C 568 43.83 -0.84 -31.34
C PRO C 568 45.14 -0.21 -30.90
N TRP C 569 45.09 0.67 -29.88
CA TRP C 569 46.26 1.40 -29.44
C TRP C 569 47.32 0.49 -28.87
N ALA C 570 46.94 -0.64 -28.30
CA ALA C 570 47.93 -1.60 -27.83
C ALA C 570 48.34 -2.56 -28.94
N LYS C 571 47.57 -2.64 -30.01
CA LYS C 571 47.92 -3.52 -31.12
C LYS C 571 49.09 -2.96 -31.90
N ASN C 572 49.20 -1.63 -31.96
CA ASN C 572 50.23 -1.05 -32.82
C ASN C 572 51.58 -0.90 -32.12
N LEU C 573 51.65 -1.15 -30.83
CA LEU C 573 52.84 -0.76 -30.08
C LEU C 573 53.90 -1.86 -30.01
N ASN C 574 55.08 -1.47 -29.53
CA ASN C 574 56.24 -2.35 -29.39
C ASN C 574 56.98 -2.02 -28.09
N GLU C 575 57.80 -2.96 -27.61
CA GLU C 575 58.35 -2.82 -26.26
C GLU C 575 59.77 -2.27 -26.28
N LYS C 576 60.45 -2.36 -27.42
CA LYS C 576 61.83 -1.90 -27.48
C LYS C 576 61.91 -0.38 -27.44
N ASP C 577 60.79 0.29 -27.74
CA ASP C 577 60.71 1.71 -27.47
C ASP C 577 60.59 1.99 -25.97
N TYR C 578 59.54 1.46 -25.35
CA TYR C 578 59.12 1.93 -24.05
C TYR C 578 60.02 1.36 -22.95
N GLU C 579 60.81 2.23 -22.33
CA GLU C 579 61.92 1.80 -21.51
C GLU C 579 61.67 2.24 -20.07
N LEU C 580 62.40 1.62 -19.13
CA LEU C 580 62.24 1.91 -17.70
C LEU C 580 63.50 2.61 -17.20
N LEU C 581 63.32 3.58 -16.31
CA LEU C 581 64.44 4.35 -15.79
C LEU C 581 64.76 3.91 -14.37
N CYS C 582 65.95 4.27 -13.90
CA CYS C 582 66.46 3.74 -12.65
C CYS C 582 66.38 4.77 -11.53
N LEU C 583 67.02 4.43 -10.40
CA LEU C 583 67.08 5.33 -9.26
C LEU C 583 68.27 6.28 -9.35
N ASP C 584 69.41 5.78 -9.82
CA ASP C 584 70.57 6.64 -9.95
C ASP C 584 70.51 7.51 -11.22
N GLY C 585 69.60 7.19 -12.14
CA GLY C 585 69.41 7.96 -13.35
C GLY C 585 69.79 7.24 -14.62
N THR C 586 70.35 6.05 -14.54
CA THR C 586 70.85 5.39 -15.74
C THR C 586 69.78 4.52 -16.37
N ARG C 587 69.50 4.78 -17.64
CA ARG C 587 68.46 4.08 -18.39
C ARG C 587 68.84 2.63 -18.66
N LYS C 588 68.01 1.72 -18.19
CA LYS C 588 68.21 0.30 -18.40
C LYS C 588 67.15 -0.20 -19.37
N PRO C 589 67.53 -1.09 -20.29
CA PRO C 589 66.54 -1.64 -21.23
C PRO C 589 65.52 -2.54 -20.56
N VAL C 590 64.50 -2.90 -21.33
CA VAL C 590 63.21 -3.30 -20.77
C VAL C 590 63.26 -4.72 -20.24
N GLU C 591 64.09 -5.56 -20.87
CA GLU C 591 64.11 -6.98 -20.53
C GLU C 591 64.75 -7.21 -19.16
N GLU C 592 65.71 -6.36 -18.79
CA GLU C 592 66.31 -6.46 -17.46
C GLU C 592 65.61 -5.48 -16.52
N TYR C 593 64.80 -6.04 -15.64
CA TYR C 593 64.16 -5.27 -14.60
C TYR C 593 64.86 -5.46 -13.27
N ALA C 594 65.61 -6.55 -13.13
CA ALA C 594 66.19 -6.88 -11.83
C ALA C 594 67.40 -6.02 -11.52
N ASN C 595 68.05 -5.47 -12.55
CA ASN C 595 69.19 -4.59 -12.32
C ASN C 595 68.75 -3.27 -11.72
N CYS C 596 67.55 -2.81 -12.06
CA CYS C 596 67.00 -1.61 -11.43
C CYS C 596 65.48 -1.70 -11.39
N HIS C 597 64.96 -2.19 -10.26
CA HIS C 597 63.58 -2.04 -9.88
C HIS C 597 63.49 -0.89 -8.92
N LEU C 598 62.36 -0.19 -8.91
CA LEU C 598 62.15 0.86 -7.92
C LEU C 598 62.15 0.28 -6.51
N ALA C 599 61.18 -0.57 -6.20
CA ALA C 599 61.21 -1.40 -5.01
C ALA C 599 60.27 -2.57 -5.22
N ARG C 600 60.42 -3.57 -4.38
CA ARG C 600 59.59 -4.77 -4.48
C ARG C 600 58.20 -4.49 -3.94
N ALA C 601 57.24 -5.30 -4.36
CA ALA C 601 55.88 -5.22 -3.85
C ALA C 601 55.35 -6.61 -3.60
N PRO C 602 54.69 -6.86 -2.47
CA PRO C 602 54.13 -8.18 -2.22
C PRO C 602 52.94 -8.48 -3.11
N ASN C 603 52.62 -9.76 -3.23
CA ASN C 603 51.56 -10.21 -4.11
C ASN C 603 50.20 -9.77 -3.60
N HIS C 604 49.21 -9.81 -4.49
CA HIS C 604 47.85 -9.53 -4.06
C HIS C 604 47.32 -10.71 -3.27
N ALA C 605 46.48 -10.42 -2.27
CA ALA C 605 46.02 -11.45 -1.36
C ALA C 605 44.54 -11.28 -1.08
N VAL C 606 43.87 -12.38 -0.74
CA VAL C 606 42.45 -12.36 -0.47
C VAL C 606 42.19 -12.21 1.03
N VAL C 607 41.41 -11.20 1.40
CA VAL C 607 41.14 -10.88 2.79
C VAL C 607 39.69 -11.22 3.11
N THR C 608 39.43 -11.50 4.37
CA THR C 608 38.09 -11.77 4.88
C THR C 608 38.06 -11.61 6.40
N ARG C 609 36.87 -11.75 6.96
CA ARG C 609 36.72 -11.69 8.41
C ARG C 609 37.25 -12.96 9.05
N LYS C 610 37.51 -12.90 10.35
CA LYS C 610 38.21 -14.00 11.00
C LYS C 610 37.31 -15.20 11.20
N ASP C 611 36.01 -14.98 11.30
CA ASP C 611 35.11 -16.09 11.60
C ASP C 611 34.80 -16.91 10.35
N LYS C 612 34.99 -16.35 9.17
CA LYS C 612 34.73 -17.04 7.91
C LYS C 612 35.99 -17.59 7.27
N GLU C 613 37.11 -17.63 7.99
CA GLU C 613 38.39 -17.97 7.39
C GLU C 613 38.43 -19.42 6.94
N ALA C 614 37.79 -20.31 7.70
CA ALA C 614 37.79 -21.73 7.34
C ALA C 614 36.92 -22.01 6.13
N CYS C 615 35.77 -21.33 6.03
CA CYS C 615 34.88 -21.60 4.91
C CYS C 615 35.37 -20.95 3.64
N VAL C 616 35.96 -19.75 3.73
CA VAL C 616 36.57 -19.12 2.57
C VAL C 616 37.75 -19.95 2.08
N HIS C 617 38.52 -20.50 3.03
CA HIS C 617 39.67 -21.34 2.69
C HIS C 617 39.23 -22.62 2.00
N LYS C 618 38.25 -23.32 2.57
CA LYS C 618 37.83 -24.61 2.04
C LYS C 618 37.08 -24.45 0.73
N ILE C 619 36.31 -23.37 0.57
CA ILE C 619 35.58 -23.19 -0.68
C ILE C 619 36.52 -22.76 -1.81
N LEU C 620 37.42 -21.82 -1.53
CA LEU C 620 38.25 -21.31 -2.61
C LEU C 620 39.28 -22.32 -3.09
N ARG C 621 39.74 -23.21 -2.21
CA ARG C 621 40.59 -24.30 -2.67
C ARG C 621 39.82 -25.26 -3.57
N GLN C 622 38.51 -25.37 -3.36
CA GLN C 622 37.72 -26.18 -4.28
C GLN C 622 37.50 -25.44 -5.59
N GLN C 623 37.35 -24.12 -5.54
CA GLN C 623 37.00 -23.37 -6.73
C GLN C 623 38.21 -23.19 -7.65
N GLN C 624 39.42 -23.16 -7.10
CA GLN C 624 40.59 -22.96 -7.95
C GLN C 624 40.89 -24.22 -8.76
N HIS C 625 40.40 -25.37 -8.34
CA HIS C 625 40.67 -26.60 -9.09
C HIS C 625 39.79 -26.70 -10.31
N LEU C 626 38.53 -26.29 -10.19
CA LEU C 626 37.58 -26.53 -11.27
C LEU C 626 37.76 -25.53 -12.40
N PHE C 627 38.06 -24.28 -12.07
CA PHE C 627 38.01 -23.19 -13.04
C PHE C 627 39.37 -22.54 -13.23
N GLY C 628 40.42 -23.13 -12.66
CA GLY C 628 41.72 -22.50 -12.63
C GLY C 628 42.48 -22.64 -13.92
N SER C 629 43.81 -22.57 -13.79
CA SER C 629 44.65 -22.30 -14.94
C SER C 629 44.86 -23.51 -15.84
N ASN C 630 44.49 -24.72 -15.40
CA ASN C 630 44.64 -25.86 -16.29
C ASN C 630 43.49 -25.94 -17.29
N VAL C 631 42.42 -25.18 -17.04
CA VAL C 631 41.29 -25.21 -17.95
C VAL C 631 41.64 -24.45 -19.22
N THR C 632 41.92 -25.20 -20.27
CA THR C 632 42.11 -24.62 -21.59
C THR C 632 40.75 -24.55 -22.27
N ASP C 633 40.77 -24.19 -23.55
CA ASP C 633 39.58 -23.76 -24.30
C ASP C 633 38.85 -22.67 -23.55
N CYS C 634 39.51 -21.52 -23.41
CA CYS C 634 39.02 -20.51 -22.48
C CYS C 634 37.85 -19.74 -23.07
N SER C 635 37.87 -19.51 -24.38
CA SER C 635 36.76 -18.82 -25.01
C SER C 635 35.55 -19.75 -25.08
N GLY C 636 34.38 -19.20 -24.83
CA GLY C 636 33.16 -19.97 -24.87
C GLY C 636 32.84 -20.70 -23.58
N ASN C 637 33.84 -21.23 -22.89
CA ASN C 637 33.63 -21.86 -21.59
C ASN C 637 34.08 -20.86 -20.53
N PHE C 638 33.99 -21.25 -19.26
CA PHE C 638 34.31 -20.29 -18.21
C PHE C 638 35.75 -20.42 -17.75
N CYS C 639 36.42 -19.29 -17.60
CA CYS C 639 37.73 -19.21 -16.98
C CYS C 639 37.63 -18.23 -15.82
N LEU C 640 38.18 -18.61 -14.66
CA LEU C 640 38.05 -17.76 -13.50
C LEU C 640 39.02 -16.59 -13.57
N PHE C 641 40.22 -16.82 -14.11
CA PHE C 641 41.25 -15.80 -14.00
C PHE C 641 41.41 -14.99 -15.27
N ARG C 642 41.05 -15.54 -16.42
CA ARG C 642 41.23 -14.82 -17.67
C ARG C 642 40.14 -13.77 -17.84
N SER C 643 40.56 -12.54 -18.07
CA SER C 643 39.65 -11.46 -18.40
C SER C 643 40.13 -10.79 -19.67
N GLU C 644 39.42 -9.76 -20.08
CA GLU C 644 39.77 -9.02 -21.29
C GLU C 644 40.60 -7.78 -20.95
N THR C 645 41.67 -7.98 -20.19
CA THR C 645 42.71 -7.04 -19.76
C THR C 645 42.08 -5.84 -19.06
N LYS C 646 40.92 -5.99 -18.43
CA LYS C 646 40.48 -4.99 -17.48
C LYS C 646 41.02 -5.30 -16.10
N ASP C 647 41.64 -6.47 -15.94
CA ASP C 647 42.23 -7.00 -14.72
C ASP C 647 41.20 -7.11 -13.62
N LEU C 648 40.06 -7.76 -13.88
CA LEU C 648 38.95 -7.71 -12.95
C LEU C 648 38.84 -8.98 -12.12
N LEU C 649 38.56 -8.78 -10.83
CA LEU C 649 38.42 -9.71 -9.70
C LEU C 649 39.71 -10.36 -9.25
N PHE C 650 40.72 -10.35 -10.10
CA PHE C 650 41.98 -11.02 -9.90
C PHE C 650 42.91 -10.49 -10.97
N ARG C 651 44.21 -10.57 -10.72
CA ARG C 651 45.14 -10.15 -11.75
C ARG C 651 45.14 -11.21 -12.86
N ASP C 652 45.29 -10.76 -14.11
CA ASP C 652 45.01 -11.62 -15.25
C ASP C 652 46.08 -12.68 -15.46
N ASP C 653 47.25 -12.49 -14.88
CA ASP C 653 48.34 -13.41 -15.17
C ASP C 653 48.57 -14.38 -14.02
N THR C 654 47.63 -14.46 -13.08
CA THR C 654 47.77 -15.39 -11.96
C THR C 654 47.72 -16.83 -12.47
N VAL C 655 48.55 -17.67 -11.89
CA VAL C 655 48.52 -19.09 -12.20
C VAL C 655 47.61 -19.81 -11.22
N CYS C 656 48.01 -19.81 -9.96
CA CYS C 656 47.23 -20.42 -8.90
C CYS C 656 47.26 -19.47 -7.73
N LEU C 657 46.55 -19.82 -6.68
CA LEU C 657 46.51 -19.00 -5.48
C LEU C 657 47.00 -19.82 -4.29
N ALA C 658 48.00 -19.29 -3.60
CA ALA C 658 48.83 -20.02 -2.65
C ALA C 658 48.17 -20.09 -1.30
N LYS C 659 48.21 -21.27 -0.69
CA LYS C 659 47.75 -21.45 0.66
C LYS C 659 48.76 -20.91 1.65
N LEU C 660 48.31 -20.03 2.53
CA LEU C 660 49.17 -19.42 3.53
C LEU C 660 48.89 -20.05 4.88
N HIS C 661 49.84 -20.85 5.34
CA HIS C 661 49.88 -21.31 6.71
C HIS C 661 50.97 -20.52 7.42
N ASP C 662 50.76 -20.25 8.71
CA ASP C 662 51.65 -19.62 9.68
C ASP C 662 51.80 -18.11 9.43
N ARG C 663 51.35 -17.59 8.30
CA ARG C 663 51.46 -16.17 8.01
C ARG C 663 50.07 -15.65 7.65
N ASN C 664 49.27 -15.38 8.67
CA ASN C 664 47.97 -14.75 8.49
C ASN C 664 47.78 -13.61 9.49
N THR C 665 48.40 -12.48 9.16
CA THR C 665 48.15 -11.15 9.71
C THR C 665 48.43 -10.20 8.57
N TYR C 666 48.32 -8.90 8.82
CA TYR C 666 48.73 -7.98 7.78
C TYR C 666 50.23 -7.71 7.85
N GLU C 667 50.79 -7.67 9.05
CA GLU C 667 52.19 -7.30 9.18
C GLU C 667 53.13 -8.43 8.78
N LYS C 668 52.77 -9.68 9.11
CA LYS C 668 53.63 -10.80 8.74
C LYS C 668 53.54 -11.09 7.25
N TYR C 669 52.38 -10.82 6.66
CA TYR C 669 52.26 -11.02 5.22
C TYR C 669 52.99 -9.94 4.45
N LEU C 670 52.76 -8.67 4.79
CA LEU C 670 53.32 -7.59 4.01
C LEU C 670 54.83 -7.47 4.23
N GLY C 671 55.27 -7.60 5.46
CA GLY C 671 56.69 -7.65 5.70
C GLY C 671 57.27 -6.32 6.12
N GLU C 672 58.54 -6.39 6.56
CA GLU C 672 59.11 -5.33 7.37
C GLU C 672 59.43 -4.09 6.54
N GLU C 673 60.06 -4.27 5.39
CA GLU C 673 60.48 -3.13 4.57
C GLU C 673 59.28 -2.38 4.02
N TYR C 674 58.22 -3.11 3.66
CA TYR C 674 57.05 -2.47 3.09
C TYR C 674 56.25 -1.75 4.16
N VAL C 675 56.10 -2.36 5.35
CA VAL C 675 55.39 -1.72 6.45
C VAL C 675 56.16 -0.49 6.93
N LYS C 676 57.49 -0.56 6.90
CA LYS C 676 58.27 0.65 7.17
C LYS C 676 58.05 1.71 6.11
N ALA C 677 57.88 1.31 4.85
CA ALA C 677 57.72 2.28 3.77
C ALA C 677 56.40 3.02 3.89
N VAL C 678 55.31 2.28 4.13
CA VAL C 678 54.02 2.92 4.30
C VAL C 678 53.99 3.69 5.61
N GLY C 679 54.76 3.23 6.60
CA GLY C 679 54.90 3.98 7.84
C GLY C 679 55.62 5.29 7.66
N ASN C 680 56.54 5.35 6.69
CA ASN C 680 57.12 6.63 6.32
C ASN C 680 56.11 7.49 5.57
N LEU C 681 55.20 6.85 4.84
CA LEU C 681 54.21 7.61 4.07
C LEU C 681 52.99 7.99 4.89
N ARG C 682 52.93 7.57 6.16
CA ARG C 682 51.65 7.45 6.86
C ARG C 682 51.05 8.80 7.23
N LYS C 683 51.86 9.85 7.35
CA LYS C 683 51.31 11.15 7.69
C LYS C 683 50.77 11.88 6.46
N CYS C 684 50.91 11.27 5.28
CA CYS C 684 50.41 11.92 4.07
C CYS C 684 49.20 11.22 3.49
N SER C 685 48.88 10.03 3.98
CA SER C 685 47.73 9.31 3.45
C SER C 685 46.43 9.99 3.87
N THR C 686 45.59 10.27 2.89
CA THR C 686 44.37 11.02 3.09
C THR C 686 43.12 10.15 3.04
N SER C 687 43.28 8.84 3.05
CA SER C 687 42.13 7.95 2.99
C SER C 687 41.39 7.95 4.32
N SER C 688 40.11 8.30 4.26
CA SER C 688 39.35 8.55 5.49
C SER C 688 39.09 7.28 6.27
N LEU C 689 39.06 6.14 5.58
CA LEU C 689 38.87 4.87 6.27
C LEU C 689 40.07 4.55 7.15
N LEU C 690 41.27 4.96 6.72
CA LEU C 690 42.45 4.78 7.56
C LEU C 690 42.37 5.66 8.80
N GLU C 691 41.80 6.86 8.66
CA GLU C 691 41.60 7.73 9.80
C GLU C 691 40.62 7.13 10.79
N ALA C 692 39.54 6.52 10.29
CA ALA C 692 38.55 5.91 11.16
C ALA C 692 39.13 4.71 11.90
N CYS C 693 39.84 3.83 11.18
CA CYS C 693 40.39 2.65 11.82
C CYS C 693 41.58 3.00 12.72
N THR C 694 42.13 4.20 12.58
CA THR C 694 43.11 4.64 13.55
C THR C 694 42.46 5.25 14.79
N PHE C 695 41.33 5.96 14.60
CA PHE C 695 40.63 6.58 15.72
C PHE C 695 40.05 5.54 16.67
N ARG C 696 39.69 4.37 16.13
CA ARG C 696 39.13 3.30 16.95
C ARG C 696 40.15 2.78 17.96
N ARG C 697 41.43 2.87 17.60
CA ARG C 697 42.49 2.43 18.48
C ARG C 697 42.62 3.39 19.66
N PRO C 698 43.00 2.89 20.85
CA PRO C 698 43.24 3.73 22.02
C PRO C 698 44.62 4.37 22.02
N VAL D 20 -10.15 -16.42 35.94
CA VAL D 20 -9.07 -15.53 35.52
C VAL D 20 -9.67 -14.26 34.93
N PRO D 21 -8.94 -13.13 35.04
CA PRO D 21 -9.17 -12.23 36.17
C PRO D 21 -10.55 -11.60 36.13
N ASP D 22 -11.05 -11.18 37.30
CA ASP D 22 -12.44 -10.75 37.42
C ASP D 22 -12.64 -9.34 36.92
N LYS D 23 -13.84 -8.80 37.12
CA LYS D 23 -14.18 -7.46 36.66
C LYS D 23 -13.54 -6.39 37.52
N THR D 24 -13.06 -5.33 36.88
CA THR D 24 -12.63 -4.13 37.58
C THR D 24 -12.97 -2.91 36.73
N VAL D 25 -13.30 -1.81 37.39
CA VAL D 25 -13.52 -0.54 36.71
C VAL D 25 -12.30 0.32 36.99
N ARG D 26 -11.84 1.03 35.97
CA ARG D 26 -10.73 1.96 36.13
C ARG D 26 -11.16 3.33 35.63
N TRP D 27 -10.64 4.37 36.26
CA TRP D 27 -10.94 5.74 35.88
C TRP D 27 -9.64 6.39 35.47
N CYS D 28 -9.74 7.39 34.59
CA CYS D 28 -8.57 8.09 34.10
C CYS D 28 -8.49 9.49 34.70
N ALA D 29 -7.32 9.84 35.21
CA ALA D 29 -7.13 11.03 36.03
C ALA D 29 -6.24 12.02 35.28
N VAL D 30 -6.38 13.31 35.63
CA VAL D 30 -5.68 14.35 34.88
C VAL D 30 -4.43 14.82 35.62
N SER D 31 -4.54 14.98 36.94
CA SER D 31 -3.44 15.50 37.73
C SER D 31 -3.39 14.80 39.08
N GLU D 32 -2.71 15.44 40.04
CA GLU D 32 -2.62 14.88 41.37
C GLU D 32 -3.89 15.11 42.17
N HIS D 33 -4.58 16.23 41.91
CA HIS D 33 -5.87 16.48 42.56
C HIS D 33 -6.88 15.43 42.14
N GLU D 34 -6.84 15.02 40.88
CA GLU D 34 -7.69 13.94 40.39
C GLU D 34 -7.29 12.61 41.04
N ALA D 35 -6.01 12.46 41.39
CA ALA D 35 -5.58 11.22 42.02
C ALA D 35 -6.03 11.16 43.47
N THR D 36 -6.05 12.31 44.15
CA THR D 36 -6.51 12.35 45.54
C THR D 36 -8.01 12.12 45.60
N LYS D 37 -8.78 12.85 44.79
CA LYS D 37 -10.23 12.68 44.77
C LYS D 37 -10.62 11.30 44.27
N CYS D 38 -9.85 10.77 43.31
CA CYS D 38 -10.08 9.41 42.83
C CYS D 38 -9.76 8.39 43.91
N GLN D 39 -8.81 8.73 44.79
CA GLN D 39 -8.45 7.80 45.86
C GLN D 39 -9.53 7.73 46.92
N SER D 40 -10.07 8.88 47.33
CA SER D 40 -11.20 8.88 48.26
C SER D 40 -12.43 8.23 47.64
N PHE D 41 -12.62 8.44 46.35
CA PHE D 41 -13.72 7.82 45.62
C PHE D 41 -13.56 6.31 45.58
N ARG D 42 -12.32 5.83 45.50
CA ARG D 42 -12.06 4.39 45.53
C ARG D 42 -12.43 3.80 46.87
N ASP D 43 -12.00 4.44 47.97
CA ASP D 43 -12.20 3.84 49.28
C ASP D 43 -13.66 3.91 49.70
N HIS D 44 -14.37 4.95 49.29
CA HIS D 44 -15.80 5.00 49.59
C HIS D 44 -16.57 3.98 48.75
N MET D 45 -16.22 3.83 47.47
CA MET D 45 -16.98 2.92 46.63
C MET D 45 -16.61 1.46 46.88
N LYS D 46 -15.46 1.22 47.52
CA LYS D 46 -15.19 -0.12 48.01
C LYS D 46 -15.81 -0.32 49.38
N SER D 47 -16.17 0.78 50.05
CA SER D 47 -16.88 0.64 51.32
C SER D 47 -18.31 0.18 51.10
N VAL D 48 -18.96 0.67 50.04
CA VAL D 48 -20.40 0.36 49.90
C VAL D 48 -20.62 -1.02 49.26
N ILE D 49 -19.94 -1.31 48.16
CA ILE D 49 -20.26 -2.44 47.29
C ILE D 49 -19.82 -3.74 47.95
N PRO D 50 -20.60 -4.83 47.84
CA PRO D 50 -20.12 -6.15 48.30
C PRO D 50 -18.88 -6.59 47.54
N SER D 51 -18.18 -7.56 48.15
CA SER D 51 -16.82 -7.90 47.73
C SER D 51 -16.78 -8.61 46.39
N ASP D 52 -17.94 -9.04 45.88
CA ASP D 52 -17.95 -9.65 44.56
C ASP D 52 -18.17 -8.60 43.48
N GLY D 53 -18.65 -7.43 43.85
CA GLY D 53 -18.86 -6.34 42.92
C GLY D 53 -17.57 -5.59 42.62
N PRO D 54 -17.40 -5.11 41.40
CA PRO D 54 -16.14 -4.44 41.04
C PRO D 54 -16.07 -3.04 41.61
N SER D 55 -14.84 -2.55 41.70
CA SER D 55 -14.56 -1.28 42.36
C SER D 55 -13.85 -0.35 41.39
N VAL D 56 -13.58 0.86 41.87
CA VAL D 56 -12.91 1.86 41.05
C VAL D 56 -11.41 1.62 41.13
N ALA D 57 -10.71 1.97 40.06
CA ALA D 57 -9.26 2.08 40.08
C ALA D 57 -8.92 3.47 39.57
N CYS D 58 -7.66 3.87 39.72
CA CYS D 58 -7.21 5.18 39.31
C CYS D 58 -5.96 5.04 38.46
N VAL D 59 -6.01 5.56 37.24
CA VAL D 59 -4.86 5.62 36.36
C VAL D 59 -4.60 7.08 36.01
N LYS D 60 -3.47 7.59 36.46
CA LYS D 60 -3.10 8.98 36.26
C LYS D 60 -2.48 9.12 34.88
N LYS D 61 -2.96 10.08 34.11
CA LYS D 61 -2.37 10.47 32.84
C LYS D 61 -2.08 11.96 32.89
N ALA D 62 -1.27 12.44 31.95
CA ALA D 62 -0.86 13.83 32.00
C ALA D 62 -1.96 14.76 31.47
N SER D 63 -2.56 14.41 30.33
CA SER D 63 -3.55 15.26 29.69
C SER D 63 -4.79 14.46 29.31
N TYR D 64 -5.82 15.18 28.86
CA TYR D 64 -7.06 14.49 28.49
C TYR D 64 -6.90 13.76 27.17
N LEU D 65 -6.09 14.29 26.26
CA LEU D 65 -5.98 13.70 24.94
C LEU D 65 -5.15 12.42 25.01
N ASP D 66 -4.11 12.44 25.83
CA ASP D 66 -3.35 11.24 26.14
C ASP D 66 -4.21 10.24 26.88
N CYS D 67 -5.19 10.72 27.63
CA CYS D 67 -6.15 9.83 28.27
C CYS D 67 -7.09 9.20 27.25
N ILE D 68 -7.42 9.93 26.18
CA ILE D 68 -8.26 9.37 25.13
C ILE D 68 -7.51 8.25 24.42
N ARG D 69 -6.23 8.46 24.14
CA ARG D 69 -5.48 7.36 23.54
C ARG D 69 -5.20 6.26 24.55
N ALA D 70 -5.28 6.59 25.84
CA ALA D 70 -5.17 5.56 26.86
C ALA D 70 -6.42 4.69 26.90
N ILE D 71 -7.59 5.26 26.58
CA ILE D 71 -8.79 4.43 26.50
C ILE D 71 -8.77 3.59 25.23
N ALA D 72 -8.42 4.21 24.11
CA ALA D 72 -8.44 3.49 22.83
C ALA D 72 -7.38 2.40 22.79
N ALA D 73 -6.31 2.52 23.58
CA ALA D 73 -5.35 1.44 23.67
C ALA D 73 -5.52 0.66 24.96
N ASN D 74 -6.76 0.57 25.45
CA ASN D 74 -7.29 -0.19 26.58
C ASN D 74 -6.54 -0.04 27.91
N GLU D 75 -5.71 0.98 28.12
CA GLU D 75 -5.16 1.16 29.44
C GLU D 75 -6.14 1.82 30.40
N ALA D 76 -7.17 2.49 29.88
CA ALA D 76 -8.16 3.17 30.71
C ALA D 76 -9.54 2.89 30.15
N ASP D 77 -10.58 3.13 30.97
CA ASP D 77 -11.93 2.77 30.53
C ASP D 77 -12.83 3.98 30.37
N ALA D 78 -12.80 4.91 31.32
CA ALA D 78 -13.78 5.98 31.32
C ALA D 78 -13.14 7.29 31.69
N VAL D 79 -13.65 8.38 31.10
CA VAL D 79 -13.21 9.73 31.46
C VAL D 79 -14.26 10.73 30.97
N THR D 80 -14.34 11.88 31.64
CA THR D 80 -15.33 12.91 31.38
C THR D 80 -14.76 13.95 30.43
N LEU D 81 -15.56 14.36 29.44
CA LEU D 81 -15.14 15.37 28.47
C LEU D 81 -16.26 16.38 28.29
N ASP D 82 -15.96 17.43 27.53
CA ASP D 82 -17.00 18.34 27.06
C ASP D 82 -17.76 17.79 25.89
N ALA D 83 -18.58 18.66 25.28
CA ALA D 83 -19.22 18.30 24.02
C ALA D 83 -18.24 18.38 22.87
N GLY D 84 -17.54 19.52 22.75
CA GLY D 84 -16.60 19.70 21.65
C GLY D 84 -15.44 18.74 21.74
N LEU D 85 -15.05 18.38 22.96
CA LEU D 85 -14.02 17.38 23.12
C LEU D 85 -14.54 15.99 22.82
N VAL D 86 -15.83 15.75 23.03
CA VAL D 86 -16.45 14.52 22.54
C VAL D 86 -16.34 14.44 21.03
N TYR D 87 -16.48 15.57 20.34
CA TYR D 87 -16.28 15.55 18.89
C TYR D 87 -14.84 15.24 18.52
N ASP D 88 -13.88 15.61 19.35
CA ASP D 88 -12.51 15.20 19.08
C ASP D 88 -12.32 13.72 19.41
N ALA D 89 -13.06 13.20 20.39
CA ALA D 89 -12.85 11.81 20.78
C ALA D 89 -13.61 10.86 19.87
N TYR D 90 -14.52 11.39 19.08
CA TYR D 90 -15.33 10.53 18.22
C TYR D 90 -14.52 9.99 17.06
N LEU D 91 -13.51 10.73 16.64
CA LEU D 91 -12.83 10.50 15.38
C LEU D 91 -12.02 9.21 15.42
N ALA D 92 -11.75 8.67 14.24
CA ALA D 92 -10.84 7.54 14.17
C ALA D 92 -9.43 8.02 14.42
N PRO D 93 -8.57 7.21 15.04
CA PRO D 93 -8.70 5.84 15.52
C PRO D 93 -9.23 5.74 16.92
N ASN D 94 -9.73 6.83 17.48
CA ASN D 94 -10.12 6.81 18.89
C ASN D 94 -11.40 6.01 19.10
N ASN D 95 -12.43 6.29 18.30
CA ASN D 95 -13.69 5.53 18.26
C ASN D 95 -14.37 5.47 19.62
N LEU D 96 -14.44 6.60 20.29
CA LEU D 96 -15.06 6.66 21.60
C LEU D 96 -16.58 6.71 21.47
N LYS D 97 -17.27 6.67 22.59
CA LYS D 97 -18.72 6.67 22.63
C LYS D 97 -19.20 7.33 23.91
N PRO D 98 -20.17 8.22 23.82
CA PRO D 98 -20.72 8.84 25.03
C PRO D 98 -21.70 7.94 25.77
N VAL D 99 -21.50 7.65 27.06
CA VAL D 99 -22.34 6.63 27.69
C VAL D 99 -23.19 7.20 28.83
N VAL D 100 -22.68 8.16 29.60
CA VAL D 100 -23.41 8.68 30.75
C VAL D 100 -23.28 10.19 30.80
N ALA D 101 -24.40 10.89 30.72
CA ALA D 101 -24.42 12.33 30.82
C ALA D 101 -24.82 12.73 32.23
N GLU D 102 -25.03 14.03 32.42
CA GLU D 102 -25.30 14.57 33.74
C GLU D 102 -26.16 15.83 33.63
N PHE D 103 -27.08 16.01 34.57
CA PHE D 103 -28.00 17.16 34.54
C PHE D 103 -27.68 18.14 35.65
N TYR D 104 -28.08 19.40 35.42
CA TYR D 104 -27.60 20.53 36.21
C TYR D 104 -28.71 21.14 37.06
N GLY D 105 -29.95 20.81 36.78
CA GLY D 105 -31.04 21.40 37.55
C GLY D 105 -31.20 20.75 38.91
N SER D 106 -32.31 21.07 39.56
CA SER D 106 -32.68 20.27 40.71
C SER D 106 -33.24 18.92 40.23
N LYS D 107 -33.50 18.05 41.20
CA LYS D 107 -34.10 16.76 40.86
C LYS D 107 -35.57 16.90 40.52
N GLU D 108 -36.15 18.07 40.82
CA GLU D 108 -37.52 18.36 40.40
C GLU D 108 -37.61 18.47 38.88
N ASP D 109 -36.59 19.04 38.26
CA ASP D 109 -36.52 19.15 36.81
C ASP D 109 -35.08 19.07 36.34
N PRO D 110 -34.66 17.97 35.74
CA PRO D 110 -33.31 17.89 35.17
C PRO D 110 -33.18 18.74 33.91
N GLN D 111 -32.04 19.39 33.73
CA GLN D 111 -31.73 20.13 32.52
C GLN D 111 -30.43 19.60 31.95
N THR D 112 -30.45 19.23 30.68
CA THR D 112 -29.27 18.62 30.08
C THR D 112 -28.40 19.66 29.39
N PHE D 113 -29.02 20.66 28.76
CA PHE D 113 -28.23 21.73 28.18
C PHE D 113 -27.86 22.77 29.24
N TYR D 114 -26.77 23.50 28.99
CA TYR D 114 -26.45 24.67 29.79
C TYR D 114 -26.01 25.81 28.87
N TYR D 115 -25.90 27.01 29.43
CA TYR D 115 -25.72 28.20 28.60
C TYR D 115 -24.25 28.60 28.53
N ALA D 116 -23.93 29.39 27.50
CA ALA D 116 -22.60 29.97 27.36
C ALA D 116 -22.70 31.48 27.40
N VAL D 117 -21.95 32.11 28.31
CA VAL D 117 -21.95 33.56 28.46
C VAL D 117 -20.53 34.09 28.52
N ALA D 118 -20.42 35.41 28.41
CA ALA D 118 -19.14 36.11 28.39
C ALA D 118 -19.13 37.22 29.43
N VAL D 119 -18.42 36.99 30.52
CA VAL D 119 -18.38 37.92 31.65
C VAL D 119 -17.27 38.94 31.40
N VAL D 120 -17.51 40.19 31.80
CA VAL D 120 -16.54 41.27 31.70
C VAL D 120 -16.51 42.06 33.00
N LYS D 121 -15.71 43.12 32.99
CA LYS D 121 -15.60 44.02 34.13
C LYS D 121 -16.64 45.14 34.00
N LYS D 122 -17.09 45.67 35.14
CA LYS D 122 -17.98 46.83 35.14
C LYS D 122 -17.24 48.04 34.59
N ASP D 123 -17.97 48.89 33.87
CA ASP D 123 -17.53 50.18 33.32
C ASP D 123 -16.37 50.04 32.34
N SER D 124 -16.12 48.84 31.83
CA SER D 124 -15.20 48.68 30.72
C SER D 124 -15.75 49.35 29.47
N GLY D 125 -17.05 49.23 29.24
CA GLY D 125 -17.77 50.04 28.27
C GLY D 125 -17.40 49.79 26.83
N PHE D 126 -17.41 48.54 26.39
CA PHE D 126 -17.10 48.19 25.02
C PHE D 126 -18.14 47.21 24.51
N GLN D 127 -18.42 47.27 23.21
CA GLN D 127 -19.44 46.42 22.61
C GLN D 127 -18.86 45.05 22.26
N MET D 128 -19.75 44.15 21.85
CA MET D 128 -19.31 42.82 21.47
C MET D 128 -18.70 42.81 20.08
N ASN D 129 -19.19 43.67 19.19
CA ASN D 129 -18.81 43.56 17.78
C ASN D 129 -17.39 44.03 17.53
N GLN D 130 -16.93 45.05 18.25
CA GLN D 130 -15.63 45.65 18.01
C GLN D 130 -14.59 45.18 19.02
N LEU D 131 -14.70 43.91 19.42
CA LEU D 131 -13.98 43.41 20.59
C LEU D 131 -12.53 43.05 20.28
N ARG D 132 -12.03 43.37 19.09
CA ARG D 132 -10.66 43.05 18.73
C ARG D 132 -9.66 43.87 19.55
N GLY D 133 -8.44 43.35 19.65
CA GLY D 133 -7.39 44.02 20.38
C GLY D 133 -7.57 44.03 21.87
N LYS D 134 -8.34 43.10 22.42
CA LYS D 134 -8.61 43.07 23.85
C LYS D 134 -7.98 41.82 24.44
N LYS D 135 -8.06 41.70 25.76
CA LYS D 135 -7.57 40.51 26.43
C LYS D 135 -8.69 39.50 26.63
N SER D 136 -8.49 38.29 26.13
CA SER D 136 -9.51 37.26 26.26
C SER D 136 -8.93 36.08 27.01
N CYS D 137 -9.76 35.46 27.83
CA CYS D 137 -9.39 34.27 28.58
C CYS D 137 -10.34 33.16 28.21
N HIS D 138 -9.80 32.04 27.77
CA HIS D 138 -10.60 30.91 27.31
C HIS D 138 -10.38 29.74 28.26
N THR D 139 -11.39 28.89 28.39
CA THR D 139 -11.27 27.76 29.30
C THR D 139 -10.52 26.60 28.67
N GLY D 140 -10.30 26.65 27.36
CA GLY D 140 -9.52 25.62 26.71
C GLY D 140 -9.73 25.62 25.21
N LEU D 141 -8.86 24.88 24.53
CA LEU D 141 -8.91 24.76 23.08
C LEU D 141 -9.80 23.59 22.71
N GLY D 142 -10.88 23.88 22.01
CA GLY D 142 -11.82 22.87 21.59
C GLY D 142 -12.98 22.65 22.53
N ARG D 143 -12.96 23.26 23.72
CA ARG D 143 -14.06 23.12 24.65
C ARG D 143 -15.27 23.91 24.17
N SER D 144 -16.42 23.63 24.77
CA SER D 144 -17.67 24.02 24.14
C SER D 144 -17.99 25.49 24.38
N ALA D 145 -18.14 25.89 25.64
CA ALA D 145 -18.54 27.26 25.94
C ALA D 145 -17.35 28.20 25.95
N GLY D 146 -16.15 27.66 25.83
CA GLY D 146 -14.99 28.53 25.82
C GLY D 146 -14.50 28.83 24.42
N TRP D 147 -14.55 27.85 23.52
CA TRP D 147 -13.88 28.01 22.25
C TRP D 147 -14.85 28.09 21.09
N ASN D 148 -15.73 27.10 20.94
CA ASN D 148 -16.47 26.91 19.70
C ASN D 148 -17.51 28.00 19.50
N ILE D 149 -18.26 28.33 20.55
CA ILE D 149 -19.25 29.41 20.47
C ILE D 149 -18.64 30.80 20.26
N PRO D 150 -17.59 31.22 21.00
CA PRO D 150 -17.09 32.58 20.74
C PRO D 150 -16.40 32.74 19.41
N ILE D 151 -15.58 31.77 19.01
CA ILE D 151 -14.89 31.88 17.72
C ILE D 151 -15.89 31.70 16.59
N GLY D 152 -16.94 30.90 16.81
CA GLY D 152 -17.98 30.76 15.81
C GLY D 152 -18.77 32.03 15.59
N LEU D 153 -19.08 32.75 16.68
CA LEU D 153 -19.81 34.00 16.53
C LEU D 153 -18.93 35.11 15.99
N LEU D 154 -17.65 35.09 16.33
CA LEU D 154 -16.70 36.08 15.85
C LEU D 154 -16.05 35.70 14.54
N TYR D 155 -16.49 34.63 13.89
CA TYR D 155 -15.60 33.93 12.96
C TYR D 155 -15.51 34.64 11.61
N CYS D 156 -16.62 35.00 11.00
CA CYS D 156 -16.57 35.38 9.59
C CYS D 156 -16.09 36.81 9.40
N ASP D 157 -15.90 37.54 10.50
CA ASP D 157 -15.48 38.94 10.39
C ASP D 157 -13.97 39.05 10.16
N LEU D 158 -13.24 37.96 10.31
CA LEU D 158 -11.80 38.02 10.14
C LEU D 158 -11.43 37.92 8.66
N PRO D 159 -10.38 38.59 8.22
CA PRO D 159 -9.99 38.50 6.81
C PRO D 159 -9.21 37.23 6.52
N GLU D 160 -9.13 36.91 5.22
CA GLU D 160 -8.29 35.81 4.77
C GLU D 160 -6.82 36.13 5.03
N PRO D 161 -5.99 35.12 5.32
CA PRO D 161 -6.25 33.68 5.45
C PRO D 161 -6.81 33.28 6.81
N ARG D 162 -7.84 32.45 6.79
CA ARG D 162 -8.47 32.04 8.04
C ARG D 162 -7.84 30.75 8.57
N LYS D 163 -7.34 29.90 7.69
CA LYS D 163 -6.61 28.73 8.14
C LYS D 163 -5.15 29.07 8.35
N PRO D 164 -4.53 28.60 9.45
CA PRO D 164 -5.13 27.87 10.57
C PRO D 164 -5.82 28.84 11.51
N LEU D 165 -6.73 28.32 12.32
CA LEU D 165 -7.62 29.19 13.09
C LEU D 165 -6.87 29.92 14.19
N GLU D 166 -5.91 29.26 14.83
CA GLU D 166 -5.22 29.85 15.97
C GLU D 166 -4.34 31.02 15.55
N LYS D 167 -3.84 30.97 14.31
CA LYS D 167 -3.07 32.08 13.78
C LYS D 167 -3.95 33.30 13.57
N ALA D 168 -5.17 33.07 13.06
CA ALA D 168 -6.06 34.18 12.75
C ALA D 168 -6.63 34.79 14.02
N VAL D 169 -7.06 33.95 14.97
CA VAL D 169 -7.53 34.44 16.26
C VAL D 169 -6.39 35.09 17.03
N ALA D 170 -5.18 34.55 16.86
CA ALA D 170 -4.00 35.15 17.47
C ALA D 170 -3.71 36.53 16.90
N ASN D 171 -4.08 36.77 15.64
CA ASN D 171 -3.92 38.11 15.10
C ASN D 171 -5.13 38.97 15.40
N PHE D 172 -6.25 38.35 15.82
CA PHE D 172 -7.44 39.14 16.10
C PHE D 172 -7.33 39.83 17.45
N PHE D 173 -7.02 39.07 18.50
CA PHE D 173 -6.76 39.63 19.82
C PHE D 173 -5.31 40.06 19.88
N SER D 174 -5.01 40.98 20.80
CA SER D 174 -3.63 41.41 21.00
C SER D 174 -3.00 40.59 22.13
N GLY D 175 -3.12 39.27 22.00
CA GLY D 175 -2.67 38.38 23.04
C GLY D 175 -3.81 37.92 23.93
N SER D 176 -3.71 36.68 24.39
CA SER D 176 -4.81 36.07 25.11
C SER D 176 -4.29 34.95 25.98
N CYS D 177 -5.21 34.20 26.58
CA CYS D 177 -4.88 32.94 27.23
C CYS D 177 -5.84 31.86 26.73
N ALA D 178 -5.28 30.73 26.32
CA ALA D 178 -6.08 29.61 25.90
C ALA D 178 -5.29 28.33 26.13
N PRO D 179 -5.56 27.60 27.22
CA PRO D 179 -4.81 26.38 27.50
C PRO D 179 -5.10 25.28 26.51
N CYS D 180 -4.20 24.30 26.45
CA CYS D 180 -4.08 23.19 25.50
C CYS D 180 -3.68 23.63 24.10
N ALA D 181 -3.61 24.92 23.82
CA ALA D 181 -3.10 25.39 22.55
C ALA D 181 -1.58 25.27 22.52
N ASP D 182 -1.03 25.15 21.32
CA ASP D 182 0.39 24.90 21.14
C ASP D 182 1.16 26.20 21.29
N GLY D 183 2.06 26.25 22.26
CA GLY D 183 2.82 27.47 22.48
C GLY D 183 3.94 27.63 21.47
N THR D 184 4.48 26.51 20.98
CA THR D 184 5.65 26.58 20.10
C THR D 184 5.27 27.08 18.72
N ASP D 185 4.17 26.59 18.16
CA ASP D 185 3.77 27.05 16.85
C ASP D 185 3.03 28.38 16.92
N PHE D 186 2.43 28.68 18.07
CA PHE D 186 1.68 29.91 18.25
C PHE D 186 2.05 30.52 19.59
N PRO D 187 2.77 31.63 19.61
CA PRO D 187 3.14 32.23 20.90
C PRO D 187 2.09 33.19 21.44
N GLN D 188 1.19 33.68 20.61
CA GLN D 188 0.20 34.66 21.06
C GLN D 188 -0.86 34.02 21.94
N LEU D 189 -1.07 32.70 21.80
CA LEU D 189 -2.12 32.05 22.59
C LEU D 189 -1.65 31.82 24.01
N CYS D 190 -0.35 31.84 24.24
CA CYS D 190 0.20 31.76 25.58
C CYS D 190 0.72 33.10 26.07
N GLN D 191 0.22 34.21 25.52
CA GLN D 191 0.79 35.52 25.82
C GLN D 191 0.39 35.98 27.21
N LEU D 192 -0.73 35.46 27.72
CA LEU D 192 -1.14 35.84 29.08
C LEU D 192 -0.87 34.70 30.05
N CYS D 193 -0.88 33.47 29.58
CA CYS D 193 -0.57 32.32 30.40
C CYS D 193 0.75 31.74 29.94
N PRO D 194 1.79 31.81 30.77
CA PRO D 194 3.15 31.52 30.27
C PRO D 194 3.37 30.07 29.92
N GLY D 195 2.65 29.16 30.55
CA GLY D 195 2.56 27.79 30.11
C GLY D 195 1.12 27.45 29.78
N CYS D 196 0.91 26.89 28.59
CA CYS D 196 -0.42 26.48 28.19
C CYS D 196 -0.54 24.98 28.44
N GLY D 197 -0.94 24.63 29.67
CA GLY D 197 -0.90 23.28 30.15
C GLY D 197 -2.28 22.68 30.32
N CYS D 198 -2.44 21.44 29.87
CA CYS D 198 -3.73 20.75 29.87
C CYS D 198 -3.89 19.98 31.18
N SER D 199 -4.00 20.73 32.28
CA SER D 199 -4.10 20.13 33.60
C SER D 199 -4.62 21.17 34.55
N THR D 200 -4.86 20.74 35.79
CA THR D 200 -5.31 21.68 36.80
C THR D 200 -4.11 22.40 37.42
N LEU D 201 -2.89 21.99 37.04
CA LEU D 201 -1.69 22.66 37.52
C LEU D 201 -1.64 24.10 37.03
N ASN D 202 -2.08 24.34 35.80
CA ASN D 202 -2.32 25.68 35.35
C ASN D 202 -3.48 26.26 36.14
N GLN D 203 -3.28 27.45 36.70
CA GLN D 203 -4.31 28.05 37.54
C GLN D 203 -5.40 28.68 36.70
N TYR D 204 -5.13 28.88 35.41
CA TYR D 204 -6.13 29.53 34.56
C TYR D 204 -6.97 28.51 33.80
N PHE D 205 -6.58 27.24 33.86
CA PHE D 205 -7.33 26.19 33.18
C PHE D 205 -8.62 25.90 33.91
N GLY D 206 -9.67 25.61 33.16
CA GLY D 206 -10.95 25.30 33.74
C GLY D 206 -11.89 26.49 33.68
N TYR D 207 -13.10 26.27 34.21
CA TYR D 207 -14.09 27.34 34.26
C TYR D 207 -13.66 28.45 35.22
N SER D 208 -13.37 28.06 36.47
CA SER D 208 -13.01 29.05 37.48
C SER D 208 -11.63 29.63 37.24
N GLY D 209 -10.81 28.94 36.45
CA GLY D 209 -9.55 29.52 36.03
C GLY D 209 -9.75 30.65 35.04
N ALA D 210 -10.75 30.53 34.18
CA ALA D 210 -11.04 31.61 33.24
C ALA D 210 -11.74 32.76 33.92
N PHE D 211 -12.57 32.45 34.92
CA PHE D 211 -13.18 33.53 35.69
C PHE D 211 -12.15 34.22 36.57
N LYS D 212 -11.16 33.46 37.04
CA LYS D 212 -10.04 34.06 37.76
C LYS D 212 -9.18 34.89 36.82
N CYS D 213 -9.15 34.50 35.55
CA CYS D 213 -8.44 35.28 34.55
C CYS D 213 -9.12 36.62 34.31
N LEU D 214 -10.43 36.69 34.54
CA LEU D 214 -11.09 37.98 34.51
C LEU D 214 -10.94 38.71 35.84
N LYS D 215 -10.96 37.96 36.95
CA LYS D 215 -10.96 38.57 38.27
C LYS D 215 -9.60 39.21 38.58
N ASP D 216 -8.54 38.69 37.95
CA ASP D 216 -7.22 39.25 38.18
C ASP D 216 -7.06 40.60 37.50
N GLY D 217 -7.90 40.88 36.50
CA GLY D 217 -7.73 42.07 35.70
C GLY D 217 -6.75 41.91 34.57
N ALA D 218 -6.08 40.76 34.47
CA ALA D 218 -5.21 40.50 33.33
C ALA D 218 -6.04 40.26 32.07
N GLY D 219 -7.23 39.68 32.22
CA GLY D 219 -8.10 39.41 31.11
C GLY D 219 -9.24 40.41 31.05
N ASP D 220 -9.59 40.82 29.82
CA ASP D 220 -10.62 41.84 29.66
C ASP D 220 -11.99 41.22 29.42
N VAL D 221 -12.04 40.03 28.82
CA VAL D 221 -13.28 39.30 28.62
C VAL D 221 -13.02 37.82 28.92
N ALA D 222 -14.00 37.17 29.56
CA ALA D 222 -13.92 35.74 29.83
C ALA D 222 -15.19 35.06 29.33
N PHE D 223 -15.10 33.77 29.07
CA PHE D 223 -16.17 33.00 28.47
C PHE D 223 -16.41 31.76 29.33
N VAL D 224 -17.49 31.74 30.10
CA VAL D 224 -17.79 30.59 30.95
C VAL D 224 -19.27 30.29 30.89
N LYS D 225 -19.70 29.31 31.67
CA LYS D 225 -21.13 29.05 31.77
C LYS D 225 -21.82 30.11 32.62
N HIS D 226 -23.12 29.90 32.83
CA HIS D 226 -23.91 30.88 33.56
C HIS D 226 -23.78 30.72 35.07
N SER D 227 -23.13 29.64 35.54
CA SER D 227 -23.24 29.33 36.95
C SER D 227 -21.93 29.55 37.71
N THR D 228 -20.82 29.77 37.00
CA THR D 228 -19.54 29.86 37.69
C THR D 228 -19.36 31.19 38.40
N ILE D 229 -19.97 32.26 37.89
CA ILE D 229 -19.93 33.53 38.62
C ILE D 229 -20.73 33.42 39.91
N PHE D 230 -21.73 32.53 39.95
CA PHE D 230 -22.37 32.19 41.21
C PHE D 230 -21.51 31.25 42.02
N GLU D 231 -20.60 30.52 41.38
CA GLU D 231 -19.76 29.58 42.13
C GLU D 231 -18.64 30.31 42.88
N ASN D 232 -17.97 31.24 42.22
CA ASN D 232 -16.76 31.80 42.82
C ASN D 232 -17.07 32.91 43.82
N LEU D 233 -18.07 33.74 43.53
CA LEU D 233 -18.35 34.91 44.33
C LEU D 233 -19.52 34.65 45.25
N ALA D 234 -19.39 35.03 46.52
CA ALA D 234 -20.47 34.85 47.48
C ALA D 234 -21.16 36.18 47.82
N ASN D 235 -20.43 37.29 47.71
CA ASN D 235 -20.99 38.59 48.05
C ASN D 235 -21.81 39.12 46.88
N LYS D 236 -22.88 39.85 47.20
CA LYS D 236 -23.79 40.30 46.17
C LYS D 236 -23.23 41.48 45.40
N ALA D 237 -22.39 42.29 46.07
CA ALA D 237 -21.80 43.45 45.40
C ALA D 237 -20.78 43.01 44.37
N ASP D 238 -20.07 41.92 44.64
CA ASP D 238 -19.11 41.38 43.68
C ASP D 238 -19.81 40.91 42.41
N ARG D 239 -21.01 40.36 42.57
CA ARG D 239 -21.84 40.03 41.43
C ARG D 239 -22.34 41.30 40.75
N ASP D 240 -22.60 42.35 41.54
CA ASP D 240 -23.14 43.58 40.98
C ASP D 240 -22.09 44.32 40.18
N GLN D 241 -20.81 44.03 40.41
CA GLN D 241 -19.78 44.58 39.53
C GLN D 241 -19.78 43.88 38.18
N TYR D 242 -19.49 42.58 38.17
CA TYR D 242 -19.20 41.88 36.92
C TYR D 242 -20.44 41.73 36.05
N GLU D 243 -20.27 42.00 34.76
CA GLU D 243 -21.36 42.09 33.82
C GLU D 243 -21.11 41.13 32.67
N LEU D 244 -22.17 40.83 31.93
CA LEU D 244 -22.08 39.95 30.78
C LEU D 244 -22.68 40.63 29.57
N LEU D 245 -22.04 40.45 28.41
CA LEU D 245 -22.45 41.11 27.19
C LEU D 245 -23.54 40.31 26.48
N CYS D 246 -24.39 41.00 25.73
CA CYS D 246 -25.47 40.32 25.02
C CYS D 246 -25.12 40.17 23.54
N LEU D 247 -25.87 39.28 22.89
CA LEU D 247 -25.59 38.96 21.49
C LEU D 247 -26.01 40.09 20.57
N ASP D 248 -27.01 40.87 20.95
CA ASP D 248 -27.44 42.00 20.17
C ASP D 248 -26.80 43.31 20.65
N ASN D 249 -25.56 43.20 21.11
CA ASN D 249 -24.64 44.32 21.38
C ASN D 249 -25.14 45.22 22.50
N THR D 250 -25.79 44.64 23.51
CA THR D 250 -26.27 45.41 24.64
C THR D 250 -25.64 44.89 25.93
N ARG D 251 -26.11 45.41 27.07
CA ARG D 251 -25.56 45.12 28.38
C ARG D 251 -26.66 44.73 29.34
N LYS D 252 -26.43 43.68 30.13
CA LYS D 252 -27.34 43.25 31.18
C LYS D 252 -26.53 42.72 32.36
N PRO D 253 -27.06 42.82 33.58
CA PRO D 253 -26.46 42.11 34.71
C PRO D 253 -26.72 40.61 34.68
N VAL D 254 -26.32 39.94 35.77
CA VAL D 254 -25.93 38.54 35.68
C VAL D 254 -27.13 37.59 35.65
N ASP D 255 -28.16 37.83 36.46
CA ASP D 255 -29.10 36.74 36.73
C ASP D 255 -30.12 36.56 35.61
N GLU D 256 -30.09 37.41 34.58
CA GLU D 256 -30.90 37.15 33.38
C GLU D 256 -30.06 36.46 32.31
N TYR D 257 -29.41 35.37 32.74
CA TYR D 257 -28.67 34.54 31.79
C TYR D 257 -29.61 33.80 30.86
N LYS D 258 -30.86 33.56 31.30
CA LYS D 258 -31.85 32.99 30.40
C LYS D 258 -32.31 34.02 29.37
N ASP D 259 -32.11 35.30 29.67
CA ASP D 259 -32.44 36.34 28.70
C ASP D 259 -31.27 36.59 27.76
N CYS D 260 -30.07 36.73 28.32
CA CYS D 260 -28.89 37.15 27.57
C CYS D 260 -27.83 36.05 27.54
N HIS D 261 -27.92 35.14 26.57
CA HIS D 261 -26.95 34.06 26.46
C HIS D 261 -26.48 33.98 25.02
N LEU D 262 -25.40 33.24 24.79
CA LEU D 262 -24.93 33.05 23.42
C LEU D 262 -25.54 31.83 22.79
N ALA D 263 -25.36 30.66 23.40
CA ALA D 263 -25.96 29.44 22.89
C ALA D 263 -26.09 28.43 24.01
N GLN D 264 -26.91 27.42 23.76
CA GLN D 264 -27.03 26.25 24.61
C GLN D 264 -25.98 25.24 24.17
N VAL D 265 -25.47 24.46 25.11
CA VAL D 265 -24.59 23.35 24.78
C VAL D 265 -25.05 22.11 25.52
N PRO D 266 -24.76 20.92 24.97
CA PRO D 266 -25.00 19.69 25.74
C PRO D 266 -24.10 19.59 26.94
N SER D 267 -24.44 18.68 27.84
CA SER D 267 -23.69 18.55 29.08
C SER D 267 -22.39 17.80 28.88
N HIS D 268 -21.61 17.71 29.96
CA HIS D 268 -20.41 16.88 29.91
C HIS D 268 -20.81 15.43 29.94
N THR D 269 -19.96 14.57 29.42
CA THR D 269 -20.34 13.18 29.25
C THR D 269 -19.18 12.26 29.57
N VAL D 270 -19.44 11.24 30.39
CA VAL D 270 -18.51 10.14 30.54
C VAL D 270 -18.44 9.37 29.23
N VAL D 271 -17.24 9.19 28.71
CA VAL D 271 -17.05 8.47 27.46
C VAL D 271 -16.30 7.19 27.74
N ALA D 272 -16.47 6.21 26.87
CA ALA D 272 -15.81 4.92 26.92
C ALA D 272 -15.79 4.35 25.51
N ARG D 273 -14.96 3.34 25.29
CA ARG D 273 -14.83 2.77 23.95
C ARG D 273 -16.05 1.94 23.59
N SER D 274 -16.20 1.66 22.30
CA SER D 274 -17.45 1.07 21.83
C SER D 274 -17.46 -0.45 21.94
N MET D 275 -16.46 -1.11 21.37
CA MET D 275 -16.49 -2.56 21.31
C MET D 275 -16.14 -3.19 22.66
N GLY D 276 -15.10 -2.69 23.32
CA GLY D 276 -14.67 -3.28 24.57
C GLY D 276 -15.63 -3.01 25.72
N GLY D 277 -16.44 -1.96 25.59
CA GLY D 277 -17.41 -1.64 26.61
C GLY D 277 -16.75 -1.07 27.84
N LYS D 278 -17.50 -1.03 28.94
CA LYS D 278 -18.83 -1.60 29.05
C LYS D 278 -19.75 -0.62 29.76
N GLU D 279 -20.98 -0.47 29.27
CA GLU D 279 -21.83 0.62 29.72
C GLU D 279 -22.49 0.29 31.04
N ASP D 280 -22.89 -0.97 31.21
CA ASP D 280 -23.71 -1.39 32.32
C ASP D 280 -22.98 -1.27 33.66
N LEU D 281 -21.69 -1.54 33.66
CA LEU D 281 -20.95 -1.58 34.91
C LEU D 281 -20.68 -0.17 35.41
N ILE D 282 -20.33 0.72 34.48
CA ILE D 282 -20.17 2.14 34.77
C ILE D 282 -21.50 2.71 35.25
N TRP D 283 -22.60 2.26 34.66
CA TRP D 283 -23.88 2.84 35.02
C TRP D 283 -24.38 2.33 36.37
N GLU D 284 -24.04 1.10 36.72
CA GLU D 284 -24.34 0.61 38.07
C GLU D 284 -23.55 1.38 39.11
N LEU D 285 -22.25 1.52 38.89
CA LEU D 285 -21.37 2.21 39.83
C LEU D 285 -21.79 3.65 40.02
N LEU D 286 -22.14 4.33 38.94
CA LEU D 286 -22.52 5.72 39.06
C LEU D 286 -23.97 5.86 39.51
N ASN D 287 -24.76 4.79 39.41
CA ASN D 287 -26.07 4.80 40.06
C ASN D 287 -25.95 4.82 41.56
N GLN D 288 -25.08 3.97 42.10
CA GLN D 288 -24.88 3.98 43.55
C GLN D 288 -24.19 5.26 43.99
N ALA D 289 -23.36 5.83 43.11
CA ALA D 289 -22.75 7.13 43.39
C ALA D 289 -23.78 8.25 43.45
N GLN D 290 -24.74 8.25 42.51
CA GLN D 290 -25.68 9.35 42.49
C GLN D 290 -26.73 9.18 43.58
N GLU D 291 -26.94 7.95 44.06
CA GLU D 291 -27.95 7.78 45.10
C GLU D 291 -27.37 8.04 46.48
N HIS D 292 -26.04 8.01 46.62
CA HIS D 292 -25.47 8.29 47.94
C HIS D 292 -24.94 9.71 48.06
N PHE D 293 -24.31 10.23 47.01
CA PHE D 293 -23.41 11.35 47.17
C PHE D 293 -23.83 12.63 46.46
N GLY D 294 -24.99 12.64 45.79
CA GLY D 294 -25.30 13.78 44.93
C GLY D 294 -25.85 14.97 45.69
N LYS D 295 -26.98 14.78 46.37
CA LYS D 295 -27.81 15.87 46.88
C LYS D 295 -27.70 15.82 48.41
N ASP D 296 -26.46 15.71 48.88
CA ASP D 296 -26.06 15.95 50.25
C ASP D 296 -26.66 14.94 51.22
N LYS D 297 -26.79 13.69 50.78
CA LYS D 297 -27.23 12.63 51.69
C LYS D 297 -26.15 12.33 52.71
N SER D 298 -24.88 12.49 52.32
CA SER D 298 -23.74 12.20 53.18
C SER D 298 -22.92 13.47 53.33
N LYS D 299 -22.57 13.80 54.57
CA LYS D 299 -21.68 14.93 54.80
C LYS D 299 -20.23 14.50 54.71
N GLU D 300 -19.96 13.21 54.98
CA GLU D 300 -18.59 12.75 55.17
C GLU D 300 -17.84 12.66 53.85
N PHE D 301 -18.55 12.67 52.73
CA PHE D 301 -17.94 12.71 51.41
C PHE D 301 -18.91 13.33 50.42
N GLN D 302 -18.40 14.20 49.56
CA GLN D 302 -19.17 14.75 48.45
C GLN D 302 -18.51 14.32 47.15
N LEU D 303 -19.33 14.10 46.13
CA LEU D 303 -18.80 13.70 44.83
C LEU D 303 -18.71 14.89 43.88
N PHE D 304 -19.57 15.88 44.05
CA PHE D 304 -19.62 16.97 43.09
C PHE D 304 -18.84 18.19 43.56
N SER D 305 -18.48 18.23 44.84
CA SER D 305 -17.63 19.29 45.38
C SER D 305 -16.49 18.67 46.15
N SER D 306 -15.34 19.34 46.15
CA SER D 306 -14.15 18.85 46.85
C SER D 306 -13.28 20.01 47.31
N PRO D 307 -12.59 19.90 48.45
CA PRO D 307 -11.79 21.03 48.93
C PRO D 307 -10.46 21.18 48.21
N HIS D 308 -9.96 20.10 47.62
CA HIS D 308 -8.65 20.14 46.96
C HIS D 308 -8.70 21.00 45.71
N GLY D 309 -9.83 20.98 45.03
CA GLY D 309 -10.06 21.86 43.90
C GLY D 309 -11.48 21.65 43.42
N LYS D 310 -11.94 22.55 42.56
CA LYS D 310 -13.26 22.43 41.98
C LYS D 310 -13.13 21.89 40.56
N ASP D 311 -14.23 21.36 40.04
CA ASP D 311 -14.38 20.70 38.75
C ASP D 311 -13.46 19.49 38.63
N LEU D 312 -13.23 18.76 39.71
CA LEU D 312 -12.37 17.60 39.63
C LEU D 312 -13.22 16.36 39.42
N LEU D 313 -12.90 15.61 38.36
CA LEU D 313 -13.50 14.34 37.92
C LEU D 313 -14.92 14.47 37.40
N PHE D 314 -15.58 15.60 37.67
CA PHE D 314 -16.99 15.86 37.37
C PHE D 314 -17.16 17.37 37.48
N LYS D 315 -18.32 17.86 37.10
CA LYS D 315 -18.54 19.29 37.24
C LYS D 315 -19.04 19.59 38.65
N ASP D 316 -19.01 20.86 39.02
CA ASP D 316 -19.56 21.25 40.31
C ASP D 316 -21.05 21.50 40.20
N SER D 317 -21.50 22.06 39.07
CA SER D 317 -22.92 22.42 38.93
C SER D 317 -23.77 21.24 38.48
N ALA D 318 -23.16 20.07 38.34
CA ALA D 318 -23.93 18.86 38.11
C ALA D 318 -24.74 18.52 39.34
N HIS D 319 -25.90 17.91 39.14
CA HIS D 319 -26.66 17.38 40.26
C HIS D 319 -27.08 15.94 40.06
N GLY D 320 -26.85 15.35 38.90
CA GLY D 320 -27.08 13.91 38.78
C GLY D 320 -26.71 13.38 37.42
N PHE D 321 -26.82 12.06 37.29
CA PHE D 321 -26.35 11.33 36.12
C PHE D 321 -27.54 10.75 35.37
N LEU D 322 -27.54 10.87 34.05
CA LEU D 322 -28.57 10.28 33.21
C LEU D 322 -27.93 9.32 32.23
N LYS D 323 -28.55 8.16 32.06
CA LYS D 323 -28.04 7.17 31.12
C LYS D 323 -28.30 7.58 29.68
N VAL D 324 -27.29 7.48 28.84
CA VAL D 324 -27.47 7.69 27.40
C VAL D 324 -28.04 6.41 26.78
N PRO D 325 -29.07 6.49 25.95
CA PRO D 325 -29.65 5.28 25.35
C PRO D 325 -28.66 4.61 24.42
N PRO D 326 -28.81 3.31 24.17
CA PRO D 326 -27.80 2.61 23.36
C PRO D 326 -27.82 3.00 21.90
N ARG D 327 -28.91 3.59 21.42
CA ARG D 327 -28.97 4.02 20.04
C ARG D 327 -28.09 5.23 19.78
N MET D 328 -28.08 6.18 20.70
CA MET D 328 -27.51 7.48 20.43
C MET D 328 -25.98 7.43 20.49
N ASP D 329 -25.37 7.62 19.34
CA ASP D 329 -23.94 7.83 19.23
C ASP D 329 -23.67 9.33 19.20
N ALA D 330 -22.41 9.68 18.94
CA ALA D 330 -21.94 11.03 19.23
C ALA D 330 -22.55 12.06 18.29
N LYS D 331 -22.74 11.70 17.02
CA LYS D 331 -23.32 12.65 16.09
C LYS D 331 -24.79 12.90 16.39
N MET D 332 -25.49 11.89 16.88
CA MET D 332 -26.87 12.13 17.31
C MET D 332 -26.88 12.83 18.65
N TYR D 333 -25.80 12.67 19.42
CA TYR D 333 -25.74 13.32 20.73
C TYR D 333 -25.58 14.81 20.60
N LEU D 334 -24.70 15.27 19.70
CA LEU D 334 -24.41 16.69 19.64
C LEU D 334 -25.46 17.44 18.85
N GLY D 335 -26.29 16.73 18.10
CA GLY D 335 -27.21 17.41 17.21
C GLY D 335 -26.63 17.57 15.82
N TYR D 336 -27.31 18.39 15.01
CA TYR D 336 -26.80 18.63 13.67
C TYR D 336 -26.18 20.01 13.53
N GLU D 337 -26.78 21.02 14.17
CA GLU D 337 -26.25 22.38 14.04
C GLU D 337 -24.90 22.50 14.72
N TYR D 338 -24.70 21.75 15.80
CA TYR D 338 -23.47 21.87 16.54
C TYR D 338 -22.32 21.15 15.84
N VAL D 339 -22.61 19.99 15.25
CA VAL D 339 -21.59 19.28 14.48
C VAL D 339 -21.27 20.04 13.20
N THR D 340 -22.29 20.65 12.58
CA THR D 340 -22.05 21.40 11.36
C THR D 340 -21.23 22.66 11.64
N ALA D 341 -21.52 23.33 12.76
CA ALA D 341 -20.75 24.51 13.13
C ALA D 341 -19.33 24.15 13.51
N ILE D 342 -19.15 23.04 14.22
CA ILE D 342 -17.80 22.71 14.68
C ILE D 342 -16.98 22.15 13.54
N ARG D 343 -17.64 21.63 12.49
CA ARG D 343 -16.89 21.13 11.35
C ARG D 343 -16.53 22.26 10.41
N ASN D 344 -17.41 23.25 10.27
CA ASN D 344 -17.03 24.45 9.53
C ASN D 344 -15.99 25.25 10.28
N LEU D 345 -15.92 25.10 11.61
CA LEU D 345 -14.95 25.86 12.37
C LEU D 345 -13.58 25.19 12.37
N ARG D 346 -13.54 23.85 12.47
CA ARG D 346 -12.27 23.15 12.32
C ARG D 346 -11.72 23.34 10.91
N GLU D 347 -12.56 23.14 9.90
CA GLU D 347 -12.09 23.23 8.52
C GLU D 347 -11.92 24.67 8.09
N GLY D 348 -12.57 25.59 8.78
CA GLY D 348 -12.36 27.00 8.50
C GLY D 348 -12.99 27.50 7.23
N THR D 349 -14.32 27.49 7.16
CA THR D 349 -15.04 27.97 5.99
C THR D 349 -16.21 28.82 6.44
N CYS D 350 -16.24 30.06 5.98
CA CYS D 350 -17.45 30.85 6.21
C CYS D 350 -18.39 30.65 5.05
N PRO D 351 -19.56 30.06 5.26
CA PRO D 351 -20.48 29.83 4.13
C PRO D 351 -21.15 31.11 3.67
N GLU D 352 -21.06 31.35 2.37
CA GLU D 352 -21.78 32.47 1.76
C GLU D 352 -23.19 32.04 1.42
N ALA D 353 -23.31 30.92 0.73
CA ALA D 353 -24.53 30.25 0.23
C ALA D 353 -25.55 31.21 -0.38
N PRO D 354 -25.30 31.79 -1.57
CA PRO D 354 -26.40 32.44 -2.29
C PRO D 354 -27.09 31.49 -3.25
N THR D 355 -27.68 30.40 -2.75
CA THR D 355 -29.13 30.16 -2.60
C THR D 355 -29.92 30.28 -3.91
N ASP D 356 -29.22 30.20 -5.04
CA ASP D 356 -29.88 30.33 -6.33
C ASP D 356 -30.32 28.97 -6.85
N GLU D 357 -29.36 28.08 -7.08
CA GLU D 357 -29.62 26.76 -7.59
C GLU D 357 -29.54 25.75 -6.46
N CYS D 358 -30.02 24.54 -6.72
CA CYS D 358 -30.11 23.51 -5.70
C CYS D 358 -29.18 22.35 -6.02
N LYS D 359 -28.40 21.97 -5.01
CA LYS D 359 -27.62 20.74 -5.05
C LYS D 359 -28.55 19.54 -5.12
N PRO D 360 -28.10 18.42 -5.68
CA PRO D 360 -29.02 17.28 -5.87
C PRO D 360 -29.43 16.64 -4.55
N VAL D 361 -30.68 16.21 -4.49
CA VAL D 361 -31.25 15.65 -3.29
C VAL D 361 -30.80 14.21 -3.13
N LYS D 362 -30.35 13.85 -1.93
CA LYS D 362 -29.94 12.50 -1.63
C LYS D 362 -31.07 11.76 -0.94
N TRP D 363 -31.98 11.21 -1.74
CA TRP D 363 -33.09 10.39 -1.29
C TRP D 363 -32.57 9.12 -0.65
N CYS D 364 -33.35 8.51 0.23
CA CYS D 364 -32.93 7.30 0.93
C CYS D 364 -33.82 6.12 0.58
N ALA D 365 -33.22 4.94 0.49
CA ALA D 365 -33.90 3.72 0.08
C ALA D 365 -33.62 2.63 1.11
N LEU D 366 -34.09 1.41 0.84
CA LEU D 366 -33.85 0.29 1.73
C LEU D 366 -33.99 -1.05 1.00
N SER D 367 -32.89 -1.80 1.01
CA SER D 367 -32.81 -3.23 0.69
C SER D 367 -33.19 -3.64 -0.73
N HIS D 368 -32.46 -3.20 -1.74
CA HIS D 368 -32.32 -3.88 -3.02
C HIS D 368 -33.56 -3.87 -3.91
N HIS D 369 -34.70 -3.43 -3.41
CA HIS D 369 -35.81 -3.16 -4.32
C HIS D 369 -36.05 -1.66 -4.40
N GLU D 370 -36.05 -1.00 -3.24
CA GLU D 370 -36.06 0.45 -3.20
C GLU D 370 -34.79 1.00 -3.83
N ARG D 371 -33.67 0.29 -3.68
CA ARG D 371 -32.40 0.77 -4.18
C ARG D 371 -32.32 0.65 -5.69
N LEU D 372 -32.87 -0.45 -6.21
CA LEU D 372 -33.04 -0.65 -7.65
C LEU D 372 -33.87 0.45 -8.29
N LYS D 373 -35.09 0.64 -7.78
CA LYS D 373 -36.00 1.65 -8.30
C LYS D 373 -35.42 3.04 -8.19
N CYS D 374 -34.75 3.30 -7.08
CA CYS D 374 -34.20 4.62 -6.83
C CYS D 374 -33.08 4.92 -7.81
N ASP D 375 -32.26 3.91 -8.13
CA ASP D 375 -31.19 4.13 -9.10
C ASP D 375 -31.74 4.42 -10.49
N GLU D 376 -32.79 3.68 -10.88
CA GLU D 376 -33.41 3.94 -12.18
C GLU D 376 -34.00 5.33 -12.26
N TRP D 377 -34.57 5.82 -11.15
CA TRP D 377 -35.07 7.18 -11.14
C TRP D 377 -33.94 8.19 -11.10
N SER D 378 -32.79 7.80 -10.55
CA SER D 378 -31.65 8.71 -10.52
C SER D 378 -31.07 8.92 -11.90
N VAL D 379 -31.21 7.93 -12.78
CA VAL D 379 -30.71 8.13 -14.14
C VAL D 379 -31.78 8.76 -15.03
N ASN D 380 -33.06 8.43 -14.82
CA ASN D 380 -34.10 9.04 -15.65
C ASN D 380 -34.30 10.51 -15.33
N SER D 381 -33.99 10.93 -14.11
CA SER D 381 -33.82 12.36 -13.90
C SER D 381 -32.45 12.80 -14.35
N VAL D 382 -32.24 14.10 -14.58
CA VAL D 382 -31.03 14.55 -15.27
C VAL D 382 -29.85 14.51 -14.30
N GLY D 383 -30.13 14.31 -13.03
CA GLY D 383 -29.10 14.30 -12.02
C GLY D 383 -29.51 14.93 -10.71
N LYS D 384 -30.76 15.39 -10.60
CA LYS D 384 -31.19 16.11 -9.42
C LYS D 384 -31.45 15.19 -8.24
N ILE D 385 -31.55 13.88 -8.50
CA ILE D 385 -31.87 12.90 -7.45
C ILE D 385 -30.79 11.82 -7.42
N GLU D 386 -30.24 11.59 -6.24
CA GLU D 386 -29.25 10.54 -6.00
C GLU D 386 -29.68 9.73 -4.79
N CYS D 387 -29.27 8.46 -4.72
CA CYS D 387 -29.88 7.51 -3.79
C CYS D 387 -28.88 6.90 -2.83
N VAL D 388 -29.19 6.96 -1.55
CA VAL D 388 -28.41 6.34 -0.48
C VAL D 388 -29.33 5.41 0.29
N SER D 389 -28.87 4.18 0.53
CA SER D 389 -29.71 3.13 1.07
C SER D 389 -29.34 2.81 2.51
N ALA D 390 -30.35 2.41 3.28
CA ALA D 390 -30.21 1.91 4.64
C ALA D 390 -30.86 0.55 4.68
N GLU D 391 -31.09 0.00 5.87
CA GLU D 391 -31.68 -1.33 5.93
C GLU D 391 -33.07 -1.32 6.54
N THR D 392 -33.25 -0.63 7.66
CA THR D 392 -34.57 -0.43 8.23
C THR D 392 -34.89 1.05 8.20
N THR D 393 -36.16 1.37 8.45
CA THR D 393 -36.60 2.74 8.27
C THR D 393 -36.17 3.65 9.41
N GLU D 394 -36.01 3.10 10.62
CA GLU D 394 -35.47 3.88 11.72
C GLU D 394 -34.02 4.26 11.45
N ASP D 395 -33.27 3.33 10.89
CA ASP D 395 -31.88 3.57 10.58
C ASP D 395 -31.75 4.63 9.49
N CYS D 396 -32.70 4.65 8.54
CA CYS D 396 -32.65 5.68 7.52
C CYS D 396 -33.05 7.04 8.06
N ILE D 397 -34.00 7.08 9.01
CA ILE D 397 -34.36 8.36 9.63
C ILE D 397 -33.17 8.93 10.40
N ALA D 398 -32.43 8.07 11.09
CA ALA D 398 -31.18 8.52 11.72
C ALA D 398 -30.18 8.99 10.68
N LYS D 399 -30.18 8.33 9.52
CA LYS D 399 -29.26 8.72 8.44
C LYS D 399 -29.67 10.05 7.83
N ILE D 400 -30.92 10.46 8.01
CA ILE D 400 -31.29 11.82 7.62
C ILE D 400 -30.84 12.81 8.68
N MET D 401 -30.93 12.42 9.97
CA MET D 401 -30.59 13.36 11.04
C MET D 401 -29.11 13.71 11.06
N ASN D 402 -28.23 12.73 10.95
CA ASN D 402 -26.81 13.08 11.03
C ASN D 402 -26.30 13.67 9.72
N GLY D 403 -26.97 13.39 8.60
CA GLY D 403 -26.81 14.21 7.43
C GLY D 403 -26.26 13.57 6.18
N GLU D 404 -26.49 12.28 5.95
CA GLU D 404 -26.13 11.71 4.66
C GLU D 404 -27.32 11.70 3.69
N ALA D 405 -28.53 11.59 4.21
CA ALA D 405 -29.71 11.46 3.38
C ALA D 405 -30.59 12.69 3.54
N ASP D 406 -31.27 13.08 2.47
CA ASP D 406 -32.06 14.31 2.54
C ASP D 406 -33.53 14.04 2.80
N ALA D 407 -34.21 13.33 1.92
CA ALA D 407 -35.66 13.26 1.98
C ALA D 407 -36.10 11.81 2.02
N MET D 408 -37.32 11.61 2.52
CA MET D 408 -37.87 10.26 2.56
C MET D 408 -39.38 10.34 2.65
N SER D 409 -40.06 9.42 1.99
CA SER D 409 -41.50 9.25 2.14
C SER D 409 -41.78 8.11 3.10
N LEU D 410 -42.59 8.39 4.12
CA LEU D 410 -42.92 7.43 5.16
C LEU D 410 -44.26 7.79 5.78
N ASP D 411 -44.92 6.77 6.34
CA ASP D 411 -46.26 6.92 6.85
C ASP D 411 -46.29 7.73 8.14
N GLY D 412 -47.53 8.02 8.59
CA GLY D 412 -47.72 9.02 9.62
C GLY D 412 -47.21 8.59 10.98
N GLY D 413 -47.18 7.28 11.23
CA GLY D 413 -46.65 6.78 12.48
C GLY D 413 -45.15 6.98 12.58
N PHE D 414 -44.49 7.17 11.44
CA PHE D 414 -43.09 7.53 11.44
C PHE D 414 -42.90 9.03 11.21
N VAL D 415 -43.94 9.72 10.74
CA VAL D 415 -43.87 11.18 10.75
C VAL D 415 -43.94 11.68 12.18
N TYR D 416 -44.60 10.91 13.05
CA TYR D 416 -44.59 11.22 14.47
C TYR D 416 -43.19 11.10 15.06
N ILE D 417 -42.49 10.00 14.76
CA ILE D 417 -41.16 9.78 15.34
C ILE D 417 -40.15 10.75 14.76
N ALA D 418 -40.13 10.88 13.44
CA ALA D 418 -39.15 11.76 12.80
C ALA D 418 -39.46 13.22 13.09
N GLY D 419 -40.73 13.55 13.25
CA GLY D 419 -41.08 14.91 13.64
C GLY D 419 -40.67 15.19 15.07
N LYS D 420 -40.73 14.18 15.92
CA LYS D 420 -40.25 14.36 17.29
C LYS D 420 -38.74 14.43 17.33
N CYS D 421 -38.07 13.83 16.34
CA CYS D 421 -36.61 13.90 16.31
C CYS D 421 -36.12 15.20 15.70
N GLY D 422 -37.01 15.97 15.08
CA GLY D 422 -36.61 17.29 14.63
C GLY D 422 -36.67 17.50 13.15
N LEU D 423 -37.56 16.79 12.47
CA LEU D 423 -37.71 16.89 11.03
C LEU D 423 -39.09 17.41 10.67
N VAL D 424 -39.21 18.00 9.49
CA VAL D 424 -40.46 18.60 9.07
C VAL D 424 -41.00 17.90 7.82
N PRO D 425 -42.29 17.68 7.73
CA PRO D 425 -42.85 17.15 6.47
C PRO D 425 -43.09 18.25 5.48
N VAL D 426 -42.92 17.97 4.19
CA VAL D 426 -43.10 19.02 3.21
C VAL D 426 -44.27 18.72 2.30
N LEU D 427 -44.21 17.63 1.56
CA LEU D 427 -45.23 17.30 0.60
C LEU D 427 -45.98 16.07 1.08
N ALA D 428 -47.28 16.03 0.83
CA ALA D 428 -48.10 14.92 1.26
C ALA D 428 -48.48 14.10 0.05
N GLU D 429 -48.90 12.87 0.26
CA GLU D 429 -49.39 12.08 -0.86
C GLU D 429 -50.90 12.20 -0.99
N ASN D 430 -51.37 12.33 -2.22
CA ASN D 430 -52.80 12.31 -2.52
C ASN D 430 -53.21 10.92 -2.97
N TYR D 431 -54.44 10.53 -2.67
CA TYR D 431 -54.96 9.23 -3.07
C TYR D 431 -56.18 9.33 -3.97
N ASN D 432 -56.67 10.54 -4.22
CA ASN D 432 -57.90 10.75 -4.98
C ASN D 432 -57.57 11.54 -6.24
N LYS D 433 -58.13 11.10 -7.37
CA LYS D 433 -57.84 11.72 -8.65
C LYS D 433 -58.76 12.91 -8.88
N SER D 434 -58.16 14.07 -9.12
CA SER D 434 -58.90 15.30 -9.37
C SER D 434 -57.99 16.26 -10.12
N ASP D 435 -58.61 17.30 -10.70
CA ASP D 435 -57.81 18.34 -11.34
C ASP D 435 -57.09 19.21 -10.33
N ASN D 436 -57.64 19.31 -9.12
CA ASN D 436 -57.12 20.20 -8.09
C ASN D 436 -56.50 19.39 -6.96
N CYS D 437 -55.96 18.21 -7.29
CA CYS D 437 -55.40 17.34 -6.27
C CYS D 437 -54.10 17.91 -5.72
N GLU D 438 -53.40 18.70 -6.53
CA GLU D 438 -52.09 19.20 -6.14
C GLU D 438 -52.21 20.28 -5.07
N ASP D 439 -53.39 20.89 -4.95
CA ASP D 439 -53.53 21.97 -3.98
C ASP D 439 -54.45 21.59 -2.83
N THR D 440 -55.37 20.65 -3.06
CA THR D 440 -56.36 20.34 -2.06
C THR D 440 -55.78 19.44 -0.97
N PRO D 441 -55.85 19.85 0.29
CA PRO D 441 -55.50 18.92 1.38
C PRO D 441 -56.55 17.84 1.53
N GLU D 442 -56.13 16.60 1.28
CA GLU D 442 -57.04 15.46 1.40
C GLU D 442 -57.31 15.14 2.85
N ALA D 443 -58.21 14.18 3.05
CA ALA D 443 -58.78 13.98 4.37
C ALA D 443 -58.02 12.91 5.14
N GLY D 444 -57.56 11.87 4.47
CA GLY D 444 -56.83 10.81 5.12
C GLY D 444 -57.53 9.47 5.00
N TYR D 445 -56.73 8.42 4.80
CA TYR D 445 -57.30 7.12 4.44
C TYR D 445 -57.81 6.39 5.66
N PHE D 446 -58.64 5.38 5.42
CA PHE D 446 -59.26 4.62 6.49
C PHE D 446 -58.52 3.32 6.74
N ALA D 447 -58.49 2.90 8.00
CA ALA D 447 -57.83 1.68 8.42
C ALA D 447 -58.89 0.67 8.82
N VAL D 448 -58.74 -0.57 8.34
CA VAL D 448 -59.71 -1.62 8.62
C VAL D 448 -58.99 -2.89 9.02
N ALA D 449 -59.78 -3.87 9.42
CA ALA D 449 -59.33 -5.21 9.73
C ALA D 449 -60.13 -6.19 8.89
N VAL D 450 -59.44 -7.04 8.13
CA VAL D 450 -60.14 -7.93 7.23
C VAL D 450 -60.19 -9.32 7.84
N VAL D 451 -61.36 -9.95 7.77
CA VAL D 451 -61.56 -11.32 8.24
C VAL D 451 -62.08 -12.17 7.10
N LYS D 452 -62.02 -13.48 7.30
CA LYS D 452 -62.45 -14.44 6.29
C LYS D 452 -63.97 -14.41 6.13
N LYS D 453 -64.45 -15.02 5.05
CA LYS D 453 -65.86 -15.41 5.01
C LYS D 453 -66.03 -16.78 5.65
N SER D 454 -64.97 -17.59 5.60
CA SER D 454 -65.01 -18.96 6.12
C SER D 454 -65.20 -18.99 7.62
N ALA D 455 -64.81 -17.93 8.31
CA ALA D 455 -65.05 -17.79 9.73
C ALA D 455 -65.92 -16.57 9.95
N SER D 456 -67.20 -16.80 10.25
CA SER D 456 -68.13 -15.73 10.53
C SER D 456 -68.33 -15.51 12.03
N ASP D 457 -67.58 -16.23 12.87
CA ASP D 457 -67.78 -16.15 14.30
C ASP D 457 -66.97 -15.02 14.93
N LEU D 458 -66.20 -14.30 14.12
CA LEU D 458 -65.27 -13.32 14.66
C LEU D 458 -65.99 -12.00 14.91
N THR D 459 -65.87 -11.48 16.13
CA THR D 459 -66.39 -10.17 16.47
C THR D 459 -65.30 -9.37 17.16
N TRP D 460 -65.56 -8.08 17.32
CA TRP D 460 -64.59 -7.22 18.01
C TRP D 460 -64.55 -7.53 19.49
N ASP D 461 -65.67 -8.02 20.05
CA ASP D 461 -65.72 -8.29 21.48
C ASP D 461 -64.89 -9.50 21.85
N ASN D 462 -64.60 -10.38 20.89
CA ASN D 462 -63.77 -11.54 21.12
C ASN D 462 -62.70 -11.60 20.04
N LEU D 463 -61.50 -11.15 20.39
CA LEU D 463 -60.34 -11.34 19.54
C LEU D 463 -59.27 -12.17 20.23
N LYS D 464 -59.49 -12.52 21.50
CA LYS D 464 -58.46 -13.11 22.32
C LYS D 464 -58.15 -14.54 21.89
N GLY D 465 -56.87 -14.88 21.85
CA GLY D 465 -56.43 -16.21 21.53
C GLY D 465 -56.57 -16.60 20.08
N LYS D 466 -56.94 -15.66 19.21
CA LYS D 466 -57.16 -15.93 17.81
C LYS D 466 -56.12 -15.17 17.00
N LYS D 467 -55.78 -15.69 15.83
CA LYS D 467 -54.59 -15.23 15.12
C LYS D 467 -54.79 -13.85 14.51
N SER D 468 -53.68 -13.23 14.09
CA SER D 468 -53.68 -11.87 13.60
C SER D 468 -52.59 -11.68 12.55
N CYS D 469 -52.69 -10.58 11.81
CA CYS D 469 -51.68 -10.18 10.83
C CYS D 469 -51.59 -8.66 10.82
N HIS D 470 -50.38 -8.14 10.95
CA HIS D 470 -50.13 -6.70 10.96
C HIS D 470 -49.17 -6.35 9.83
N THR D 471 -49.15 -5.07 9.46
CA THR D 471 -48.29 -4.64 8.37
C THR D 471 -46.84 -4.49 8.82
N ALA D 472 -46.59 -3.60 9.77
CA ALA D 472 -45.28 -3.45 10.39
C ALA D 472 -45.45 -2.74 11.71
N VAL D 473 -44.50 -2.98 12.62
CA VAL D 473 -44.55 -2.43 13.97
C VAL D 473 -44.26 -0.95 13.91
N GLY D 474 -45.21 -0.15 14.38
CA GLY D 474 -45.05 1.29 14.41
C GLY D 474 -45.84 2.04 13.36
N ARG D 475 -46.50 1.35 12.45
CA ARG D 475 -47.23 2.04 11.38
C ARG D 475 -48.57 2.56 11.87
N THR D 476 -49.33 3.17 10.95
CA THR D 476 -50.65 3.67 11.31
C THR D 476 -51.67 2.55 11.30
N ALA D 477 -51.93 1.99 10.12
CA ALA D 477 -53.04 1.05 9.97
C ALA D 477 -52.68 -0.32 10.50
N GLY D 478 -51.39 -0.56 10.72
CA GLY D 478 -50.99 -1.85 11.22
C GLY D 478 -50.74 -1.85 12.71
N TRP D 479 -50.39 -0.70 13.27
CA TRP D 479 -50.01 -0.64 14.67
C TRP D 479 -50.81 0.35 15.50
N ASN D 480 -50.83 1.62 15.12
CA ASN D 480 -51.38 2.67 15.99
C ASN D 480 -52.89 2.56 16.11
N ILE D 481 -53.57 2.53 14.97
CA ILE D 481 -55.01 2.36 14.91
C ILE D 481 -55.46 1.03 15.51
N PRO D 482 -54.82 -0.13 15.26
CA PRO D 482 -55.25 -1.31 16.02
C PRO D 482 -54.93 -1.24 17.51
N MET D 483 -53.67 -1.03 17.87
CA MET D 483 -53.28 -1.29 19.26
C MET D 483 -53.63 -0.12 20.18
N GLY D 484 -54.07 0.99 19.62
CA GLY D 484 -54.68 2.02 20.46
C GLY D 484 -56.05 1.59 20.94
N LEU D 485 -56.94 1.28 20.00
CA LEU D 485 -58.30 0.88 20.33
C LEU D 485 -58.31 -0.45 21.06
N LEU D 486 -57.34 -1.32 20.77
CA LEU D 486 -57.16 -2.52 21.58
C LEU D 486 -56.61 -2.16 22.96
N TYR D 487 -55.74 -1.15 23.03
CA TYR D 487 -55.10 -0.81 24.30
C TYR D 487 -56.09 -0.26 25.31
N ASN D 488 -57.22 0.26 24.84
CA ASN D 488 -58.28 0.62 25.78
C ASN D 488 -58.90 -0.60 26.43
N LYS D 489 -58.98 -1.72 25.69
CA LYS D 489 -59.72 -2.87 26.21
C LYS D 489 -58.82 -3.85 26.96
N ILE D 490 -57.66 -4.19 26.39
CA ILE D 490 -56.76 -5.13 27.05
C ILE D 490 -56.14 -4.51 28.28
N ASN D 491 -55.66 -3.26 28.15
CA ASN D 491 -54.95 -2.50 29.18
C ASN D 491 -53.68 -3.21 29.64
N HIS D 492 -53.02 -3.92 28.74
CA HIS D 492 -51.71 -4.50 28.99
C HIS D 492 -50.79 -4.12 27.85
N CYS D 493 -49.51 -4.02 28.17
CA CYS D 493 -48.56 -3.42 27.24
C CYS D 493 -48.02 -4.46 26.27
N ARG D 494 -47.88 -5.70 26.72
CA ARG D 494 -47.52 -6.82 25.85
C ARG D 494 -48.73 -7.21 25.02
N PHE D 495 -48.50 -7.90 23.91
CA PHE D 495 -49.63 -8.28 23.07
C PHE D 495 -49.55 -9.73 22.62
N ASP D 496 -48.41 -10.39 22.82
CA ASP D 496 -48.30 -11.80 22.46
C ASP D 496 -48.97 -12.70 23.49
N GLU D 497 -49.52 -12.12 24.56
CA GLU D 497 -50.34 -12.87 25.48
C GLU D 497 -51.81 -12.79 25.10
N PHE D 498 -52.23 -11.65 24.51
CA PHE D 498 -53.63 -11.49 24.15
C PHE D 498 -53.97 -12.26 22.89
N PHE D 499 -53.07 -12.27 21.92
CA PHE D 499 -53.18 -13.08 20.73
C PHE D 499 -52.44 -14.38 20.97
N SER D 500 -52.94 -15.48 20.42
CA SER D 500 -52.22 -16.74 20.48
C SER D 500 -50.92 -16.66 19.71
N GLU D 501 -50.99 -16.22 18.46
CA GLU D 501 -49.84 -15.84 17.65
C GLU D 501 -50.31 -14.98 16.49
N GLY D 502 -49.40 -14.19 15.94
CA GLY D 502 -49.74 -13.31 14.83
C GLY D 502 -48.52 -13.02 14.00
N CYS D 503 -48.65 -12.07 13.07
CA CYS D 503 -47.50 -11.62 12.29
C CYS D 503 -47.45 -10.11 12.29
N ALA D 504 -46.43 -9.56 12.93
CA ALA D 504 -46.16 -8.13 12.96
C ALA D 504 -44.66 -7.95 12.87
N PRO D 505 -44.11 -7.69 11.68
CA PRO D 505 -42.66 -7.58 11.55
C PRO D 505 -42.15 -6.27 12.10
N GLY D 506 -40.94 -6.33 12.65
CA GLY D 506 -40.41 -5.22 13.41
C GLY D 506 -40.54 -5.39 14.90
N SER D 507 -40.97 -6.56 15.35
CA SER D 507 -41.00 -6.86 16.77
C SER D 507 -39.78 -7.70 17.12
N LYS D 508 -39.69 -8.13 18.37
CA LYS D 508 -38.50 -8.83 18.83
C LYS D 508 -38.59 -10.32 18.56
N LYS D 509 -37.41 -10.93 18.35
CA LYS D 509 -37.34 -12.26 17.76
C LYS D 509 -37.83 -13.35 18.71
N ASP D 510 -37.96 -13.03 20.00
CA ASP D 510 -38.43 -14.03 20.94
C ASP D 510 -39.94 -14.25 20.85
N SER D 511 -40.65 -13.31 20.23
CA SER D 511 -42.11 -13.33 20.28
C SER D 511 -42.68 -14.40 19.37
N SER D 512 -43.97 -14.67 19.56
CA SER D 512 -44.71 -15.48 18.60
C SER D 512 -45.10 -14.65 17.39
N LEU D 513 -45.17 -13.33 17.58
CA LEU D 513 -45.53 -12.42 16.49
C LEU D 513 -44.50 -12.47 15.37
N CYS D 514 -43.23 -12.63 15.71
CA CYS D 514 -42.22 -12.82 14.68
C CYS D 514 -42.11 -14.27 14.29
N LYS D 515 -42.72 -15.16 15.08
CA LYS D 515 -42.59 -16.58 14.79
C LYS D 515 -43.52 -17.00 13.67
N LEU D 516 -44.72 -16.43 13.61
CA LEU D 516 -45.68 -16.90 12.62
C LEU D 516 -45.41 -16.30 11.23
N CYS D 517 -44.52 -15.31 11.15
CA CYS D 517 -44.27 -14.65 9.87
C CYS D 517 -43.45 -15.54 8.91
N MET D 518 -43.20 -15.02 7.72
CA MET D 518 -42.96 -15.89 6.56
C MET D 518 -41.47 -16.02 6.23
N GLY D 519 -40.74 -14.91 6.27
CA GLY D 519 -39.46 -14.84 5.58
C GLY D 519 -38.38 -15.73 6.18
N SER D 520 -37.44 -16.15 5.34
CA SER D 520 -36.43 -17.13 5.71
C SER D 520 -35.29 -17.05 4.70
N GLY D 521 -34.06 -17.27 5.16
CA GLY D 521 -33.71 -17.52 6.56
C GLY D 521 -33.02 -16.33 7.17
N LEU D 522 -33.27 -16.13 8.47
CA LEU D 522 -32.81 -15.05 9.36
C LEU D 522 -33.54 -13.74 9.05
N ASN D 523 -34.36 -13.69 8.01
CA ASN D 523 -35.07 -12.49 7.63
C ASN D 523 -36.50 -12.46 8.14
N LEU D 524 -36.89 -13.41 8.99
CA LEU D 524 -38.22 -13.36 9.59
C LEU D 524 -38.31 -12.20 10.56
N CYS D 525 -39.44 -11.49 10.52
CA CYS D 525 -39.82 -10.32 11.31
C CYS D 525 -38.93 -9.13 10.99
N GLU D 526 -38.15 -9.18 9.91
CA GLU D 526 -37.28 -8.08 9.57
C GLU D 526 -38.04 -7.05 8.74
N PRO D 527 -38.11 -5.80 9.18
CA PRO D 527 -39.05 -4.85 8.57
C PRO D 527 -38.56 -4.20 7.28
N ASN D 528 -38.33 -5.00 6.25
CA ASN D 528 -38.07 -4.47 4.92
C ASN D 528 -38.87 -5.30 3.92
N ASN D 529 -38.59 -5.09 2.65
CA ASN D 529 -39.33 -5.82 1.62
C ASN D 529 -38.84 -7.24 1.44
N LYS D 530 -37.81 -7.65 2.17
CA LYS D 530 -37.32 -9.02 2.03
C LYS D 530 -38.10 -9.97 2.92
N GLU D 531 -38.90 -9.43 3.84
CA GLU D 531 -39.94 -10.20 4.49
C GLU D 531 -41.11 -10.40 3.54
N GLY D 532 -41.55 -11.65 3.41
CA GLY D 532 -42.64 -11.93 2.49
C GLY D 532 -43.96 -11.36 2.95
N TYR D 533 -44.18 -11.29 4.26
CA TYR D 533 -45.44 -10.78 4.77
C TYR D 533 -45.36 -9.31 5.15
N TYR D 534 -44.34 -8.59 4.70
CA TYR D 534 -44.21 -7.20 5.09
C TYR D 534 -45.19 -6.33 4.33
N GLY D 535 -45.63 -5.27 4.99
CA GLY D 535 -46.40 -4.24 4.31
C GLY D 535 -47.84 -4.64 4.10
N TYR D 536 -48.48 -3.89 3.19
CA TYR D 536 -49.90 -4.06 2.95
C TYR D 536 -50.21 -5.39 2.28
N THR D 537 -49.60 -5.62 1.12
CA THR D 537 -49.88 -6.83 0.36
C THR D 537 -49.33 -8.05 1.07
N GLY D 538 -48.24 -7.88 1.80
CA GLY D 538 -47.72 -8.99 2.58
C GLY D 538 -48.59 -9.33 3.78
N ALA D 539 -49.21 -8.33 4.39
CA ALA D 539 -50.14 -8.60 5.48
C ALA D 539 -51.40 -9.28 4.96
N PHE D 540 -51.84 -8.90 3.76
CA PHE D 540 -52.98 -9.57 3.16
C PHE D 540 -52.64 -11.01 2.81
N ARG D 541 -51.41 -11.26 2.37
CA ARG D 541 -50.97 -12.63 2.10
C ARG D 541 -50.82 -13.43 3.39
N CYS D 542 -50.49 -12.74 4.49
CA CYS D 542 -50.56 -13.38 5.81
C CYS D 542 -51.97 -13.82 6.13
N LEU D 543 -52.96 -12.96 5.85
CA LEU D 543 -54.34 -13.33 6.13
C LEU D 543 -54.80 -14.49 5.27
N VAL D 544 -54.47 -14.47 3.98
CA VAL D 544 -54.95 -15.50 3.06
C VAL D 544 -54.29 -16.84 3.36
N GLU D 545 -52.98 -16.83 3.58
CA GLU D 545 -52.29 -18.08 3.83
C GLU D 545 -52.54 -18.60 5.23
N LYS D 546 -52.17 -17.82 6.25
CA LYS D 546 -52.21 -18.36 7.61
C LYS D 546 -52.89 -17.47 8.63
N GLY D 547 -53.80 -16.58 8.21
CA GLY D 547 -54.27 -15.56 9.13
C GLY D 547 -55.73 -15.62 9.51
N ASP D 548 -56.05 -15.12 10.71
CA ASP D 548 -57.44 -15.03 11.11
C ASP D 548 -58.00 -13.63 10.86
N VAL D 549 -57.31 -12.60 11.35
CA VAL D 549 -57.66 -11.21 11.07
C VAL D 549 -56.40 -10.54 10.53
N ALA D 550 -56.57 -9.55 9.66
CA ALA D 550 -55.46 -8.72 9.20
C ALA D 550 -55.81 -7.27 9.46
N PHE D 551 -54.80 -6.41 9.50
CA PHE D 551 -55.01 -4.99 9.75
C PHE D 551 -54.36 -4.20 8.63
N VAL D 552 -55.18 -3.72 7.68
CA VAL D 552 -54.66 -3.04 6.50
C VAL D 552 -55.47 -1.79 6.25
N LYS D 553 -55.18 -1.10 5.16
CA LYS D 553 -56.05 0.00 4.76
C LYS D 553 -57.28 -0.54 4.05
N HIS D 554 -58.25 0.34 3.81
CA HIS D 554 -59.49 -0.10 3.17
C HIS D 554 -59.30 -0.36 1.69
N GLN D 555 -58.19 0.12 1.13
CA GLN D 555 -58.00 0.08 -0.31
C GLN D 555 -57.31 -1.21 -0.74
N THR D 556 -56.99 -2.09 0.23
CA THR D 556 -56.16 -3.26 -0.05
C THR D 556 -56.91 -4.30 -0.87
N VAL D 557 -58.14 -4.62 -0.48
CA VAL D 557 -58.85 -5.76 -1.08
C VAL D 557 -59.25 -5.54 -2.53
N PRO D 558 -59.77 -4.38 -2.97
CA PRO D 558 -60.01 -4.22 -4.42
C PRO D 558 -58.74 -4.17 -5.26
N GLN D 559 -57.58 -3.96 -4.64
CA GLN D 559 -56.34 -3.95 -5.40
C GLN D 559 -55.72 -5.34 -5.48
N ASN D 560 -56.12 -6.25 -4.59
CA ASN D 560 -55.62 -7.61 -4.67
C ASN D 560 -56.71 -8.58 -5.08
N THR D 561 -57.85 -8.06 -5.50
CA THR D 561 -58.95 -8.92 -5.91
C THR D 561 -59.01 -9.06 -7.43
N GLY D 562 -59.01 -10.30 -7.89
CA GLY D 562 -59.45 -10.57 -9.24
C GLY D 562 -58.40 -10.40 -10.30
N GLY D 563 -57.19 -10.90 -10.08
CA GLY D 563 -56.17 -10.82 -11.11
C GLY D 563 -55.59 -9.45 -11.31
N LYS D 564 -55.78 -8.54 -10.36
CA LYS D 564 -55.08 -7.26 -10.43
C LYS D 564 -53.60 -7.45 -10.17
N ASN D 565 -53.26 -8.46 -9.39
CA ASN D 565 -51.87 -8.90 -9.34
C ASN D 565 -51.68 -10.05 -10.32
N PRO D 566 -50.60 -10.05 -11.09
CA PRO D 566 -50.24 -11.27 -11.83
C PRO D 566 -49.65 -12.37 -10.96
N ASP D 567 -49.47 -12.11 -9.67
CA ASP D 567 -49.08 -13.12 -8.71
C ASP D 567 -50.17 -14.19 -8.65
N PRO D 568 -49.81 -15.46 -8.43
CA PRO D 568 -50.84 -16.53 -8.51
C PRO D 568 -51.89 -16.49 -7.41
N TRP D 569 -51.45 -16.37 -6.16
CA TRP D 569 -52.35 -16.41 -5.01
C TRP D 569 -53.33 -15.24 -5.01
N ALA D 570 -52.93 -14.11 -5.57
CA ALA D 570 -53.86 -12.99 -5.67
C ALA D 570 -54.68 -13.07 -6.95
N LYS D 571 -54.24 -13.88 -7.91
CA LYS D 571 -54.99 -14.02 -9.16
C LYS D 571 -56.26 -14.84 -8.93
N ASN D 572 -56.23 -15.78 -7.98
CA ASN D 572 -57.38 -16.67 -7.84
C ASN D 572 -58.45 -16.11 -6.91
N LEU D 573 -58.18 -15.00 -6.24
CA LEU D 573 -59.07 -14.58 -5.15
C LEU D 573 -60.19 -13.66 -5.60
N ASN D 574 -61.13 -13.42 -4.70
CA ASN D 574 -62.30 -12.58 -4.91
C ASN D 574 -62.61 -11.80 -3.63
N GLU D 575 -63.37 -10.70 -3.77
CA GLU D 575 -63.52 -9.76 -2.66
C GLU D 575 -64.80 -9.98 -1.88
N LYS D 576 -65.77 -10.67 -2.49
CA LYS D 576 -67.05 -10.85 -1.82
C LYS D 576 -66.93 -11.86 -0.68
N ASP D 577 -65.87 -12.67 -0.70
CA ASP D 577 -65.54 -13.47 0.47
C ASP D 577 -64.99 -12.59 1.58
N TYR D 578 -63.87 -11.92 1.32
CA TYR D 578 -63.06 -11.35 2.39
C TYR D 578 -63.67 -10.07 2.91
N GLU D 579 -64.14 -10.12 4.16
CA GLU D 579 -65.04 -9.11 4.69
C GLU D 579 -64.36 -8.41 5.86
N LEU D 580 -64.85 -7.23 6.22
CA LEU D 580 -64.27 -6.42 7.29
C LEU D 580 -65.24 -6.39 8.46
N LEU D 581 -64.71 -6.42 9.68
CA LEU D 581 -65.55 -6.45 10.87
C LEU D 581 -65.51 -5.10 11.56
N CYS D 582 -66.47 -4.87 12.45
CA CYS D 582 -66.68 -3.55 13.00
C CYS D 582 -66.17 -3.45 14.45
N LEU D 583 -66.50 -2.33 15.10
CA LEU D 583 -66.12 -2.14 16.49
C LEU D 583 -67.18 -2.70 17.44
N ASP D 584 -68.45 -2.56 17.09
CA ASP D 584 -69.51 -3.11 17.95
C ASP D 584 -69.68 -4.62 17.74
N GLY D 585 -69.11 -5.16 16.67
CA GLY D 585 -69.17 -6.58 16.40
C GLY D 585 -69.97 -6.97 15.18
N THR D 586 -70.63 -6.01 14.52
CA THR D 586 -71.52 -6.36 13.43
C THR D 586 -70.78 -6.34 12.10
N ARG D 587 -70.83 -7.46 11.39
CA ARG D 587 -70.12 -7.65 10.13
C ARG D 587 -70.75 -6.80 9.03
N LYS D 588 -69.94 -5.93 8.45
CA LYS D 588 -70.34 -5.08 7.34
C LYS D 588 -69.67 -5.57 6.07
N PRO D 589 -70.40 -5.57 4.94
CA PRO D 589 -69.79 -5.98 3.67
C PRO D 589 -68.72 -5.01 3.18
N VAL D 590 -68.01 -5.44 2.15
CA VAL D 590 -66.67 -4.91 1.87
C VAL D 590 -66.75 -3.55 1.20
N GLU D 591 -67.81 -3.32 0.42
CA GLU D 591 -67.91 -2.11 -0.36
C GLU D 591 -68.17 -0.89 0.52
N GLU D 592 -68.89 -1.08 1.63
CA GLU D 592 -69.10 0.00 2.58
C GLU D 592 -68.05 -0.09 3.69
N TYR D 593 -67.10 0.83 3.63
CA TYR D 593 -66.10 0.97 4.67
C TYR D 593 -66.43 2.15 5.58
N ALA D 594 -67.23 3.09 5.10
CA ALA D 594 -67.47 4.31 5.85
C ALA D 594 -68.43 4.09 7.00
N ASN D 595 -69.27 3.06 6.91
CA ASN D 595 -70.19 2.75 8.01
C ASN D 595 -69.45 2.22 9.22
N CYS D 596 -68.34 1.51 8.99
CA CYS D 596 -67.49 1.07 10.10
C CYS D 596 -66.05 0.98 9.65
N HIS D 597 -65.31 2.06 9.88
CA HIS D 597 -63.85 2.06 9.83
C HIS D 597 -63.37 1.95 11.27
N LEU D 598 -62.20 1.34 11.46
CA LEU D 598 -61.59 1.31 12.78
C LEU D 598 -61.28 2.72 13.27
N ALA D 599 -60.37 3.40 12.59
CA ALA D 599 -60.16 4.82 12.77
C ALA D 599 -59.48 5.36 11.53
N ARG D 600 -59.51 6.68 11.39
CA ARG D 600 -58.90 7.32 10.25
C ARG D 600 -57.38 7.35 10.41
N ALA D 601 -56.68 7.48 9.29
CA ALA D 601 -55.24 7.63 9.30
C ALA D 601 -54.82 8.71 8.31
N PRO D 602 -53.91 9.60 8.68
CA PRO D 602 -53.47 10.63 7.74
C PRO D 602 -52.61 10.04 6.63
N ASN D 603 -52.50 10.79 5.54
CA ASN D 603 -51.78 10.34 4.36
C ASN D 603 -50.29 10.24 4.62
N HIS D 604 -49.60 9.52 3.76
CA HIS D 604 -48.15 9.46 3.85
C HIS D 604 -47.57 10.78 3.38
N ALA D 605 -46.47 11.20 3.98
CA ALA D 605 -45.89 12.50 3.70
C ALA D 605 -44.38 12.40 3.59
N VAL D 606 -43.78 13.32 2.84
CA VAL D 606 -42.35 13.33 2.63
C VAL D 606 -41.67 14.27 3.63
N VAL D 607 -40.70 13.75 4.38
CA VAL D 607 -40.02 14.49 5.42
C VAL D 607 -38.60 14.77 4.97
N THR D 608 -38.02 15.84 5.53
CA THR D 608 -36.64 16.22 5.28
C THR D 608 -36.17 17.19 6.36
N ARG D 609 -34.90 17.56 6.28
CA ARG D 609 -34.36 18.53 7.22
C ARG D 609 -34.83 19.93 6.86
N LYS D 610 -34.71 20.85 7.81
CA LYS D 610 -35.33 22.16 7.64
C LYS D 610 -34.57 23.02 6.65
N ASP D 611 -33.27 22.78 6.51
CA ASP D 611 -32.46 23.65 5.66
C ASP D 611 -32.61 23.28 4.18
N LYS D 612 -33.05 22.06 3.89
CA LYS D 612 -33.24 21.62 2.52
C LYS D 612 -34.68 21.69 2.05
N GLU D 613 -35.55 22.36 2.81
CA GLU D 613 -36.99 22.33 2.53
C GLU D 613 -37.32 23.00 1.20
N ALA D 614 -36.60 24.08 0.88
CA ALA D 614 -36.88 24.80 -0.36
C ALA D 614 -36.41 24.01 -1.58
N CYS D 615 -35.26 23.34 -1.48
CA CYS D 615 -34.75 22.62 -2.64
C CYS D 615 -35.50 21.31 -2.85
N VAL D 616 -35.89 20.64 -1.76
CA VAL D 616 -36.72 19.45 -1.89
C VAL D 616 -38.08 19.82 -2.47
N HIS D 617 -38.62 20.96 -2.05
CA HIS D 617 -39.90 21.43 -2.54
C HIS D 617 -39.83 21.76 -4.04
N LYS D 618 -38.82 22.53 -4.43
CA LYS D 618 -38.72 22.99 -5.81
C LYS D 618 -38.35 21.85 -6.75
N ILE D 619 -37.55 20.90 -6.29
CA ILE D 619 -37.16 19.79 -7.16
C ILE D 619 -38.32 18.81 -7.31
N LEU D 620 -38.99 18.47 -6.21
CA LEU D 620 -40.03 17.43 -6.30
C LEU D 620 -41.26 17.92 -7.05
N ARG D 621 -41.55 19.21 -7.00
CA ARG D 621 -42.62 19.74 -7.84
C ARG D 621 -42.25 19.65 -9.32
N GLN D 622 -40.97 19.73 -9.64
CA GLN D 622 -40.56 19.52 -11.02
C GLN D 622 -40.62 18.05 -11.39
N GLN D 623 -40.31 17.17 -10.44
CA GLN D 623 -40.23 15.75 -10.76
C GLN D 623 -41.60 15.12 -10.90
N GLN D 624 -42.60 15.65 -10.19
CA GLN D 624 -43.92 15.04 -10.27
C GLN D 624 -44.60 15.35 -11.60
N HIS D 625 -44.14 16.39 -12.29
CA HIS D 625 -44.76 16.73 -13.57
C HIS D 625 -44.27 15.81 -14.68
N LEU D 626 -42.98 15.47 -14.65
CA LEU D 626 -42.41 14.75 -15.78
C LEU D 626 -42.76 13.28 -15.74
N PHE D 627 -42.82 12.68 -14.55
CA PHE D 627 -42.92 11.24 -14.40
C PHE D 627 -44.18 10.82 -13.69
N GLY D 628 -45.09 11.76 -13.45
CA GLY D 628 -46.24 11.51 -12.62
C GLY D 628 -47.35 10.77 -13.33
N SER D 629 -48.57 10.98 -12.83
CA SER D 629 -49.66 10.07 -13.16
C SER D 629 -50.25 10.28 -14.54
N ASN D 630 -49.92 11.38 -15.22
CA ASN D 630 -50.45 11.55 -16.56
C ASN D 630 -49.64 10.75 -17.57
N VAL D 631 -48.47 10.27 -17.18
CA VAL D 631 -47.64 9.51 -18.09
C VAL D 631 -48.23 8.12 -18.26
N THR D 632 -48.88 7.91 -19.39
CA THR D 632 -49.36 6.59 -19.78
C THR D 632 -48.24 5.89 -20.53
N ASP D 633 -48.58 4.73 -21.09
CA ASP D 633 -47.60 3.75 -21.60
C ASP D 633 -46.55 3.44 -20.53
N CYS D 634 -47.01 2.85 -19.44
CA CYS D 634 -46.17 2.75 -18.25
C CYS D 634 -45.12 1.66 -18.40
N SER D 635 -45.47 0.56 -19.07
CA SER D 635 -44.50 -0.49 -19.29
C SER D 635 -43.48 -0.05 -20.34
N GLY D 636 -42.23 -0.39 -20.10
CA GLY D 636 -41.17 -0.04 -21.02
C GLY D 636 -40.59 1.34 -20.80
N ASN D 637 -41.42 2.33 -20.46
CA ASN D 637 -40.93 3.65 -20.14
C ASN D 637 -40.95 3.79 -18.62
N PHE D 638 -40.56 4.96 -18.11
CA PHE D 638 -40.46 5.09 -16.66
C PHE D 638 -41.73 5.68 -16.07
N CYS D 639 -42.19 5.10 -14.96
CA CYS D 639 -43.26 5.64 -14.15
C CYS D 639 -42.72 5.80 -12.74
N LEU D 640 -42.97 6.94 -12.13
CA LEU D 640 -42.42 7.17 -10.79
C LEU D 640 -43.22 6.44 -9.74
N PHE D 641 -44.54 6.35 -9.92
CA PHE D 641 -45.37 5.86 -8.83
C PHE D 641 -45.78 4.42 -9.02
N ARG D 642 -45.82 3.92 -10.25
CA ARG D 642 -46.26 2.55 -10.49
C ARG D 642 -45.14 1.59 -10.14
N SER D 643 -45.44 0.63 -9.29
CA SER D 643 -44.55 -0.47 -8.98
C SER D 643 -45.28 -1.78 -9.18
N GLU D 644 -44.58 -2.87 -8.90
CA GLU D 644 -45.16 -4.20 -9.05
C GLU D 644 -45.71 -4.72 -7.72
N THR D 645 -46.54 -3.89 -7.08
CA THR D 645 -47.31 -4.11 -5.85
C THR D 645 -46.37 -4.51 -4.71
N LYS D 646 -45.11 -4.09 -4.74
CA LYS D 646 -44.31 -4.16 -3.53
C LYS D 646 -44.46 -2.88 -2.71
N ASP D 647 -45.16 -1.89 -3.28
CA ASP D 647 -45.45 -0.59 -2.72
C ASP D 647 -44.16 0.15 -2.38
N LEU D 648 -43.24 0.28 -3.33
CA LEU D 648 -41.91 0.78 -2.99
C LEU D 648 -41.73 2.23 -3.40
N LEU D 649 -41.09 2.99 -2.51
CA LEU D 649 -40.74 4.41 -2.49
C LEU D 649 -41.93 5.34 -2.31
N PHE D 650 -43.13 4.84 -2.57
CA PHE D 650 -44.36 5.60 -2.58
C PHE D 650 -45.48 4.58 -2.62
N ARG D 651 -46.65 4.97 -2.17
CA ARG D 651 -47.77 4.06 -2.27
C ARG D 651 -48.21 3.99 -3.73
N ASP D 652 -48.64 2.81 -4.17
CA ASP D 652 -48.80 2.54 -5.60
C ASP D 652 -50.00 3.25 -6.19
N ASP D 653 -50.94 3.68 -5.36
CA ASP D 653 -52.16 4.24 -5.90
C ASP D 653 -52.19 5.76 -5.80
N THR D 654 -51.04 6.38 -5.52
CA THR D 654 -50.97 7.82 -5.43
C THR D 654 -51.24 8.44 -6.80
N VAL D 655 -51.99 9.54 -6.80
CA VAL D 655 -52.20 10.28 -8.02
C VAL D 655 -51.15 11.38 -8.16
N CYS D 656 -51.18 12.34 -7.24
CA CYS D 656 -50.22 13.42 -7.22
C CYS D 656 -49.81 13.60 -5.78
N LEU D 657 -48.87 14.51 -5.55
CA LEU D 657 -48.42 14.80 -4.20
C LEU D 657 -48.64 16.28 -3.90
N ALA D 658 -49.35 16.52 -2.80
CA ALA D 658 -49.96 17.81 -2.49
C ALA D 658 -48.96 18.74 -1.86
N LYS D 659 -48.98 19.99 -2.30
CA LYS D 659 -48.18 21.04 -1.70
C LYS D 659 -48.81 21.49 -0.39
N LEU D 660 -48.03 21.45 0.68
CA LEU D 660 -48.50 21.87 1.99
C LEU D 660 -47.93 23.23 2.33
N HIS D 661 -48.81 24.23 2.32
CA HIS D 661 -48.53 25.53 2.88
C HIS D 661 -49.27 25.62 4.20
N ASP D 662 -48.68 26.34 5.16
CA ASP D 662 -49.19 26.71 6.50
C ASP D 662 -49.21 25.51 7.46
N ARG D 663 -49.03 24.29 6.98
CA ARG D 663 -49.05 23.11 7.83
C ARG D 663 -47.76 22.33 7.58
N ASN D 664 -46.68 22.78 8.22
CA ASN D 664 -45.42 22.06 8.19
C ASN D 664 -44.82 21.97 9.59
N THR D 665 -45.37 21.04 10.37
CA THR D 665 -44.82 20.48 11.60
C THR D 665 -45.29 19.04 11.63
N TYR D 666 -44.95 18.31 12.69
CA TYR D 666 -45.53 16.98 12.79
C TYR D 666 -46.90 17.04 13.44
N GLU D 667 -47.10 17.94 14.39
CA GLU D 667 -48.35 17.94 15.13
C GLU D 667 -49.49 18.55 14.33
N LYS D 668 -49.21 19.60 13.54
CA LYS D 668 -50.27 20.20 12.75
C LYS D 668 -50.63 19.33 11.56
N TYR D 669 -49.66 18.58 11.04
CA TYR D 669 -49.97 17.67 9.95
C TYR D 669 -50.74 16.46 10.44
N LEU D 670 -50.26 15.82 11.50
CA LEU D 670 -50.90 14.57 11.93
C LEU D 670 -52.25 14.84 12.56
N GLY D 671 -52.35 15.86 13.39
CA GLY D 671 -53.65 16.23 13.90
C GLY D 671 -53.94 15.69 15.29
N GLU D 672 -55.01 16.21 15.86
CA GLU D 672 -55.22 16.13 17.30
C GLU D 672 -55.59 14.73 17.75
N GLU D 673 -56.54 14.10 17.05
CA GLU D 673 -57.03 12.79 17.46
C GLU D 673 -55.95 11.73 17.32
N TYR D 674 -55.13 11.85 16.27
CA TYR D 674 -54.09 10.86 16.04
C TYR D 674 -52.94 11.03 17.02
N VAL D 675 -52.55 12.28 17.29
CA VAL D 675 -51.49 12.54 18.26
C VAL D 675 -51.93 12.13 19.66
N LYS D 676 -53.23 12.31 19.97
CA LYS D 676 -53.75 11.78 21.22
C LYS D 676 -53.70 10.27 21.24
N ALA D 677 -53.94 9.62 20.10
CA ALA D 677 -53.97 8.15 20.06
C ALA D 677 -52.59 7.57 20.30
N VAL D 678 -51.58 8.12 19.63
CA VAL D 678 -50.21 7.65 19.83
C VAL D 678 -49.73 8.05 21.22
N GLY D 679 -50.25 9.18 21.74
CA GLY D 679 -49.94 9.56 23.11
C GLY D 679 -50.53 8.62 24.12
N ASN D 680 -51.66 7.99 23.80
CA ASN D 680 -52.16 6.92 24.64
C ASN D 680 -51.30 5.67 24.50
N LEU D 681 -50.73 5.46 23.32
CA LEU D 681 -49.91 4.28 23.09
C LEU D 681 -48.46 4.46 23.57
N ARG D 682 -48.10 5.65 24.06
CA ARG D 682 -46.71 6.08 24.07
C ARG D 682 -45.87 5.34 25.10
N LYS D 683 -46.48 4.81 26.15
CA LYS D 683 -45.70 4.09 27.15
C LYS D 683 -45.44 2.64 26.73
N CYS D 684 -45.97 2.23 25.58
CA CYS D 684 -45.76 0.86 25.14
C CYS D 684 -44.84 0.78 23.93
N SER D 685 -44.55 1.91 23.30
CA SER D 685 -43.69 1.88 22.13
C SER D 685 -42.26 1.57 22.53
N THR D 686 -41.69 0.57 21.86
CA THR D 686 -40.37 0.04 22.19
C THR D 686 -39.31 0.45 21.19
N SER D 687 -39.61 1.39 20.30
CA SER D 687 -38.65 1.81 19.31
C SER D 687 -37.58 2.67 19.96
N SER D 688 -36.32 2.24 19.81
CA SER D 688 -35.22 2.83 20.57
C SER D 688 -34.92 4.25 20.09
N LEU D 689 -35.21 4.54 18.82
CA LEU D 689 -35.00 5.88 18.30
C LEU D 689 -35.94 6.88 18.97
N LEU D 690 -37.15 6.43 19.32
CA LEU D 690 -38.06 7.29 20.05
C LEU D 690 -37.54 7.58 21.45
N GLU D 691 -36.88 6.58 22.06
CA GLU D 691 -36.28 6.77 23.37
C GLU D 691 -35.14 7.76 23.31
N ALA D 692 -34.32 7.70 22.25
CA ALA D 692 -33.21 8.63 22.10
C ALA D 692 -33.71 10.05 21.86
N CYS D 693 -34.68 10.22 20.98
CA CYS D 693 -35.18 11.56 20.69
C CYS D 693 -36.01 12.11 21.84
N THR D 694 -36.43 11.25 22.76
CA THR D 694 -37.05 11.77 23.98
C THR D 694 -36.01 12.15 25.02
N PHE D 695 -34.91 11.40 25.11
CA PHE D 695 -33.85 11.69 26.07
C PHE D 695 -33.15 13.01 25.77
N ARG D 696 -33.10 13.39 24.49
CA ARG D 696 -32.47 14.64 24.08
C ARG D 696 -33.23 15.84 24.64
N ARG D 697 -34.54 15.69 24.83
CA ARG D 697 -35.36 16.75 25.38
C ARG D 697 -35.03 16.94 26.85
N PRO D 698 -35.13 18.19 27.36
CA PRO D 698 -34.93 18.47 28.78
C PRO D 698 -36.18 18.20 29.62
N SER E 19 -30.70 -51.69 40.02
CA SER E 19 -30.51 -50.49 40.83
C SER E 19 -31.85 -49.89 41.24
N THR E 20 -31.87 -48.58 41.41
CA THR E 20 -33.05 -47.85 41.84
C THR E 20 -33.48 -46.93 40.70
N ASN E 21 -34.77 -46.89 40.42
CA ASN E 21 -35.26 -46.06 39.32
C ASN E 21 -35.33 -44.59 39.71
N THR E 22 -35.29 -44.29 41.01
CA THR E 22 -35.44 -42.91 41.47
C THR E 22 -34.17 -42.44 42.14
N THR E 23 -34.07 -41.12 42.33
CA THR E 23 -32.89 -40.51 42.93
C THR E 23 -33.18 -40.12 44.37
N ASP E 24 -32.25 -40.45 45.28
CA ASP E 24 -32.47 -40.13 46.69
C ASP E 24 -32.34 -38.64 46.97
N ASN E 25 -31.14 -38.09 46.81
CA ASN E 25 -30.87 -36.70 47.15
C ASN E 25 -31.40 -35.80 46.06
N ILE E 26 -32.16 -34.79 46.44
CA ILE E 26 -32.61 -33.78 45.50
C ILE E 26 -31.81 -32.49 45.71
N ASP E 27 -30.58 -32.61 46.19
CA ASP E 27 -29.91 -31.47 46.80
C ASP E 27 -29.06 -30.71 45.79
N TYR E 28 -29.15 -31.06 44.52
CA TYR E 28 -28.29 -30.42 43.53
C TYR E 28 -28.95 -29.18 42.94
N PHE E 29 -30.24 -29.02 43.17
CA PHE E 29 -30.91 -27.80 42.73
C PHE E 29 -30.47 -26.62 43.57
N ASP E 30 -30.44 -25.45 42.95
CA ASP E 30 -29.75 -24.33 43.55
C ASP E 30 -30.30 -23.04 42.95
N ILE E 31 -29.85 -21.90 43.50
CA ILE E 31 -30.30 -20.57 43.13
C ILE E 31 -29.25 -19.57 43.61
N SER E 32 -29.05 -18.50 42.87
CA SER E 32 -28.29 -17.35 43.33
C SER E 32 -29.11 -16.10 43.08
N ASP E 33 -28.67 -14.99 43.65
CA ASP E 33 -29.38 -13.74 43.50
C ASP E 33 -29.23 -13.19 42.08
N GLU E 34 -30.13 -12.27 41.73
CA GLU E 34 -30.21 -11.81 40.34
C GLU E 34 -29.04 -10.91 39.98
N SER E 35 -28.36 -10.34 40.98
CA SER E 35 -27.21 -9.50 40.71
C SER E 35 -25.93 -10.31 40.70
N ASN E 36 -26.03 -11.64 40.91
CA ASN E 36 -24.96 -12.61 41.08
C ASN E 36 -24.05 -12.27 42.25
N TYR E 37 -24.54 -11.59 43.28
CA TYR E 37 -23.67 -11.17 44.36
C TYR E 37 -23.47 -12.27 45.39
N TYR E 38 -24.41 -13.21 45.48
CA TYR E 38 -24.38 -14.23 46.52
C TYR E 38 -24.88 -15.56 45.97
N LEU E 39 -24.12 -16.61 46.21
CA LEU E 39 -24.48 -17.96 45.80
C LEU E 39 -25.04 -18.71 46.99
N ILE E 40 -26.18 -19.36 46.81
CA ILE E 40 -26.81 -20.12 47.87
C ILE E 40 -26.53 -21.59 47.56
N SER E 41 -26.89 -22.48 48.49
CA SER E 41 -26.85 -23.91 48.22
C SER E 41 -27.95 -24.63 48.99
N GLN E 42 -28.02 -25.95 48.80
CA GLN E 42 -28.96 -26.76 49.54
C GLN E 42 -28.30 -27.39 50.76
N LEU E 43 -26.97 -27.51 50.74
CA LEU E 43 -26.25 -28.11 51.85
C LEU E 43 -25.92 -27.08 52.91
N ARG E 44 -25.49 -27.58 54.07
CA ARG E 44 -25.15 -26.72 55.19
C ARG E 44 -23.83 -26.00 54.91
N PRO E 45 -23.70 -24.72 55.29
CA PRO E 45 -24.66 -23.75 55.85
C PRO E 45 -25.19 -22.77 54.83
N HIS E 46 -25.27 -23.21 53.58
CA HIS E 46 -26.04 -22.64 52.47
C HIS E 46 -25.47 -21.32 51.97
N PHE E 47 -24.42 -20.78 52.59
CA PHE E 47 -23.68 -19.63 52.07
C PHE E 47 -22.22 -19.81 52.43
N SER E 48 -21.32 -19.26 51.62
CA SER E 48 -19.89 -19.41 51.90
C SER E 48 -19.43 -18.40 52.93
N ASN E 49 -20.15 -17.30 53.07
CA ASN E 49 -19.66 -16.24 53.95
C ASN E 49 -19.87 -16.60 55.42
N ILE E 50 -20.67 -17.62 55.72
CA ILE E 50 -20.69 -18.18 57.07
C ILE E 50 -19.36 -18.84 57.40
N TYR E 51 -18.79 -19.60 56.44
CA TYR E 51 -17.43 -20.11 56.60
C TYR E 51 -16.44 -18.97 56.74
N PHE E 52 -16.66 -17.89 55.98
CA PHE E 52 -15.85 -16.68 56.13
C PHE E 52 -15.99 -16.08 57.52
N PHE E 53 -17.14 -16.26 58.16
CA PHE E 53 -17.34 -15.71 59.50
C PHE E 53 -16.76 -16.63 60.57
N ASP E 54 -16.58 -17.91 60.23
CA ASP E 54 -15.95 -18.84 61.17
C ASP E 54 -14.43 -18.68 61.16
N GLU E 55 -13.86 -18.57 59.95
CA GLU E 55 -12.45 -18.22 59.84
C GLU E 55 -12.21 -16.82 60.39
N PHE E 56 -13.21 -15.95 60.26
CA PHE E 56 -13.15 -14.66 60.91
C PHE E 56 -13.33 -14.79 62.42
N LYS E 57 -13.88 -15.93 62.88
CA LYS E 57 -14.08 -16.09 64.32
C LYS E 57 -12.80 -16.59 64.98
N ARG E 58 -12.01 -17.42 64.28
CA ARG E 58 -10.68 -17.71 64.81
C ARG E 58 -9.75 -16.50 64.64
N TYR E 59 -9.96 -15.71 63.57
CA TYR E 59 -9.35 -14.39 63.47
C TYR E 59 -9.69 -13.53 64.68
N ALA E 60 -10.93 -13.59 65.13
CA ALA E 60 -11.36 -12.76 66.25
C ALA E 60 -10.88 -13.34 67.57
N SER E 61 -10.53 -14.63 67.59
CA SER E 61 -9.96 -15.21 68.79
C SER E 61 -8.47 -14.93 68.89
N TYR E 62 -7.89 -14.37 67.84
CA TYR E 62 -6.45 -14.10 67.87
C TYR E 62 -6.10 -12.91 68.76
N HIS E 63 -6.95 -11.89 68.84
CA HIS E 63 -6.74 -10.71 69.66
C HIS E 63 -7.88 -10.52 70.66
N THR E 64 -7.87 -9.42 71.42
CA THR E 64 -8.83 -9.23 72.51
C THR E 64 -9.94 -8.25 72.12
N GLU E 65 -9.56 -7.14 71.48
CA GLU E 65 -10.48 -6.10 71.02
C GLU E 65 -11.53 -6.64 70.07
N ILE E 66 -11.24 -7.78 69.47
CA ILE E 66 -12.12 -8.43 68.52
C ILE E 66 -12.68 -9.73 69.10
N LYS E 67 -12.19 -10.15 70.28
CA LYS E 67 -12.76 -11.33 70.93
C LYS E 67 -14.07 -10.98 71.62
N ARG E 68 -14.26 -9.71 71.96
CA ARG E 68 -15.62 -9.29 72.31
C ARG E 68 -16.57 -9.48 71.11
N TYR E 69 -16.04 -9.35 69.89
CA TYR E 69 -16.89 -9.53 68.72
C TYR E 69 -17.03 -11.00 68.35
N GLU E 70 -16.07 -11.86 68.76
CA GLU E 70 -16.34 -13.28 68.54
C GLU E 70 -17.44 -13.75 69.44
N ASP E 71 -17.60 -13.13 70.62
CA ASP E 71 -18.83 -13.38 71.38
C ASP E 71 -20.07 -12.92 70.60
N ILE E 72 -20.05 -11.67 70.11
CA ILE E 72 -21.26 -11.07 69.53
C ILE E 72 -21.71 -11.80 68.27
N HIS E 73 -20.79 -12.01 67.32
CA HIS E 73 -21.24 -12.60 66.07
C HIS E 73 -21.27 -14.12 66.14
N LYS E 74 -20.78 -14.71 67.24
CA LYS E 74 -21.20 -16.06 67.56
C LYS E 74 -22.72 -16.12 67.66
N THR E 75 -23.30 -15.21 68.45
CA THR E 75 -24.74 -15.16 68.59
C THR E 75 -25.44 -14.81 67.27
N LYS E 76 -24.87 -13.84 66.53
CA LYS E 76 -25.49 -13.36 65.31
C LYS E 76 -25.50 -14.43 64.21
N VAL E 77 -24.35 -15.06 63.98
CA VAL E 77 -24.23 -16.06 62.92
C VAL E 77 -25.03 -17.31 63.26
N ASN E 78 -25.16 -17.62 64.56
CA ASN E 78 -26.06 -18.70 64.96
C ASN E 78 -27.52 -18.37 64.62
N SER E 79 -27.92 -17.12 64.84
CA SER E 79 -29.29 -16.70 64.49
C SER E 79 -29.54 -16.79 62.99
N LEU E 80 -28.56 -16.37 62.19
CA LEU E 80 -28.67 -16.45 60.74
C LEU E 80 -28.74 -17.90 60.27
N LEU E 81 -28.01 -18.79 60.94
CA LEU E 81 -28.05 -20.21 60.63
C LEU E 81 -29.43 -20.80 60.92
N ASN E 82 -30.06 -20.38 62.01
CA ASN E 82 -31.42 -20.84 62.30
C ASN E 82 -32.40 -20.36 61.23
N GLU E 83 -32.26 -19.12 60.77
CA GLU E 83 -33.15 -18.61 59.73
C GLU E 83 -32.98 -19.38 58.42
N ALA E 84 -31.73 -19.66 58.04
CA ALA E 84 -31.48 -20.40 56.81
C ALA E 84 -32.02 -21.83 56.90
N SER E 85 -31.85 -22.48 58.06
CA SER E 85 -32.33 -23.84 58.23
C SER E 85 -33.85 -23.92 58.17
N ARG E 86 -34.53 -22.93 58.77
CA ARG E 86 -36.00 -22.92 58.72
C ARG E 86 -36.51 -22.67 57.30
N ALA E 87 -35.87 -21.74 56.58
CA ALA E 87 -36.23 -21.47 55.19
C ALA E 87 -36.03 -22.70 54.31
N ILE E 88 -34.94 -23.44 54.55
CA ILE E 88 -34.71 -24.70 53.86
C ILE E 88 -35.78 -25.73 54.26
N GLY E 89 -36.33 -25.63 55.47
CA GLY E 89 -37.43 -26.52 55.84
C GLY E 89 -38.69 -26.30 55.03
N ILE E 90 -39.07 -25.02 54.83
CA ILE E 90 -40.19 -24.70 53.93
C ILE E 90 -39.89 -25.16 52.51
N CYS E 91 -38.63 -25.05 52.09
CA CYS E 91 -38.33 -25.54 50.75
C CYS E 91 -38.16 -27.07 50.73
N ASN E 92 -38.17 -27.73 51.90
CA ASN E 92 -38.32 -29.18 51.89
C ASN E 92 -39.76 -29.56 51.60
N ARG E 93 -40.72 -28.87 52.24
CA ARG E 93 -42.11 -29.23 52.01
C ARG E 93 -42.58 -28.78 50.63
N ALA E 94 -41.80 -27.93 49.95
CA ALA E 94 -41.99 -27.79 48.51
C ALA E 94 -41.19 -28.83 47.72
N LYS E 95 -40.07 -29.29 48.30
CA LYS E 95 -39.14 -30.15 47.57
C LYS E 95 -39.73 -31.53 47.31
N ASN E 96 -40.61 -32.00 48.20
CA ASN E 96 -41.31 -33.25 47.93
C ASN E 96 -42.24 -33.14 46.72
N THR E 97 -42.87 -31.96 46.55
CA THR E 97 -43.76 -31.75 45.41
C THR E 97 -42.99 -31.75 44.10
N VAL E 98 -41.73 -31.36 44.13
CA VAL E 98 -40.89 -31.53 42.93
C VAL E 98 -40.49 -33.00 42.78
N LYS E 99 -40.19 -33.66 43.90
CA LYS E 99 -39.63 -35.00 43.89
C LYS E 99 -40.58 -36.02 43.28
N GLY E 100 -41.89 -35.85 43.53
CA GLY E 100 -42.86 -36.75 42.92
C GLY E 100 -42.90 -36.64 41.40
N LEU E 101 -42.74 -35.42 40.89
CA LEU E 101 -42.72 -35.24 39.44
C LEU E 101 -41.42 -35.75 38.84
N ILE E 102 -40.35 -35.79 39.63
CA ILE E 102 -39.14 -36.48 39.17
C ILE E 102 -39.40 -37.98 39.05
N ASN E 103 -40.01 -38.57 40.08
CA ASN E 103 -40.16 -40.02 40.13
C ASN E 103 -41.18 -40.52 39.12
N ILE E 104 -42.11 -39.65 38.70
CA ILE E 104 -42.99 -40.02 37.59
C ILE E 104 -42.19 -40.14 36.30
N LEU E 105 -41.28 -39.19 36.06
CA LEU E 105 -40.66 -39.11 34.74
C LEU E 105 -39.49 -40.09 34.60
N GLU E 106 -38.82 -40.45 35.71
CA GLU E 106 -37.64 -41.28 35.58
C GLU E 106 -37.99 -42.76 35.32
N ASN E 107 -39.09 -43.23 35.88
CA ASN E 107 -39.42 -44.64 35.77
C ASN E 107 -40.51 -44.81 34.73
N PRO E 108 -40.33 -45.68 33.73
CA PRO E 108 -41.33 -45.78 32.65
C PRO E 108 -42.66 -46.38 33.06
N GLN E 109 -42.69 -47.47 33.83
CA GLN E 109 -43.96 -48.06 34.21
C GLN E 109 -44.69 -47.20 35.24
N LYS E 110 -43.94 -46.43 36.04
CA LYS E 110 -44.57 -45.46 36.93
C LYS E 110 -45.22 -44.34 36.14
N PHE E 111 -44.68 -44.01 34.98
CA PHE E 111 -45.39 -43.13 34.07
C PHE E 111 -46.56 -43.86 33.41
N LYS E 112 -46.46 -45.19 33.29
CA LYS E 112 -47.49 -45.94 32.59
C LYS E 112 -48.72 -46.15 33.46
N THR E 113 -48.57 -45.98 34.78
CA THR E 113 -49.73 -46.12 35.67
C THR E 113 -50.74 -45.00 35.48
N GLN E 114 -50.27 -43.76 35.34
CA GLN E 114 -51.18 -42.63 35.31
C GLN E 114 -51.79 -42.44 33.92
N ARG E 115 -52.67 -41.45 33.80
CA ARG E 115 -53.32 -41.18 32.52
C ARG E 115 -52.69 -39.98 31.82
N GLU E 116 -51.91 -39.19 32.55
CA GLU E 116 -51.42 -37.92 32.04
C GLU E 116 -50.26 -38.12 31.08
N SER E 117 -50.24 -37.33 30.00
CA SER E 117 -49.24 -37.46 28.97
C SER E 117 -47.89 -36.91 29.42
N TYR E 118 -46.93 -36.93 28.49
CA TYR E 118 -45.55 -36.65 28.87
C TYR E 118 -45.27 -35.15 28.90
N ASP E 119 -45.72 -34.42 27.89
CA ASP E 119 -45.35 -33.01 27.74
C ASP E 119 -46.00 -32.17 28.82
N VAL E 120 -47.19 -32.58 29.28
CA VAL E 120 -47.88 -31.85 30.32
C VAL E 120 -47.19 -32.07 31.66
N LYS E 121 -46.74 -33.31 31.91
CA LYS E 121 -46.05 -33.60 33.17
C LYS E 121 -44.68 -32.92 33.22
N LEU E 122 -44.01 -32.86 32.07
CA LEU E 122 -42.76 -32.10 32.00
C LEU E 122 -43.02 -30.61 32.18
N ARG E 123 -44.18 -30.13 31.70
CA ARG E 123 -44.56 -28.73 31.86
C ARG E 123 -44.75 -28.38 33.32
N GLN E 124 -45.55 -29.16 34.06
CA GLN E 124 -45.71 -28.93 35.48
C GLN E 124 -44.42 -29.14 36.25
N TYR E 125 -43.53 -30.01 35.74
CA TYR E 125 -42.22 -30.17 36.36
C TYR E 125 -41.40 -28.89 36.27
N GLU E 126 -41.44 -28.24 35.11
CA GLU E 126 -40.80 -26.93 34.96
C GLU E 126 -41.41 -25.91 35.91
N GLU E 127 -42.74 -25.94 36.05
CA GLU E 127 -43.43 -25.00 36.93
C GLU E 127 -43.00 -25.17 38.38
N LYS E 128 -43.00 -26.41 38.87
CA LYS E 128 -42.68 -26.65 40.28
C LYS E 128 -41.19 -26.45 40.56
N LYS E 129 -40.35 -26.67 39.54
CA LYS E 129 -38.93 -26.33 39.69
C LYS E 129 -38.75 -24.83 39.87
N GLU E 130 -39.49 -24.04 39.08
CA GLU E 130 -39.43 -22.58 39.22
C GLU E 130 -39.99 -22.12 40.57
N ALA E 131 -40.97 -22.85 41.11
CA ALA E 131 -41.53 -22.48 42.40
C ALA E 131 -40.57 -22.77 43.55
N PHE E 132 -39.99 -23.97 43.56
CA PHE E 132 -38.96 -24.36 44.54
C PHE E 132 -37.78 -23.40 44.54
N ARG E 133 -37.25 -23.12 43.35
CA ARG E 133 -36.20 -22.14 43.18
C ARG E 133 -36.63 -20.76 43.69
N GLY E 134 -37.91 -20.44 43.54
CA GLY E 134 -38.45 -19.18 44.05
C GLY E 134 -38.49 -19.11 45.57
N CYS E 135 -38.82 -20.22 46.24
CA CYS E 135 -38.92 -20.14 47.71
C CYS E 135 -37.54 -20.00 48.34
N LEU E 136 -36.56 -20.75 47.82
CA LEU E 136 -35.18 -20.53 48.28
C LEU E 136 -34.73 -19.11 48.00
N LEU E 137 -35.13 -18.56 46.84
CA LEU E 137 -34.70 -17.22 46.46
C LEU E 137 -35.23 -16.15 47.42
N ASN E 138 -36.54 -16.17 47.70
CA ASN E 138 -37.13 -15.07 48.47
C ASN E 138 -36.77 -15.14 49.95
N LYS E 139 -36.86 -16.34 50.55
CA LYS E 139 -36.51 -16.45 51.96
C LYS E 139 -35.03 -16.18 52.17
N ASN E 140 -34.22 -16.53 51.18
CA ASN E 140 -32.82 -16.17 51.26
C ASN E 140 -32.58 -14.70 50.92
N ARG E 141 -33.56 -14.00 50.31
CA ARG E 141 -33.42 -12.54 50.19
C ARG E 141 -33.45 -11.89 51.55
N LYS E 142 -34.40 -12.32 52.41
CA LYS E 142 -34.41 -11.81 53.78
C LYS E 142 -33.13 -12.21 54.52
N ASN E 143 -32.63 -13.41 54.24
CA ASN E 143 -31.32 -13.81 54.78
C ASN E 143 -30.19 -12.91 54.28
N LEU E 144 -30.31 -12.39 53.05
CA LEU E 144 -29.25 -11.53 52.51
C LEU E 144 -29.26 -10.14 53.12
N ASP E 145 -30.47 -9.63 53.44
CA ASP E 145 -30.54 -8.41 54.24
C ASP E 145 -29.85 -8.58 55.58
N GLN E 146 -30.05 -9.76 56.20
CA GLN E 146 -29.32 -10.03 57.44
C GLN E 146 -27.82 -10.09 57.21
N ILE E 147 -27.37 -10.65 56.09
CA ILE E 147 -25.94 -10.77 55.80
C ILE E 147 -25.30 -9.39 55.62
N LYS E 148 -26.00 -8.47 54.96
CA LYS E 148 -25.45 -7.13 54.75
C LYS E 148 -25.29 -6.38 56.07
N LYS E 149 -26.22 -6.57 57.00
CA LYS E 149 -26.04 -6.02 58.34
C LYS E 149 -24.82 -6.62 59.05
N ILE E 150 -24.63 -7.94 58.91
CA ILE E 150 -23.56 -8.63 59.64
C ILE E 150 -22.19 -8.20 59.13
N ASN E 151 -21.95 -8.30 57.82
CA ASN E 151 -20.62 -7.99 57.32
C ASN E 151 -20.38 -6.48 57.30
N ASN E 152 -21.44 -5.68 57.40
CA ASN E 152 -21.25 -4.27 57.70
C ASN E 152 -20.63 -4.09 59.09
N GLU E 153 -21.09 -4.88 60.07
CA GLU E 153 -20.48 -4.78 61.41
C GLU E 153 -19.09 -5.40 61.42
N ILE E 154 -18.83 -6.36 60.52
CA ILE E 154 -17.47 -6.85 60.30
C ILE E 154 -16.58 -5.73 59.75
N ARG E 155 -17.14 -4.87 58.88
CA ARG E 155 -16.40 -3.70 58.43
C ARG E 155 -16.12 -2.76 59.60
N ASP E 156 -17.07 -2.66 60.55
CA ASP E 156 -16.86 -1.87 61.75
C ASP E 156 -15.74 -2.44 62.62
N LEU E 157 -15.54 -3.76 62.58
CA LEU E 157 -14.47 -4.37 63.37
C LEU E 157 -13.09 -3.91 62.91
N LEU E 158 -12.80 -4.05 61.61
CA LEU E 158 -11.46 -3.67 61.17
C LEU E 158 -11.35 -2.18 60.93
N GLU E 159 -12.41 -1.42 61.23
CA GLU E 159 -12.20 0.00 61.48
C GLU E 159 -12.11 0.30 62.97
N LYS E 160 -12.30 -0.71 63.81
CA LYS E 160 -12.33 -0.46 65.26
C LYS E 160 -10.95 -0.66 65.90
N LEU E 161 -9.99 -1.23 65.16
CA LEU E 161 -8.72 -1.67 65.74
C LEU E 161 -7.86 -0.48 66.19
N LYS E 162 -7.15 -0.69 67.30
CA LYS E 162 -6.48 0.42 67.98
C LYS E 162 -5.18 0.81 67.31
N CYS E 163 -4.61 -0.08 66.51
CA CYS E 163 -3.35 0.18 65.82
C CYS E 163 -3.67 0.74 64.44
N SER E 164 -3.14 1.92 64.13
CA SER E 164 -3.41 2.52 62.83
C SER E 164 -2.45 1.98 61.78
N GLN E 165 -1.15 2.01 62.08
CA GLN E 165 -0.15 1.39 61.23
C GLN E 165 0.88 0.61 62.03
N ASP E 166 0.59 0.29 63.29
CA ASP E 166 1.58 -0.35 64.15
C ASP E 166 1.66 -1.85 63.89
N CYS E 167 0.53 -2.48 63.59
CA CYS E 167 0.41 -3.94 63.64
C CYS E 167 1.13 -4.59 62.46
N GLN E 168 1.60 -5.82 62.70
CA GLN E 168 2.44 -6.56 61.75
C GLN E 168 1.59 -7.38 60.79
N THR E 169 2.27 -8.26 60.04
CA THR E 169 1.64 -9.11 59.03
C THR E 169 1.84 -10.60 59.38
N ASN E 170 2.02 -10.89 60.66
CA ASN E 170 2.40 -12.24 61.07
C ASN E 170 1.21 -13.20 61.00
N VAL E 171 0.01 -12.72 61.39
CA VAL E 171 -1.20 -13.54 61.34
C VAL E 171 -1.54 -13.88 59.91
N TYR E 172 -1.28 -12.95 58.99
CA TYR E 172 -1.59 -13.13 57.58
C TYR E 172 -0.73 -14.22 56.95
N PHE E 173 0.58 -14.19 57.21
CA PHE E 173 1.48 -15.17 56.63
C PHE E 173 1.32 -16.53 57.29
N ASP E 174 1.02 -16.52 58.59
CA ASP E 174 0.72 -17.78 59.26
C ASP E 174 -0.54 -18.42 58.68
N MET E 175 -1.53 -17.61 58.33
CA MET E 175 -2.74 -18.16 57.77
C MET E 175 -2.55 -18.53 56.30
N ILE E 176 -1.55 -17.93 55.65
CA ILE E 176 -1.07 -18.46 54.36
C ILE E 176 -0.53 -19.88 54.55
N LYS E 177 0.18 -20.11 55.64
CA LYS E 177 0.75 -21.45 55.86
C LYS E 177 -0.34 -22.49 56.15
N ILE E 178 -1.27 -22.16 57.06
CA ILE E 178 -2.37 -23.08 57.40
C ILE E 178 -3.27 -23.33 56.21
N TYR E 179 -3.58 -22.30 55.41
CA TYR E 179 -4.40 -22.52 54.22
C TYR E 179 -3.65 -23.32 53.17
N LEU E 180 -2.32 -23.21 53.14
CA LEU E 180 -1.55 -23.89 52.11
C LEU E 180 -1.50 -25.39 52.37
N VAL E 181 -1.42 -25.80 53.64
CA VAL E 181 -1.41 -27.23 53.95
C VAL E 181 -2.79 -27.84 53.67
N ASP E 182 -3.86 -27.10 54.00
CA ASP E 182 -5.22 -27.57 53.73
C ASP E 182 -5.48 -27.66 52.23
N PHE E 183 -4.86 -26.79 51.45
CA PHE E 183 -4.97 -26.90 49.99
C PHE E 183 -4.17 -28.08 49.47
N LYS E 184 -3.08 -28.41 50.16
CA LYS E 184 -2.31 -29.59 49.79
C LYS E 184 -3.06 -30.88 50.12
N LYS E 185 -4.02 -30.79 51.05
CA LYS E 185 -4.76 -31.98 51.46
C LYS E 185 -5.71 -32.47 50.37
N MET E 186 -6.37 -31.57 49.65
CA MET E 186 -7.57 -31.94 48.91
C MET E 186 -7.21 -32.54 47.55
N PRO E 187 -7.91 -33.61 47.11
CA PRO E 187 -7.66 -34.19 45.78
C PRO E 187 -8.36 -33.47 44.64
N TYR E 188 -7.59 -32.82 43.77
CA TYR E 188 -8.16 -32.04 42.69
C TYR E 188 -8.18 -32.81 41.38
N GLU E 189 -7.13 -33.59 41.13
CA GLU E 189 -6.90 -34.15 39.80
C GLU E 189 -7.91 -35.25 39.47
N ASN E 190 -8.34 -36.01 40.49
CA ASN E 190 -9.29 -37.09 40.24
C ASN E 190 -10.67 -36.55 39.92
N TYR E 191 -11.05 -35.44 40.55
CA TYR E 191 -12.26 -34.73 40.16
C TYR E 191 -12.15 -34.20 38.74
N ASP E 192 -10.97 -33.68 38.39
CA ASP E 192 -10.76 -33.09 37.06
C ASP E 192 -10.88 -34.13 35.96
N THR E 193 -10.13 -35.23 36.08
CA THR E 193 -10.20 -36.32 35.11
C THR E 193 -11.57 -36.98 35.14
N PHE E 194 -12.22 -36.96 36.31
CA PHE E 194 -13.54 -37.52 36.44
C PHE E 194 -14.57 -36.76 35.59
N ILE E 195 -14.57 -35.43 35.70
CA ILE E 195 -15.56 -34.66 34.96
C ILE E 195 -15.21 -34.63 33.47
N LYS E 196 -13.94 -34.85 33.13
CA LYS E 196 -13.60 -34.99 31.71
C LYS E 196 -14.17 -36.28 31.13
N GLN E 197 -14.00 -37.40 31.85
CA GLN E 197 -14.51 -38.68 31.36
C GLN E 197 -16.04 -38.68 31.30
N TYR E 198 -16.69 -38.15 32.34
CA TYR E 198 -18.14 -38.15 32.42
C TYR E 198 -18.74 -37.20 31.38
N LYS E 199 -18.06 -36.09 31.10
CA LYS E 199 -18.52 -35.18 30.05
C LYS E 199 -18.44 -35.83 28.69
N ASN E 200 -17.33 -36.54 28.41
CA ASN E 200 -17.17 -37.20 27.13
C ASN E 200 -18.25 -38.26 26.92
N SER E 201 -18.52 -39.05 27.96
CA SER E 201 -19.59 -40.04 27.88
C SER E 201 -20.96 -39.38 27.76
N TYR E 202 -21.12 -38.20 28.35
CA TYR E 202 -22.40 -37.51 28.30
C TYR E 202 -22.71 -37.00 26.89
N LEU E 203 -21.75 -36.30 26.27
CA LEU E 203 -21.97 -35.77 24.93
C LEU E 203 -22.13 -36.87 23.91
N SER E 204 -21.38 -37.97 24.09
CA SER E 204 -21.61 -39.15 23.26
C SER E 204 -23.02 -39.70 23.45
N GLY E 205 -23.51 -39.68 24.69
CA GLY E 205 -24.85 -40.16 24.97
C GLY E 205 -25.93 -39.32 24.31
N VAL E 206 -25.75 -37.99 24.30
CA VAL E 206 -26.73 -37.11 23.69
C VAL E 206 -26.81 -37.35 22.18
N ASP E 207 -25.65 -37.56 21.54
CA ASP E 207 -25.66 -37.83 20.10
C ASP E 207 -26.32 -39.17 19.80
N MET E 208 -26.00 -40.21 20.58
CA MET E 208 -26.50 -41.54 20.21
C MET E 208 -27.97 -41.69 20.55
N ILE E 209 -28.46 -40.97 21.56
CA ILE E 209 -29.89 -40.90 21.79
C ILE E 209 -30.57 -40.09 20.69
N ARG E 210 -29.86 -39.09 20.14
CA ARG E 210 -30.43 -38.29 19.06
C ARG E 210 -30.61 -39.11 17.78
N LYS E 211 -29.67 -40.00 17.49
CA LYS E 211 -29.88 -40.88 16.34
C LYS E 211 -30.91 -41.96 16.65
N ILE E 212 -30.86 -42.51 17.86
CA ILE E 212 -31.65 -43.69 18.14
C ILE E 212 -33.10 -43.30 18.37
N GLU E 213 -33.35 -42.01 18.61
CA GLU E 213 -34.70 -41.48 18.65
C GLU E 213 -35.39 -41.61 17.31
N LYS E 214 -34.67 -41.28 16.23
CA LYS E 214 -35.25 -41.44 14.90
C LYS E 214 -35.22 -42.91 14.49
N GLN E 215 -34.40 -43.72 15.15
CA GLN E 215 -34.32 -45.11 14.72
C GLN E 215 -35.45 -45.97 15.30
N ILE E 216 -35.58 -46.04 16.62
CA ILE E 216 -36.42 -47.05 17.27
C ILE E 216 -37.89 -46.68 17.15
N ASP E 217 -38.75 -47.61 17.56
CA ASP E 217 -40.19 -47.37 17.47
C ASP E 217 -40.75 -46.78 18.76
N ASN E 218 -40.40 -47.36 19.91
CA ASN E 218 -41.13 -47.11 21.16
C ASN E 218 -40.62 -45.85 21.84
N PRO E 219 -41.43 -44.81 21.99
CA PRO E 219 -40.91 -43.52 22.47
C PRO E 219 -40.92 -43.34 23.98
N VAL E 220 -41.43 -44.31 24.74
CA VAL E 220 -41.62 -44.11 26.18
C VAL E 220 -40.28 -44.06 26.90
N THR E 221 -39.45 -45.08 26.68
CA THR E 221 -38.13 -45.15 27.28
C THR E 221 -37.26 -43.98 26.82
N ILE E 222 -37.37 -43.58 25.55
CA ILE E 222 -36.50 -42.54 25.02
C ILE E 222 -36.89 -41.18 25.58
N ASN E 223 -38.16 -41.03 26.00
CA ASN E 223 -38.55 -39.81 26.70
C ASN E 223 -37.92 -39.75 28.08
N ALA E 224 -37.95 -40.87 28.81
CA ALA E 224 -37.35 -40.89 30.15
C ALA E 224 -35.84 -40.68 30.09
N ILE E 225 -35.20 -41.27 29.08
CA ILE E 225 -33.76 -41.11 28.89
C ILE E 225 -33.42 -39.66 28.61
N LYS E 226 -34.18 -39.03 27.70
CA LYS E 226 -33.88 -37.65 27.30
C LYS E 226 -34.07 -36.68 28.47
N PHE E 227 -35.06 -36.96 29.32
CA PHE E 227 -35.24 -36.16 30.52
C PHE E 227 -34.04 -36.28 31.47
N THR E 228 -33.53 -37.50 31.66
CA THR E 228 -32.35 -37.68 32.50
C THR E 228 -31.12 -37.06 31.89
N GLN E 229 -31.06 -36.97 30.55
CA GLN E 229 -29.97 -36.25 29.89
C GLN E 229 -30.00 -34.77 30.25
N LYS E 230 -31.20 -34.19 30.27
CA LYS E 230 -31.33 -32.78 30.66
C LYS E 230 -30.87 -32.54 32.09
N GLU E 231 -31.33 -33.40 33.02
CA GLU E 231 -30.96 -33.22 34.42
C GLU E 231 -29.47 -33.42 34.65
N MET E 232 -28.89 -34.42 33.97
CA MET E 232 -27.44 -34.65 34.01
C MET E 232 -26.66 -33.44 33.52
N GLY E 233 -27.15 -32.79 32.46
CA GLY E 233 -26.49 -31.59 31.98
C GLY E 233 -26.50 -30.46 33.00
N TYR E 234 -27.61 -30.33 33.73
CA TYR E 234 -27.66 -29.34 34.80
C TYR E 234 -26.65 -29.64 35.90
N ILE E 235 -26.49 -30.93 36.25
CA ILE E 235 -25.51 -31.33 37.26
C ILE E 235 -24.10 -31.04 36.80
N ILE E 236 -23.80 -31.29 35.51
CA ILE E 236 -22.45 -31.06 34.98
C ILE E 236 -22.10 -29.59 35.00
N ASP E 237 -23.07 -28.73 34.68
CA ASP E 237 -22.78 -27.29 34.70
C ASP E 237 -22.52 -26.78 36.11
N ARG E 238 -23.28 -27.27 37.10
CA ARG E 238 -23.02 -26.87 38.49
C ARG E 238 -21.64 -27.34 38.95
N PHE E 239 -21.27 -28.58 38.59
CA PHE E 239 -19.99 -29.14 38.99
C PHE E 239 -18.83 -28.37 38.36
N GLU E 240 -19.03 -27.91 37.12
CA GLU E 240 -18.01 -27.07 36.50
C GLU E 240 -17.86 -25.74 37.21
N TYR E 241 -18.98 -25.15 37.65
CA TYR E 241 -18.91 -23.86 38.30
C TYR E 241 -18.14 -23.95 39.62
N HIS E 242 -18.47 -24.94 40.45
CA HIS E 242 -17.77 -25.07 41.72
C HIS E 242 -16.33 -25.51 41.52
N LEU E 243 -16.06 -26.31 40.49
CA LEU E 243 -14.70 -26.75 40.22
C LEU E 243 -13.81 -25.59 39.79
N GLN E 244 -14.28 -24.78 38.84
CA GLN E 244 -13.51 -23.63 38.38
C GLN E 244 -13.32 -22.60 39.49
N LYS E 245 -14.32 -22.46 40.37
CA LYS E 245 -14.17 -21.50 41.45
C LYS E 245 -13.16 -21.96 42.48
N VAL E 246 -13.11 -23.28 42.75
CA VAL E 246 -12.10 -23.84 43.65
C VAL E 246 -10.71 -23.66 43.09
N LYS E 247 -10.54 -23.96 41.80
CA LYS E 247 -9.22 -23.85 41.16
C LYS E 247 -8.74 -22.41 41.14
N HIS E 248 -9.64 -21.47 40.87
CA HIS E 248 -9.26 -20.05 40.88
C HIS E 248 -8.89 -19.61 42.30
N SER E 249 -9.57 -20.16 43.31
CA SER E 249 -9.24 -19.79 44.68
C SER E 249 -7.85 -20.29 45.09
N ILE E 250 -7.55 -21.56 44.79
CA ILE E 250 -6.25 -22.13 45.16
C ILE E 250 -5.13 -21.43 44.39
N ASP E 251 -5.37 -21.11 43.11
CA ASP E 251 -4.36 -20.43 42.32
C ASP E 251 -4.09 -19.02 42.82
N GLN E 252 -5.14 -18.31 43.26
CA GLN E 252 -4.90 -16.96 43.77
C GLN E 252 -4.22 -17.00 45.13
N VAL E 253 -4.46 -18.04 45.92
CA VAL E 253 -3.77 -18.11 47.21
C VAL E 253 -2.30 -18.43 47.02
N THR E 254 -1.98 -19.31 46.06
CA THR E 254 -0.57 -19.53 45.73
C THR E 254 0.05 -18.28 45.11
N ALA E 255 -0.76 -17.49 44.40
CA ALA E 255 -0.30 -16.19 43.90
C ALA E 255 0.03 -15.24 45.04
N LEU E 256 -0.71 -15.32 46.15
CA LEU E 256 -0.31 -14.58 47.33
C LEU E 256 0.86 -15.25 48.04
N SER E 257 1.00 -16.56 47.87
CA SER E 257 2.07 -17.31 48.53
C SER E 257 3.41 -17.15 47.83
N ASP E 258 3.44 -16.41 46.72
CA ASP E 258 4.70 -16.14 46.03
C ASP E 258 5.61 -15.24 46.87
N GLY E 259 5.06 -14.18 47.46
CA GLY E 259 5.31 -12.84 46.93
C GLY E 259 6.35 -12.10 47.76
N VAL E 260 6.37 -10.77 47.62
CA VAL E 260 7.22 -9.95 48.49
C VAL E 260 6.55 -9.74 49.84
N LYS E 261 7.28 -10.03 50.92
CA LYS E 261 6.68 -10.04 52.25
C LYS E 261 6.89 -8.71 52.98
N PRO E 262 5.81 -8.01 53.36
CA PRO E 262 5.97 -6.83 54.22
C PRO E 262 5.89 -7.18 55.69
N LYS E 263 6.49 -6.33 56.53
CA LYS E 263 6.41 -6.54 57.97
C LYS E 263 5.44 -5.57 58.63
N GLN E 264 5.27 -4.38 58.05
CA GLN E 264 4.43 -3.33 58.64
C GLN E 264 3.39 -2.91 57.63
N VAL E 265 2.17 -2.70 58.11
CA VAL E 265 1.01 -2.44 57.26
C VAL E 265 0.16 -1.35 57.89
N THR E 266 -0.47 -0.56 57.05
CA THR E 266 -1.48 0.38 57.51
C THR E 266 -2.80 -0.38 57.64
N LYS E 267 -3.80 0.27 58.25
CA LYS E 267 -5.03 -0.43 58.63
C LYS E 267 -5.88 -0.77 57.41
N ASN E 268 -5.98 0.17 56.46
CA ASN E 268 -6.94 0.06 55.37
C ASN E 268 -6.54 -1.03 54.37
N ARG E 269 -5.24 -1.17 54.11
CA ARG E 269 -4.81 -2.18 53.15
C ARG E 269 -4.78 -3.57 53.78
N LEU E 270 -4.46 -3.65 55.07
CA LEU E 270 -4.47 -4.94 55.77
C LEU E 270 -5.90 -5.48 55.88
N LYS E 271 -6.87 -4.57 55.96
CA LYS E 271 -8.28 -4.97 55.91
C LYS E 271 -8.61 -5.66 54.60
N GLU E 272 -8.09 -5.11 53.49
CA GLU E 272 -8.35 -5.70 52.18
C GLU E 272 -7.64 -7.04 52.02
N TYR E 273 -6.42 -7.17 52.58
CA TYR E 273 -5.71 -8.44 52.55
C TYR E 273 -6.45 -9.53 53.33
N TYR E 274 -6.95 -9.18 54.52
CA TYR E 274 -7.65 -10.15 55.35
C TYR E 274 -8.95 -10.60 54.71
N PHE E 275 -9.72 -9.65 54.16
CA PHE E 275 -10.95 -10.02 53.49
C PHE E 275 -10.68 -10.84 52.23
N ASN E 276 -9.54 -10.61 51.58
CA ASN E 276 -9.23 -11.33 50.37
C ASN E 276 -8.94 -12.80 50.65
N ILE E 277 -8.01 -13.06 51.58
CA ILE E 277 -7.62 -14.45 51.83
C ILE E 277 -8.72 -15.21 52.57
N GLY E 278 -9.45 -14.51 53.46
CA GLY E 278 -10.57 -15.15 54.13
C GLY E 278 -11.68 -15.50 53.17
N ASN E 279 -11.93 -14.62 52.20
CA ASN E 279 -12.90 -14.91 51.15
C ASN E 279 -12.45 -16.10 50.33
N TYR E 280 -11.14 -16.22 50.11
CA TYR E 280 -10.61 -17.32 49.30
C TYR E 280 -10.80 -18.68 49.96
N TYR E 281 -10.37 -18.83 51.21
CA TYR E 281 -10.53 -20.15 51.84
C TYR E 281 -11.98 -20.44 52.15
N SER E 282 -12.79 -19.39 52.34
CA SER E 282 -14.22 -19.59 52.50
C SER E 282 -14.84 -20.20 51.25
N ILE E 283 -14.44 -19.69 50.08
CA ILE E 283 -14.84 -20.27 48.79
C ILE E 283 -14.37 -21.72 48.68
N PHE E 284 -13.16 -22.01 49.16
CA PHE E 284 -12.64 -23.38 49.12
C PHE E 284 -13.47 -24.35 49.94
N LYS E 285 -13.73 -23.99 51.20
CA LYS E 285 -14.38 -24.92 52.12
C LYS E 285 -15.85 -25.08 51.78
N PHE E 286 -16.44 -24.10 51.11
CA PHE E 286 -17.76 -24.34 50.51
C PHE E 286 -17.64 -25.26 49.29
N GLY E 287 -16.55 -25.09 48.53
CA GLY E 287 -16.45 -25.70 47.23
C GLY E 287 -16.30 -27.21 47.28
N LYS E 288 -15.44 -27.70 48.18
CA LYS E 288 -15.19 -29.15 48.23
C LYS E 288 -16.42 -29.92 48.68
N ASP E 289 -17.27 -29.29 49.49
CA ASP E 289 -18.54 -29.91 49.90
C ASP E 289 -19.49 -30.01 48.71
N SER E 290 -19.60 -28.92 47.94
CA SER E 290 -20.48 -28.95 46.77
C SER E 290 -20.01 -29.95 45.73
N LEU E 291 -18.69 -30.04 45.52
CA LEU E 291 -18.14 -31.02 44.58
C LEU E 291 -18.37 -32.45 45.07
N ASN E 292 -18.38 -32.65 46.40
CA ASN E 292 -18.64 -33.97 46.96
C ASN E 292 -20.06 -34.43 46.65
N MET E 293 -21.06 -33.59 46.96
CA MET E 293 -22.45 -34.00 46.72
C MET E 293 -22.73 -34.16 45.23
N LEU E 294 -22.21 -33.25 44.41
CA LEU E 294 -22.43 -33.32 42.97
C LEU E 294 -21.80 -34.55 42.36
N ASN E 295 -20.63 -34.95 42.89
CA ASN E 295 -19.99 -36.20 42.53
C ASN E 295 -20.93 -37.38 42.76
N LYS E 296 -21.48 -37.48 43.99
CA LYS E 296 -22.27 -38.65 44.36
C LYS E 296 -23.55 -38.77 43.52
N ALA E 297 -24.37 -37.70 43.50
CA ALA E 297 -25.65 -37.76 42.78
C ALA E 297 -25.44 -37.90 41.29
N LEU E 298 -24.35 -37.33 40.78
CA LEU E 298 -24.00 -37.47 39.38
C LEU E 298 -23.75 -38.94 39.00
N ILE E 299 -23.02 -39.67 39.86
CA ILE E 299 -22.77 -41.09 39.59
C ILE E 299 -24.07 -41.90 39.65
N HIS E 300 -24.99 -41.51 40.56
CA HIS E 300 -26.28 -42.18 40.62
C HIS E 300 -27.07 -42.02 39.32
N LYS E 301 -27.14 -40.81 38.78
CA LYS E 301 -27.87 -40.58 37.53
C LYS E 301 -27.25 -41.35 36.37
N GLU E 302 -25.92 -41.51 36.39
CA GLU E 302 -25.26 -42.33 35.38
C GLU E 302 -25.72 -43.78 35.46
N LYS E 303 -25.91 -44.29 36.69
CA LYS E 303 -26.41 -45.64 36.85
C LYS E 303 -27.84 -45.79 36.33
N ILE E 304 -28.66 -44.74 36.49
CA ILE E 304 -30.03 -44.78 35.94
C ILE E 304 -30.02 -44.91 34.43
N VAL E 305 -29.18 -44.11 33.76
CA VAL E 305 -29.17 -44.12 32.30
C VAL E 305 -28.66 -45.45 31.75
N HIS E 306 -27.69 -46.06 32.45
CA HIS E 306 -27.34 -47.46 32.16
C HIS E 306 -28.56 -48.37 32.28
N ASN E 307 -29.36 -48.19 33.34
CA ASN E 307 -30.48 -49.09 33.59
C ASN E 307 -31.58 -48.92 32.55
N LEU E 308 -31.59 -47.80 31.83
CA LEU E 308 -32.61 -47.65 30.77
C LEU E 308 -32.11 -48.16 29.42
N LEU E 309 -30.85 -47.88 29.08
CA LEU E 309 -30.32 -48.34 27.79
C LEU E 309 -30.26 -49.86 27.74
N GLY E 310 -30.06 -50.48 28.91
CA GLY E 310 -30.20 -51.92 29.02
C GLY E 310 -31.58 -52.44 28.66
N GLU E 311 -32.61 -51.61 28.84
CA GLU E 311 -33.94 -52.01 28.40
C GLU E 311 -34.13 -51.76 26.93
N LEU E 312 -33.24 -50.99 26.31
CA LEU E 312 -33.49 -50.55 24.93
C LEU E 312 -32.85 -51.49 23.90
N PHE E 313 -31.67 -52.04 24.21
CA PHE E 313 -30.87 -52.62 23.11
C PHE E 313 -31.46 -53.93 22.57
N GLY E 314 -32.35 -54.57 23.33
CA GLY E 314 -32.98 -55.78 22.81
C GLY E 314 -33.96 -55.50 21.69
N HIS E 315 -34.69 -54.39 21.80
CA HIS E 315 -35.56 -53.94 20.72
C HIS E 315 -34.73 -53.47 19.53
N LEU E 316 -33.60 -52.79 19.82
CA LEU E 316 -32.72 -52.31 18.76
C LEU E 316 -32.15 -53.46 17.92
N GLU E 317 -31.78 -54.56 18.58
CA GLU E 317 -31.27 -55.73 17.87
C GLU E 317 -32.34 -56.33 16.96
N GLU E 318 -33.60 -56.21 17.35
CA GLU E 318 -34.69 -56.71 16.52
C GLU E 318 -34.83 -55.87 15.26
N ARG E 319 -34.61 -54.54 15.37
CA ARG E 319 -34.62 -53.73 14.15
C ARG E 319 -33.47 -54.10 13.21
N ILE E 320 -32.28 -54.34 13.76
CA ILE E 320 -31.13 -54.71 12.93
C ILE E 320 -31.38 -56.01 12.18
N SER E 321 -31.90 -57.02 12.88
CA SER E 321 -32.19 -58.30 12.26
C SER E 321 -33.30 -58.20 11.22
N LYS E 322 -34.23 -57.26 11.42
CA LYS E 322 -35.23 -57.02 10.39
C LYS E 322 -34.61 -56.36 9.16
N LEU E 323 -33.61 -55.50 9.38
CA LEU E 323 -33.17 -54.61 8.33
C LEU E 323 -32.17 -55.30 7.40
N ILE E 324 -31.40 -56.26 7.93
CA ILE E 324 -30.38 -56.94 7.14
C ILE E 324 -31.00 -57.77 6.02
N ASP E 325 -32.17 -58.36 6.28
CA ASP E 325 -32.89 -59.05 5.21
C ASP E 325 -33.45 -58.05 4.20
N SER E 326 -33.74 -56.84 4.63
CA SER E 326 -34.43 -55.90 3.76
C SER E 326 -33.48 -55.29 2.73
N GLU E 327 -32.27 -54.92 3.17
CA GLU E 327 -31.47 -54.00 2.36
C GLU E 327 -30.78 -54.68 1.19
N TYR E 328 -30.19 -55.86 1.39
CA TYR E 328 -29.19 -56.33 0.45
C TYR E 328 -29.81 -57.02 -0.76
N PHE E 329 -31.13 -56.96 -0.92
CA PHE E 329 -31.85 -57.31 -2.16
C PHE E 329 -31.63 -58.76 -2.56
N ILE E 330 -31.86 -59.69 -1.65
CA ILE E 330 -31.27 -61.02 -1.79
C ILE E 330 -32.19 -61.95 -2.55
N THR E 331 -33.46 -62.03 -2.13
CA THR E 331 -34.38 -63.00 -2.73
C THR E 331 -34.71 -62.65 -4.17
N GLU E 332 -34.79 -61.35 -4.46
CA GLU E 332 -34.91 -60.87 -5.83
C GLU E 332 -33.71 -61.27 -6.65
N SER E 333 -32.51 -61.18 -6.06
CA SER E 333 -31.29 -61.51 -6.76
C SER E 333 -31.24 -63.00 -7.10
N ASN E 334 -31.61 -63.84 -6.14
CA ASN E 334 -31.61 -65.28 -6.37
C ASN E 334 -32.70 -65.67 -7.35
N ASN E 335 -33.78 -64.88 -7.40
CA ASN E 335 -34.77 -65.08 -8.45
C ASN E 335 -34.17 -64.79 -9.83
N ILE E 336 -33.37 -63.73 -9.93
CA ILE E 336 -32.72 -63.39 -11.20
C ILE E 336 -31.74 -64.47 -11.60
N ILE E 337 -30.95 -64.96 -10.65
CA ILE E 337 -29.88 -65.91 -10.97
C ILE E 337 -30.47 -67.27 -11.34
N SER E 338 -31.44 -67.75 -10.56
CA SER E 338 -32.07 -69.03 -10.85
C SER E 338 -32.87 -68.97 -12.15
N GLN E 339 -33.50 -67.83 -12.41
CA GLN E 339 -34.27 -67.67 -13.63
C GLN E 339 -33.37 -67.62 -14.86
N SER E 340 -32.22 -66.95 -14.72
CA SER E 340 -31.27 -66.84 -15.83
C SER E 340 -30.61 -68.18 -16.12
N GLU E 341 -30.25 -68.92 -15.07
CA GLU E 341 -29.68 -70.25 -15.27
C GLU E 341 -30.71 -71.21 -15.85
N GLU E 342 -31.99 -70.99 -15.52
CA GLU E 342 -33.05 -71.75 -16.15
C GLU E 342 -33.12 -71.48 -17.66
N THR E 343 -32.98 -70.20 -18.05
CA THR E 343 -32.97 -69.87 -19.46
C THR E 343 -31.75 -70.45 -20.18
N LEU E 344 -30.63 -70.51 -19.48
CA LEU E 344 -29.44 -71.14 -20.06
C LEU E 344 -29.65 -72.63 -20.23
N LYS E 345 -30.33 -73.27 -19.28
CA LYS E 345 -30.60 -74.69 -19.37
C LYS E 345 -31.54 -75.01 -20.52
N LEU E 346 -32.57 -74.18 -20.72
CA LEU E 346 -33.48 -74.39 -21.83
C LEU E 346 -32.79 -74.13 -23.17
N ALA E 347 -31.88 -73.15 -23.19
CA ALA E 347 -31.15 -72.83 -24.41
C ALA E 347 -30.22 -73.97 -24.82
N GLU E 348 -29.51 -74.54 -23.85
CA GLU E 348 -28.65 -75.68 -24.17
C GLU E 348 -29.48 -76.91 -24.49
N ASP E 349 -30.68 -77.01 -23.91
CA ASP E 349 -31.53 -78.18 -24.14
C ASP E 349 -32.04 -78.21 -25.58
N VAL E 350 -32.73 -77.14 -26.00
CA VAL E 350 -33.26 -77.07 -27.36
C VAL E 350 -32.12 -77.01 -28.37
N TYR E 351 -31.02 -76.35 -27.98
CA TYR E 351 -29.85 -76.25 -28.85
C TYR E 351 -29.24 -77.61 -29.15
N ASP E 352 -28.98 -78.43 -28.13
CA ASP E 352 -28.36 -79.75 -28.34
C ASP E 352 -29.30 -80.67 -29.10
N LYS E 353 -30.60 -80.61 -28.74
CA LYS E 353 -31.67 -81.31 -29.44
C LYS E 353 -31.67 -80.98 -30.93
N ASN E 354 -31.24 -79.77 -31.30
CA ASN E 354 -31.08 -79.48 -32.71
C ASN E 354 -29.64 -79.64 -33.21
N THR E 355 -28.67 -79.93 -32.31
CA THR E 355 -27.28 -80.05 -32.77
C THR E 355 -27.07 -81.28 -33.63
N LYS E 356 -27.78 -82.37 -33.32
CA LYS E 356 -27.60 -83.55 -34.17
C LYS E 356 -28.11 -83.31 -35.60
N LEU E 357 -29.26 -82.65 -35.72
CA LEU E 357 -29.84 -82.37 -37.02
C LEU E 357 -29.04 -81.30 -37.77
N ILE E 358 -28.45 -80.35 -37.04
CA ILE E 358 -27.59 -79.36 -37.66
C ILE E 358 -26.33 -80.02 -38.20
N GLU E 359 -25.74 -80.94 -37.43
CA GLU E 359 -24.53 -81.61 -37.90
C GLU E 359 -24.82 -82.55 -39.06
N ASP E 360 -26.06 -83.02 -39.20
CA ASP E 360 -26.43 -83.68 -40.45
C ASP E 360 -26.62 -82.66 -41.57
N LEU E 361 -27.14 -81.48 -41.23
CA LEU E 361 -27.56 -80.52 -42.27
C LEU E 361 -26.36 -79.83 -42.90
N THR E 362 -25.24 -79.74 -42.18
CA THR E 362 -24.06 -79.10 -42.76
C THR E 362 -23.37 -80.01 -43.76
N LEU E 363 -23.43 -81.33 -43.54
CA LEU E 363 -22.80 -82.26 -44.47
C LEU E 363 -23.73 -82.61 -45.62
N TYR E 364 -25.03 -82.37 -45.44
CA TYR E 364 -26.00 -82.78 -46.46
C TYR E 364 -25.97 -82.05 -47.81
N PRO E 365 -25.75 -80.71 -47.94
CA PRO E 365 -26.15 -80.07 -49.21
C PRO E 365 -25.26 -80.39 -50.42
N HIS E 366 -23.99 -80.75 -50.19
CA HIS E 366 -23.00 -81.07 -51.23
C HIS E 366 -22.77 -79.88 -52.17
N LEU E 367 -22.77 -78.67 -51.62
CA LEU E 367 -22.56 -77.38 -52.29
C LEU E 367 -23.59 -77.18 -53.41
N GLU E 368 -24.81 -77.67 -53.21
CA GLU E 368 -25.82 -77.59 -54.26
C GLU E 368 -26.36 -76.18 -54.38
N ILE E 369 -26.52 -75.49 -53.26
CA ILE E 369 -27.09 -74.15 -53.24
C ILE E 369 -26.08 -73.25 -52.56
N ASN E 370 -26.08 -71.96 -52.92
CA ASN E 370 -25.03 -71.07 -52.44
C ASN E 370 -25.60 -69.96 -51.56
N GLU E 371 -26.60 -69.23 -52.06
CA GLU E 371 -27.15 -68.07 -51.35
C GLU E 371 -27.79 -68.48 -50.03
N PHE E 372 -28.56 -69.57 -50.04
CA PHE E 372 -29.19 -70.01 -48.81
C PHE E 372 -28.20 -70.70 -47.90
N LYS E 373 -27.11 -71.26 -48.44
CA LYS E 373 -26.02 -71.74 -47.60
C LYS E 373 -25.34 -70.59 -46.86
N LYS E 374 -25.17 -69.45 -47.56
CA LYS E 374 -24.70 -68.23 -46.91
C LYS E 374 -25.67 -67.79 -45.81
N ASP E 375 -26.97 -67.97 -46.05
CA ASP E 375 -27.94 -67.70 -45.00
C ASP E 375 -27.76 -68.64 -43.80
N TYR E 376 -27.40 -69.90 -44.07
CA TYR E 376 -27.29 -70.90 -43.02
C TYR E 376 -26.13 -70.60 -42.09
N ASP E 377 -24.93 -70.37 -42.65
CA ASP E 377 -23.78 -70.20 -41.75
C ASP E 377 -23.76 -68.80 -41.14
N ASN E 378 -24.50 -67.84 -41.72
CA ASN E 378 -24.87 -66.64 -40.95
C ASN E 378 -25.54 -67.02 -39.65
N ASN E 379 -26.65 -67.76 -39.75
CA ASN E 379 -27.45 -68.02 -38.56
C ASN E 379 -26.74 -68.98 -37.59
N VAL E 380 -25.85 -69.83 -38.10
CA VAL E 380 -25.10 -70.75 -37.26
C VAL E 380 -24.10 -69.99 -36.38
N GLU E 381 -23.35 -69.05 -36.98
CA GLU E 381 -22.43 -68.24 -36.18
C GLU E 381 -23.18 -67.39 -35.18
N ASP E 382 -24.38 -66.92 -35.56
CA ASP E 382 -25.23 -66.20 -34.62
C ASP E 382 -25.63 -67.07 -33.43
N LEU E 383 -25.93 -68.35 -33.70
CA LEU E 383 -26.30 -69.30 -32.65
C LEU E 383 -25.16 -69.49 -31.64
N ARG E 384 -23.99 -69.92 -32.12
CA ARG E 384 -22.89 -70.25 -31.24
C ARG E 384 -22.41 -69.05 -30.43
N GLU E 385 -22.24 -67.90 -31.10
CA GLU E 385 -21.78 -66.71 -30.39
C GLU E 385 -22.83 -66.22 -29.40
N SER E 386 -24.11 -66.44 -29.71
CA SER E 386 -25.17 -66.05 -28.79
C SER E 386 -25.12 -66.87 -27.51
N ILE E 387 -24.91 -68.19 -27.63
CA ILE E 387 -24.91 -69.04 -26.44
C ILE E 387 -23.68 -68.76 -25.57
N ILE E 388 -22.53 -68.52 -26.20
CA ILE E 388 -21.34 -68.15 -25.44
C ILE E 388 -21.55 -66.80 -24.74
N TYR E 389 -22.26 -65.89 -25.41
CA TYR E 389 -22.60 -64.61 -24.79
C TYR E 389 -23.52 -64.79 -23.59
N ILE E 390 -24.40 -65.79 -23.63
CA ILE E 390 -25.23 -66.10 -22.46
C ILE E 390 -24.36 -66.56 -21.31
N GLN E 391 -23.36 -67.41 -21.60
CA GLN E 391 -22.44 -67.87 -20.56
C GLN E 391 -21.68 -66.73 -19.91
N SER E 392 -21.19 -65.79 -20.72
CA SER E 392 -20.44 -64.66 -20.18
C SER E 392 -21.35 -63.74 -19.37
N TYR E 393 -22.61 -63.60 -19.80
CA TYR E 393 -23.59 -62.83 -19.03
C TYR E 393 -23.83 -63.41 -17.65
N VAL E 394 -24.05 -64.74 -17.57
CA VAL E 394 -24.31 -65.39 -16.29
C VAL E 394 -23.10 -65.28 -15.38
N SER E 395 -21.90 -65.36 -15.96
CA SER E 395 -20.67 -65.18 -15.18
C SER E 395 -20.59 -63.78 -14.59
N SER E 396 -20.99 -62.76 -15.36
CA SER E 396 -20.99 -61.40 -14.84
C SER E 396 -21.98 -61.22 -13.70
N ILE E 397 -23.18 -61.77 -13.87
CA ILE E 397 -24.23 -61.63 -12.86
C ILE E 397 -23.80 -62.27 -11.55
N LYS E 398 -23.20 -63.45 -11.63
CA LYS E 398 -22.77 -64.14 -10.42
C LYS E 398 -21.59 -63.42 -9.79
N SER E 399 -20.78 -62.73 -10.59
CA SER E 399 -19.66 -61.95 -10.03
C SER E 399 -20.17 -60.76 -9.22
N ALA E 400 -21.10 -59.99 -9.77
CA ALA E 400 -21.64 -58.85 -9.02
C ALA E 400 -22.38 -59.32 -7.78
N TYR E 401 -23.05 -60.47 -7.88
CA TYR E 401 -23.76 -61.00 -6.72
C TYR E 401 -22.79 -61.45 -5.63
N ARG E 402 -21.65 -62.03 -5.99
CA ARG E 402 -20.75 -62.49 -4.94
C ARG E 402 -20.04 -61.32 -4.26
N TYR E 403 -19.86 -60.20 -4.98
CA TYR E 403 -19.34 -59.03 -4.25
C TYR E 403 -20.39 -58.47 -3.30
N ASN E 404 -21.66 -58.54 -3.71
CA ASN E 404 -22.74 -58.07 -2.84
C ASN E 404 -22.87 -58.93 -1.58
N VAL E 405 -22.78 -60.24 -1.75
CA VAL E 405 -22.82 -61.17 -0.63
C VAL E 405 -21.59 -61.00 0.26
N LEU E 406 -20.46 -60.64 -0.35
CA LEU E 406 -19.25 -60.38 0.43
C LEU E 406 -19.43 -59.17 1.34
N GLU E 407 -20.14 -58.14 0.86
CA GLU E 407 -20.53 -57.03 1.73
C GLU E 407 -21.37 -57.51 2.90
N LYS E 408 -22.40 -58.32 2.60
CA LYS E 408 -23.31 -58.80 3.65
C LYS E 408 -22.59 -59.66 4.68
N ASP E 409 -21.72 -60.57 4.24
CA ASP E 409 -21.02 -61.45 5.16
C ASP E 409 -19.95 -60.70 5.94
N SER E 410 -19.48 -59.57 5.41
CA SER E 410 -18.65 -58.71 6.24
C SER E 410 -19.47 -58.12 7.38
N VAL E 411 -20.71 -57.72 7.10
CA VAL E 411 -21.55 -57.15 8.15
C VAL E 411 -21.92 -58.22 9.18
N GLU E 412 -22.24 -59.43 8.73
CA GLU E 412 -22.59 -60.51 9.66
C GLU E 412 -21.39 -60.96 10.47
N SER E 413 -20.22 -61.00 9.84
CA SER E 413 -19.01 -61.40 10.56
C SER E 413 -18.61 -60.37 11.58
N LYS E 414 -18.96 -59.10 11.36
CA LYS E 414 -18.86 -58.13 12.44
C LYS E 414 -19.94 -58.40 13.49
N GLN E 415 -21.11 -58.85 13.04
CA GLN E 415 -22.27 -58.95 13.92
C GLN E 415 -22.12 -60.12 14.89
N LYS E 416 -21.25 -61.07 14.57
CA LYS E 416 -20.97 -62.14 15.51
C LYS E 416 -20.10 -61.66 16.67
N ASN E 417 -19.13 -60.80 16.38
CA ASN E 417 -18.15 -60.43 17.41
C ASN E 417 -18.54 -59.15 18.13
N ILE E 418 -19.65 -58.54 17.72
CA ILE E 418 -20.21 -57.43 18.51
C ILE E 418 -20.68 -57.86 19.89
N PRO E 419 -21.63 -58.81 20.07
CA PRO E 419 -22.20 -58.96 21.41
C PRO E 419 -21.34 -59.75 22.37
N ALA E 420 -20.14 -60.18 21.97
CA ALA E 420 -19.27 -60.90 22.89
C ALA E 420 -18.65 -59.98 23.93
N ASN E 421 -18.69 -58.67 23.67
CA ASN E 421 -18.01 -57.72 24.54
C ASN E 421 -18.75 -57.55 25.86
N SER E 422 -20.02 -57.12 25.80
CA SER E 422 -20.96 -57.04 26.94
C SER E 422 -20.46 -56.10 28.05
N ASN E 423 -20.53 -54.79 27.79
CA ASN E 423 -20.07 -53.81 28.77
C ASN E 423 -21.17 -52.82 29.14
N ALA E 424 -22.40 -53.10 28.70
CA ALA E 424 -23.68 -52.54 29.16
C ALA E 424 -23.96 -51.11 28.71
N GLN E 425 -23.01 -50.42 28.08
CA GLN E 425 -23.28 -49.10 27.53
C GLN E 425 -22.72 -48.94 26.13
N LYS E 426 -21.58 -49.56 25.84
CA LYS E 426 -21.01 -49.50 24.49
C LYS E 426 -21.70 -50.47 23.55
N LYS E 427 -22.54 -51.37 24.10
CA LYS E 427 -23.20 -52.36 23.27
C LYS E 427 -24.23 -51.71 22.36
N VAL E 428 -25.00 -50.77 22.90
CA VAL E 428 -25.92 -49.95 22.12
C VAL E 428 -25.16 -49.20 21.03
N ASP E 429 -23.94 -48.78 21.35
CA ASP E 429 -23.14 -48.01 20.43
C ASP E 429 -22.62 -48.87 19.29
N GLU E 430 -22.32 -50.13 19.57
CA GLU E 430 -21.87 -51.02 18.50
C GLU E 430 -23.03 -51.45 17.64
N LEU E 431 -24.22 -51.61 18.23
CA LEU E 431 -25.39 -51.92 17.43
C LEU E 431 -25.79 -50.74 16.55
N LEU E 432 -25.60 -49.52 17.07
CA LEU E 432 -25.84 -48.34 16.26
C LEU E 432 -24.77 -48.22 15.19
N SER E 433 -23.56 -48.68 15.48
CA SER E 433 -22.49 -48.61 14.51
C SER E 433 -22.74 -49.57 13.34
N ILE E 434 -23.28 -50.75 13.63
CA ILE E 434 -23.47 -51.70 12.54
C ILE E 434 -24.68 -51.32 11.70
N ILE E 435 -25.74 -50.79 12.33
CA ILE E 435 -26.89 -50.34 11.53
C ILE E 435 -26.51 -49.12 10.70
N ASP E 436 -25.58 -48.33 11.21
CA ASP E 436 -24.99 -47.24 10.45
C ASP E 436 -24.13 -47.78 9.30
N SER E 437 -23.59 -48.99 9.47
CA SER E 437 -22.77 -49.57 8.42
C SER E 437 -23.62 -50.12 7.26
N ILE E 438 -24.81 -50.66 7.56
CA ILE E 438 -25.68 -51.04 6.45
C ILE E 438 -26.16 -49.79 5.72
N SER E 439 -26.44 -48.72 6.48
CA SER E 439 -26.78 -47.43 5.89
C SER E 439 -25.67 -46.91 4.99
N TYR E 440 -24.41 -47.26 5.27
CA TYR E 440 -23.34 -46.93 4.35
C TYR E 440 -23.35 -47.83 3.12
N SER E 441 -23.69 -49.11 3.29
CA SER E 441 -23.44 -50.06 2.22
C SER E 441 -24.49 -49.99 1.11
N ASN E 442 -25.67 -49.41 1.42
CA ASN E 442 -26.78 -49.31 0.46
C ASN E 442 -26.36 -48.62 -0.84
N PHE E 443 -25.53 -47.59 -0.71
CA PHE E 443 -25.17 -46.77 -1.85
C PHE E 443 -24.52 -47.54 -2.98
N SER E 444 -23.72 -48.53 -2.64
CA SER E 444 -23.05 -49.29 -3.70
C SER E 444 -23.84 -50.55 -4.06
N VAL E 445 -24.57 -51.11 -3.08
CA VAL E 445 -25.35 -52.31 -3.34
C VAL E 445 -26.43 -52.04 -4.39
N ALA E 446 -27.01 -50.83 -4.37
CA ALA E 446 -28.05 -50.46 -5.33
C ALA E 446 -27.54 -50.51 -6.77
N GLU E 447 -26.30 -50.06 -6.99
CA GLU E 447 -25.75 -50.06 -8.34
C GLU E 447 -25.48 -51.48 -8.81
N ASN E 448 -25.04 -52.36 -7.91
CA ASN E 448 -24.82 -53.76 -8.27
C ASN E 448 -26.12 -54.41 -8.72
N PHE E 449 -27.20 -54.19 -7.96
CA PHE E 449 -28.49 -54.78 -8.31
C PHE E 449 -29.02 -54.21 -9.62
N GLN E 450 -28.78 -52.91 -9.86
CA GLN E 450 -29.17 -52.28 -11.11
C GLN E 450 -28.51 -52.95 -12.31
N LYS E 451 -27.22 -53.24 -12.19
CA LYS E 451 -26.52 -53.81 -13.33
C LYS E 451 -26.94 -55.25 -13.56
N MET E 452 -27.27 -55.96 -12.48
CA MET E 452 -27.80 -57.32 -12.63
C MET E 452 -29.14 -57.31 -13.37
N LYS E 453 -29.97 -56.30 -13.10
CA LYS E 453 -31.22 -56.16 -13.84
C LYS E 453 -30.96 -55.94 -15.33
N ASP E 454 -29.95 -55.12 -15.64
CA ASP E 454 -29.61 -54.85 -17.04
C ASP E 454 -29.18 -56.11 -17.77
N TYR E 455 -28.32 -56.91 -17.14
CA TYR E 455 -27.87 -58.15 -17.78
C TYR E 455 -29.01 -59.15 -17.95
N TYR E 456 -29.98 -59.15 -17.03
CA TYR E 456 -31.11 -60.06 -17.23
C TYR E 456 -31.98 -59.60 -18.41
N LYS E 457 -32.07 -58.30 -18.63
CA LYS E 457 -32.77 -57.81 -19.84
C LYS E 457 -32.05 -58.27 -21.10
N GLU E 458 -30.71 -58.28 -21.06
CA GLU E 458 -29.95 -58.81 -22.18
C GLU E 458 -30.23 -60.30 -22.40
N ILE E 459 -30.38 -61.05 -21.30
CA ILE E 459 -30.68 -62.48 -21.41
C ILE E 459 -32.04 -62.70 -22.06
N GLU E 460 -33.01 -61.84 -21.75
CA GLU E 460 -34.32 -61.96 -22.41
C GLU E 460 -34.22 -61.71 -23.91
N LYS E 461 -33.47 -60.68 -24.31
CA LYS E 461 -33.30 -60.42 -25.74
C LYS E 461 -32.60 -61.57 -26.45
N LEU E 462 -31.59 -62.17 -25.81
CA LEU E 462 -30.89 -63.29 -26.44
C LEU E 462 -31.75 -64.54 -26.48
N LYS E 463 -32.71 -64.66 -25.55
CA LYS E 463 -33.64 -65.77 -25.62
C LYS E 463 -34.57 -65.63 -26.81
N ILE E 464 -35.00 -64.41 -27.10
CA ILE E 464 -35.82 -64.17 -28.29
C ILE E 464 -35.05 -64.50 -29.55
N LYS E 465 -33.79 -64.05 -29.62
CA LYS E 465 -32.96 -64.30 -30.80
C LYS E 465 -32.70 -65.78 -31.00
N ILE E 466 -32.45 -66.52 -29.92
CA ILE E 466 -32.13 -67.93 -30.07
C ILE E 466 -33.38 -68.72 -30.47
N LEU E 467 -34.57 -68.24 -30.05
CA LEU E 467 -35.81 -68.88 -30.46
C LEU E 467 -36.05 -68.72 -31.96
N GLN E 468 -35.97 -67.49 -32.47
CA GLN E 468 -36.27 -67.26 -33.88
C GLN E 468 -35.20 -67.87 -34.79
N LEU E 469 -33.96 -67.92 -34.33
CA LEU E 469 -32.91 -68.56 -35.12
C LEU E 469 -33.12 -70.07 -35.21
N ILE E 470 -33.53 -70.71 -34.10
CA ILE E 470 -33.75 -72.15 -34.15
C ILE E 470 -34.95 -72.48 -35.04
N GLU E 471 -36.00 -71.65 -34.99
CA GLU E 471 -37.14 -71.82 -35.90
C GLU E 471 -36.72 -71.66 -37.35
N ALA E 472 -35.82 -70.72 -37.62
CA ALA E 472 -35.26 -70.55 -38.96
C ALA E 472 -34.54 -71.80 -39.40
N ILE E 473 -33.71 -72.40 -38.53
CA ILE E 473 -32.93 -73.59 -38.88
C ILE E 473 -33.86 -74.78 -39.16
N LYS E 474 -34.98 -74.88 -38.44
CA LYS E 474 -35.96 -75.94 -38.71
C LYS E 474 -36.56 -75.80 -40.10
N LYS E 475 -37.02 -74.60 -40.47
CA LYS E 475 -37.53 -74.40 -41.83
C LYS E 475 -36.43 -74.55 -42.88
N TYR E 476 -35.18 -74.30 -42.50
CA TYR E 476 -34.07 -74.48 -43.41
C TYR E 476 -33.84 -75.93 -43.74
N GLN E 477 -33.89 -76.81 -42.73
CA GLN E 477 -33.73 -78.23 -43.00
C GLN E 477 -34.91 -78.76 -43.79
N GLN E 478 -36.10 -78.18 -43.59
CA GLN E 478 -37.21 -78.50 -44.48
C GLN E 478 -36.90 -78.08 -45.92
N HIS E 479 -36.22 -76.95 -46.08
CA HIS E 479 -35.86 -76.48 -47.42
C HIS E 479 -34.84 -77.38 -48.10
N VAL E 480 -33.78 -77.78 -47.39
CA VAL E 480 -32.74 -78.59 -48.03
C VAL E 480 -33.25 -80.01 -48.25
N GLU E 481 -34.22 -80.44 -47.44
CA GLU E 481 -34.93 -81.67 -47.73
C GLU E 481 -35.76 -81.55 -49.00
N GLU E 482 -36.26 -80.35 -49.31
CA GLU E 482 -36.96 -80.17 -50.58
C GLU E 482 -35.99 -80.20 -51.77
N LEU E 483 -34.75 -79.76 -51.58
CA LEU E 483 -33.82 -79.70 -52.70
C LEU E 483 -33.37 -81.10 -53.15
N ILE E 484 -32.80 -81.88 -52.24
CA ILE E 484 -32.36 -83.22 -52.60
C ILE E 484 -33.34 -84.23 -52.03
N SER F 19 33.88 60.93 -19.95
CA SER F 19 34.07 60.70 -18.53
C SER F 19 35.53 60.44 -18.20
N THR F 20 35.77 59.64 -17.16
CA THR F 20 37.10 59.32 -16.68
C THR F 20 37.31 57.83 -16.88
N ASN F 21 38.48 57.45 -17.39
CA ASN F 21 38.75 56.04 -17.64
C ASN F 21 39.12 55.29 -16.36
N THR F 22 39.47 56.02 -15.30
CA THR F 22 39.90 55.39 -14.06
C THR F 22 38.92 55.69 -12.93
N THR F 23 39.05 54.93 -11.84
CA THR F 23 38.15 55.07 -10.70
C THR F 23 38.86 55.80 -9.57
N ASP F 24 38.18 56.77 -8.96
CA ASP F 24 38.81 57.55 -7.90
C ASP F 24 38.94 56.74 -6.62
N ASN F 25 37.82 56.37 -5.99
CA ASN F 25 37.83 55.69 -4.70
C ASN F 25 38.15 54.22 -4.92
N ILE F 26 39.11 53.71 -4.15
CA ILE F 26 39.42 52.29 -4.16
C ILE F 26 38.87 51.64 -2.88
N ASP F 27 37.81 52.21 -2.32
CA ASP F 27 37.48 51.93 -0.94
C ASP F 27 36.49 50.78 -0.82
N TYR F 28 36.19 50.09 -1.91
CA TYR F 28 35.19 49.04 -1.86
C TYR F 28 35.81 47.70 -1.52
N PHE F 29 37.13 47.59 -1.62
CA PHE F 29 37.81 46.37 -1.22
C PHE F 29 37.75 46.22 0.29
N ASP F 30 37.70 44.97 0.73
CA ASP F 30 37.35 44.69 2.11
C ASP F 30 37.87 43.32 2.49
N ILE F 31 37.74 42.98 3.78
CA ILE F 31 38.24 41.74 4.37
C ILE F 31 37.49 41.53 5.68
N SER F 32 37.23 40.26 6.02
CA SER F 32 36.77 39.89 7.34
C SER F 32 37.64 38.76 7.85
N ASP F 33 37.51 38.46 9.14
CA ASP F 33 38.31 37.40 9.74
C ASP F 33 37.86 36.03 9.25
N GLU F 34 38.74 35.04 9.43
CA GLU F 34 38.51 33.72 8.85
C GLU F 34 37.40 32.98 9.57
N SER F 35 37.10 33.37 10.81
CA SER F 35 36.03 32.72 11.55
C SER F 35 34.70 33.42 11.31
N ASN F 36 34.69 34.46 10.48
CA ASN F 36 33.58 35.38 10.19
C ASN F 36 33.06 36.08 11.43
N TYR F 37 33.90 36.29 12.45
CA TYR F 37 33.40 36.88 13.69
C TYR F 37 33.36 38.39 13.62
N TYR F 38 34.16 39.01 12.74
CA TYR F 38 34.28 40.46 12.70
C TYR F 38 34.45 40.92 11.26
N LEU F 39 33.65 41.90 10.86
CA LEU F 39 33.72 42.50 9.54
C LEU F 39 34.47 43.81 9.63
N ILE F 40 35.43 43.99 8.74
CA ILE F 40 36.23 45.20 8.69
C ILE F 40 35.69 46.04 7.53
N SER F 41 36.17 47.28 7.39
CA SER F 41 35.88 48.08 6.20
C SER F 41 37.04 49.01 5.89
N GLN F 42 36.89 49.76 4.80
CA GLN F 42 37.89 50.76 4.44
C GLN F 42 37.50 52.13 4.97
N LEU F 43 36.22 52.34 5.23
CA LEU F 43 35.74 53.63 5.71
C LEU F 43 35.84 53.72 7.23
N ARG F 44 35.68 54.94 7.74
CA ARG F 44 35.76 55.19 9.17
C ARG F 44 34.51 54.63 9.86
N PRO F 45 34.65 54.04 11.06
CA PRO F 45 35.84 53.66 11.84
C PRO F 45 36.19 52.20 11.73
N HIS F 46 35.87 51.60 10.59
CA HIS F 46 36.40 50.34 10.09
C HIS F 46 35.88 49.12 10.85
N PHE F 47 35.11 49.31 11.94
CA PHE F 47 34.41 48.22 12.60
C PHE F 47 33.09 48.77 13.12
N SER F 48 32.08 47.91 13.23
CA SER F 48 30.77 48.36 13.70
C SER F 48 30.73 48.47 15.21
N ASN F 49 31.59 47.72 15.89
CA ASN F 49 31.50 47.68 17.35
C ASN F 49 32.05 48.96 17.99
N ILE F 50 32.76 49.79 17.22
CA ILE F 50 33.07 51.13 17.69
C ILE F 50 31.80 51.97 17.80
N TYR F 51 30.91 51.86 16.80
CA TYR F 51 29.59 52.48 16.90
C TYR F 51 28.82 51.90 18.08
N PHE F 52 28.95 50.59 18.30
CA PHE F 52 28.38 49.96 19.48
C PHE F 52 28.96 50.52 20.78
N PHE F 53 30.22 50.98 20.74
CA PHE F 53 30.83 51.54 21.94
C PHE F 53 30.44 53.01 22.11
N ASP F 54 30.01 53.67 21.05
CA ASP F 54 29.55 55.04 21.17
C ASP F 54 28.12 55.08 21.69
N GLU F 55 27.26 54.22 21.14
CA GLU F 55 25.93 54.04 21.71
C GLU F 55 26.02 53.50 23.12
N PHE F 56 27.05 52.70 23.38
CA PHE F 56 27.34 52.28 24.74
C PHE F 56 27.89 53.44 25.57
N LYS F 57 28.40 54.49 24.90
CA LYS F 57 28.94 55.62 25.67
C LYS F 57 27.83 56.57 26.09
N ARG F 58 26.79 56.73 25.27
CA ARG F 58 25.63 57.45 25.77
C ARG F 58 24.84 56.60 26.76
N TYR F 59 24.86 55.26 26.57
CA TYR F 59 24.41 54.35 27.62
C TYR F 59 25.16 54.58 28.93
N ALA F 60 26.47 54.81 28.83
CA ALA F 60 27.28 54.99 30.03
C ALA F 60 27.10 56.39 30.59
N SER F 61 26.61 57.33 29.78
CA SER F 61 26.31 58.66 30.30
C SER F 61 24.96 58.70 30.99
N TYR F 62 24.18 57.62 30.86
CA TYR F 62 22.85 57.62 31.46
C TYR F 62 22.90 57.47 32.99
N HIS F 63 23.88 56.73 33.52
CA HIS F 63 24.02 56.53 34.97
C HIS F 63 25.41 56.99 35.42
N THR F 64 25.73 56.78 36.71
CA THR F 64 26.98 57.32 37.27
C THR F 64 28.05 56.25 37.43
N GLU F 65 27.65 55.06 37.90
CA GLU F 65 28.55 53.92 38.11
C GLU F 65 29.23 53.50 36.82
N ILE F 66 28.64 53.88 35.69
CA ILE F 66 29.16 53.56 34.38
C ILE F 66 29.68 54.81 33.68
N LYS F 67 29.47 55.99 34.28
CA LYS F 67 30.04 57.21 33.68
C LYS F 67 31.53 57.31 34.02
N ARG F 68 31.96 56.66 35.10
CA ARG F 68 33.40 56.47 35.25
C ARG F 68 33.96 55.65 34.09
N TYR F 69 33.15 54.73 33.53
CA TYR F 69 33.63 53.94 32.42
C TYR F 69 33.47 54.66 31.09
N GLU F 70 32.57 55.65 31.00
CA GLU F 70 32.57 56.44 29.78
C GLU F 70 33.82 57.30 29.71
N ASP F 71 34.36 57.70 30.87
CA ASP F 71 35.71 58.27 30.85
C ASP F 71 36.75 57.27 30.34
N ILE F 72 36.75 56.06 30.91
CA ILE F 72 37.83 55.10 30.64
C ILE F 72 37.83 54.64 29.19
N HIS F 73 36.68 54.22 28.67
CA HIS F 73 36.69 53.66 27.32
C HIS F 73 36.54 54.77 26.28
N LYS F 74 36.30 56.01 26.70
CA LYS F 74 36.62 57.13 25.82
C LYS F 74 38.09 57.08 25.44
N THR F 75 38.97 56.95 26.44
CA THR F 75 40.40 56.87 26.16
C THR F 75 40.75 55.60 25.38
N LYS F 76 40.13 54.47 25.75
CA LYS F 76 40.45 53.19 25.13
C LYS F 76 40.04 53.13 23.67
N VAL F 77 38.80 53.54 23.38
CA VAL F 77 38.27 53.48 22.01
C VAL F 77 38.98 54.49 21.12
N ASN F 78 39.41 55.63 21.69
CA ASN F 78 40.23 56.56 20.94
C ASN F 78 41.58 55.94 20.55
N SER F 79 42.19 55.18 21.48
CA SER F 79 43.45 54.50 21.17
C SER F 79 43.28 53.45 20.07
N LEU F 80 42.18 52.70 20.13
CA LEU F 80 41.88 51.70 19.10
C LEU F 80 41.65 52.36 17.75
N LEU F 81 41.01 53.53 17.75
CA LEU F 81 40.79 54.28 16.52
C LEU F 81 42.11 54.74 15.91
N ASN F 82 43.06 55.17 16.75
CA ASN F 82 44.38 55.54 16.24
C ASN F 82 45.09 54.35 15.61
N GLU F 83 44.99 53.17 16.25
CA GLU F 83 45.63 51.97 15.69
C GLU F 83 45.03 51.58 14.35
N ALA F 84 43.70 51.65 14.24
CA ALA F 84 43.04 51.30 12.99
C ALA F 84 43.39 52.29 11.88
N SER F 85 43.46 53.59 12.22
CA SER F 85 43.79 54.60 11.21
C SER F 85 45.22 54.44 10.70
N ARG F 86 46.15 54.12 11.60
CA ARG F 86 47.54 53.92 11.19
C ARG F 86 47.69 52.67 10.31
N ALA F 87 47.00 51.58 10.69
CA ALA F 87 47.00 50.35 9.87
C ALA F 87 46.42 50.60 8.48
N ILE F 88 45.36 51.40 8.42
CA ILE F 88 44.80 51.81 7.13
C ILE F 88 45.78 52.68 6.36
N GLY F 89 46.66 53.41 7.07
CA GLY F 89 47.70 54.17 6.37
C GLY F 89 48.71 53.30 5.65
N ILE F 90 49.18 52.24 6.34
CA ILE F 90 50.04 51.26 5.68
C ILE F 90 49.33 50.58 4.52
N CYS F 91 48.03 50.34 4.66
CA CYS F 91 47.32 49.76 3.54
C CYS F 91 46.96 50.81 2.49
N ASN F 92 47.20 52.10 2.77
CA ASN F 92 47.16 53.08 1.68
C ASN F 92 48.41 52.97 0.83
N ARG F 93 49.58 52.86 1.47
CA ARG F 93 50.81 52.78 0.68
C ARG F 93 50.94 51.43 -0.01
N ALA F 94 50.12 50.45 0.37
CA ALA F 94 49.93 49.29 -0.51
C ALA F 94 48.82 49.54 -1.55
N LYS F 95 47.85 50.39 -1.19
CA LYS F 95 46.67 50.56 -2.02
C LYS F 95 46.99 51.26 -3.33
N ASN F 96 48.00 52.12 -3.34
CA ASN F 96 48.45 52.72 -4.60
C ASN F 96 49.02 51.68 -5.55
N THR F 97 49.73 50.68 -5.01
CA THR F 97 50.31 49.62 -5.83
C THR F 97 49.23 48.76 -6.46
N VAL F 98 48.07 48.65 -5.81
CA VAL F 98 46.94 48.00 -6.47
C VAL F 98 46.33 48.94 -7.52
N LYS F 99 46.25 50.24 -7.18
CA LYS F 99 45.55 51.23 -7.99
C LYS F 99 46.17 51.38 -9.37
N GLY F 100 47.49 51.30 -9.45
CA GLY F 100 48.15 51.38 -10.75
C GLY F 100 47.79 50.21 -11.65
N LEU F 101 47.66 49.01 -11.08
CA LEU F 101 47.28 47.86 -11.88
C LEU F 101 45.82 47.92 -12.28
N ILE F 102 45.00 48.64 -11.50
CA ILE F 102 43.64 48.91 -11.97
C ILE F 102 43.67 49.83 -13.18
N ASN F 103 44.45 50.92 -13.10
CA ASN F 103 44.42 51.93 -14.14
C ASN F 103 45.07 51.44 -15.44
N ILE F 104 45.95 50.44 -15.34
CA ILE F 104 46.45 49.80 -16.56
C ILE F 104 45.33 49.04 -17.25
N LEU F 105 44.51 48.32 -16.49
CA LEU F 105 43.57 47.40 -17.11
C LEU F 105 42.30 48.09 -17.59
N GLU F 106 41.91 49.19 -16.94
CA GLU F 106 40.63 49.81 -17.29
C GLU F 106 40.72 50.60 -18.60
N ASN F 107 41.86 51.21 -18.88
CA ASN F 107 41.97 52.07 -20.05
C ASN F 107 42.72 51.32 -21.14
N PRO F 108 42.16 51.22 -22.36
CA PRO F 108 42.83 50.41 -23.40
C PRO F 108 44.14 50.97 -23.93
N GLN F 109 44.21 52.27 -24.21
CA GLN F 109 45.46 52.82 -24.75
C GLN F 109 46.55 52.87 -23.66
N LYS F 110 46.14 53.01 -22.40
CA LYS F 110 47.10 52.90 -21.30
C LYS F 110 47.65 51.50 -21.17
N PHE F 111 46.86 50.49 -21.55
CA PHE F 111 47.41 49.16 -21.71
C PHE F 111 48.27 49.06 -22.97
N LYS F 112 47.97 49.90 -23.96
CA LYS F 112 48.67 49.79 -25.24
C LYS F 112 50.05 50.44 -25.16
N THR F 113 50.29 51.28 -24.15
CA THR F 113 51.61 51.90 -24.00
C THR F 113 52.67 50.87 -23.58
N GLN F 114 52.34 49.97 -22.68
CA GLN F 114 53.34 49.07 -22.13
C GLN F 114 53.57 47.87 -23.05
N ARG F 115 54.51 47.02 -22.67
CA ARG F 115 54.82 45.84 -23.48
C ARG F 115 54.19 44.58 -22.89
N GLU F 116 53.73 44.65 -21.65
CA GLU F 116 53.29 43.46 -20.94
C GLU F 116 51.89 43.04 -21.39
N SER F 117 51.69 41.72 -21.51
CA SER F 117 50.44 41.18 -22.01
C SER F 117 49.34 41.26 -20.95
N TYR F 118 48.17 40.72 -21.30
CA TYR F 118 46.99 40.96 -20.48
C TYR F 118 46.92 39.97 -19.31
N ASP F 119 47.17 38.68 -19.57
CA ASP F 119 46.96 37.66 -18.56
C ASP F 119 47.97 37.78 -17.44
N VAL F 120 49.17 38.26 -17.76
CA VAL F 120 50.21 38.43 -16.75
C VAL F 120 49.89 39.62 -15.85
N LYS F 121 49.36 40.70 -16.45
CA LYS F 121 49.00 41.87 -15.66
C LYS F 121 47.80 41.59 -14.78
N LEU F 122 46.85 40.80 -15.28
CA LEU F 122 45.73 40.35 -14.45
C LEU F 122 46.22 39.44 -13.34
N ARG F 123 47.25 38.64 -13.63
CA ARG F 123 47.83 37.74 -12.63
C ARG F 123 48.45 38.53 -11.48
N GLN F 124 49.31 39.51 -11.79
CA GLN F 124 49.88 40.35 -10.74
C GLN F 124 48.82 41.18 -10.05
N TYR F 125 47.73 41.51 -10.76
CA TYR F 125 46.63 42.21 -10.10
C TYR F 125 45.97 41.36 -9.02
N GLU F 126 45.79 40.07 -9.32
CA GLU F 126 45.29 39.13 -8.31
C GLU F 126 46.26 39.04 -7.14
N GLU F 127 47.57 39.02 -7.43
CA GLU F 127 48.58 38.92 -6.38
C GLU F 127 48.53 40.12 -5.45
N LYS F 128 48.50 41.34 -6.02
CA LYS F 128 48.54 42.54 -5.19
C LYS F 128 47.23 42.76 -4.47
N LYS F 129 46.12 42.29 -5.05
CA LYS F 129 44.85 42.31 -4.32
C LYS F 129 44.91 41.42 -3.09
N GLU F 130 45.50 40.24 -3.23
CA GLU F 130 45.67 39.34 -2.09
C GLU F 130 46.61 39.93 -1.05
N ALA F 131 47.60 40.71 -1.49
CA ALA F 131 48.54 41.32 -0.54
C ALA F 131 47.89 42.44 0.26
N PHE F 132 47.18 43.34 -0.43
CA PHE F 132 46.42 44.41 0.20
C PHE F 132 45.41 43.89 1.21
N ARG F 133 44.62 42.90 0.79
CA ARG F 133 43.68 42.22 1.67
C ARG F 133 44.41 41.58 2.86
N GLY F 134 45.64 41.12 2.64
CA GLY F 134 46.44 40.56 3.72
C GLY F 134 46.89 41.58 4.74
N CYS F 135 47.26 42.80 4.29
CA CYS F 135 47.75 43.79 5.26
C CYS F 135 46.62 44.29 6.15
N LEU F 136 45.44 44.55 5.56
CA LEU F 136 44.28 44.88 6.38
C LEU F 136 43.95 43.75 7.34
N LEU F 137 44.09 42.50 6.88
CA LEU F 137 43.76 41.34 7.70
C LEU F 137 44.65 41.24 8.93
N ASN F 138 45.98 41.31 8.75
CA ASN F 138 46.88 41.03 9.86
C ASN F 138 46.93 42.19 10.87
N LYS F 139 47.01 43.43 10.37
CA LYS F 139 47.05 44.55 11.29
C LYS F 139 45.72 44.68 12.03
N ASN F 140 44.63 44.30 11.37
CA ASN F 140 43.35 44.26 12.06
C ASN F 140 43.23 43.03 12.96
N ARG F 141 44.09 42.01 12.80
CA ARG F 141 44.11 40.93 13.80
C ARG F 141 44.58 41.46 15.13
N LYS F 142 45.66 42.24 15.11
CA LYS F 142 46.10 42.88 16.36
C LYS F 142 45.02 43.83 16.91
N ASN F 143 44.32 44.52 16.00
CA ASN F 143 43.17 45.32 16.42
C ASN F 143 42.07 44.46 17.06
N LEU F 144 41.92 43.21 16.60
CA LEU F 144 40.86 42.36 17.15
C LEU F 144 41.22 41.83 18.54
N ASP F 145 42.52 41.58 18.78
CA ASP F 145 42.95 41.28 20.14
C ASP F 145 42.64 42.46 21.07
N GLN F 146 42.84 43.69 20.58
CA GLN F 146 42.44 44.84 21.38
C GLN F 146 40.93 44.88 21.61
N ILE F 147 40.13 44.51 20.60
CA ILE F 147 38.68 44.54 20.72
C ILE F 147 38.19 43.54 21.76
N LYS F 148 38.80 42.34 21.80
CA LYS F 148 38.38 41.34 22.77
C LYS F 148 38.67 41.78 24.21
N LYS F 149 39.79 42.48 24.42
CA LYS F 149 40.05 43.08 25.73
C LYS F 149 39.00 44.14 26.08
N ILE F 150 38.61 44.96 25.10
CA ILE F 150 37.70 46.08 25.38
C ILE F 150 36.30 45.56 25.74
N ASN F 151 35.72 44.73 24.88
CA ASN F 151 34.34 44.29 25.15
C ASN F 151 34.31 43.27 26.28
N ASN F 152 35.44 42.67 26.61
CA ASN F 152 35.52 41.94 27.88
C ASN F 152 35.31 42.88 29.06
N GLU F 153 35.91 44.08 29.01
CA GLU F 153 35.71 45.03 30.10
C GLU F 153 34.29 45.61 30.05
N ILE F 154 33.70 45.67 28.86
CA ILE F 154 32.27 45.98 28.74
C ILE F 154 31.42 44.92 29.43
N ARG F 155 31.83 43.65 29.32
CA ARG F 155 31.15 42.60 30.08
C ARG F 155 31.32 42.82 31.58
N ASP F 156 32.49 43.32 32.00
CA ASP F 156 32.70 43.66 33.40
C ASP F 156 31.79 44.80 33.86
N LEU F 157 31.43 45.71 32.94
CA LEU F 157 30.53 46.81 33.31
C LEU F 157 29.15 46.31 33.72
N LEU F 158 28.51 45.52 32.87
CA LEU F 158 27.16 45.08 33.22
C LEU F 158 27.19 43.88 34.15
N GLU F 159 28.37 43.46 34.60
CA GLU F 159 28.41 42.68 35.83
C GLU F 159 28.76 43.55 37.03
N LYS F 160 29.04 44.84 36.80
CA LYS F 160 29.48 45.70 37.90
C LYS F 160 28.31 46.45 38.56
N LEU F 161 27.13 46.41 37.92
CA LEU F 161 26.02 47.27 38.34
C LEU F 161 25.46 46.88 39.71
N LYS F 162 25.04 47.88 40.48
CA LYS F 162 24.74 47.69 41.89
C LYS F 162 23.36 47.07 42.09
N CYS F 163 22.49 47.18 41.09
CA CYS F 163 21.14 46.64 41.18
C CYS F 163 21.14 45.23 40.59
N SER F 164 20.70 44.25 41.39
CA SER F 164 20.68 42.89 40.91
C SER F 164 19.42 42.61 40.10
N GLN F 165 18.26 42.94 40.67
CA GLN F 165 17.00 42.88 39.95
C GLN F 165 16.14 44.10 40.19
N ASP F 166 16.70 45.19 40.70
CA ASP F 166 15.91 46.34 41.07
C ASP F 166 15.58 47.21 39.86
N CYS F 167 16.50 47.30 38.90
CA CYS F 167 16.44 48.33 37.87
C CYS F 167 15.36 48.02 36.83
N GLN F 168 14.81 49.08 36.24
CA GLN F 168 13.68 49.00 35.34
C GLN F 168 14.12 48.80 33.89
N THR F 169 13.16 48.93 32.97
CA THR F 169 13.39 48.73 31.54
C THR F 169 13.11 50.02 30.75
N ASN F 170 13.25 51.16 31.42
CA ASN F 170 12.82 52.42 30.82
C ASN F 170 13.82 52.90 29.77
N VAL F 171 15.12 52.72 30.04
CA VAL F 171 16.16 53.12 29.09
C VAL F 171 16.07 52.29 27.83
N TYR F 172 15.69 51.02 27.98
CA TYR F 172 15.59 50.11 26.85
C TYR F 172 14.47 50.51 25.91
N PHE F 173 13.29 50.81 26.44
CA PHE F 173 12.14 51.16 25.62
C PHE F 173 12.30 52.56 25.03
N ASP F 174 12.93 53.45 25.78
CA ASP F 174 13.24 54.77 25.25
C ASP F 174 14.21 54.66 24.07
N MET F 175 15.16 53.73 24.16
CA MET F 175 16.11 53.58 23.06
C MET F 175 15.48 52.81 21.91
N ILE F 176 14.42 52.04 22.18
CA ILE F 176 13.57 51.53 21.12
C ILE F 176 12.92 52.69 20.37
N LYS F 177 12.50 53.74 21.10
CA LYS F 177 11.85 54.87 20.44
C LYS F 177 12.84 55.67 19.59
N ILE F 178 14.01 55.99 20.16
CA ILE F 178 15.04 56.75 19.42
C ILE F 178 15.55 55.97 18.21
N TYR F 179 15.75 54.66 18.36
CA TYR F 179 16.19 53.87 17.22
C TYR F 179 15.09 53.75 16.16
N LEU F 180 13.84 53.80 16.60
CA LEU F 180 12.74 53.62 15.66
C LEU F 180 12.57 54.83 14.76
N VAL F 181 12.78 56.03 15.30
CA VAL F 181 12.69 57.24 14.49
C VAL F 181 13.84 57.30 13.50
N ASP F 182 15.04 56.93 13.95
CA ASP F 182 16.21 56.91 13.06
C ASP F 182 16.06 55.87 11.97
N PHE F 183 15.36 54.77 12.25
CA PHE F 183 15.07 53.79 11.21
C PHE F 183 14.02 54.33 10.24
N LYS F 184 13.11 55.17 10.76
CA LYS F 184 12.12 55.79 9.88
C LYS F 184 12.78 56.83 8.97
N LYS F 185 13.95 57.35 9.37
CA LYS F 185 14.62 58.37 8.58
C LYS F 185 15.18 57.83 7.26
N MET F 186 15.72 56.61 7.27
CA MET F 186 16.62 56.21 6.20
C MET F 186 15.85 55.68 4.99
N PRO F 187 16.27 56.03 3.76
CA PRO F 187 15.59 55.51 2.55
C PRO F 187 16.06 54.12 2.13
N TYR F 188 15.16 53.14 2.26
CA TYR F 188 15.52 51.75 1.96
C TYR F 188 15.09 51.35 0.55
N GLU F 189 13.92 51.82 0.13
CA GLU F 189 13.28 51.28 -1.08
C GLU F 189 14.03 51.69 -2.34
N ASN F 190 14.61 52.89 -2.35
CA ASN F 190 15.32 53.36 -3.54
C ASN F 190 16.62 52.61 -3.74
N TYR F 191 17.30 52.25 -2.64
CA TYR F 191 18.43 51.35 -2.71
C TYR F 191 18.01 49.98 -3.23
N ASP F 192 16.85 49.50 -2.76
CA ASP F 192 16.38 48.16 -3.13
C ASP F 192 16.07 48.08 -4.63
N THR F 193 15.24 49.01 -5.13
CA THR F 193 14.92 49.05 -6.55
C THR F 193 16.15 49.39 -7.38
N PHE F 194 17.08 50.14 -6.78
CA PHE F 194 18.32 50.47 -7.46
C PHE F 194 19.16 49.23 -7.74
N ILE F 195 19.36 48.38 -6.73
CA ILE F 195 20.21 47.22 -6.93
C ILE F 195 19.49 46.17 -7.77
N LYS F 196 18.14 46.21 -7.80
CA LYS F 196 17.43 45.33 -8.72
C LYS F 196 17.66 45.75 -10.18
N GLN F 197 17.54 47.05 -10.46
CA GLN F 197 17.75 47.53 -11.83
C GLN F 197 19.19 47.31 -12.28
N TYR F 198 20.15 47.62 -11.41
CA TYR F 198 21.56 47.52 -11.76
C TYR F 198 21.97 46.05 -11.92
N LYS F 199 21.38 45.16 -11.12
CA LYS F 199 21.66 43.75 -11.27
C LYS F 199 21.14 43.21 -12.59
N ASN F 200 19.92 43.62 -12.97
CA ASN F 200 19.34 43.18 -14.23
C ASN F 200 20.18 43.65 -15.41
N SER F 201 20.63 44.91 -15.39
CA SER F 201 21.50 45.41 -16.44
C SER F 201 22.86 44.72 -16.42
N TYR F 202 23.31 44.31 -15.24
CA TYR F 202 24.61 43.66 -15.13
C TYR F 202 24.60 42.27 -15.75
N LEU F 203 23.60 41.45 -15.40
CA LEU F 203 23.53 40.09 -15.94
C LEU F 203 23.25 40.11 -17.42
N SER F 204 22.46 41.09 -17.89
CA SER F 204 22.30 41.27 -19.33
C SER F 204 23.63 41.62 -19.98
N GLY F 205 24.43 42.45 -19.29
CA GLY F 205 25.73 42.83 -19.83
C GLY F 205 26.69 41.67 -19.95
N VAL F 206 26.68 40.77 -18.97
CA VAL F 206 27.57 39.60 -19.00
C VAL F 206 27.20 38.69 -20.16
N ASP F 207 25.91 38.51 -20.41
CA ASP F 207 25.50 37.66 -21.53
C ASP F 207 25.88 38.30 -22.87
N MET F 208 25.65 39.59 -23.02
CA MET F 208 25.86 40.21 -24.33
C MET F 208 27.34 40.38 -24.63
N ILE F 209 28.17 40.56 -23.59
CA ILE F 209 29.61 40.51 -23.79
C ILE F 209 30.06 39.10 -24.11
N ARG F 210 29.37 38.09 -23.55
CA ARG F 210 29.72 36.70 -23.84
C ARG F 210 29.45 36.34 -25.29
N LYS F 211 28.36 36.85 -25.87
CA LYS F 211 28.15 36.60 -27.29
C LYS F 211 29.08 37.45 -28.14
N ILE F 212 29.28 38.71 -27.74
CA ILE F 212 29.97 39.65 -28.62
C ILE F 212 31.46 39.37 -28.60
N GLU F 213 31.93 38.63 -27.58
CA GLU F 213 33.30 38.14 -27.54
C GLU F 213 33.58 37.20 -28.69
N LYS F 214 32.65 36.28 -28.96
CA LYS F 214 32.82 35.38 -30.09
C LYS F 214 32.51 36.08 -31.39
N GLN F 215 31.80 37.21 -31.32
CA GLN F 215 31.43 37.88 -32.56
C GLN F 215 32.56 38.76 -33.12
N ILE F 216 33.03 39.74 -32.35
CA ILE F 216 33.88 40.81 -32.88
C ILE F 216 35.29 40.31 -33.09
N ASP F 217 36.11 41.14 -33.74
CA ASP F 217 37.49 40.76 -34.01
C ASP F 217 38.44 41.21 -32.91
N ASN F 218 38.34 42.48 -32.49
CA ASN F 218 39.40 43.12 -31.71
C ASN F 218 39.25 42.79 -30.23
N PRO F 219 40.20 42.10 -29.61
CA PRO F 219 39.99 41.61 -28.24
C PRO F 219 40.43 42.56 -27.14
N VAL F 220 40.99 43.72 -27.48
CA VAL F 220 41.58 44.58 -26.47
C VAL F 220 40.50 45.22 -25.59
N THR F 221 39.52 45.86 -26.24
CA THR F 221 38.40 46.47 -25.54
C THR F 221 37.60 45.44 -24.76
N ILE F 222 37.42 44.24 -25.33
CA ILE F 222 36.59 43.23 -24.69
C ILE F 222 37.27 42.67 -23.46
N ASN F 223 38.62 42.73 -23.43
CA ASN F 223 39.33 42.35 -22.22
C ASN F 223 39.10 43.35 -21.11
N ALA F 224 39.18 44.64 -21.44
CA ALA F 224 38.96 45.68 -20.43
C ALA F 224 37.53 45.66 -19.92
N ILE F 225 36.58 45.42 -20.81
CA ILE F 225 35.18 45.32 -20.42
C ILE F 225 34.95 44.16 -19.48
N LYS F 226 35.51 42.99 -19.82
CA LYS F 226 35.30 41.79 -19.02
C LYS F 226 35.91 41.94 -17.63
N PHE F 227 37.05 42.63 -17.54
CA PHE F 227 37.64 42.93 -16.24
C PHE F 227 36.74 43.81 -15.39
N THR F 228 36.15 44.85 -16.00
CA THR F 228 35.22 45.70 -15.27
C THR F 228 33.95 44.97 -14.87
N GLN F 229 33.56 43.95 -15.66
CA GLN F 229 32.43 43.11 -15.27
C GLN F 229 32.73 42.35 -13.99
N LYS F 230 33.96 41.83 -13.88
CA LYS F 230 34.37 41.12 -12.67
C LYS F 230 34.34 42.03 -11.45
N GLU F 231 34.91 43.23 -11.59
CA GLU F 231 34.97 44.16 -10.46
C GLU F 231 33.57 44.62 -10.05
N MET F 232 32.70 44.89 -11.04
CA MET F 232 31.31 45.24 -10.77
C MET F 232 30.59 44.14 -10.02
N GLY F 233 30.86 42.87 -10.37
CA GLY F 233 30.25 41.77 -9.64
C GLY F 233 30.66 41.73 -8.19
N TYR F 234 31.93 42.03 -7.92
CA TYR F 234 32.40 42.12 -6.54
C TYR F 234 31.68 43.23 -5.76
N ILE F 235 31.47 44.37 -6.43
CA ILE F 235 30.76 45.48 -5.79
C ILE F 235 29.31 45.10 -5.48
N ILE F 236 28.66 44.39 -6.41
CA ILE F 236 27.25 44.00 -6.24
C ILE F 236 27.11 43.04 -5.07
N ASP F 237 28.05 42.11 -4.92
CA ASP F 237 27.96 41.16 -3.81
C ASP F 237 28.14 41.86 -2.46
N ARG F 238 29.09 42.81 -2.38
CA ARG F 238 29.24 43.56 -1.14
C ARG F 238 28.00 44.37 -0.80
N PHE F 239 27.40 44.99 -1.81
CA PHE F 239 26.21 45.82 -1.60
C PHE F 239 25.04 44.96 -1.14
N GLU F 240 24.94 43.73 -1.66
CA GLU F 240 23.91 42.81 -1.20
C GLU F 240 24.12 42.43 0.25
N TYR F 241 25.39 42.21 0.65
CA TYR F 241 25.65 41.81 2.03
C TYR F 241 25.25 42.89 3.02
N HIS F 242 25.67 44.13 2.76
CA HIS F 242 25.33 45.21 3.68
C HIS F 242 23.83 45.53 3.64
N LEU F 243 23.21 45.37 2.47
CA LEU F 243 21.78 45.63 2.35
C LEU F 243 20.95 44.62 3.15
N GLN F 244 21.26 43.33 2.99
CA GLN F 244 20.55 42.28 3.72
C GLN F 244 20.78 42.39 5.21
N LYS F 245 21.98 42.82 5.61
CA LYS F 245 22.27 42.94 7.03
C LYS F 245 21.50 44.12 7.64
N VAL F 246 21.38 45.22 6.88
CA VAL F 246 20.58 46.36 7.35
C VAL F 246 19.12 45.99 7.49
N LYS F 247 18.57 45.28 6.49
CA LYS F 247 17.16 44.91 6.52
C LYS F 247 16.87 43.94 7.67
N HIS F 248 17.78 43.00 7.92
CA HIS F 248 17.60 42.09 9.05
C HIS F 248 17.68 42.83 10.37
N SER F 249 18.53 43.86 10.45
CA SER F 249 18.62 44.63 11.69
C SER F 249 17.34 45.41 11.97
N ILE F 250 16.82 46.11 10.96
CA ILE F 250 15.60 46.90 11.14
C ILE F 250 14.41 46.00 11.44
N ASP F 251 14.34 44.83 10.78
CA ASP F 251 13.24 43.90 11.03
C ASP F 251 13.31 43.31 12.44
N GLN F 252 14.51 43.03 12.94
CA GLN F 252 14.59 42.50 14.30
C GLN F 252 14.29 43.56 15.34
N VAL F 253 14.60 44.83 15.04
CA VAL F 253 14.28 45.87 16.01
C VAL F 253 12.78 46.12 16.06
N THR F 254 12.11 46.07 14.90
CA THR F 254 10.65 46.14 14.91
C THR F 254 10.04 44.90 15.57
N ALA F 255 10.73 43.75 15.47
CA ALA F 255 10.33 42.56 16.19
C ALA F 255 10.43 42.76 17.70
N LEU F 256 11.42 43.52 18.15
CA LEU F 256 11.45 43.90 19.56
C LEU F 256 10.43 44.99 19.86
N SER F 257 10.09 45.80 18.85
CA SER F 257 9.15 46.90 19.04
C SER F 257 7.71 46.43 19.06
N ASP F 258 7.47 45.13 18.87
CA ASP F 258 6.12 44.60 18.97
C ASP F 258 5.59 44.67 20.41
N GLY F 259 6.40 44.30 21.39
CA GLY F 259 6.20 43.03 22.08
C GLY F 259 5.50 43.23 23.41
N VAL F 260 5.62 42.21 24.29
CA VAL F 260 5.14 42.36 25.66
C VAL F 260 6.17 43.11 26.50
N LYS F 261 5.73 44.17 27.19
CA LYS F 261 6.65 45.06 27.87
C LYS F 261 6.80 44.69 29.35
N PRO F 262 8.03 44.36 29.81
CA PRO F 262 8.25 44.18 31.24
C PRO F 262 8.69 45.46 31.92
N LYS F 263 8.44 45.54 33.23
CA LYS F 263 8.87 46.72 34.00
C LYS F 263 10.10 46.42 34.85
N GLN F 264 10.26 45.16 35.27
CA GLN F 264 11.34 44.77 36.17
C GLN F 264 12.13 43.64 35.54
N VAL F 265 13.44 43.71 35.65
CA VAL F 265 14.35 42.79 34.98
C VAL F 265 15.48 42.40 35.93
N THR F 266 15.95 41.18 35.78
CA THR F 266 17.16 40.76 36.48
C THR F 266 18.36 41.22 35.65
N LYS F 267 19.56 41.10 36.23
CA LYS F 267 20.75 41.72 35.65
C LYS F 267 21.18 40.99 34.38
N ASN F 268 21.15 39.66 34.42
CA ASN F 268 21.77 38.85 33.37
C ASN F 268 20.98 38.93 32.06
N ARG F 269 19.65 38.97 32.15
CA ARG F 269 18.86 39.03 30.93
C ARG F 269 18.83 40.44 30.34
N LEU F 270 18.84 41.47 31.20
CA LEU F 270 18.89 42.85 30.75
C LEU F 270 20.20 43.15 30.03
N LYS F 271 21.27 42.47 30.47
CA LYS F 271 22.55 42.56 29.77
C LYS F 271 22.45 42.05 28.33
N GLU F 272 21.72 40.94 28.14
CA GLU F 272 21.54 40.38 26.82
C GLU F 272 20.65 41.27 25.95
N TYR F 273 19.63 41.89 26.56
CA TYR F 273 18.77 42.82 25.83
C TYR F 273 19.55 44.04 25.35
N TYR F 274 20.39 44.61 26.23
CA TYR F 274 21.16 45.79 25.88
C TYR F 274 22.17 45.50 24.79
N PHE F 275 22.88 44.37 24.90
CA PHE F 275 23.84 44.01 23.86
C PHE F 275 23.13 43.70 22.54
N ASN F 276 21.90 43.20 22.61
CA ASN F 276 21.18 42.86 21.39
C ASN F 276 20.81 44.11 20.60
N ILE F 277 20.12 45.06 21.27
CA ILE F 277 19.64 46.24 20.55
C ILE F 277 20.80 47.16 20.19
N GLY F 278 21.83 47.25 21.05
CA GLY F 278 22.99 48.06 20.73
C GLY F 278 23.76 47.49 19.55
N ASN F 279 23.84 46.15 19.49
CA ASN F 279 24.45 45.49 18.34
C ASN F 279 23.66 45.77 17.08
N TYR F 280 22.33 45.84 17.20
CA TYR F 280 21.47 46.07 16.05
C TYR F 280 21.67 47.46 15.46
N TYR F 281 21.56 48.52 16.27
CA TYR F 281 21.71 49.85 15.69
C TYR F 281 23.15 50.12 15.28
N SER F 282 24.10 49.44 15.94
CA SER F 282 25.49 49.55 15.51
C SER F 282 25.66 49.00 14.09
N ILE F 283 25.04 47.84 13.82
CA ILE F 283 25.01 47.29 12.46
C ILE F 283 24.36 48.26 11.49
N PHE F 284 23.29 48.93 11.91
CA PHE F 284 22.60 49.90 11.06
C PHE F 284 23.50 51.07 10.66
N LYS F 285 24.11 51.70 11.66
CA LYS F 285 24.87 52.92 11.42
C LYS F 285 26.16 52.63 10.67
N PHE F 286 26.68 51.41 10.78
CA PHE F 286 27.75 51.00 9.87
C PHE F 286 27.20 50.77 8.46
N GLY F 287 25.98 50.23 8.39
CA GLY F 287 25.46 49.73 7.14
C GLY F 287 25.14 50.82 6.14
N LYS F 288 24.49 51.90 6.60
CA LYS F 288 24.08 52.96 5.67
C LYS F 288 25.29 53.68 5.06
N ASP F 289 26.39 53.74 5.81
CA ASP F 289 27.62 54.32 5.28
C ASP F 289 28.21 53.43 4.19
N SER F 290 28.25 52.12 4.44
CA SER F 290 28.77 51.21 3.42
C SER F 290 27.91 51.20 2.16
N LEU F 291 26.59 51.26 2.32
CA LEU F 291 25.69 51.31 1.17
C LEU F 291 25.87 52.62 0.40
N ASN F 292 26.20 53.71 1.12
CA ASN F 292 26.44 55.00 0.46
C ASN F 292 27.66 54.94 -0.46
N MET F 293 28.79 54.48 0.07
CA MET F 293 30.01 54.43 -0.75
C MET F 293 29.85 53.45 -1.91
N LEU F 294 29.26 52.29 -1.64
CA LEU F 294 29.07 51.27 -2.68
C LEU F 294 28.16 51.77 -3.78
N ASN F 295 27.13 52.54 -3.40
CA ASN F 295 26.27 53.22 -4.36
C ASN F 295 27.07 54.10 -5.30
N LYS F 296 27.90 54.98 -4.73
CA LYS F 296 28.63 55.97 -5.55
C LYS F 296 29.60 55.30 -6.53
N ALA F 297 30.53 54.48 -6.00
CA ALA F 297 31.55 53.85 -6.85
C ALA F 297 30.93 52.91 -7.87
N LEU F 298 29.82 52.27 -7.48
CA LEU F 298 29.08 51.40 -8.39
C LEU F 298 28.58 52.17 -9.61
N ILE F 299 28.01 53.37 -9.38
CA ILE F 299 27.52 54.19 -10.50
C ILE F 299 28.68 54.64 -11.39
N HIS F 300 29.84 54.91 -10.78
CA HIS F 300 31.02 55.28 -11.57
C HIS F 300 31.45 54.16 -12.52
N LYS F 301 31.51 52.92 -12.01
CA LYS F 301 31.91 51.79 -12.86
C LYS F 301 30.92 51.56 -13.99
N GLU F 302 29.63 51.83 -13.73
CA GLU F 302 28.63 51.74 -14.78
C GLU F 302 28.91 52.74 -15.89
N LYS F 303 29.35 53.96 -15.51
CA LYS F 303 29.70 54.96 -16.50
C LYS F 303 30.91 54.53 -17.34
N ILE F 304 31.88 53.84 -16.72
CA ILE F 304 33.03 53.32 -17.48
C ILE F 304 32.60 52.32 -18.54
N VAL F 305 31.71 51.38 -18.16
CA VAL F 305 31.31 50.34 -19.12
C VAL F 305 30.52 50.92 -20.28
N HIS F 306 29.70 51.95 -20.00
CA HIS F 306 29.12 52.75 -21.08
C HIS F 306 30.20 53.33 -21.99
N ASN F 307 31.27 53.87 -21.39
CA ASN F 307 32.28 54.56 -22.18
C ASN F 307 33.09 53.57 -23.04
N LEU F 308 33.05 52.28 -22.71
CA LEU F 308 33.75 51.31 -23.55
C LEU F 308 32.86 50.75 -24.66
N LEU F 309 31.59 50.45 -24.34
CA LEU F 309 30.69 49.90 -25.35
C LEU F 309 30.41 50.91 -26.45
N GLY F 310 30.47 52.20 -26.08
CA GLY F 310 30.45 53.26 -27.08
C GLY F 310 31.60 53.21 -28.06
N GLU F 311 32.74 52.66 -27.62
CA GLU F 311 33.85 52.48 -28.56
C GLU F 311 33.67 51.21 -29.39
N LEU F 312 32.74 50.34 -28.99
CA LEU F 312 32.67 49.03 -29.64
C LEU F 312 31.67 49.00 -30.80
N PHE F 313 30.55 49.73 -30.67
CA PHE F 313 29.43 49.43 -31.57
C PHE F 313 29.67 49.89 -33.01
N GLY F 314 30.65 50.77 -33.24
CA GLY F 314 30.96 51.17 -34.60
C GLY F 314 31.64 50.07 -35.39
N HIS F 315 32.50 49.30 -34.73
CA HIS F 315 33.10 48.12 -35.34
C HIS F 315 32.05 47.03 -35.54
N LEU F 316 31.14 46.91 -34.56
CA LEU F 316 30.07 45.90 -34.66
C LEU F 316 29.16 46.16 -35.87
N GLU F 317 28.84 47.42 -36.13
CA GLU F 317 28.01 47.78 -37.28
C GLU F 317 28.72 47.43 -38.59
N GLU F 318 30.05 47.50 -38.60
CA GLU F 318 30.81 47.11 -39.78
C GLU F 318 30.71 45.61 -40.03
N ARG F 319 30.69 44.81 -38.96
CA ARG F 319 30.49 43.38 -39.17
C ARG F 319 29.08 43.08 -39.72
N ILE F 320 28.07 43.78 -39.22
CA ILE F 320 26.69 43.56 -39.70
C ILE F 320 26.58 43.88 -41.18
N SER F 321 27.14 45.02 -41.59
CA SER F 321 27.08 45.44 -42.98
C SER F 321 27.88 44.50 -43.88
N LYS F 322 28.94 43.89 -43.34
CA LYS F 322 29.65 42.88 -44.11
C LYS F 322 28.81 41.61 -44.26
N LEU F 323 28.03 41.29 -43.22
CA LEU F 323 27.43 39.97 -43.16
C LEU F 323 26.14 39.89 -43.97
N ILE F 324 25.43 41.02 -44.10
CA ILE F 324 24.15 41.03 -44.82
C ILE F 324 24.36 40.73 -46.30
N ASP F 325 25.46 41.19 -46.88
CA ASP F 325 25.78 40.83 -48.25
C ASP F 325 26.17 39.35 -48.36
N SER F 326 26.71 38.80 -47.28
CA SER F 326 27.26 37.45 -47.37
C SER F 326 26.16 36.39 -47.33
N GLU F 327 25.16 36.58 -46.46
CA GLU F 327 24.30 35.46 -46.10
C GLU F 327 23.24 35.16 -47.15
N TYR F 328 22.59 36.19 -47.70
CA TYR F 328 21.32 35.94 -48.37
C TYR F 328 21.49 35.49 -49.81
N PHE F 329 22.73 35.19 -50.24
CA PHE F 329 23.03 34.47 -51.48
C PHE F 329 22.54 35.20 -52.71
N ILE F 330 22.89 36.48 -52.86
CA ILE F 330 22.12 37.34 -53.73
C ILE F 330 22.68 37.36 -55.14
N THR F 331 23.99 37.56 -55.28
CA THR F 331 24.59 37.70 -56.61
C THR F 331 24.57 36.38 -57.37
N GLU F 332 24.73 35.28 -56.65
CA GLU F 332 24.54 33.96 -57.22
C GLU F 332 23.12 33.77 -57.72
N SER F 333 22.15 34.26 -56.94
CA SER F 333 20.75 34.12 -57.31
C SER F 333 20.42 34.91 -58.56
N ASN F 334 20.93 36.13 -58.64
CA ASN F 334 20.68 36.97 -59.82
C ASN F 334 21.41 36.41 -61.03
N ASN F 335 22.53 35.72 -60.81
CA ASN F 335 23.18 34.99 -61.88
C ASN F 335 22.29 33.87 -62.40
N ILE F 336 21.61 33.16 -61.49
CA ILE F 336 20.70 32.08 -61.90
C ILE F 336 19.51 32.64 -62.65
N ILE F 337 18.96 33.76 -62.18
CA ILE F 337 17.74 34.30 -62.77
C ILE F 337 18.03 34.90 -64.14
N SER F 338 19.10 35.68 -64.23
CA SER F 338 19.46 36.29 -65.52
C SER F 338 19.89 35.23 -66.53
N GLN F 339 20.57 34.19 -66.06
CA GLN F 339 21.01 33.12 -66.94
C GLN F 339 19.81 32.31 -67.44
N SER F 340 18.84 32.07 -66.56
CA SER F 340 17.65 31.31 -66.95
C SER F 340 16.78 32.09 -67.91
N GLU F 341 16.61 33.40 -67.66
CA GLU F 341 15.85 34.23 -68.58
C GLU F 341 16.56 34.37 -69.92
N GLU F 342 17.89 34.30 -69.90
CA GLU F 342 18.65 34.26 -71.15
C GLU F 342 18.35 32.99 -71.93
N THR F 343 18.26 31.85 -71.24
CA THR F 343 17.92 30.59 -71.92
C THR F 343 16.50 30.62 -72.45
N LEU F 344 15.59 31.29 -71.74
CA LEU F 344 14.23 31.43 -72.24
C LEU F 344 14.19 32.31 -73.47
N LYS F 345 15.03 33.36 -73.50
CA LYS F 345 15.08 34.25 -74.64
C LYS F 345 15.63 33.54 -75.87
N LEU F 346 16.67 32.72 -75.69
CA LEU F 346 17.22 31.96 -76.81
C LEU F 346 16.23 30.91 -77.29
N ALA F 347 15.48 30.31 -76.36
CA ALA F 347 14.50 29.30 -76.71
C ALA F 347 13.36 29.89 -77.54
N GLU F 348 12.85 31.06 -77.14
CA GLU F 348 11.81 31.71 -77.91
C GLU F 348 12.37 32.24 -79.23
N ASP F 349 13.65 32.59 -79.25
CA ASP F 349 14.25 33.13 -80.46
C ASP F 349 14.36 32.07 -81.55
N VAL F 350 15.04 30.96 -81.25
CA VAL F 350 15.19 29.88 -82.22
C VAL F 350 13.84 29.24 -82.51
N TYR F 351 12.97 29.18 -81.49
CA TYR F 351 11.64 28.61 -81.67
C TYR F 351 10.80 29.41 -82.67
N ASP F 352 10.73 30.73 -82.51
CA ASP F 352 9.92 31.55 -83.42
C ASP F 352 10.50 31.54 -84.84
N LYS F 353 11.84 31.62 -84.91
CA LYS F 353 12.59 31.48 -86.16
C LYS F 353 12.23 30.18 -86.88
N ASN F 354 11.87 29.14 -86.15
CA ASN F 354 11.38 27.94 -86.80
C ASN F 354 9.85 27.86 -86.84
N THR F 355 9.13 28.79 -86.20
CA THR F 355 7.66 28.70 -86.19
C THR F 355 7.08 28.96 -87.57
N LYS F 356 7.71 29.86 -88.35
CA LYS F 356 7.16 30.08 -89.69
C LYS F 356 7.29 28.84 -90.57
N LEU F 357 8.45 28.18 -90.50
CA LEU F 357 8.68 26.99 -91.30
C LEU F 357 7.86 25.80 -90.80
N ILE F 358 7.61 25.74 -89.49
CA ILE F 358 6.74 24.70 -88.94
C ILE F 358 5.31 24.90 -89.42
N GLU F 359 4.83 26.15 -89.43
CA GLU F 359 3.47 26.41 -89.88
C GLU F 359 3.31 26.20 -91.38
N ASP F 360 4.41 26.29 -92.13
CA ASP F 360 4.36 25.80 -93.52
C ASP F 360 4.36 24.27 -93.57
N LEU F 361 5.09 23.64 -92.64
CA LEU F 361 5.34 22.21 -92.74
C LEU F 361 4.12 21.40 -92.33
N THR F 362 3.24 21.99 -91.50
CA THR F 362 2.05 21.26 -91.09
C THR F 362 1.00 21.23 -92.19
N LEU F 363 0.96 22.30 -93.00
CA LEU F 363 -0.01 22.34 -94.10
C LEU F 363 0.53 21.65 -95.34
N TYR F 364 1.84 21.48 -95.41
CA TYR F 364 2.45 20.93 -96.62
C TYR F 364 2.14 19.46 -96.97
N PRO F 365 2.08 18.47 -96.04
CA PRO F 365 2.20 17.06 -96.52
C PRO F 365 0.99 16.53 -97.27
N HIS F 366 -0.22 17.07 -97.04
CA HIS F 366 -1.47 16.65 -97.66
C HIS F 366 -1.79 15.19 -97.37
N LEU F 367 -1.50 14.75 -96.14
CA LEU F 367 -1.71 13.40 -95.60
C LEU F 367 -1.01 12.36 -96.46
N GLU F 368 0.16 12.70 -97.02
CA GLU F 368 0.85 11.79 -97.91
C GLU F 368 1.51 10.66 -97.13
N ILE F 369 2.05 10.98 -95.96
CA ILE F 369 2.77 10.00 -95.16
C ILE F 369 2.10 9.98 -93.78
N ASN F 370 2.15 8.83 -93.11
CA ASN F 370 1.40 8.67 -91.86
C ASN F 370 2.31 8.48 -90.67
N GLU F 371 3.23 7.51 -90.74
CA GLU F 371 4.09 7.17 -89.61
C GLU F 371 5.00 8.32 -89.22
N PHE F 372 5.59 8.98 -90.21
CA PHE F 372 6.47 10.10 -89.91
C PHE F 372 5.68 11.33 -89.53
N LYS F 373 4.42 11.44 -89.99
CA LYS F 373 3.55 12.50 -89.49
C LYS F 373 3.24 12.30 -88.01
N LYS F 374 3.03 11.05 -87.60
CA LYS F 374 2.91 10.72 -86.19
C LYS F 374 4.18 11.09 -85.43
N ASP F 375 5.35 10.91 -86.06
CA ASP F 375 6.59 11.37 -85.46
C ASP F 375 6.61 12.89 -85.31
N TYR F 376 6.03 13.61 -86.28
CA TYR F 376 6.09 15.06 -86.28
C TYR F 376 5.27 15.64 -85.15
N ASP F 377 4.00 15.23 -85.03
CA ASP F 377 3.16 15.87 -84.02
C ASP F 377 3.49 15.35 -82.61
N ASN F 378 4.16 14.19 -82.50
CA ASN F 378 4.85 13.87 -81.26
C ASN F 378 5.80 15.00 -80.87
N ASN F 379 6.74 15.32 -81.76
CA ASN F 379 7.78 16.26 -81.40
C ASN F 379 7.25 17.68 -81.26
N VAL F 380 6.15 18.00 -81.96
CA VAL F 380 5.54 19.33 -81.86
C VAL F 380 4.93 19.54 -80.48
N GLU F 381 4.17 18.54 -80.00
CA GLU F 381 3.60 18.65 -78.66
C GLU F 381 4.69 18.71 -77.60
N ASP F 382 5.79 17.98 -77.84
CA ASP F 382 6.95 18.06 -76.95
C ASP F 382 7.54 19.47 -76.92
N LEU F 383 7.60 20.13 -78.09
CA LEU F 383 8.10 21.50 -78.19
C LEU F 383 7.27 22.47 -77.37
N ARG F 384 5.96 22.54 -77.65
CA ARG F 384 5.10 23.54 -77.02
C ARG F 384 5.01 23.34 -75.51
N GLU F 385 4.81 22.09 -75.07
CA GLU F 385 4.71 21.83 -73.65
C GLU F 385 6.04 22.07 -72.95
N SER F 386 7.15 21.86 -73.66
CA SER F 386 8.45 22.14 -73.07
C SER F 386 8.65 23.63 -72.82
N ILE F 387 8.26 24.47 -73.78
CA ILE F 387 8.46 25.91 -73.62
C ILE F 387 7.56 26.48 -72.52
N ILE F 388 6.32 25.98 -72.44
CA ILE F 388 5.43 26.40 -71.35
C ILE F 388 5.98 25.95 -70.01
N TYR F 389 6.60 24.76 -69.97
CA TYR F 389 7.26 24.30 -68.76
C TYR F 389 8.44 25.18 -68.36
N ILE F 390 9.14 25.74 -69.35
CA ILE F 390 10.20 26.69 -69.04
C ILE F 390 9.62 27.94 -68.39
N GLN F 391 8.48 28.42 -68.90
CA GLN F 391 7.82 29.59 -68.32
C GLN F 391 7.41 29.35 -66.87
N SER F 392 6.84 28.18 -66.59
CA SER F 392 6.42 27.88 -65.23
C SER F 392 7.61 27.72 -64.30
N TYR F 393 8.72 27.17 -64.82
CA TYR F 393 9.95 27.09 -64.04
C TYR F 393 10.47 28.45 -63.64
N VAL F 394 10.54 29.39 -64.60
CA VAL F 394 11.06 30.72 -64.30
C VAL F 394 10.16 31.44 -63.31
N SER F 395 8.84 31.22 -63.41
CA SER F 395 7.90 31.78 -62.44
C SER F 395 8.15 31.25 -61.03
N SER F 396 8.46 29.95 -60.91
CA SER F 396 8.76 29.38 -59.61
C SER F 396 10.03 29.96 -59.02
N ILE F 397 11.08 30.10 -59.85
CA ILE F 397 12.37 30.61 -59.39
C ILE F 397 12.22 32.04 -58.87
N LYS F 398 11.48 32.86 -59.61
CA LYS F 398 11.30 34.24 -59.20
C LYS F 398 10.43 34.34 -57.96
N SER F 399 9.53 33.37 -57.76
CA SER F 399 8.72 33.35 -56.55
C SER F 399 9.56 33.06 -55.30
N ALA F 400 10.41 32.03 -55.36
CA ALA F 400 11.26 31.73 -54.21
C ALA F 400 12.24 32.86 -53.94
N TYR F 401 12.71 33.51 -55.01
CA TYR F 401 13.62 34.62 -54.85
C TYR F 401 12.95 35.82 -54.19
N ARG F 402 11.67 36.09 -54.54
CA ARG F 402 11.04 37.25 -53.93
C ARG F 402 10.69 37.01 -52.47
N TYR F 403 10.47 35.75 -52.08
CA TYR F 403 10.31 35.52 -50.64
C TYR F 403 11.64 35.70 -49.91
N ASN F 404 12.74 35.31 -50.57
CA ASN F 404 14.06 35.48 -49.97
C ASN F 404 14.41 36.97 -49.81
N VAL F 405 14.11 37.77 -50.84
CA VAL F 405 14.34 39.21 -50.77
C VAL F 405 13.41 39.85 -49.75
N LEU F 406 12.22 39.29 -49.57
CA LEU F 406 11.31 39.81 -48.56
C LEU F 406 11.86 39.61 -47.15
N GLU F 407 12.56 38.48 -46.93
CA GLU F 407 13.30 38.29 -45.68
C GLU F 407 14.35 39.38 -45.51
N LYS F 408 15.16 39.60 -46.55
CA LYS F 408 16.24 40.58 -46.47
C LYS F 408 15.72 42.00 -46.22
N ASP F 409 14.66 42.40 -46.91
CA ASP F 409 14.13 43.74 -46.75
C ASP F 409 13.41 43.91 -45.42
N SER F 410 12.95 42.79 -44.83
CA SER F 410 12.49 42.88 -43.45
C SER F 410 13.64 43.21 -42.52
N VAL F 411 14.81 42.59 -42.76
CA VAL F 411 15.96 42.87 -41.90
C VAL F 411 16.46 44.30 -42.10
N GLU F 412 16.49 44.77 -43.35
CA GLU F 412 16.94 46.14 -43.61
C GLU F 412 15.95 47.17 -43.09
N SER F 413 14.65 46.87 -43.20
CA SER F 413 13.65 47.79 -42.70
C SER F 413 13.67 47.86 -41.18
N LYS F 414 14.11 46.78 -40.52
CA LYS F 414 14.42 46.90 -39.11
C LYS F 414 15.68 47.72 -38.91
N GLN F 415 16.63 47.58 -39.84
CA GLN F 415 17.96 48.16 -39.66
C GLN F 415 17.94 49.67 -39.84
N LYS F 416 16.90 50.19 -40.47
CA LYS F 416 16.74 51.64 -40.56
C LYS F 416 16.28 52.23 -39.24
N ASN F 417 15.38 51.54 -38.54
CA ASN F 417 14.77 52.12 -37.35
C ASN F 417 15.50 51.71 -36.08
N ILE F 418 16.53 50.88 -36.21
CA ILE F 418 17.40 50.62 -35.05
C ILE F 418 18.17 51.85 -34.60
N PRO F 419 19.00 52.53 -35.42
CA PRO F 419 19.90 53.54 -34.83
C PRO F 419 19.23 54.87 -34.53
N ALA F 420 17.92 55.00 -34.76
CA ALA F 420 17.24 56.26 -34.45
C ALA F 420 17.04 56.42 -32.96
N ASN F 421 17.17 55.34 -32.20
CA ASN F 421 16.88 55.38 -30.77
C ASN F 421 17.96 56.13 -29.99
N SER F 422 19.22 55.65 -30.08
CA SER F 422 20.41 56.31 -29.54
C SER F 422 20.36 56.51 -28.02
N ASN F 423 20.52 55.41 -27.27
CA ASN F 423 20.47 55.49 -25.82
C ASN F 423 21.74 54.94 -25.18
N ALA F 424 22.77 54.70 -25.99
CA ALA F 424 24.18 54.50 -25.65
C ALA F 424 24.50 53.16 -25.00
N GLN F 425 23.51 52.35 -24.65
CA GLN F 425 23.79 51.01 -24.14
C GLN F 425 22.90 49.95 -24.77
N LYS F 426 21.66 50.29 -25.08
CA LYS F 426 20.77 49.35 -25.76
C LYS F 426 21.06 49.28 -27.24
N LYS F 427 21.88 50.19 -27.75
CA LYS F 427 22.18 50.21 -29.18
C LYS F 427 22.99 49.00 -29.59
N VAL F 428 23.99 48.65 -28.78
CA VAL F 428 24.77 47.42 -28.96
C VAL F 428 23.85 46.21 -28.91
N ASP F 429 22.81 46.29 -28.07
CA ASP F 429 21.90 45.18 -27.89
C ASP F 429 21.00 45.01 -29.10
N GLU F 430 20.62 46.12 -29.73
CA GLU F 430 19.80 46.01 -30.94
C GLU F 430 20.62 45.56 -32.13
N LEU F 431 21.89 45.97 -32.18
CA LEU F 431 22.77 45.48 -33.24
C LEU F 431 23.06 44.00 -33.06
N LEU F 432 23.18 43.55 -31.81
CA LEU F 432 23.33 42.13 -31.56
C LEU F 432 22.04 41.39 -31.88
N SER F 433 20.90 42.05 -31.68
CA SER F 433 19.63 41.42 -31.97
C SER F 433 19.44 41.22 -33.46
N ILE F 434 19.87 42.19 -34.27
CA ILE F 434 19.65 42.04 -35.70
C ILE F 434 20.63 41.04 -36.31
N ILE F 435 21.89 41.01 -35.82
CA ILE F 435 22.83 40.01 -36.31
C ILE F 435 22.39 38.60 -35.89
N ASP F 436 21.73 38.53 -34.74
CA ASP F 436 21.11 37.30 -34.29
C ASP F 436 19.91 36.95 -35.17
N SER F 437 19.29 37.96 -35.79
CA SER F 437 18.16 37.69 -36.66
C SER F 437 18.59 37.15 -38.02
N ILE F 438 19.73 37.60 -38.54
CA ILE F 438 20.24 36.98 -39.77
C ILE F 438 20.64 35.54 -39.48
N SER F 439 21.25 35.32 -38.30
CA SER F 439 21.58 33.97 -37.85
C SER F 439 20.34 33.08 -37.77
N TYR F 440 19.18 33.67 -37.48
CA TYR F 440 17.95 32.90 -37.55
C TYR F 440 17.52 32.64 -38.99
N SER F 441 17.72 33.60 -39.88
CA SER F 441 17.08 33.53 -41.20
C SER F 441 17.80 32.56 -42.14
N ASN F 442 19.08 32.26 -41.84
CA ASN F 442 19.89 31.37 -42.70
C ASN F 442 19.24 30.01 -42.93
N PHE F 443 18.59 29.50 -41.88
CA PHE F 443 18.01 28.17 -41.89
C PHE F 443 17.02 27.94 -43.00
N SER F 444 16.24 28.95 -43.31
CA SER F 444 15.23 28.80 -44.34
C SER F 444 15.72 29.32 -45.69
N VAL F 445 16.61 30.32 -45.66
CA VAL F 445 17.14 30.88 -46.91
C VAL F 445 17.93 29.83 -47.69
N ALA F 446 18.64 28.94 -46.96
CA ALA F 446 19.42 27.88 -47.61
C ALA F 446 18.55 26.94 -48.42
N GLU F 447 17.36 26.61 -47.91
CA GLU F 447 16.47 25.71 -48.62
C GLU F 447 15.91 26.37 -49.88
N ASN F 448 15.62 27.68 -49.79
CA ASN F 448 15.14 28.41 -50.97
C ASN F 448 16.18 28.39 -52.09
N PHE F 449 17.44 28.67 -51.73
CA PHE F 449 18.50 28.68 -52.72
C PHE F 449 18.74 27.29 -53.31
N GLN F 450 18.61 26.25 -52.48
CA GLN F 450 18.72 24.87 -52.93
C GLN F 450 17.69 24.55 -54.00
N LYS F 451 16.45 24.97 -53.78
CA LYS F 451 15.40 24.63 -54.73
C LYS F 451 15.57 25.41 -56.02
N MET F 452 16.08 26.64 -55.92
CA MET F 452 16.37 27.40 -57.13
C MET F 452 17.45 26.74 -57.97
N LYS F 453 18.46 26.13 -57.31
CA LYS F 453 19.47 25.37 -58.03
C LYS F 453 18.86 24.18 -58.76
N ASP F 454 17.90 23.50 -58.09
CA ASP F 454 17.24 22.35 -58.71
C ASP F 454 16.48 22.75 -59.97
N TYR F 455 15.72 23.85 -59.90
CA TYR F 455 14.97 24.29 -61.07
C TYR F 455 15.88 24.74 -62.20
N TYR F 456 17.06 25.28 -61.87
CA TYR F 456 17.97 25.64 -62.95
C TYR F 456 18.55 24.40 -63.64
N LYS F 457 18.74 23.31 -62.87
CA LYS F 457 19.14 22.05 -63.50
C LYS F 457 18.06 21.53 -64.44
N GLU F 458 16.80 21.71 -64.05
CA GLU F 458 15.69 21.37 -64.95
C GLU F 458 15.72 22.20 -66.22
N ILE F 459 16.06 23.49 -66.10
CA ILE F 459 16.14 24.37 -67.27
C ILE F 459 17.24 23.90 -68.22
N GLU F 460 18.37 23.43 -67.67
CA GLU F 460 19.43 22.89 -68.54
C GLU F 460 18.97 21.66 -69.30
N LYS F 461 18.25 20.74 -68.62
CA LYS F 461 17.75 19.56 -69.31
C LYS F 461 16.74 19.92 -70.40
N LEU F 462 15.88 20.90 -70.14
CA LEU F 462 14.91 21.29 -71.15
C LEU F 462 15.56 22.04 -72.30
N LYS F 463 16.70 22.68 -72.05
CA LYS F 463 17.44 23.30 -73.15
C LYS F 463 18.03 22.25 -74.07
N ILE F 464 18.52 21.15 -73.50
CA ILE F 464 19.02 20.04 -74.31
C ILE F 464 17.89 19.44 -75.16
N LYS F 465 16.73 19.22 -74.53
CA LYS F 465 15.59 18.64 -75.24
C LYS F 465 15.10 19.55 -76.36
N ILE F 466 15.06 20.86 -76.12
CA ILE F 466 14.53 21.76 -77.15
C ILE F 466 15.53 21.88 -78.31
N LEU F 467 16.82 21.72 -78.01
CA LEU F 467 17.83 21.73 -79.08
C LEU F 467 17.69 20.53 -79.99
N GLN F 468 17.62 19.31 -79.42
CA GLN F 468 17.56 18.11 -80.26
C GLN F 468 16.23 18.00 -80.99
N LEU F 469 15.15 18.51 -80.37
CA LEU F 469 13.86 18.49 -81.06
C LEU F 469 13.85 19.44 -82.25
N ILE F 470 14.44 20.63 -82.11
CA ILE F 470 14.48 21.58 -83.23
C ILE F 470 15.34 21.03 -84.37
N GLU F 471 16.46 20.38 -84.03
CA GLU F 471 17.28 19.72 -85.05
C GLU F 471 16.51 18.62 -85.76
N ALA F 472 15.71 17.86 -85.00
CA ALA F 472 14.83 16.86 -85.60
C ALA F 472 13.86 17.48 -86.59
N ILE F 473 13.23 18.60 -86.21
CA ILE F 473 12.25 19.26 -87.08
C ILE F 473 12.91 19.78 -88.37
N LYS F 474 14.16 20.23 -88.27
CA LYS F 474 14.88 20.67 -89.46
C LYS F 474 15.11 19.52 -90.44
N LYS F 475 15.60 18.37 -89.94
CA LYS F 475 15.75 17.20 -90.81
C LYS F 475 14.40 16.68 -91.31
N TYR F 476 13.34 16.92 -90.54
CA TYR F 476 12.01 16.50 -90.95
C TYR F 476 11.52 17.30 -92.14
N GLN F 477 11.73 18.61 -92.12
CA GLN F 477 11.33 19.42 -93.27
C GLN F 477 12.17 19.10 -94.48
N GLN F 478 13.43 18.71 -94.26
CA GLN F 478 14.22 18.17 -95.37
C GLN F 478 13.59 16.88 -95.92
N HIS F 479 13.05 16.06 -95.02
CA HIS F 479 12.40 14.81 -95.44
C HIS F 479 11.14 15.06 -96.27
N VAL F 480 10.27 15.96 -95.79
CA VAL F 480 9.00 16.18 -96.49
C VAL F 480 9.24 16.94 -97.79
N GLU F 481 10.34 17.71 -97.84
CA GLU F 481 10.78 18.28 -99.10
C GLU F 481 11.25 17.19 -100.06
N GLU F 482 11.80 16.08 -99.54
CA GLU F 482 12.15 14.97 -100.43
C GLU F 482 10.91 14.26 -100.95
N LEU F 483 9.82 14.22 -100.16
CA LEU F 483 8.64 13.48 -100.60
C LEU F 483 7.92 14.17 -101.75
N ILE F 484 7.52 15.42 -101.58
CA ILE F 484 6.84 16.14 -102.65
C ILE F 484 7.80 17.13 -103.26
C1 NAG G . -29.93 -14.61 -12.28
C2 NAG G . -31.42 -14.25 -12.45
C3 NAG G . -32.28 -15.49 -12.29
C4 NAG G . -31.78 -16.64 -13.16
C5 NAG G . -30.27 -16.82 -13.01
C6 NAG G . -29.67 -17.79 -14.01
C7 NAG G . -31.88 -13.18 -10.22
C8 NAG G . -32.40 -11.92 -9.59
N2 NAG G . -31.85 -13.17 -11.58
O3 NAG G . -33.63 -15.18 -12.61
O4 NAG G . -32.41 -17.82 -12.66
O5 NAG G . -29.58 -15.58 -13.21
O6 NAG G . -29.30 -19.01 -13.38
O7 NAG G . -31.52 -14.13 -9.55
C1 NAG G . -33.15 -18.58 -13.63
C2 NAG G . -33.85 -19.69 -12.84
C3 NAG G . -35.33 -19.79 -13.22
C4 NAG G . -35.52 -19.76 -14.74
C5 NAG G . -34.78 -18.56 -15.35
C6 NAG G . -35.69 -17.62 -16.09
C7 NAG G . -32.71 -21.71 -12.03
C8 NAG G . -32.04 -22.99 -12.41
N2 NAG G . -33.18 -20.96 -13.04
O3 NAG G . -36.02 -18.70 -12.64
O4 NAG G . -34.99 -20.96 -15.29
O5 NAG G . -34.13 -17.81 -14.32
O6 NAG G . -36.74 -17.17 -15.25
O7 NAG G . -32.82 -21.35 -10.86
C1 NAG H . 7.07 -18.84 -34.75
C2 NAG H . 5.94 -19.56 -35.51
C3 NAG H . 4.58 -18.81 -35.39
C4 NAG H . 4.67 -17.32 -35.08
C5 NAG H . 5.86 -16.94 -34.18
C6 NAG H . 5.43 -16.20 -32.93
C7 NAG H . 6.54 -19.00 -37.88
C8 NAG H . 6.84 -19.60 -39.21
N2 NAG H . 6.27 -19.87 -36.90
O3 NAG H . 3.78 -19.46 -34.41
O4 NAG H . 4.74 -16.59 -36.31
O5 NAG H . 6.53 -18.11 -33.72
O6 NAG H . 4.13 -16.61 -32.52
O7 NAG H . 6.57 -17.78 -37.71
C1 NAG H . 3.94 -15.36 -36.39
C2 NAG H . 2.72 -15.62 -37.29
C3 NAG H . 1.87 -14.36 -37.41
C4 NAG H . 1.53 -13.80 -36.04
C5 NAG H . 2.77 -13.61 -35.19
C6 NAG H . 2.45 -13.21 -33.78
C7 NAG H . 2.39 -16.87 -39.38
C8 NAG H . 2.98 -17.24 -40.71
N2 NAG H . 3.15 -16.07 -38.60
O3 NAG H . 0.66 -14.67 -38.10
O4 NAG H . 0.88 -12.54 -36.19
O5 NAG H . 3.49 -14.85 -35.11
O6 NAG H . 1.35 -13.94 -33.29
O7 NAG H . 1.28 -17.26 -39.02
C1 NAG I . 23.45 -2.60 -26.99
C2 NAG I . 24.94 -2.61 -27.04
C3 NAG I . 25.40 -1.53 -28.00
C4 NAG I . 24.76 -1.67 -29.37
C5 NAG I . 23.28 -2.11 -29.33
C6 NAG I . 22.89 -2.93 -30.53
C7 NAG I . 26.25 -3.37 -25.16
C8 NAG I . 26.78 -3.07 -23.79
N2 NAG I . 25.51 -2.42 -25.73
O3 NAG I . 26.82 -1.60 -28.10
O4 NAG I . 24.85 -0.40 -29.99
O5 NAG I . 22.95 -2.96 -28.22
O6 NAG I . 21.77 -2.38 -31.20
O7 NAG I . 26.48 -4.44 -25.72
C1 NAG I . 25.29 -0.44 -31.36
C2 NAG I . 26.16 0.77 -31.71
C3 NAG I . 27.39 0.36 -32.51
C4 NAG I . 27.04 -0.67 -33.58
C5 NAG I . 26.29 -1.86 -32.99
C6 NAG I . 27.05 -3.16 -33.09
C7 NAG I . 25.11 2.99 -32.01
C8 NAG I . 25.68 3.38 -30.68
N2 NAG I . 25.37 1.76 -32.45
O3 NAG I . 28.35 -0.21 -31.62
O4 NAG I . 26.20 -0.06 -34.55
O5 NAG I . 26.06 -1.64 -31.59
O6 NAG I . 28.44 -2.97 -32.87
O7 NAG I . 24.44 3.78 -32.68
C1 NAG J . -18.54 -11.17 -34.01
C2 NAG J . -17.87 -11.44 -35.34
C3 NAG J . -16.84 -12.54 -35.18
C4 NAG J . -15.77 -12.10 -34.19
C5 NAG J . -16.39 -11.80 -32.83
C6 NAG J . -15.46 -11.05 -31.89
C7 NAG J . -19.12 -11.09 -37.42
C8 NAG J . -20.17 -11.63 -38.35
N2 NAG J . -18.86 -11.82 -36.34
O3 NAG J . -16.25 -12.84 -36.42
O4 NAG J . -14.71 -13.05 -34.21
O5 NAG J . -17.52 -10.91 -32.98
O6 NAG J . -14.96 -11.92 -30.89
O7 NAG J . -18.53 -10.03 -37.65
C1 NAG J . -14.68 -14.19 -33.32
C2 NAG J . -14.82 -15.55 -34.02
C3 NAG J . -13.54 -16.36 -33.88
C4 NAG J . -13.12 -16.50 -32.42
C5 NAG J . -13.20 -15.16 -31.70
C6 NAG J . -11.92 -14.80 -30.98
C7 NAG J . -16.85 -16.91 -34.22
C8 NAG J . -17.95 -17.63 -33.48
N2 NAG J . -15.95 -16.29 -33.47
O3 NAG J . -12.49 -15.74 -34.61
O4 NAG J . -13.99 -17.42 -31.77
O5 NAG J . -13.43 -14.12 -32.66
O6 NAG J . -11.24 -13.76 -31.67
O7 NAG J . -16.80 -16.90 -35.45
C1 NAG K . 59.43 -19.62 -11.32
C2 NAG K . 60.77 -19.25 -10.72
C3 NAG K . 61.87 -20.19 -11.25
C4 NAG K . 61.48 -21.65 -11.06
C5 NAG K . 60.08 -21.90 -11.62
C6 NAG K . 59.56 -23.29 -11.35
C7 NAG K . 61.12 -16.90 -10.08
C8 NAG K . 61.49 -15.53 -10.56
N2 NAG K . 61.11 -17.87 -11.01
O3 NAG K . 63.06 -19.85 -10.54
O4 NAG K . 62.33 -22.52 -11.81
O5 NAG K . 59.15 -20.98 -11.05
O6 NAG K . 58.54 -23.65 -12.28
O7 NAG K . 60.86 -17.13 -8.91
C1 NAG K . 63.54 -22.94 -11.16
C2 NAG K . 63.80 -24.45 -11.32
C3 NAG K . 65.21 -24.81 -10.82
C4 NAG K . 66.26 -23.92 -11.47
C5 NAG K . 65.90 -22.46 -11.22
C6 NAG K . 66.84 -21.50 -11.91
C7 NAG K . 62.17 -26.31 -11.09
C8 NAG K . 62.51 -26.71 -12.51
N2 NAG K . 62.81 -25.24 -10.59
O3 NAG K . 65.47 -26.17 -11.12
O4 NAG K . 67.54 -24.19 -10.92
O5 NAG K . 64.60 -22.20 -11.76
O6 NAG K . 66.35 -21.13 -13.19
O7 NAG K . 61.35 -26.93 -10.43
C1 NAG L . -62.47 12.66 -4.67
C2 NAG L . -63.24 13.19 -3.43
C3 NAG L . -64.59 13.78 -3.83
C4 NAG L . -64.42 14.80 -4.95
C5 NAG L . -63.71 14.15 -6.13
C6 NAG L . -63.43 15.12 -7.26
C7 NAG L . -64.01 11.00 -2.46
C8 NAG L . -63.98 10.17 -1.21
N2 NAG L . -63.37 12.19 -2.38
O3 NAG L . -65.19 14.39 -2.69
O4 NAG L . -65.61 15.51 -5.31
O5 NAG L . -62.44 13.67 -5.70
O6 NAG L . -62.39 14.65 -8.10
O7 NAG L . -64.60 10.62 -3.48
C1 NAG L . -66.90 14.95 -5.76
C2 NAG L . -67.09 15.48 -7.21
C3 NAG L . -68.43 15.04 -7.82
C4 NAG L . -68.59 13.53 -7.68
C5 NAG L . -68.40 13.10 -6.22
C6 NAG L . -68.52 11.61 -6.02
C7 NAG L . -67.29 18.08 -7.01
C8 NAG L . -68.46 18.07 -6.06
N2 NAG L . -66.77 16.90 -7.46
O3 NAG L . -68.48 15.42 -9.19
O4 NAG L . -69.87 13.12 -8.14
O5 NAG L . -67.10 13.49 -5.75
O6 NAG L . -68.85 11.31 -4.66
O7 NAG L . -66.81 19.14 -7.39
CA CA M . -15.52 -17.42 -14.46
C1 NAG N . -5.13 -40.80 -39.73
C2 NAG N . -3.97 -40.31 -40.64
C3 NAG N . -4.29 -40.50 -42.11
C4 NAG N . -4.79 -41.92 -42.35
C5 NAG N . -6.17 -42.05 -41.71
C6 NAG N . -6.47 -43.47 -41.25
C7 NAG N . -4.30 -37.83 -40.47
C8 NAG N . -3.62 -36.56 -40.07
N2 NAG N . -3.57 -38.94 -40.34
O3 NAG N . -3.10 -40.28 -42.86
O4 NAG N . -4.87 -42.17 -43.75
O5 NAG N . -6.30 -41.18 -40.56
O6 NAG N . -5.33 -44.09 -40.66
O7 NAG N . -5.47 -37.83 -40.90
CA CA O . 8.81 -0.48 -26.33
C1 NAG P . -11.98 0.44 -57.69
C2 NAG P . -13.45 0.03 -57.75
C3 NAG P . -13.79 -0.46 -59.17
C4 NAG P . -13.32 0.52 -60.24
C5 NAG P . -11.88 0.93 -60.01
C6 NAG P . -11.39 2.02 -60.94
C7 NAG P . -14.90 -1.15 -56.18
C8 NAG P . -15.01 -2.28 -55.20
N2 NAG P . -13.72 -1.01 -56.78
O3 NAG P . -15.19 -0.69 -59.28
O4 NAG P . -13.45 -0.05 -61.53
O5 NAG P . -11.73 1.43 -58.67
O6 NAG P . -10.21 1.61 -61.60
O7 NAG P . -15.85 -0.43 -56.44
FE FE Q . 49.28 -4.52 -7.64
C CO3 R . 48.92 -2.28 -7.55
O1 CO3 R . 47.96 -2.94 -8.11
O2 CO3 R . 49.33 -1.16 -8.07
O3 CO3 R . 49.51 -2.77 -6.51
FE FE S . 27.90 3.45 29.68
C CO3 T . 26.91 1.52 30.78
O1 CO3 T . 26.23 0.44 30.58
O2 CO3 T . 26.29 2.65 30.80
O3 CO3 T . 28.19 1.53 30.92
C1 NAG U . 44.09 -30.01 -14.60
C2 NAG U . 44.31 -30.45 -13.14
C3 NAG U . 44.26 -31.96 -13.02
C4 NAG U . 42.96 -32.52 -13.58
C5 NAG U . 42.87 -32.13 -15.05
C6 NAG U . 41.56 -32.53 -15.69
C7 NAG U . 45.68 -28.93 -11.79
C8 NAG U . 47.08 -28.55 -11.39
N2 NAG U . 45.58 -29.94 -12.66
O3 NAG U . 44.35 -32.31 -11.64
O4 NAG U . 42.90 -33.93 -13.46
O5 NAG U . 42.94 -30.71 -15.17
O6 NAG U . 40.54 -31.58 -15.42
O7 NAG U . 44.69 -28.35 -11.36
FE FE V . -49.91 3.62 5.51
C CO3 W . -49.26 2.16 7.11
O1 CO3 W . -48.58 2.07 6.01
O2 CO3 W . -49.65 1.07 7.71
O3 CO3 W . -49.57 3.32 7.58
FE FE X . -18.21 22.31 29.26
C CO3 Y . -17.16 24.36 28.29
O1 CO3 Y . -16.56 25.14 27.46
O2 CO3 Y . -16.50 23.45 28.92
O3 CO3 Y . -18.43 24.45 28.54
C1 NAG Z . -48.16 15.68 -18.40
C2 NAG Z . -47.98 17.04 -17.75
C3 NAG Z . -47.39 18.03 -18.77
C4 NAG Z . -46.18 17.44 -19.49
C5 NAG Z . -46.44 16.00 -19.96
C6 NAG Z . -45.22 15.30 -20.52
C7 NAG Z . -49.44 18.05 -16.02
C8 NAG Z . -48.24 18.10 -15.12
N2 NAG Z . -49.25 17.53 -17.24
O3 NAG Z . -47.04 19.25 -18.13
O4 NAG Z . -45.86 18.24 -20.62
O5 NAG Z . -46.91 15.21 -18.86
O6 NAG Z . -44.03 15.89 -20.03
O7 NAG Z . -50.53 18.44 -15.64
#